data_9V0Y
#
_entry.id   9V0Y
#
loop_
_entity.id
_entity.type
_entity.pdbx_description
1 polymer 'Xanthosine/inosine triphosphate pyrophosphatase'
2 polymer 'NAD-dependent protein deacetylase'
3 non-polymer "2'-deoxyinosine 5'-triphosphate"
4 non-polymer 'ZINC ION'
5 non-polymer NICOTINAMIDE
#
loop_
_entity_poly.entity_id
_entity_poly.type
_entity_poly.pdbx_seq_one_letter_code
_entity_poly.pdbx_strand_id
1 'polypeptide(L)'
;MAPTWFYNTTNSEKLRELQHVLGGSAKLGYLTAKVTEILDVDLETVIRAKAIAAYRAVRVPVIVEHGALCIDALNGLPGA
LVKPFWESLDTRLCEVIPAGQRTARARGALCYCDGRERHVLIEETEGEIAPSARGTGGFHWDPIFIPKGQTRTFAEMSLD
EKLSFSPLGRLHTRLRTELGL
;
C,F,I,L,a,d,o,r
2 'polypeptide(L)'
;MTTLTLSEAAPLLKKEFREGRLIPFLGAGFSKPLKLPDGSQLIASLAKTLGFEPELFDMHGRFEQLAEFFAISAPNRLQR
LVYEMSLSFDSAEAEALREKSPMHRALAALDWRTIYTTNYDKHVEGALRDAGKQAAVLASFADFQGPRARDVCEVIKFHG
TLDQPDTIVLTESSYFQRMALDAPPDQRLRADLLANSFLFIGYSFSDTNIRYIWYRMNQLREQSQLGVKHSQARRCFFAT
HGAGLVQPDILQQWNIDVIQLDPTDKSASVARLLESIA
;
g,h,i,j,s,t,u,v
#
loop_
_chem_comp.id
_chem_comp.type
_chem_comp.name
_chem_comp.formula
NCA non-polymer NICOTINAMIDE 'C6 H6 N2 O'
Y43 non-polymer '2'-deoxyinosine 5'-triphosphate' 'C10 H15 N4 O13 P3'
ZN non-polymer 'ZINC ION' 'Zn 2'
#
# COMPACT_ATOMS: atom_id res chain seq x y z
N ALA A 2 -48.94 -17.54 -28.39
CA ALA A 2 -48.65 -17.46 -26.96
C ALA A 2 -49.84 -16.90 -26.19
N PRO A 3 -50.11 -17.45 -25.00
CA PRO A 3 -51.21 -16.95 -24.20
C PRO A 3 -50.97 -15.54 -23.69
N THR A 4 -52.06 -14.87 -23.33
CA THR A 4 -51.99 -13.57 -22.69
C THR A 4 -52.54 -13.56 -21.28
N TRP A 5 -53.35 -14.55 -20.90
CA TRP A 5 -53.85 -14.71 -19.56
C TRP A 5 -53.46 -16.09 -19.04
N PHE A 6 -53.22 -16.17 -17.74
CA PHE A 6 -52.71 -17.39 -17.11
C PHE A 6 -53.57 -17.72 -15.90
N TYR A 7 -54.14 -18.91 -15.90
CA TYR A 7 -54.95 -19.37 -14.77
C TYR A 7 -54.07 -20.14 -13.81
N ASN A 8 -53.92 -19.60 -12.61
CA ASN A 8 -53.00 -20.14 -11.61
C ASN A 8 -53.79 -20.97 -10.61
N THR A 9 -53.45 -22.25 -10.52
CA THR A 9 -53.97 -23.11 -9.47
C THR A 9 -52.98 -24.23 -9.19
N THR A 10 -52.91 -24.64 -7.93
CA THR A 10 -52.19 -25.85 -7.58
C THR A 10 -53.09 -27.06 -7.48
N ASN A 11 -54.40 -26.87 -7.60
CA ASN A 11 -55.37 -27.94 -7.49
C ASN A 11 -55.61 -28.50 -8.89
N SER A 12 -55.17 -29.73 -9.12
CA SER A 12 -55.26 -30.34 -10.43
C SER A 12 -56.67 -30.77 -10.80
N GLU A 13 -57.61 -30.73 -9.86
CA GLU A 13 -59.00 -31.02 -10.16
C GLU A 13 -59.74 -29.78 -10.63
N LYS A 14 -59.34 -28.60 -10.16
CA LYS A 14 -59.86 -27.36 -10.72
C LYS A 14 -59.34 -27.14 -12.13
N LEU A 15 -58.15 -27.68 -12.43
CA LEU A 15 -57.53 -27.47 -13.72
C LEU A 15 -58.28 -28.20 -14.83
N ARG A 16 -58.73 -29.43 -14.57
CA ARG A 16 -59.46 -30.16 -15.60
C ARG A 16 -60.90 -29.69 -15.74
N GLU A 17 -61.42 -28.94 -14.76
CA GLU A 17 -62.74 -28.35 -14.94
C GLU A 17 -62.69 -27.14 -15.85
N LEU A 18 -61.74 -26.25 -15.61
CA LEU A 18 -61.65 -25.04 -16.41
C LEU A 18 -61.09 -25.32 -17.80
N GLN A 19 -60.36 -26.42 -17.97
CA GLN A 19 -59.98 -26.83 -19.31
C GLN A 19 -61.08 -27.60 -20.03
N HIS A 20 -62.16 -27.95 -19.33
CA HIS A 20 -63.26 -28.62 -20.01
C HIS A 20 -64.10 -27.64 -20.82
N VAL A 21 -64.12 -26.36 -20.44
CA VAL A 21 -64.94 -25.36 -21.09
C VAL A 21 -64.07 -24.26 -21.72
N LEU A 22 -63.15 -23.70 -20.96
CA LEU A 22 -62.22 -22.71 -21.47
C LEU A 22 -60.92 -23.33 -21.98
N GLY A 23 -60.94 -24.60 -22.37
CA GLY A 23 -59.72 -25.27 -22.79
C GLY A 23 -59.31 -24.96 -24.21
N GLY A 24 -60.27 -24.82 -25.11
CA GLY A 24 -59.97 -24.53 -26.50
C GLY A 24 -59.56 -23.11 -26.79
N SER A 25 -59.62 -22.23 -25.80
CA SER A 25 -59.17 -20.86 -25.96
C SER A 25 -57.65 -20.82 -26.01
N ALA A 26 -57.10 -20.34 -27.12
CA ALA A 26 -55.66 -20.27 -27.30
C ALA A 26 -55.03 -19.07 -26.59
N LYS A 27 -55.83 -18.22 -25.97
CA LYS A 27 -55.33 -17.04 -25.27
C LYS A 27 -55.16 -17.26 -23.79
N LEU A 28 -55.34 -18.50 -23.31
CA LEU A 28 -55.30 -18.79 -21.88
C LEU A 28 -54.20 -19.81 -21.62
N GLY A 29 -53.27 -19.46 -20.75
CA GLY A 29 -52.24 -20.37 -20.30
C GLY A 29 -52.52 -20.83 -18.87
N TYR A 30 -51.62 -21.66 -18.36
CA TYR A 30 -51.84 -22.32 -17.07
C TYR A 30 -50.55 -22.33 -16.27
N LEU A 31 -50.64 -21.89 -15.01
CA LEU A 31 -49.51 -21.88 -14.09
C LEU A 31 -49.93 -22.57 -12.79
N THR A 32 -48.94 -22.91 -11.97
CA THR A 32 -49.18 -23.72 -10.77
C THR A 32 -48.48 -23.13 -9.55
N ALA A 33 -48.48 -21.82 -9.40
CA ALA A 33 -47.82 -21.20 -8.25
C ALA A 33 -48.68 -21.32 -7.01
N LYS A 34 -48.02 -21.53 -5.86
CA LYS A 34 -48.70 -21.76 -4.60
C LYS A 34 -48.70 -20.45 -3.80
N VAL A 35 -49.90 -19.99 -3.41
CA VAL A 35 -50.04 -18.77 -2.64
C VAL A 35 -50.66 -19.10 -1.30
N THR A 36 -50.62 -18.13 -0.40
CA THR A 36 -51.13 -18.27 0.95
C THR A 36 -52.27 -17.28 1.14
N GLU A 37 -53.42 -17.78 1.56
CA GLU A 37 -54.58 -16.93 1.72
C GLU A 37 -54.58 -16.25 3.08
N ILE A 38 -55.28 -15.14 3.17
CA ILE A 38 -55.42 -14.41 4.42
C ILE A 38 -56.58 -15.01 5.21
N LEU A 39 -56.64 -14.69 6.50
CA LEU A 39 -57.63 -15.28 7.40
C LEU A 39 -58.84 -14.36 7.45
N ASP A 40 -59.86 -14.67 6.66
CA ASP A 40 -61.11 -13.91 6.66
C ASP A 40 -62.20 -14.80 6.07
N VAL A 41 -63.41 -14.70 6.62
CA VAL A 41 -64.51 -15.50 6.12
C VAL A 41 -65.15 -14.91 4.87
N ASP A 42 -64.91 -13.64 4.58
CA ASP A 42 -65.52 -13.00 3.42
C ASP A 42 -64.80 -13.44 2.16
N LEU A 43 -65.57 -13.94 1.18
CA LEU A 43 -65.00 -14.43 -0.05
C LEU A 43 -64.38 -13.32 -0.88
N GLU A 44 -65.06 -12.16 -0.94
CA GLU A 44 -64.56 -11.00 -1.69
C GLU A 44 -63.22 -10.51 -1.16
N THR A 45 -62.99 -10.60 0.14
CA THR A 45 -61.74 -10.13 0.72
C THR A 45 -60.60 -11.09 0.42
N VAL A 46 -60.87 -12.40 0.44
CA VAL A 46 -59.81 -13.39 0.28
C VAL A 46 -59.37 -13.51 -1.17
N ILE A 47 -60.33 -13.53 -2.11
CA ILE A 47 -60.00 -13.67 -3.53
C ILE A 47 -59.30 -12.40 -4.05
N ARG A 48 -59.55 -11.25 -3.43
CA ARG A 48 -58.91 -10.03 -3.85
C ARG A 48 -57.48 -9.95 -3.33
N ALA A 49 -57.22 -10.50 -2.15
CA ALA A 49 -55.87 -10.60 -1.63
C ALA A 49 -55.11 -11.80 -2.16
N LYS A 50 -55.79 -12.71 -2.87
CA LYS A 50 -55.13 -13.86 -3.47
C LYS A 50 -54.56 -13.52 -4.83
N ALA A 51 -55.19 -12.59 -5.56
CA ALA A 51 -54.69 -12.17 -6.86
C ALA A 51 -53.47 -11.27 -6.75
N ILE A 52 -53.43 -10.42 -5.73
CA ILE A 52 -52.25 -9.59 -5.53
C ILE A 52 -51.06 -10.43 -5.07
N ALA A 53 -51.33 -11.56 -4.41
CA ALA A 53 -50.25 -12.44 -3.97
C ALA A 53 -49.82 -13.41 -5.06
N ALA A 54 -50.65 -13.63 -6.07
CA ALA A 54 -50.26 -14.50 -7.18
C ALA A 54 -49.67 -13.72 -8.34
N TYR A 55 -50.04 -12.44 -8.51
CA TYR A 55 -49.33 -11.61 -9.48
C TYR A 55 -47.91 -11.36 -9.04
N ARG A 56 -47.67 -11.25 -7.73
CA ARG A 56 -46.33 -11.06 -7.21
C ARG A 56 -45.46 -12.28 -7.46
N ALA A 57 -46.06 -13.46 -7.59
CA ALA A 57 -45.29 -14.67 -7.84
C ALA A 57 -44.94 -14.81 -9.31
N VAL A 58 -45.93 -14.70 -10.20
CA VAL A 58 -45.72 -15.09 -11.60
C VAL A 58 -45.50 -13.91 -12.55
N ARG A 59 -45.88 -12.69 -12.16
CA ARG A 59 -45.56 -11.44 -12.85
C ARG A 59 -46.13 -11.37 -14.27
N VAL A 60 -47.22 -12.08 -14.51
CA VAL A 60 -47.97 -12.01 -15.76
C VAL A 60 -49.43 -11.77 -15.41
N PRO A 61 -50.27 -11.32 -16.37
CA PRO A 61 -51.72 -11.25 -16.11
C PRO A 61 -52.33 -12.58 -15.68
N VAL A 62 -52.80 -12.63 -14.44
CA VAL A 62 -53.10 -13.88 -13.77
C VAL A 62 -54.58 -13.92 -13.40
N ILE A 63 -55.13 -15.13 -13.36
CA ILE A 63 -56.52 -15.38 -12.96
C ILE A 63 -56.49 -16.40 -11.82
N VAL A 64 -57.04 -16.04 -10.67
CA VAL A 64 -57.08 -16.94 -9.53
C VAL A 64 -58.53 -17.25 -9.18
N GLU A 65 -58.71 -18.26 -8.34
CA GLU A 65 -60.02 -18.80 -8.04
C GLU A 65 -60.07 -19.21 -6.57
N HIS A 66 -61.13 -18.81 -5.88
CA HIS A 66 -61.34 -19.21 -4.49
C HIS A 66 -62.84 -19.32 -4.26
N GLY A 67 -63.22 -20.22 -3.36
CA GLY A 67 -64.62 -20.55 -3.14
C GLY A 67 -65.07 -20.31 -1.71
N ALA A 68 -66.33 -20.62 -1.48
CA ALA A 68 -66.93 -20.49 -0.17
C ALA A 68 -68.07 -21.48 -0.04
N LEU A 69 -68.30 -21.94 1.19
CA LEU A 69 -69.37 -22.89 1.51
C LEU A 69 -70.10 -22.42 2.77
N CYS A 70 -70.61 -21.19 2.71
CA CYS A 70 -71.38 -20.60 3.79
C CYS A 70 -72.59 -21.46 4.15
N ILE A 71 -72.76 -21.74 5.45
CA ILE A 71 -73.80 -22.64 5.95
C ILE A 71 -74.67 -21.86 6.94
N ASP A 72 -75.98 -22.03 6.83
CA ASP A 72 -76.92 -21.32 7.70
C ASP A 72 -76.84 -21.79 9.14
N ALA A 73 -76.58 -23.09 9.35
CA ALA A 73 -76.54 -23.62 10.70
C ALA A 73 -75.30 -23.17 11.45
N LEU A 74 -74.25 -22.81 10.72
CA LEU A 74 -73.01 -22.34 11.34
C LEU A 74 -72.84 -20.84 11.16
N ASN A 75 -73.94 -20.13 10.89
CA ASN A 75 -74.00 -18.68 10.67
C ASN A 75 -73.04 -18.18 9.61
N GLY A 76 -72.88 -18.94 8.53
CA GLY A 76 -71.98 -18.56 7.47
C GLY A 76 -70.63 -19.23 7.52
N LEU A 77 -70.33 -19.98 8.56
CA LEU A 77 -69.08 -20.71 8.60
C LEU A 77 -69.19 -21.96 7.73
N PRO A 78 -68.09 -22.35 7.05
CA PRO A 78 -66.75 -21.76 6.98
C PRO A 78 -66.61 -20.46 6.19
N GLY A 79 -67.44 -20.25 5.17
CA GLY A 79 -67.18 -19.12 4.28
C GLY A 79 -65.98 -19.44 3.42
N ALA A 80 -65.04 -18.50 3.32
CA ALA A 80 -63.81 -18.72 2.59
C ALA A 80 -62.79 -19.54 3.37
N LEU A 81 -63.17 -20.05 4.53
CA LEU A 81 -62.39 -20.96 5.37
C LEU A 81 -62.71 -22.42 5.06
N VAL A 82 -63.12 -22.74 3.85
CA VAL A 82 -63.59 -24.08 3.52
C VAL A 82 -62.44 -25.07 3.32
N LYS A 83 -61.25 -24.58 2.98
CA LYS A 83 -60.07 -25.42 2.78
C LYS A 83 -59.63 -26.17 4.04
N PRO A 84 -59.57 -25.57 5.24
CA PRO A 84 -59.24 -26.41 6.41
C PRO A 84 -60.40 -27.13 7.05
N PHE A 85 -61.66 -26.93 6.61
CA PHE A 85 -62.73 -27.74 7.18
C PHE A 85 -62.75 -29.14 6.59
N TRP A 86 -62.69 -29.24 5.26
CA TRP A 86 -62.69 -30.53 4.61
C TRP A 86 -61.41 -31.32 4.91
N GLU A 87 -60.32 -30.63 5.26
CA GLU A 87 -59.17 -31.32 5.82
C GLU A 87 -59.46 -31.89 7.19
N SER A 88 -60.11 -31.11 8.06
CA SER A 88 -60.37 -31.59 9.42
C SER A 88 -61.60 -32.48 9.47
N LEU A 89 -62.77 -31.93 9.16
CA LEU A 89 -64.03 -32.67 9.17
C LEU A 89 -64.26 -33.18 7.76
N ASP A 90 -64.05 -34.48 7.54
CA ASP A 90 -64.21 -34.96 6.16
C ASP A 90 -65.68 -35.22 5.86
N THR A 91 -66.27 -36.25 6.46
CA THR A 91 -67.69 -36.49 6.31
C THR A 91 -68.43 -36.35 7.63
N ARG A 92 -67.72 -36.00 8.70
CA ARG A 92 -68.33 -35.60 9.96
C ARG A 92 -68.97 -34.22 9.84
N LEU A 93 -68.65 -33.47 8.79
CA LEU A 93 -69.30 -32.19 8.50
C LEU A 93 -70.78 -32.38 8.20
N CYS A 94 -71.18 -33.55 7.70
CA CYS A 94 -72.60 -33.87 7.61
C CYS A 94 -73.22 -34.13 8.97
N GLU A 95 -72.42 -34.44 9.99
CA GLU A 95 -72.94 -34.81 11.30
C GLU A 95 -72.94 -33.66 12.30
N VAL A 96 -72.07 -32.67 12.13
CA VAL A 96 -72.03 -31.55 13.06
C VAL A 96 -73.14 -30.54 12.81
N ILE A 97 -73.88 -30.68 11.73
CA ILE A 97 -74.94 -29.76 11.35
C ILE A 97 -76.27 -30.41 11.70
N PRO A 98 -77.20 -29.70 12.35
CA PRO A 98 -78.45 -30.33 12.78
C PRO A 98 -79.35 -30.67 11.60
N ALA A 99 -80.04 -31.80 11.71
CA ALA A 99 -81.00 -32.18 10.68
C ALA A 99 -82.25 -31.33 10.79
N GLY A 100 -82.64 -30.71 9.69
CA GLY A 100 -83.76 -29.79 9.63
C GLY A 100 -83.42 -28.38 9.20
N GLN A 101 -82.16 -27.98 9.32
CA GLN A 101 -81.69 -26.67 8.89
C GLN A 101 -80.40 -26.82 8.08
N ARG A 102 -80.42 -27.73 7.11
CA ARG A 102 -79.25 -28.09 6.34
C ARG A 102 -78.89 -27.11 5.23
N THR A 103 -79.57 -25.97 5.12
CA THR A 103 -79.40 -25.09 3.97
C THR A 103 -78.06 -24.35 4.01
N ALA A 104 -77.49 -24.15 2.83
CA ALA A 104 -76.15 -23.58 2.69
C ALA A 104 -76.04 -22.96 1.30
N ARG A 105 -75.00 -22.15 1.11
CA ARG A 105 -74.70 -21.53 -0.18
C ARG A 105 -73.31 -21.94 -0.60
N ALA A 106 -73.18 -22.38 -1.84
CA ALA A 106 -71.89 -22.67 -2.46
C ALA A 106 -71.51 -21.47 -3.32
N ARG A 107 -70.60 -20.65 -2.81
CA ARG A 107 -70.15 -19.47 -3.53
C ARG A 107 -68.79 -19.75 -4.16
N GLY A 108 -68.49 -19.00 -5.20
CA GLY A 108 -67.23 -19.16 -5.91
C GLY A 108 -66.88 -17.87 -6.62
N ALA A 109 -65.59 -17.57 -6.68
CA ALA A 109 -65.16 -16.29 -7.19
C ALA A 109 -63.92 -16.43 -8.05
N LEU A 110 -63.93 -15.76 -9.19
CA LEU A 110 -62.75 -15.54 -10.01
C LEU A 110 -62.29 -14.10 -9.83
N CYS A 111 -60.98 -13.90 -9.81
CA CYS A 111 -60.40 -12.56 -9.80
C CYS A 111 -59.21 -12.54 -10.74
N TYR A 112 -59.28 -11.71 -11.76
CA TYR A 112 -58.17 -11.56 -12.70
C TYR A 112 -57.46 -10.24 -12.45
N CYS A 113 -56.13 -10.30 -12.45
CA CYS A 113 -55.28 -9.14 -12.21
C CYS A 113 -54.31 -9.02 -13.38
N ASP A 114 -54.36 -7.89 -14.07
CA ASP A 114 -53.45 -7.64 -15.17
C ASP A 114 -52.20 -6.89 -14.75
N GLY A 115 -52.06 -6.58 -13.46
CA GLY A 115 -50.93 -5.83 -12.95
C GLY A 115 -51.27 -4.43 -12.50
N ARG A 116 -52.50 -3.99 -12.79
CA ARG A 116 -52.92 -2.59 -12.46
C ARG A 116 -54.29 -2.59 -11.81
N GLU A 117 -55.12 -3.59 -12.13
CA GLU A 117 -56.50 -3.62 -11.60
C GLU A 117 -56.91 -5.04 -11.24
N ARG A 118 -57.78 -5.18 -10.23
CA ARG A 118 -58.28 -6.47 -9.78
C ARG A 118 -59.79 -6.47 -9.92
N HIS A 119 -60.31 -7.33 -10.78
CA HIS A 119 -61.74 -7.41 -11.03
C HIS A 119 -62.26 -8.77 -10.59
N VAL A 120 -63.27 -8.76 -9.72
CA VAL A 120 -63.78 -9.96 -9.07
C VAL A 120 -65.13 -10.33 -9.70
N LEU A 121 -65.26 -11.58 -10.13
CA LEU A 121 -66.51 -12.12 -10.63
C LEU A 121 -67.00 -13.17 -9.65
N ILE A 122 -68.22 -13.04 -9.14
CA ILE A 122 -68.76 -13.91 -8.11
C ILE A 122 -70.06 -14.52 -8.60
N GLU A 123 -70.14 -15.85 -8.58
CA GLU A 123 -71.40 -16.57 -8.72
C GLU A 123 -71.66 -17.39 -7.47
N GLU A 124 -72.82 -18.01 -7.41
CA GLU A 124 -73.38 -18.50 -6.16
C GLU A 124 -74.50 -19.49 -6.44
N THR A 125 -74.54 -20.57 -5.66
CA THR A 125 -75.54 -21.62 -5.84
C THR A 125 -76.16 -21.97 -4.50
N GLU A 126 -77.48 -21.77 -4.39
CA GLU A 126 -78.22 -22.22 -3.23
C GLU A 126 -78.26 -23.74 -3.18
N GLY A 127 -78.27 -24.28 -1.98
CA GLY A 127 -78.35 -25.72 -1.83
C GLY A 127 -78.59 -26.11 -0.40
N GLU A 128 -78.24 -27.36 -0.09
CA GLU A 128 -78.37 -27.90 1.26
C GLU A 128 -77.40 -29.06 1.42
N ILE A 129 -76.84 -29.18 2.63
CA ILE A 129 -75.88 -30.23 2.92
C ILE A 129 -76.60 -31.57 2.99
N ALA A 130 -76.01 -32.60 2.39
CA ALA A 130 -76.61 -33.92 2.38
C ALA A 130 -76.64 -34.52 3.78
N PRO A 131 -77.57 -35.43 4.05
CA PRO A 131 -77.54 -36.14 5.35
C PRO A 131 -76.35 -37.05 5.51
N SER A 132 -75.78 -37.55 4.41
CA SER A 132 -74.55 -38.32 4.44
C SER A 132 -73.89 -38.18 3.08
N ALA A 133 -72.58 -38.39 3.05
CA ALA A 133 -71.83 -38.23 1.81
C ALA A 133 -72.15 -39.35 0.84
N ARG A 134 -72.50 -38.98 -0.39
CA ARG A 134 -72.81 -39.94 -1.44
C ARG A 134 -72.24 -39.45 -2.76
N GLY A 135 -71.79 -40.38 -3.58
CA GLY A 135 -71.21 -40.06 -4.86
C GLY A 135 -69.70 -40.22 -4.86
N THR A 136 -69.16 -40.52 -6.04
CA THR A 136 -67.73 -40.79 -6.20
C THR A 136 -67.00 -39.76 -7.05
N GLY A 137 -67.66 -39.14 -8.02
CA GLY A 137 -66.99 -38.22 -8.91
C GLY A 137 -66.66 -36.89 -8.24
N GLY A 138 -66.02 -36.03 -9.01
CA GLY A 138 -65.69 -34.72 -8.47
C GLY A 138 -64.53 -34.79 -7.49
N PHE A 139 -64.52 -33.82 -6.57
CA PHE A 139 -63.44 -33.71 -5.59
C PHE A 139 -64.01 -33.08 -4.32
N HIS A 140 -63.17 -32.40 -3.51
CA HIS A 140 -63.46 -31.90 -2.16
C HIS A 140 -64.86 -31.30 -2.00
N TRP A 141 -65.57 -31.78 -0.98
CA TRP A 141 -66.95 -31.46 -0.57
C TRP A 141 -68.01 -31.65 -1.64
N ASP A 142 -67.70 -32.21 -2.79
CA ASP A 142 -68.77 -32.57 -3.72
C ASP A 142 -69.69 -33.70 -3.27
N PRO A 143 -69.28 -34.71 -2.47
CA PRO A 143 -70.29 -35.66 -1.98
C PRO A 143 -71.25 -35.13 -0.93
N ILE A 144 -71.12 -33.90 -0.44
CA ILE A 144 -71.99 -33.44 0.65
C ILE A 144 -72.95 -32.34 0.25
N PHE A 145 -72.82 -31.78 -0.96
CA PHE A 145 -73.62 -30.62 -1.36
C PHE A 145 -74.66 -31.02 -2.40
N ILE A 146 -75.93 -30.74 -2.12
CA ILE A 146 -77.04 -31.00 -3.03
C ILE A 146 -77.63 -29.65 -3.44
N PRO A 147 -77.65 -29.30 -4.72
CA PRO A 147 -78.21 -28.02 -5.14
C PRO A 147 -79.72 -27.98 -4.99
N LYS A 148 -80.26 -26.77 -5.04
CA LYS A 148 -81.69 -26.58 -4.83
C LYS A 148 -82.46 -27.07 -6.05
N GLY A 149 -83.50 -27.85 -5.81
CA GLY A 149 -84.28 -28.49 -6.85
C GLY A 149 -83.80 -29.88 -7.21
N GLN A 150 -82.48 -30.05 -7.29
CA GLN A 150 -81.89 -31.34 -7.60
C GLN A 150 -81.94 -32.22 -6.36
N THR A 151 -81.98 -33.54 -6.58
CA THR A 151 -81.86 -34.50 -5.48
C THR A 151 -80.45 -35.03 -5.31
N ARG A 152 -79.61 -34.93 -6.34
CA ARG A 152 -78.28 -35.53 -6.33
C ARG A 152 -77.23 -34.52 -5.91
N THR A 153 -76.03 -35.03 -5.62
CA THR A 153 -74.91 -34.21 -5.22
C THR A 153 -74.10 -33.79 -6.44
N PHE A 154 -73.08 -32.96 -6.22
CA PHE A 154 -72.10 -32.70 -7.28
C PHE A 154 -71.26 -33.93 -7.60
N ALA A 155 -71.08 -34.81 -6.63
CA ALA A 155 -70.28 -36.01 -6.86
C ALA A 155 -71.03 -37.03 -7.70
N GLU A 156 -72.36 -37.07 -7.57
CA GLU A 156 -73.16 -38.02 -8.33
C GLU A 156 -73.36 -37.61 -9.78
N MET A 157 -73.07 -36.37 -10.14
CA MET A 157 -73.28 -35.88 -11.48
C MET A 157 -71.97 -35.83 -12.25
N SER A 158 -72.07 -35.91 -13.58
CA SER A 158 -70.89 -35.85 -14.44
C SER A 158 -70.41 -34.41 -14.53
N LEU A 159 -69.32 -34.21 -15.27
CA LEU A 159 -68.70 -32.89 -15.33
C LEU A 159 -69.53 -31.92 -16.17
N ASP A 160 -70.25 -32.42 -17.18
CA ASP A 160 -71.19 -31.56 -17.89
C ASP A 160 -72.39 -31.22 -17.02
N GLU A 161 -72.83 -32.16 -16.20
CA GLU A 161 -74.00 -31.93 -15.37
C GLU A 161 -73.67 -31.14 -14.13
N LYS A 162 -72.43 -31.25 -13.62
CA LYS A 162 -72.04 -30.49 -12.44
C LYS A 162 -71.90 -29.01 -12.78
N LEU A 163 -71.35 -28.70 -13.95
CA LEU A 163 -71.17 -27.32 -14.39
C LEU A 163 -72.46 -26.67 -14.85
N SER A 164 -73.55 -27.41 -14.97
CA SER A 164 -74.84 -26.77 -15.18
C SER A 164 -75.49 -26.35 -13.86
N PHE A 165 -74.84 -26.59 -12.72
CA PHE A 165 -75.35 -26.18 -11.43
C PHE A 165 -74.31 -25.39 -10.65
N SER A 166 -73.04 -25.72 -10.82
CA SER A 166 -71.97 -25.16 -10.01
C SER A 166 -71.73 -23.70 -10.39
N PRO A 167 -71.11 -22.91 -9.48
CA PRO A 167 -70.82 -21.51 -9.83
C PRO A 167 -69.85 -21.32 -10.98
N LEU A 168 -69.00 -22.31 -11.29
CA LEU A 168 -68.05 -22.14 -12.37
C LEU A 168 -68.72 -22.16 -13.74
N GLY A 169 -69.88 -22.80 -13.87
CA GLY A 169 -70.56 -22.86 -15.15
C GLY A 169 -71.16 -21.55 -15.59
N ARG A 170 -71.39 -20.63 -14.66
CA ARG A 170 -71.77 -19.26 -15.00
C ARG A 170 -70.58 -18.32 -15.06
N LEU A 171 -69.44 -18.72 -14.49
CA LEU A 171 -68.23 -17.93 -14.51
C LEU A 171 -67.38 -18.18 -15.74
N HIS A 172 -67.62 -19.24 -16.51
CA HIS A 172 -66.95 -19.40 -17.80
C HIS A 172 -67.33 -18.29 -18.75
N THR A 173 -68.63 -18.04 -18.89
CA THR A 173 -69.12 -17.10 -19.89
C THR A 173 -68.79 -15.67 -19.50
N ARG A 174 -68.78 -15.37 -18.21
CA ARG A 174 -68.42 -14.03 -17.76
C ARG A 174 -66.92 -13.78 -17.88
N LEU A 175 -66.10 -14.81 -17.72
CA LEU A 175 -64.67 -14.64 -17.90
C LEU A 175 -64.29 -14.58 -19.37
N ARG A 176 -64.99 -15.34 -20.21
CA ARG A 176 -64.72 -15.32 -21.65
C ARG A 176 -65.12 -13.99 -22.27
N THR A 177 -66.24 -13.42 -21.83
CA THR A 177 -66.73 -12.18 -22.43
C THR A 177 -65.88 -10.99 -22.01
N GLU A 178 -65.52 -10.91 -20.72
CA GLU A 178 -64.77 -9.75 -20.24
C GLU A 178 -63.31 -9.79 -20.64
N LEU A 179 -62.77 -10.95 -21.00
CA LEU A 179 -61.38 -11.04 -21.41
C LEU A 179 -61.21 -11.32 -22.89
N GLY A 180 -62.27 -11.67 -23.60
CA GLY A 180 -62.14 -11.97 -25.01
C GLY A 180 -61.47 -13.29 -25.30
N LEU A 181 -61.61 -14.26 -24.42
CA LEU A 181 -60.96 -15.55 -24.58
C LEU A 181 -61.62 -16.35 -25.70
N ALA B 2 -35.86 3.89 28.22
CA ALA B 2 -36.58 3.51 27.00
C ALA B 2 -36.68 1.98 26.90
N PRO B 3 -37.83 1.49 26.43
CA PRO B 3 -37.99 0.04 26.27
C PRO B 3 -37.10 -0.52 25.19
N THR B 4 -36.86 -1.83 25.27
CA THR B 4 -36.16 -2.56 24.22
C THR B 4 -37.02 -3.60 23.53
N TRP B 5 -38.12 -4.02 24.13
CA TRP B 5 -39.07 -4.94 23.52
C TRP B 5 -40.44 -4.29 23.51
N PHE B 6 -41.22 -4.60 22.48
CA PHE B 6 -42.51 -3.96 22.26
C PHE B 6 -43.56 -5.03 22.02
N TYR B 7 -44.61 -5.03 22.83
CA TYR B 7 -45.70 -5.98 22.69
C TYR B 7 -46.78 -5.36 21.82
N ASN B 8 -47.00 -5.94 20.66
CA ASN B 8 -47.90 -5.40 19.66
C ASN B 8 -49.24 -6.13 19.73
N THR B 9 -50.30 -5.38 20.01
CA THR B 9 -51.65 -5.92 19.92
C THR B 9 -52.62 -4.78 19.63
N THR B 10 -53.66 -5.08 18.87
CA THR B 10 -54.77 -4.17 18.71
C THR B 10 -55.92 -4.46 19.66
N ASN B 11 -55.82 -5.56 20.40
CA ASN B 11 -56.87 -5.98 21.32
C ASN B 11 -56.56 -5.37 22.68
N SER B 12 -57.40 -4.43 23.12
CA SER B 12 -57.15 -3.70 24.35
C SER B 12 -57.45 -4.54 25.59
N GLU B 13 -58.06 -5.71 25.44
CA GLU B 13 -58.26 -6.61 26.55
C GLU B 13 -57.07 -7.51 26.79
N LYS B 14 -56.33 -7.85 25.73
CA LYS B 14 -55.05 -8.53 25.91
C LYS B 14 -54.02 -7.60 26.52
N LEU B 15 -54.16 -6.30 26.29
CA LEU B 15 -53.19 -5.33 26.78
C LEU B 15 -53.25 -5.20 28.29
N ARG B 16 -54.44 -5.18 28.88
CA ARG B 16 -54.55 -5.07 30.33
C ARG B 16 -54.23 -6.37 31.04
N GLU B 17 -54.23 -7.51 30.33
CA GLU B 17 -53.80 -8.75 30.96
C GLU B 17 -52.28 -8.80 31.07
N LEU B 18 -51.58 -8.47 29.98
CA LEU B 18 -50.13 -8.55 30.00
C LEU B 18 -49.52 -7.40 30.79
N GLN B 19 -50.23 -6.29 30.96
CA GLN B 19 -49.78 -5.26 31.87
C GLN B 19 -50.11 -5.56 33.32
N HIS B 20 -50.90 -6.60 33.59
CA HIS B 20 -51.19 -6.94 34.97
C HIS B 20 -50.03 -7.68 35.62
N VAL B 21 -49.20 -8.36 34.82
CA VAL B 21 -48.09 -9.15 35.32
C VAL B 21 -46.76 -8.61 34.83
N LEU B 22 -46.63 -8.40 33.53
CA LEU B 22 -45.43 -7.81 32.95
C LEU B 22 -45.50 -6.30 32.85
N GLY B 23 -46.33 -5.65 33.66
CA GLY B 23 -46.51 -4.22 33.55
C GLY B 23 -45.40 -3.41 34.20
N GLY B 24 -44.89 -3.87 35.33
CA GLY B 24 -43.83 -3.16 36.03
C GLY B 24 -42.47 -3.27 35.41
N SER B 25 -42.31 -4.07 34.37
CA SER B 25 -41.05 -4.17 33.66
C SER B 25 -40.82 -2.93 32.81
N ALA B 26 -39.75 -2.21 33.10
CA ALA B 26 -39.43 -0.98 32.38
C ALA B 26 -38.78 -1.23 31.03
N LYS B 27 -38.52 -2.49 30.67
CA LYS B 27 -37.90 -2.83 29.40
C LYS B 27 -38.90 -3.23 28.35
N LEU B 28 -40.19 -3.08 28.62
CA LEU B 28 -41.24 -3.53 27.71
C LEU B 28 -42.11 -2.34 27.33
N GLY B 29 -42.22 -2.08 26.03
CA GLY B 29 -43.11 -1.07 25.50
C GLY B 29 -44.32 -1.71 24.84
N TYR B 30 -45.19 -0.86 24.32
CA TYR B 30 -46.48 -1.31 23.80
C TYR B 30 -46.80 -0.59 22.50
N LEU B 31 -47.17 -1.35 21.48
CA LEU B 31 -47.55 -0.82 20.17
C LEU B 31 -48.89 -1.43 19.77
N THR B 32 -49.54 -0.83 18.78
CA THR B 32 -50.90 -1.21 18.39
C THR B 32 -51.04 -1.37 16.88
N ALA B 33 -50.05 -1.95 16.22
CA ALA B 33 -50.12 -2.14 14.78
C ALA B 33 -51.02 -3.31 14.43
N LYS B 34 -51.75 -3.18 13.34
CA LYS B 34 -52.74 -4.17 12.90
C LYS B 34 -52.12 -5.02 11.81
N VAL B 35 -52.09 -6.33 12.01
CA VAL B 35 -51.53 -7.26 11.03
C VAL B 35 -52.64 -8.20 10.57
N THR B 36 -52.34 -8.93 9.49
CA THR B 36 -53.28 -9.85 8.87
C THR B 36 -52.70 -11.25 8.97
N GLU B 37 -53.46 -12.17 9.53
CA GLU B 37 -52.97 -13.53 9.72
C GLU B 37 -53.20 -14.35 8.46
N ILE B 38 -52.41 -15.42 8.33
CA ILE B 38 -52.55 -16.34 7.22
C ILE B 38 -53.60 -17.37 7.56
N LEU B 39 -54.06 -18.10 6.54
CA LEU B 39 -55.16 -19.05 6.70
C LEU B 39 -54.57 -20.42 6.97
N ASP B 40 -54.49 -20.80 8.23
CA ASP B 40 -54.01 -22.12 8.63
C ASP B 40 -54.51 -22.42 10.02
N VAL B 41 -54.87 -23.68 10.28
CA VAL B 41 -55.36 -24.05 11.60
C VAL B 41 -54.24 -24.29 12.60
N ASP B 42 -53.01 -24.48 12.14
CA ASP B 42 -51.91 -24.74 13.04
C ASP B 42 -51.48 -23.45 13.72
N LEU B 43 -51.41 -23.49 15.06
CA LEU B 43 -51.05 -22.29 15.83
C LEU B 43 -49.61 -21.88 15.59
N GLU B 44 -48.70 -22.87 15.53
CA GLU B 44 -47.28 -22.61 15.30
C GLU B 44 -47.03 -21.93 13.97
N THR B 45 -47.81 -22.26 12.95
CA THR B 45 -47.62 -21.65 11.63
C THR B 45 -48.12 -20.21 11.60
N VAL B 46 -49.23 -19.93 12.29
CA VAL B 46 -49.83 -18.60 12.21
C VAL B 46 -49.05 -17.60 13.05
N ILE B 47 -48.65 -17.97 14.27
CA ILE B 47 -47.93 -17.06 15.14
C ILE B 47 -46.53 -16.78 14.60
N ARG B 48 -45.96 -17.69 13.82
CA ARG B 48 -44.65 -17.47 13.24
C ARG B 48 -44.73 -16.56 12.04
N ALA B 49 -45.82 -16.61 11.28
CA ALA B 49 -46.05 -15.68 10.18
C ALA B 49 -46.65 -14.36 10.64
N LYS B 50 -47.07 -14.26 11.90
CA LYS B 50 -47.60 -13.02 12.44
C LYS B 50 -46.48 -12.12 12.94
N ALA B 51 -45.39 -12.70 13.43
CA ALA B 51 -44.26 -11.91 13.90
C ALA B 51 -43.45 -11.32 12.75
N ILE B 52 -43.33 -12.04 11.65
CA ILE B 52 -42.62 -11.50 10.49
C ILE B 52 -43.45 -10.39 9.85
N ALA B 53 -44.77 -10.42 10.00
CA ALA B 53 -45.63 -9.38 9.45
C ALA B 53 -45.76 -8.20 10.38
N ALA B 54 -45.46 -8.36 11.67
CA ALA B 54 -45.50 -7.24 12.59
C ALA B 54 -44.14 -6.57 12.76
N TYR B 55 -43.04 -7.31 12.57
CA TYR B 55 -41.74 -6.66 12.51
C TYR B 55 -41.63 -5.77 11.29
N ARG B 56 -42.25 -6.17 10.18
CA ARG B 56 -42.25 -5.37 8.97
C ARG B 56 -43.02 -4.06 9.16
N ALA B 57 -43.97 -4.04 10.09
CA ALA B 57 -44.73 -2.83 10.33
C ALA B 57 -43.99 -1.87 11.25
N VAL B 58 -43.49 -2.34 12.39
CA VAL B 58 -43.00 -1.44 13.42
C VAL B 58 -41.48 -1.33 13.49
N ARG B 59 -40.74 -2.30 12.92
CA ARG B 59 -39.29 -2.23 12.70
C ARG B 59 -38.49 -2.14 14.00
N VAL B 60 -39.05 -2.64 15.09
CA VAL B 60 -38.36 -2.76 16.38
C VAL B 60 -38.53 -4.20 16.85
N PRO B 61 -37.71 -4.67 17.82
CA PRO B 61 -37.96 -5.98 18.43
C PRO B 61 -39.35 -6.14 19.01
N VAL B 62 -40.15 -7.03 18.42
CA VAL B 62 -41.59 -7.06 18.64
C VAL B 62 -41.98 -8.41 19.21
N ILE B 63 -43.05 -8.41 20.01
CA ILE B 63 -43.63 -9.61 20.61
C ILE B 63 -45.10 -9.65 20.22
N VAL B 64 -45.51 -10.73 19.55
CA VAL B 64 -46.90 -10.88 19.13
C VAL B 64 -47.51 -12.08 19.84
N GLU B 65 -48.84 -12.18 19.76
CA GLU B 65 -49.59 -13.17 20.52
C GLU B 65 -50.75 -13.65 19.67
N HIS B 66 -50.93 -14.98 19.61
CA HIS B 66 -52.05 -15.57 18.90
C HIS B 66 -52.44 -16.85 19.63
N GLY B 67 -53.73 -17.18 19.59
CA GLY B 67 -54.27 -18.27 20.36
C GLY B 67 -54.93 -19.34 19.50
N ALA B 68 -55.45 -20.35 20.18
CA ALA B 68 -56.15 -21.44 19.52
C ALA B 68 -57.16 -22.04 20.49
N LEU B 69 -58.25 -22.55 19.93
CA LEU B 69 -59.33 -23.18 20.71
C LEU B 69 -59.72 -24.49 20.02
N CYS B 70 -58.75 -25.37 19.84
CA CYS B 70 -58.96 -26.68 19.26
C CYS B 70 -60.00 -27.49 20.04
N ILE B 71 -60.97 -28.06 19.33
CA ILE B 71 -62.10 -28.76 19.94
C ILE B 71 -62.11 -30.19 19.41
N ASP B 72 -62.34 -31.16 20.30
CA ASP B 72 -62.34 -32.56 19.91
C ASP B 72 -63.54 -32.91 19.03
N ALA B 73 -64.69 -32.27 19.28
CA ALA B 73 -65.88 -32.61 18.51
C ALA B 73 -65.80 -32.08 17.10
N LEU B 74 -64.99 -31.06 16.86
CA LEU B 74 -64.81 -30.48 15.54
C LEU B 74 -63.46 -30.86 14.94
N ASN B 75 -62.85 -31.92 15.45
CA ASN B 75 -61.55 -32.46 15.05
C ASN B 75 -60.44 -31.43 15.04
N GLY B 76 -60.43 -30.56 16.04
CA GLY B 76 -59.43 -29.51 16.12
C GLY B 76 -59.86 -28.16 15.60
N LEU B 77 -61.03 -28.06 15.02
CA LEU B 77 -61.52 -26.77 14.58
C LEU B 77 -62.06 -25.99 15.78
N PRO B 78 -61.87 -24.66 15.82
CA PRO B 78 -61.20 -23.77 14.86
C PRO B 78 -59.67 -23.84 14.81
N GLY B 79 -59.03 -24.17 15.90
CA GLY B 79 -57.57 -24.04 15.93
C GLY B 79 -57.22 -22.57 15.99
N ALA B 80 -56.29 -22.14 15.14
CA ALA B 80 -55.92 -20.73 15.05
C ALA B 80 -56.93 -19.89 14.28
N LEU B 81 -58.05 -20.50 13.86
CA LEU B 81 -59.17 -19.84 13.22
C LEU B 81 -60.24 -19.40 14.22
N VAL B 82 -59.85 -19.10 15.45
CA VAL B 82 -60.82 -18.82 16.51
C VAL B 82 -61.38 -17.41 16.41
N LYS B 83 -60.67 -16.49 15.77
CA LYS B 83 -61.11 -15.11 15.61
C LYS B 83 -62.39 -14.98 14.78
N PRO B 84 -62.58 -15.66 13.63
CA PRO B 84 -63.88 -15.54 12.97
C PRO B 84 -64.96 -16.48 13.48
N PHE B 85 -64.68 -17.41 14.40
CA PHE B 85 -65.78 -18.20 14.95
C PHE B 85 -66.60 -17.41 15.96
N TRP B 86 -65.92 -16.77 16.91
CA TRP B 86 -66.60 -15.98 17.92
C TRP B 86 -67.29 -14.75 17.32
N GLU B 87 -66.81 -14.29 16.16
CA GLU B 87 -67.56 -13.29 15.40
C GLU B 87 -68.84 -13.89 14.82
N SER B 88 -68.76 -15.09 14.25
CA SER B 88 -69.94 -15.68 13.63
C SER B 88 -70.83 -16.36 14.66
N LEU B 89 -70.33 -17.41 15.30
CA LEU B 89 -71.08 -18.14 16.32
C LEU B 89 -70.74 -17.55 17.67
N ASP B 90 -71.64 -16.76 18.25
CA ASP B 90 -71.28 -16.13 19.52
C ASP B 90 -71.47 -17.11 20.67
N THR B 91 -72.71 -17.43 21.01
CA THR B 91 -72.98 -18.45 22.02
C THR B 91 -73.69 -19.65 21.43
N ARG B 92 -73.93 -19.65 20.12
CA ARG B 92 -74.38 -20.83 19.41
C ARG B 92 -73.27 -21.86 19.29
N LEU B 93 -72.01 -21.44 19.53
CA LEU B 93 -70.88 -22.37 19.57
C LEU B 93 -71.02 -23.38 20.70
N CYS B 94 -71.74 -23.04 21.77
CA CYS B 94 -72.10 -24.03 22.77
C CYS B 94 -73.14 -25.01 22.27
N GLU B 95 -73.89 -24.66 21.22
CA GLU B 95 -74.98 -25.48 20.74
C GLU B 95 -74.61 -26.35 19.54
N VAL B 96 -73.61 -25.95 18.76
CA VAL B 96 -73.21 -26.75 17.60
C VAL B 96 -72.38 -27.96 17.99
N ILE B 97 -71.96 -28.06 19.23
CA ILE B 97 -71.11 -29.13 19.72
C ILE B 97 -71.98 -30.11 20.50
N PRO B 98 -71.86 -31.42 20.25
CA PRO B 98 -72.75 -32.38 20.92
C PRO B 98 -72.45 -32.50 22.41
N ALA B 99 -73.52 -32.65 23.19
CA ALA B 99 -73.35 -32.85 24.63
C ALA B 99 -72.85 -34.26 24.89
N GLY B 100 -71.75 -34.36 25.65
CA GLY B 100 -71.10 -35.62 25.93
C GLY B 100 -69.67 -35.72 25.45
N GLN B 101 -69.27 -34.90 24.49
CA GLN B 101 -67.90 -34.85 23.98
C GLN B 101 -67.43 -33.40 23.89
N ARG B 102 -67.64 -32.66 24.98
CA ARG B 102 -67.36 -31.23 25.01
C ARG B 102 -65.90 -30.86 25.20
N THR B 103 -64.97 -31.83 25.18
CA THR B 103 -63.58 -31.54 25.53
C THR B 103 -62.87 -30.76 24.44
N ALA B 104 -61.97 -29.88 24.88
CA ALA B 104 -61.28 -28.95 23.99
C ALA B 104 -59.97 -28.53 24.65
N ARG B 105 -59.10 -27.92 23.86
CA ARG B 105 -57.83 -27.39 24.34
C ARG B 105 -57.78 -25.90 24.04
N ALA B 106 -57.42 -25.10 25.03
CA ALA B 106 -57.17 -23.68 24.86
C ALA B 106 -55.67 -23.48 24.76
N ARG B 107 -55.18 -23.27 23.54
CA ARG B 107 -53.76 -23.07 23.30
C ARG B 107 -53.49 -21.58 23.10
N GLY B 108 -52.24 -21.19 23.36
CA GLY B 108 -51.84 -19.81 23.22
C GLY B 108 -50.36 -19.74 23.00
N ALA B 109 -49.94 -18.78 22.18
CA ALA B 109 -48.55 -18.72 21.76
C ALA B 109 -48.06 -17.29 21.73
N LEU B 110 -46.86 -17.09 22.27
CA LEU B 110 -46.10 -15.86 22.10
C LEU B 110 -44.96 -16.13 21.11
N CYS B 111 -44.66 -15.15 20.27
CA CYS B 111 -43.52 -15.20 19.38
C CYS B 111 -42.85 -13.85 19.38
N TYR B 112 -41.59 -13.81 19.78
CA TYR B 112 -40.82 -12.58 19.77
C TYR B 112 -39.81 -12.61 18.64
N CYS B 113 -39.71 -11.50 17.91
CA CYS B 113 -38.82 -11.36 16.77
C CYS B 113 -37.96 -10.14 17.01
N ASP B 114 -36.64 -10.33 17.05
CA ASP B 114 -35.71 -9.23 17.22
C ASP B 114 -35.20 -8.67 15.90
N GLY B 115 -35.66 -9.21 14.78
CA GLY B 115 -35.22 -8.80 13.47
C GLY B 115 -34.37 -9.83 12.75
N ARG B 116 -33.96 -10.88 13.47
CA ARG B 116 -33.06 -11.91 12.89
C ARG B 116 -33.58 -13.32 13.19
N GLU B 117 -34.30 -13.45 14.31
CA GLU B 117 -34.76 -14.81 14.73
C GLU B 117 -36.18 -14.74 15.30
N ARG B 118 -36.96 -15.80 15.12
CA ARG B 118 -38.32 -15.89 15.62
C ARG B 118 -38.41 -17.07 16.57
N HIS B 119 -38.67 -16.80 17.84
CA HIS B 119 -38.75 -17.83 18.87
C HIS B 119 -40.17 -17.90 19.41
N VAL B 120 -40.76 -19.10 19.36
CA VAL B 120 -42.17 -19.31 19.69
C VAL B 120 -42.25 -20.01 21.04
N LEU B 121 -43.05 -19.44 21.95
CA LEU B 121 -43.35 -20.04 23.24
C LEU B 121 -44.82 -20.43 23.25
N ILE B 122 -45.11 -21.70 23.53
CA ILE B 122 -46.47 -22.23 23.46
C ILE B 122 -46.84 -22.85 24.80
N GLU B 123 -47.94 -22.39 25.38
CA GLU B 123 -48.59 -23.08 26.49
C GLU B 123 -49.99 -23.48 26.09
N GLU B 124 -50.67 -24.22 26.97
CA GLU B 124 -51.83 -25.01 26.60
C GLU B 124 -52.60 -25.41 27.84
N THR B 125 -53.93 -25.34 27.76
CA THR B 125 -54.79 -25.67 28.89
C THR B 125 -55.91 -26.60 28.44
N GLU B 126 -55.94 -27.80 29.01
CA GLU B 126 -57.05 -28.72 28.79
C GLU B 126 -58.32 -28.16 29.42
N GLY B 127 -59.45 -28.46 28.80
CA GLY B 127 -60.72 -28.02 29.33
C GLY B 127 -61.87 -28.66 28.61
N GLU B 128 -63.03 -28.00 28.72
CA GLU B 128 -64.24 -28.47 28.06
C GLU B 128 -65.18 -27.29 27.88
N ILE B 129 -65.91 -27.28 26.75
CA ILE B 129 -66.83 -26.20 26.44
C ILE B 129 -68.04 -26.29 27.36
N ALA B 130 -68.47 -25.15 27.88
CA ALA B 130 -69.61 -25.11 28.78
C ALA B 130 -70.90 -25.48 28.05
N PRO B 131 -71.90 -25.99 28.77
CA PRO B 131 -73.20 -26.23 28.12
C PRO B 131 -73.92 -24.95 27.72
N SER B 132 -73.64 -23.84 28.38
CA SER B 132 -74.16 -22.54 27.99
C SER B 132 -73.20 -21.49 28.53
N ALA B 133 -73.21 -20.33 27.90
CA ALA B 133 -72.30 -19.26 28.29
C ALA B 133 -72.71 -18.67 29.64
N ARG B 134 -71.74 -18.59 30.55
CA ARG B 134 -71.98 -18.02 31.87
C ARG B 134 -70.77 -17.21 32.28
N GLY B 135 -71.02 -16.13 32.99
CA GLY B 135 -69.96 -15.25 33.45
C GLY B 135 -69.94 -13.95 32.66
N THR B 136 -69.46 -12.89 33.33
CA THR B 136 -69.44 -11.56 32.75
C THR B 136 -68.04 -10.99 32.51
N GLY B 137 -67.05 -11.39 33.30
CA GLY B 137 -65.72 -10.83 33.18
C GLY B 137 -64.98 -11.37 31.97
N GLY B 138 -63.77 -10.86 31.79
CA GLY B 138 -62.97 -11.33 30.68
C GLY B 138 -63.46 -10.78 29.35
N PHE B 139 -63.19 -11.52 28.29
CA PHE B 139 -63.52 -11.10 26.93
C PHE B 139 -63.79 -12.34 26.08
N HIS B 140 -63.61 -12.26 24.76
CA HIS B 140 -63.97 -13.26 23.75
C HIS B 140 -63.74 -14.71 24.17
N TRP B 141 -64.79 -15.52 24.06
CA TRP B 141 -64.90 -16.95 24.40
C TRP B 141 -64.56 -17.30 25.84
N ASP B 142 -64.34 -16.33 26.72
CA ASP B 142 -64.23 -16.68 28.13
C ASP B 142 -65.50 -17.18 28.81
N PRO B 143 -66.73 -16.78 28.43
CA PRO B 143 -67.90 -17.43 29.05
C PRO B 143 -68.17 -18.87 28.61
N ILE B 144 -67.42 -19.46 27.68
CA ILE B 144 -67.75 -20.80 27.20
C ILE B 144 -66.73 -21.85 27.58
N PHE B 145 -65.57 -21.47 28.13
CA PHE B 145 -64.48 -22.42 28.39
C PHE B 145 -64.34 -22.67 29.87
N ILE B 146 -64.39 -23.93 30.26
CA ILE B 146 -64.21 -24.36 31.65
C ILE B 146 -62.94 -25.21 31.72
N PRO B 147 -61.93 -24.83 32.50
CA PRO B 147 -60.71 -25.62 32.57
C PRO B 147 -60.93 -26.94 33.29
N LYS B 148 -59.97 -27.84 33.14
CA LYS B 148 -60.08 -29.16 33.72
C LYS B 148 -59.88 -29.09 35.23
N GLY B 149 -60.77 -29.73 35.97
CA GLY B 149 -60.78 -29.69 37.42
C GLY B 149 -61.65 -28.58 37.98
N GLN B 150 -61.61 -27.42 37.37
CA GLN B 150 -62.43 -26.30 37.79
C GLN B 150 -63.86 -26.50 37.30
N THR B 151 -64.81 -25.93 38.03
CA THR B 151 -66.20 -25.90 37.59
C THR B 151 -66.58 -24.61 36.88
N ARG B 152 -65.84 -23.53 37.11
CA ARG B 152 -66.18 -22.21 36.60
C ARG B 152 -65.49 -21.92 35.28
N THR B 153 -65.94 -20.86 34.62
CA THR B 153 -65.37 -20.43 33.35
C THR B 153 -64.25 -19.43 33.59
N PHE B 154 -63.59 -19.00 32.51
CA PHE B 154 -62.68 -17.88 32.60
C PHE B 154 -63.41 -16.57 32.87
N ALA B 155 -64.67 -16.48 32.45
CA ALA B 155 -65.42 -15.25 32.66
C ALA B 155 -65.86 -15.12 34.11
N GLU B 156 -66.11 -16.23 34.78
CA GLU B 156 -66.54 -16.21 36.17
C GLU B 156 -65.42 -15.91 37.14
N MET B 157 -64.17 -16.02 36.71
CA MET B 157 -63.03 -15.83 37.60
C MET B 157 -62.41 -14.46 37.38
N SER B 158 -61.75 -13.94 38.41
CA SER B 158 -61.08 -12.66 38.33
C SER B 158 -59.79 -12.79 37.52
N LEU B 159 -59.10 -11.66 37.35
CA LEU B 159 -57.92 -11.65 36.50
C LEU B 159 -56.74 -12.37 37.15
N ASP B 160 -56.66 -12.34 38.48
CA ASP B 160 -55.66 -13.14 39.17
C ASP B 160 -55.99 -14.63 39.09
N GLU B 161 -57.28 -14.96 39.14
CA GLU B 161 -57.68 -16.36 39.12
C GLU B 161 -57.70 -16.92 37.71
N LYS B 162 -57.94 -16.07 36.71
CA LYS B 162 -57.93 -16.54 35.32
C LYS B 162 -56.52 -16.86 34.86
N LEU B 163 -55.55 -16.05 35.26
CA LEU B 163 -54.16 -16.27 34.88
C LEU B 163 -53.50 -17.39 35.67
N SER B 164 -54.16 -17.95 36.68
CA SER B 164 -53.66 -19.17 37.29
C SER B 164 -54.12 -20.42 36.56
N PHE B 165 -54.89 -20.27 35.48
CA PHE B 165 -55.35 -21.38 34.67
C PHE B 165 -55.03 -21.17 33.20
N SER B 166 -55.07 -19.92 32.74
CA SER B 166 -54.94 -19.62 31.32
C SER B 166 -53.52 -19.84 30.84
N PRO B 167 -53.32 -20.02 29.53
CA PRO B 167 -51.94 -20.19 29.01
C PRO B 167 -51.04 -18.98 29.21
N LEU B 168 -51.58 -17.78 29.36
CA LEU B 168 -50.73 -16.61 29.52
C LEU B 168 -50.04 -16.58 30.89
N GLY B 169 -50.61 -17.22 31.90
CA GLY B 169 -50.01 -17.22 33.22
C GLY B 169 -48.76 -18.04 33.33
N ARG B 170 -48.55 -18.98 32.42
CA ARG B 170 -47.29 -19.69 32.31
C ARG B 170 -46.35 -19.07 31.28
N LEU B 171 -46.89 -18.22 30.40
CA LEU B 171 -46.10 -17.53 29.39
C LEU B 171 -45.51 -16.22 29.89
N HIS B 172 -45.97 -15.68 31.02
CA HIS B 172 -45.31 -14.52 31.62
C HIS B 172 -43.89 -14.88 32.05
N THR B 173 -43.75 -15.98 32.79
CA THR B 173 -42.47 -16.34 33.38
C THR B 173 -41.48 -16.79 32.32
N ARG B 174 -41.97 -17.45 31.26
CA ARG B 174 -41.08 -17.87 30.18
C ARG B 174 -40.64 -16.69 29.32
N LEU B 175 -41.50 -15.67 29.19
CA LEU B 175 -41.11 -14.50 28.42
C LEU B 175 -40.19 -13.60 29.23
N ARG B 176 -40.40 -13.52 30.55
CA ARG B 176 -39.55 -12.71 31.40
C ARG B 176 -38.16 -13.30 31.51
N THR B 177 -38.05 -14.63 31.60
CA THR B 177 -36.76 -15.27 31.78
C THR B 177 -35.93 -15.22 30.50
N GLU B 178 -36.55 -15.50 29.36
CA GLU B 178 -35.80 -15.54 28.11
C GLU B 178 -35.44 -14.16 27.58
N LEU B 179 -36.14 -13.12 28.02
CA LEU B 179 -35.82 -11.77 27.56
C LEU B 179 -35.20 -10.90 28.63
N GLY B 180 -35.20 -11.33 29.89
CA GLY B 180 -34.63 -10.53 30.94
C GLY B 180 -35.47 -9.33 31.32
N LEU B 181 -36.79 -9.43 31.18
CA LEU B 181 -37.67 -8.31 31.47
C LEU B 181 -37.77 -8.07 32.97
N ALA C 2 -2.38 57.38 -14.51
CA ALA C 2 -1.42 56.35 -14.90
C ALA C 2 -1.09 56.45 -16.38
N PRO C 3 0.18 56.22 -16.74
CA PRO C 3 0.57 56.28 -18.14
C PRO C 3 -0.04 55.15 -18.95
N THR C 4 -0.09 55.37 -20.27
CA THR C 4 -0.51 54.34 -21.20
C THR C 4 0.58 53.92 -22.16
N TRP C 5 1.63 54.72 -22.34
CA TRP C 5 2.79 54.37 -23.15
C TRP C 5 4.03 54.46 -22.28
N PHE C 6 5.01 53.62 -22.58
CA PHE C 6 6.21 53.50 -21.76
C PHE C 6 7.42 53.55 -22.67
N TYR C 7 8.31 54.50 -22.42
CA TYR C 7 9.54 54.63 -23.19
C TYR C 7 10.64 53.87 -22.49
N ASN C 8 11.13 52.83 -23.16
CA ASN C 8 12.10 51.90 -22.58
C ASN C 8 13.49 52.26 -23.07
N THR C 9 14.38 52.59 -22.14
CA THR C 9 15.79 52.76 -22.46
C THR C 9 16.62 52.47 -21.21
N THR C 10 17.80 51.91 -21.42
CA THR C 10 18.78 51.80 -20.35
C THR C 10 19.78 52.94 -20.37
N ASN C 11 19.74 53.79 -21.37
CA ASN C 11 20.67 54.89 -21.52
C ASN C 11 20.05 56.11 -20.83
N SER C 12 20.67 56.53 -19.73
CA SER C 12 20.13 57.62 -18.93
C SER C 12 20.35 58.98 -19.57
N GLU C 13 21.13 59.07 -20.64
CA GLU C 13 21.28 60.31 -21.37
C GLU C 13 20.20 60.49 -22.42
N LYS C 14 19.69 59.39 -22.98
CA LYS C 14 18.52 59.46 -23.84
C LYS C 14 17.28 59.80 -23.03
N LEU C 15 17.27 59.42 -21.76
CA LEU C 15 16.10 59.64 -20.91
C LEU C 15 15.89 61.12 -20.61
N ARG C 16 16.97 61.85 -20.34
CA ARG C 16 16.81 63.28 -20.07
C ARG C 16 16.59 64.10 -21.32
N GLU C 17 16.85 63.55 -22.50
CA GLU C 17 16.51 64.26 -23.72
C GLU C 17 15.02 64.16 -24.01
N LEU C 18 14.46 62.96 -23.92
CA LEU C 18 13.06 62.78 -24.22
C LEU C 18 12.17 63.32 -23.11
N GLN C 19 12.68 63.44 -21.89
CA GLN C 19 11.94 64.14 -20.85
C GLN C 19 12.08 65.65 -20.95
N HIS C 20 12.96 66.16 -21.80
CA HIS C 20 13.06 67.60 -21.96
C HIS C 20 11.93 68.16 -22.80
N VAL C 21 11.35 67.35 -23.68
CA VAL C 21 10.30 67.78 -24.59
C VAL C 21 8.99 67.04 -24.33
N LEU C 22 9.04 65.71 -24.28
CA LEU C 22 7.88 64.90 -23.95
C LEU C 22 7.75 64.62 -22.46
N GLY C 23 8.33 65.45 -21.61
CA GLY C 23 8.33 65.19 -20.19
C GLY C 23 7.03 65.56 -19.50
N GLY C 24 6.40 66.65 -19.92
CA GLY C 24 5.16 67.09 -19.32
C GLY C 24 3.94 66.31 -19.71
N SER C 25 4.08 65.37 -20.64
CA SER C 25 2.97 64.50 -21.02
C SER C 25 2.71 63.48 -19.92
N ALA C 26 1.51 63.51 -19.36
CA ALA C 26 1.14 62.60 -18.28
C ALA C 26 0.76 61.21 -18.77
N LYS C 27 0.74 60.99 -20.08
CA LYS C 27 0.39 59.70 -20.65
C LYS C 27 1.60 58.86 -20.99
N LEU C 28 2.80 59.30 -20.61
CA LEU C 28 4.03 58.60 -20.98
C LEU C 28 4.77 58.20 -19.71
N GLY C 29 5.04 56.91 -19.57
CA GLY C 29 5.85 56.39 -18.50
C GLY C 29 7.23 56.00 -18.99
N TYR C 30 8.04 55.50 -18.06
CA TYR C 30 9.45 55.24 -18.36
C TYR C 30 9.86 53.91 -17.74
N LEU C 31 10.51 53.06 -18.54
CA LEU C 31 11.01 51.78 -18.09
C LEU C 31 12.48 51.65 -18.51
N THR C 32 13.18 50.68 -17.92
CA THR C 32 14.63 50.55 -18.11
C THR C 32 15.03 49.11 -18.42
N ALA C 33 14.25 48.40 -19.21
CA ALA C 33 14.58 47.02 -19.53
C ALA C 33 15.68 46.95 -20.58
N LYS C 34 16.56 45.96 -20.43
CA LYS C 34 17.72 45.81 -21.29
C LYS C 34 17.43 44.74 -22.35
N VAL C 35 17.55 45.11 -23.62
CA VAL C 35 17.30 44.20 -24.73
C VAL C 35 18.58 44.02 -25.51
N THR C 36 18.58 43.02 -26.38
CA THR C 36 19.73 42.66 -27.21
C THR C 36 19.34 42.85 -28.67
N GLU C 37 20.13 43.63 -29.39
CA GLU C 37 19.82 43.93 -30.78
C GLU C 37 20.36 42.82 -31.68
N ILE C 38 19.77 42.73 -32.87
CA ILE C 38 20.21 41.76 -33.86
C ILE C 38 21.33 42.39 -34.67
N LEU C 39 22.06 41.55 -35.41
CA LEU C 39 23.24 41.98 -36.15
C LEU C 39 22.82 42.33 -37.57
N ASP C 40 22.59 43.61 -37.83
CA ASP C 40 22.24 44.10 -39.15
C ASP C 40 22.55 45.58 -39.22
N VAL C 41 23.04 46.05 -40.37
CA VAL C 41 23.36 47.47 -40.52
C VAL C 41 22.14 48.31 -40.82
N ASP C 42 21.04 47.70 -41.26
CA ASP C 42 19.85 48.47 -41.60
C ASP C 42 19.14 48.91 -40.34
N LEU C 43 18.87 50.21 -40.24
CA LEU C 43 18.22 50.76 -39.05
C LEU C 43 16.78 50.27 -38.91
N GLU C 44 16.05 50.22 -40.03
CA GLU C 44 14.66 49.75 -40.03
C GLU C 44 14.53 48.32 -39.54
N THR C 45 15.52 47.47 -39.83
CA THR C 45 15.45 46.08 -39.41
C THR C 45 15.74 45.94 -37.93
N VAL C 46 16.66 46.72 -37.40
CA VAL C 46 17.08 46.57 -36.00
C VAL C 46 16.04 47.15 -35.06
N ILE C 47 15.51 48.34 -35.37
CA ILE C 47 14.52 48.98 -34.48
C ILE C 47 13.21 48.20 -34.49
N ARG C 48 12.91 47.48 -35.56
CA ARG C 48 11.69 46.70 -35.63
C ARG C 48 11.82 45.40 -34.83
N ALA C 49 13.03 44.82 -34.80
CA ALA C 49 13.29 43.66 -33.96
C ALA C 49 13.62 44.02 -32.52
N LYS C 50 13.81 45.31 -32.23
CA LYS C 50 14.06 45.75 -30.86
C LYS C 50 12.77 45.98 -30.10
N ALA C 51 11.69 46.37 -30.80
CA ALA C 51 10.40 46.57 -30.16
C ALA C 51 9.71 45.25 -29.83
N ILE C 52 9.88 44.24 -30.68
CA ILE C 52 9.29 42.94 -30.38
C ILE C 52 10.05 42.28 -29.22
N ALA C 53 11.32 42.63 -29.02
CA ALA C 53 12.09 42.07 -27.92
C ALA C 53 11.90 42.86 -26.64
N ALA C 54 11.43 44.09 -26.72
CA ALA C 54 11.16 44.87 -25.51
C ALA C 54 9.71 44.75 -25.06
N TYR C 55 8.77 44.49 -25.99
CA TYR C 55 7.42 44.16 -25.56
C TYR C 55 7.38 42.84 -24.84
N ARG C 56 8.22 41.89 -25.24
CA ARG C 56 8.30 40.60 -24.58
C ARG C 56 8.83 40.72 -23.16
N ALA C 57 9.60 41.77 -22.88
CA ALA C 57 10.14 41.97 -21.54
C ALA C 57 9.12 42.64 -20.63
N VAL C 58 8.53 43.75 -21.06
CA VAL C 58 7.75 44.58 -20.15
C VAL C 58 6.24 44.40 -20.28
N ARG C 59 5.75 43.86 -21.40
CA ARG C 59 4.35 43.44 -21.59
C ARG C 59 3.35 44.58 -21.49
N VAL C 60 3.80 45.80 -21.78
CA VAL C 60 2.94 46.98 -21.88
C VAL C 60 3.23 47.65 -23.21
N PRO C 61 2.33 48.54 -23.70
CA PRO C 61 2.67 49.34 -24.89
C PRO C 61 3.96 50.14 -24.76
N VAL C 62 4.96 49.78 -25.56
CA VAL C 62 6.33 50.21 -25.34
C VAL C 62 6.82 51.01 -26.53
N ILE C 63 7.74 51.95 -26.28
CA ILE C 63 8.37 52.77 -27.29
C ILE C 63 9.87 52.59 -27.15
N VAL C 64 10.55 52.14 -28.20
CA VAL C 64 11.99 51.95 -28.17
C VAL C 64 12.64 52.88 -29.18
N GLU C 65 13.96 53.02 -29.07
CA GLU C 65 14.72 53.98 -29.84
C GLU C 65 16.06 53.38 -30.22
N HIS C 66 16.45 53.52 -31.49
CA HIS C 66 17.74 53.06 -31.96
C HIS C 66 18.18 53.99 -33.08
N GLY C 67 19.49 54.18 -33.20
CA GLY C 67 20.05 55.16 -34.11
C GLY C 67 20.98 54.54 -35.14
N ALA C 68 21.52 55.42 -35.98
CA ALA C 68 22.47 55.01 -37.00
C ALA C 68 23.39 56.17 -37.32
N LEU C 69 24.62 55.86 -37.71
CA LEU C 69 25.63 56.85 -38.07
C LEU C 69 26.33 56.41 -39.36
N CYS C 70 25.52 56.20 -40.40
CA CYS C 70 26.01 55.83 -41.72
C CYS C 70 27.01 56.85 -42.26
N ILE C 71 28.17 56.36 -42.73
CA ILE C 71 29.27 57.21 -43.17
C ILE C 71 29.57 56.87 -44.63
N ASP C 72 29.79 57.91 -45.45
CA ASP C 72 30.06 57.71 -46.87
C ASP C 72 31.42 57.07 -47.11
N ALA C 73 32.41 57.38 -46.27
CA ALA C 73 33.75 56.85 -46.49
C ALA C 73 33.83 55.38 -46.13
N LEU C 74 32.91 54.90 -45.28
CA LEU C 74 32.88 53.51 -44.89
C LEU C 74 31.71 52.77 -45.54
N ASN C 75 31.18 53.33 -46.64
CA ASN C 75 30.06 52.80 -47.42
C ASN C 75 28.82 52.52 -46.58
N GLY C 76 28.53 53.37 -45.61
CA GLY C 76 27.39 53.18 -44.75
C GLY C 76 27.70 52.57 -43.41
N LEU C 77 28.92 52.14 -43.18
CA LEU C 77 29.28 51.62 -41.88
C LEU C 77 29.50 52.77 -40.91
N PRO C 78 29.13 52.60 -39.63
CA PRO C 78 28.50 51.45 -38.96
C PRO C 78 27.03 51.19 -39.28
N GLY C 79 26.26 52.22 -39.59
CA GLY C 79 24.82 52.02 -39.69
C GLY C 79 24.25 51.84 -38.31
N ALA C 80 23.42 50.81 -38.12
CA ALA C 80 22.87 50.50 -36.81
C ALA C 80 23.86 49.77 -35.90
N LEU C 81 25.11 49.62 -36.36
CA LEU C 81 26.22 49.05 -35.60
C LEU C 81 27.03 50.12 -34.90
N VAL C 82 26.41 51.24 -34.53
CA VAL C 82 27.15 52.38 -34.00
C VAL C 82 27.51 52.18 -32.53
N LYS C 83 26.78 51.34 -31.80
CA LYS C 83 27.05 51.07 -30.39
C LYS C 83 28.41 50.41 -30.14
N PRO C 84 28.88 49.41 -30.91
CA PRO C 84 30.24 48.93 -30.64
C PRO C 84 31.35 49.71 -31.35
N PHE C 85 31.05 50.69 -32.20
CA PHE C 85 32.16 51.49 -32.74
C PHE C 85 32.67 52.50 -31.73
N TRP C 86 31.77 53.25 -31.11
CA TRP C 86 32.16 54.24 -30.12
C TRP C 86 32.75 53.59 -28.87
N GLU C 87 32.40 52.32 -28.61
CA GLU C 87 33.11 51.56 -27.59
C GLU C 87 34.54 51.25 -28.03
N SER C 88 34.73 50.83 -29.28
CA SER C 88 36.06 50.46 -29.73
C SER C 88 36.87 51.69 -30.15
N LEU C 89 36.42 52.38 -31.19
CA LEU C 89 37.10 53.58 -31.68
C LEU C 89 36.46 54.78 -31.01
N ASP C 90 37.13 55.38 -30.03
CA ASP C 90 36.49 56.50 -29.35
C ASP C 90 36.63 57.78 -30.16
N THR C 91 37.83 58.33 -30.23
CA THR C 91 38.08 59.48 -31.07
C THR C 91 39.04 59.18 -32.20
N ARG C 92 39.48 57.92 -32.30
CA ARG C 92 40.21 57.44 -33.47
C ARG C 92 39.28 57.29 -34.68
N LEU C 93 37.96 57.30 -34.44
CA LEU C 93 36.98 57.29 -35.52
C LEU C 93 37.09 58.54 -36.38
N CYS C 94 37.56 59.66 -35.81
CA CYS C 94 37.90 60.82 -36.62
C CYS C 94 39.14 60.59 -37.47
N GLU C 95 39.99 59.63 -37.11
CA GLU C 95 41.25 59.42 -37.80
C GLU C 95 41.20 58.31 -38.82
N VAL C 96 40.30 57.34 -38.68
CA VAL C 96 40.21 56.25 -39.66
C VAL C 96 39.50 56.67 -40.93
N ILE C 97 38.91 57.84 -40.96
CA ILE C 97 38.15 58.33 -42.11
C ILE C 97 39.01 59.35 -42.85
N PRO C 98 39.13 59.26 -44.17
CA PRO C 98 40.03 60.17 -44.90
C PRO C 98 39.51 61.60 -44.91
N ALA C 99 40.45 62.54 -44.81
CA ALA C 99 40.08 63.95 -44.88
C ALA C 99 39.76 64.32 -46.32
N GLY C 100 38.58 64.91 -46.51
CA GLY C 100 38.08 65.26 -47.84
C GLY C 100 36.77 64.61 -48.20
N GLN C 101 36.42 63.49 -47.56
CA GLN C 101 35.16 62.80 -47.78
C GLN C 101 34.50 62.45 -46.45
N ARG C 102 34.42 63.45 -45.58
CA ARG C 102 33.95 63.27 -44.21
C ARG C 102 32.43 63.19 -44.08
N THR C 103 31.67 63.16 -45.18
CA THR C 103 30.22 63.27 -45.08
C THR C 103 29.57 62.00 -44.54
N ALA C 104 28.51 62.19 -43.78
CA ALA C 104 27.85 61.09 -43.07
C ALA C 104 26.40 61.50 -42.80
N ARG C 105 25.58 60.52 -42.43
CA ARG C 105 24.20 60.75 -42.06
C ARG C 105 23.98 60.25 -40.64
N ALA C 106 23.35 61.08 -39.81
CA ALA C 106 22.93 60.68 -38.47
C ALA C 106 21.45 60.34 -38.53
N ARG C 107 21.14 59.06 -38.54
CA ARG C 107 19.77 58.59 -38.58
C ARG C 107 19.31 58.16 -37.20
N GLY C 108 18.02 58.18 -36.99
CA GLY C 108 17.44 57.81 -35.71
C GLY C 108 16.02 57.37 -35.90
N ALA C 109 15.60 56.39 -35.11
CA ALA C 109 14.31 55.78 -35.32
C ALA C 109 13.61 55.48 -34.00
N LEU C 110 12.34 55.82 -33.94
CA LEU C 110 11.44 55.38 -32.89
C LEU C 110 10.54 54.29 -33.43
N CYS C 111 10.25 53.29 -32.60
CA CYS C 111 9.28 52.26 -32.95
C CYS C 111 8.42 51.99 -31.73
N TYR C 112 7.12 52.21 -31.84
CA TYR C 112 6.20 51.92 -30.75
C TYR C 112 5.40 50.67 -31.07
N CYS C 113 5.26 49.80 -30.07
CA CYS C 113 4.55 48.54 -30.20
C CYS C 113 3.49 48.49 -29.11
N ASP C 114 2.23 48.37 -29.51
CA ASP C 114 1.14 48.26 -28.56
C ASP C 114 0.78 46.82 -28.24
N GLY C 115 1.48 45.85 -28.82
CA GLY C 115 1.20 44.45 -28.62
C GLY C 115 0.63 43.75 -29.83
N ARG C 116 0.28 44.53 -30.87
CA ARG C 116 -0.36 43.97 -32.08
C ARG C 116 0.30 44.52 -33.34
N GLU C 117 0.84 45.74 -33.25
CA GLU C 117 1.41 46.40 -34.45
C GLU C 117 2.69 47.15 -34.09
N ARG C 118 3.64 47.21 -35.03
CA ARG C 118 4.91 47.92 -34.84
C ARG C 118 5.00 49.01 -35.89
N HIS C 119 5.01 50.27 -35.45
CA HIS C 119 5.08 51.41 -36.34
C HIS C 119 6.39 52.15 -36.12
N VAL C 120 7.14 52.34 -37.20
CA VAL C 120 8.49 52.90 -37.15
C VAL C 120 8.46 54.33 -37.67
N LEU C 121 9.01 55.26 -36.90
CA LEU C 121 9.18 56.65 -37.30
C LEU C 121 10.66 56.91 -37.45
N ILE C 122 11.09 57.39 -38.62
CA ILE C 122 12.51 57.59 -38.92
C ILE C 122 12.74 59.04 -39.33
N GLU C 123 13.66 59.71 -38.64
CA GLU C 123 14.20 60.97 -39.10
C GLU C 123 15.70 60.83 -39.31
N GLU C 124 16.32 61.89 -39.82
CA GLU C 124 17.62 61.78 -40.46
C GLU C 124 18.23 63.17 -40.60
N THR C 125 19.54 63.28 -40.32
CA THR C 125 20.25 64.55 -40.39
C THR C 125 21.54 64.39 -41.16
N GLU C 126 21.65 65.11 -42.28
CA GLU C 126 22.90 65.17 -43.02
C GLU C 126 23.96 65.89 -42.21
N GLY C 127 25.21 65.48 -42.39
CA GLY C 127 26.29 66.13 -41.69
C GLY C 127 27.64 65.68 -42.21
N GLU C 128 28.65 65.86 -41.37
CA GLU C 128 30.00 65.46 -41.69
C GLU C 128 30.78 65.26 -40.39
N ILE C 129 31.68 64.25 -40.40
CA ILE C 129 32.47 63.95 -39.22
C ILE C 129 33.52 65.03 -39.01
N ALA C 130 33.70 65.46 -37.76
CA ALA C 130 34.65 66.50 -37.45
C ALA C 130 36.08 66.01 -37.68
N PRO C 131 37.01 66.92 -37.95
CA PRO C 131 38.43 66.51 -38.04
C PRO C 131 39.01 66.05 -36.72
N SER C 132 38.47 66.53 -35.60
CA SER C 132 38.85 66.04 -34.29
C SER C 132 37.68 66.30 -33.34
N ALA C 133 37.63 65.53 -32.27
CA ALA C 133 36.52 65.65 -31.33
C ALA C 133 36.62 66.96 -30.55
N ARG C 134 35.52 67.70 -30.52
CA ARG C 134 35.45 68.96 -29.80
C ARG C 134 34.09 69.08 -29.15
N GLY C 135 34.06 69.68 -27.97
CA GLY C 135 32.83 69.86 -27.23
C GLY C 135 32.75 68.92 -26.04
N THR C 136 32.01 69.35 -25.01
CA THR C 136 31.90 68.62 -23.76
C THR C 136 30.49 68.12 -23.47
N GLY C 137 29.45 68.81 -23.93
CA GLY C 137 28.10 68.42 -23.61
C GLY C 137 27.64 67.20 -24.39
N GLY C 138 26.41 66.78 -24.10
CA GLY C 138 25.88 65.63 -24.81
C GLY C 138 26.50 64.33 -24.32
N PHE C 139 26.51 63.34 -25.22
CA PHE C 139 27.00 62.01 -24.88
C PHE C 139 27.57 61.38 -26.14
N HIS C 140 27.59 60.04 -26.23
CA HIS C 140 28.26 59.23 -27.26
C HIS C 140 28.17 59.79 -28.68
N TRP C 141 29.33 59.94 -29.32
CA TRP C 141 29.58 60.47 -30.67
C TRP C 141 29.08 61.89 -30.91
N ASP C 142 28.58 62.59 -29.91
CA ASP C 142 28.29 64.00 -30.12
C ASP C 142 29.51 64.92 -30.33
N PRO C 143 30.70 64.67 -29.78
CA PRO C 143 31.84 65.53 -30.17
C PRO C 143 32.37 65.32 -31.59
N ILE C 144 31.88 64.38 -32.38
CA ILE C 144 32.47 64.13 -33.68
C ILE C 144 31.56 64.48 -34.84
N PHE C 145 30.29 64.81 -34.61
CA PHE C 145 29.33 65.02 -35.68
C PHE C 145 28.97 66.50 -35.79
N ILE C 146 29.15 67.05 -36.99
CA ILE C 146 28.81 68.44 -37.29
C ILE C 146 27.69 68.44 -38.32
N PRO C 147 26.52 69.01 -38.02
CA PRO C 147 25.43 69.01 -39.00
C PRO C 147 25.71 69.92 -40.18
N LYS C 148 24.93 69.74 -41.23
CA LYS C 148 25.13 70.50 -42.45
C LYS C 148 24.68 71.94 -42.26
N GLY C 149 25.52 72.88 -42.66
CA GLY C 149 25.29 74.30 -42.46
C GLY C 149 25.90 74.83 -41.18
N GLN C 150 25.79 74.07 -40.10
CA GLN C 150 26.36 74.46 -38.83
C GLN C 150 27.86 74.21 -38.86
N THR C 151 28.60 74.99 -38.06
CA THR C 151 30.02 74.75 -37.86
C THR C 151 30.32 73.95 -36.60
N ARG C 152 29.41 73.92 -35.64
CA ARG C 152 29.64 73.31 -34.35
C ARG C 152 29.12 71.88 -34.31
N THR C 153 29.52 71.15 -33.27
CA THR C 153 29.10 69.77 -33.07
C THR C 153 27.83 69.72 -32.24
N PHE C 154 27.30 68.51 -32.04
CA PHE C 154 26.23 68.32 -31.08
C PHE C 154 26.71 68.53 -29.65
N ALA C 155 28.00 68.28 -29.40
CA ALA C 155 28.52 68.44 -28.05
C ALA C 155 28.70 69.91 -27.69
N GLU C 156 28.99 70.75 -28.69
CA GLU C 156 29.20 72.17 -28.43
C GLU C 156 27.89 72.93 -28.23
N MET C 157 26.75 72.33 -28.58
CA MET C 157 25.47 73.01 -28.49
C MET C 157 24.71 72.53 -27.26
N SER C 158 23.82 73.39 -26.77
CA SER C 158 23.00 73.05 -25.61
C SER C 158 21.89 72.09 -26.03
N LEU C 159 21.07 71.67 -25.06
CA LEU C 159 20.06 70.66 -25.33
C LEU C 159 18.91 71.24 -26.16
N ASP C 160 18.61 72.52 -26.00
CA ASP C 160 17.63 73.15 -26.88
C ASP C 160 18.19 73.31 -28.29
N GLU C 161 19.48 73.60 -28.41
CA GLU C 161 20.08 73.80 -29.71
C GLU C 161 20.40 72.49 -30.40
N LYS C 162 20.68 71.44 -29.64
CA LYS C 162 20.97 70.15 -30.25
C LYS C 162 19.72 69.53 -30.85
N LEU C 163 18.58 69.67 -30.16
CA LEU C 163 17.32 69.14 -30.64
C LEU C 163 16.70 69.96 -31.76
N SER C 164 17.26 71.11 -32.10
CA SER C 164 16.85 71.80 -33.32
C SER C 164 17.60 71.31 -34.54
N PHE C 165 18.51 70.34 -34.37
CA PHE C 165 19.24 69.75 -35.48
C PHE C 165 19.14 68.23 -35.49
N SER C 166 19.07 67.63 -34.30
CA SER C 166 19.13 66.19 -34.16
C SER C 166 17.85 65.53 -34.67
N PRO C 167 17.89 64.24 -35.01
CA PRO C 167 16.65 63.56 -35.46
C PRO C 167 15.58 63.47 -34.41
N LEU C 168 15.90 63.55 -33.12
CA LEU C 168 14.87 63.43 -32.08
C LEU C 168 13.98 64.67 -32.03
N GLY C 169 14.47 65.83 -32.46
CA GLY C 169 13.67 67.04 -32.41
C GLY C 169 12.55 67.07 -33.42
N ARG C 170 12.63 66.26 -34.46
CA ARG C 170 11.51 66.06 -35.38
C ARG C 170 10.67 64.84 -35.02
N LEU C 171 11.22 63.94 -34.20
CA LEU C 171 10.50 62.76 -33.76
C LEU C 171 9.66 62.99 -32.51
N HIS C 172 9.86 64.10 -31.79
CA HIS C 172 8.93 64.44 -30.70
C HIS C 172 7.54 64.71 -31.24
N THR C 173 7.45 65.55 -32.26
CA THR C 173 6.15 65.99 -32.75
C THR C 173 5.43 64.87 -33.48
N ARG C 174 6.16 63.99 -34.15
CA ARG C 174 5.53 62.86 -34.81
C ARG C 174 5.08 61.80 -33.82
N LEU C 175 5.78 61.65 -32.70
CA LEU C 175 5.35 60.69 -31.69
C LEU C 175 4.20 61.24 -30.87
N ARG C 176 4.19 62.56 -30.62
CA ARG C 176 3.10 63.16 -29.88
C ARG C 176 1.80 63.16 -30.67
N THR C 177 1.88 63.40 -31.97
CA THR C 177 0.68 63.47 -32.79
C THR C 177 0.07 62.10 -33.02
N GLU C 178 0.90 61.09 -33.30
CA GLU C 178 0.37 59.76 -33.60
C GLU C 178 -0.09 59.02 -32.36
N LEU C 179 0.37 59.41 -31.17
CA LEU C 179 -0.06 58.75 -29.95
C LEU C 179 -0.97 59.60 -29.09
N GLY C 180 -1.11 60.89 -29.38
CA GLY C 180 -1.95 61.73 -28.56
C GLY C 180 -1.35 62.07 -27.22
N LEU C 181 -0.04 62.13 -27.12
CA LEU C 181 0.63 62.40 -25.85
C LEU C 181 0.44 63.86 -25.45
N ALA D 2 22.58 6.43 -39.32
CA ALA D 2 22.05 7.78 -39.15
C ALA D 2 23.01 8.63 -38.32
N PRO D 3 23.15 9.91 -38.68
CA PRO D 3 24.04 10.80 -37.93
C PRO D 3 23.51 11.07 -36.54
N THR D 4 24.42 11.49 -35.66
CA THR D 4 24.07 11.96 -34.33
C THR D 4 24.37 13.42 -34.10
N TRP D 5 25.25 14.03 -34.89
CA TRP D 5 25.54 15.44 -34.83
C TRP D 5 25.27 16.07 -36.19
N PHE D 6 24.84 17.32 -36.17
CA PHE D 6 24.42 18.02 -37.38
C PHE D 6 25.10 19.37 -37.45
N TYR D 7 25.82 19.61 -38.53
CA TYR D 7 26.51 20.89 -38.73
C TYR D 7 25.60 21.80 -39.53
N ASN D 8 25.18 22.89 -38.90
CA ASN D 8 24.20 23.81 -39.46
C ASN D 8 24.92 25.01 -40.06
N THR D 9 24.76 25.22 -41.36
CA THR D 9 25.23 26.43 -41.99
C THR D 9 24.38 26.70 -43.23
N THR D 10 24.18 27.98 -43.52
CA THR D 10 23.58 28.38 -44.78
C THR D 10 24.62 28.76 -45.81
N ASN D 11 25.89 28.80 -45.42
CA ASN D 11 26.97 29.19 -46.31
C ASN D 11 27.51 27.92 -46.96
N SER D 12 27.31 27.79 -48.27
CA SER D 12 27.68 26.59 -48.99
C SER D 12 29.18 26.49 -49.22
N GLU D 13 29.95 27.54 -48.94
CA GLU D 13 31.39 27.48 -49.02
C GLU D 13 32.02 26.97 -47.73
N LYS D 14 31.38 27.22 -46.59
CA LYS D 14 31.79 26.59 -45.35
C LYS D 14 31.48 25.10 -45.36
N LEU D 15 30.45 24.71 -46.11
CA LEU D 15 30.02 23.32 -46.15
C LEU D 15 31.04 22.44 -46.86
N ARG D 16 31.61 22.91 -47.96
CA ARG D 16 32.59 22.10 -48.66
C ARG D 16 33.95 22.12 -47.99
N GLU D 17 34.20 23.05 -47.07
CA GLU D 17 35.44 23.00 -46.30
C GLU D 17 35.36 21.94 -45.21
N LEU D 18 34.26 21.92 -44.46
CA LEU D 18 34.13 20.97 -43.38
C LEU D 18 33.85 19.57 -43.88
N GLN D 19 33.32 19.43 -45.10
CA GLN D 19 33.22 18.11 -45.70
C GLN D 19 34.52 17.66 -46.35
N HIS D 20 35.52 18.54 -46.45
CA HIS D 20 36.80 18.12 -46.99
C HIS D 20 37.62 17.33 -45.99
N VAL D 21 37.38 17.54 -44.69
CA VAL D 21 38.13 16.89 -43.64
C VAL D 21 37.25 16.01 -42.78
N LEU D 22 36.14 16.55 -42.29
CA LEU D 22 35.16 15.78 -41.53
C LEU D 22 34.08 15.17 -42.39
N GLY D 23 34.34 14.96 -43.68
CA GLY D 23 33.31 14.46 -44.58
C GLY D 23 33.09 12.96 -44.48
N GLY D 24 34.16 12.21 -44.29
CA GLY D 24 34.06 10.76 -44.20
C GLY D 24 33.49 10.23 -42.90
N SER D 25 33.26 11.11 -41.93
CA SER D 25 32.64 10.70 -40.67
C SER D 25 31.16 10.44 -40.87
N ALA D 26 30.75 9.20 -40.62
CA ALA D 26 29.35 8.81 -40.80
C ALA D 26 28.45 9.26 -39.65
N LYS D 27 29.01 9.87 -38.62
CA LYS D 27 28.24 10.34 -37.47
C LYS D 27 27.87 11.80 -37.56
N LEU D 28 28.14 12.45 -38.69
CA LEU D 28 27.92 13.88 -38.84
C LEU D 28 26.95 14.11 -39.99
N GLY D 29 25.85 14.80 -39.70
CA GLY D 29 24.90 15.22 -40.72
C GLY D 29 25.01 16.70 -40.98
N TYR D 30 24.17 17.18 -41.90
CA TYR D 30 24.26 18.56 -42.35
C TYR D 30 22.88 19.17 -42.49
N LEU D 31 22.70 20.36 -41.93
CA LEU D 31 21.44 21.10 -42.00
C LEU D 31 21.74 22.51 -42.47
N THR D 32 20.70 23.23 -42.88
CA THR D 32 20.85 24.54 -43.51
C THR D 32 19.88 25.57 -42.92
N ALA D 33 19.67 25.55 -41.62
CA ALA D 33 18.75 26.49 -41.00
C ALA D 33 19.40 27.86 -40.84
N LYS D 34 18.62 28.91 -41.04
CA LYS D 34 19.09 30.28 -41.02
C LYS D 34 18.80 30.89 -39.66
N VAL D 35 19.82 31.39 -38.98
CA VAL D 35 19.68 32.00 -37.67
C VAL D 35 20.11 33.46 -37.76
N THR D 36 19.78 34.20 -36.71
CA THR D 36 20.08 35.63 -36.63
C THR D 36 21.01 35.86 -35.45
N GLU D 37 22.15 36.49 -35.71
CA GLU D 37 23.14 36.70 -34.67
C GLU D 37 22.81 37.96 -33.86
N ILE D 38 23.32 38.00 -32.65
CA ILE D 38 23.15 39.16 -31.79
C ILE D 38 24.24 40.18 -32.11
N LEU D 39 24.05 41.40 -31.63
CA LEU D 39 24.95 42.51 -31.96
C LEU D 39 25.99 42.62 -30.85
N ASP D 40 27.16 42.03 -31.08
CA ASP D 40 28.27 42.11 -30.14
C ASP D 40 29.55 41.80 -30.89
N VAL D 41 30.63 42.50 -30.53
CA VAL D 41 31.91 42.26 -31.20
C VAL D 41 32.65 41.05 -30.64
N ASP D 42 32.28 40.58 -29.47
CA ASP D 42 32.97 39.44 -28.87
C ASP D 42 32.54 38.16 -29.55
N LEU D 43 33.52 37.38 -30.00
CA LEU D 43 33.23 36.14 -30.72
C LEU D 43 32.60 35.10 -29.81
N GLU D 44 33.10 34.99 -28.58
CA GLU D 44 32.57 34.04 -27.59
C GLU D 44 31.11 34.30 -27.27
N THR D 45 30.70 35.56 -27.26
CA THR D 45 29.31 35.88 -26.95
C THR D 45 28.37 35.55 -28.10
N VAL D 46 28.82 35.77 -29.34
CA VAL D 46 27.95 35.59 -30.50
C VAL D 46 27.78 34.11 -30.83
N ILE D 47 28.87 33.34 -30.80
CA ILE D 47 28.79 31.92 -31.14
C ILE D 47 28.02 31.14 -30.07
N ARG D 48 28.00 31.64 -28.84
CA ARG D 48 27.26 30.98 -27.78
C ARG D 48 25.77 31.27 -27.88
N ALA D 49 25.41 32.47 -28.34
CA ALA D 49 24.02 32.80 -28.60
C ALA D 49 23.54 32.32 -29.96
N LYS D 50 24.44 31.84 -30.82
CA LYS D 50 24.06 31.30 -32.11
C LYS D 50 23.68 29.84 -32.01
N ALA D 51 24.27 29.10 -31.07
CA ALA D 51 23.94 27.70 -30.89
C ALA D 51 22.60 27.52 -30.18
N ILE D 52 22.27 28.40 -29.25
CA ILE D 52 20.97 28.31 -28.59
C ILE D 52 19.86 28.71 -29.57
N ALA D 53 20.17 29.53 -30.57
CA ALA D 53 19.18 29.93 -31.56
C ALA D 53 19.07 28.92 -32.69
N ALA D 54 20.08 28.08 -32.89
CA ALA D 54 20.00 27.05 -33.91
C ALA D 54 19.49 25.72 -33.36
N TYR D 55 19.70 25.44 -32.07
CA TYR D 55 19.05 24.28 -31.48
C TYR D 55 17.55 24.47 -31.41
N ARG D 56 17.10 25.70 -31.20
CA ARG D 56 15.68 26.01 -31.18
C ARG D 56 15.03 25.79 -32.55
N ALA D 57 15.82 25.90 -33.62
CA ALA D 57 15.28 25.70 -34.94
C ALA D 57 15.20 24.22 -35.31
N VAL D 58 16.29 23.47 -35.13
CA VAL D 58 16.36 22.12 -35.69
C VAL D 58 16.14 21.02 -34.67
N ARG D 59 16.28 21.29 -33.37
CA ARG D 59 15.88 20.41 -32.27
C ARG D 59 16.65 19.09 -32.25
N VAL D 60 17.86 19.10 -32.80
CA VAL D 60 18.79 17.96 -32.74
C VAL D 60 20.12 18.50 -32.23
N PRO D 61 21.04 17.62 -31.75
CA PRO D 61 22.40 18.07 -31.43
C PRO D 61 23.12 18.75 -32.58
N VAL D 62 23.39 20.05 -32.42
CA VAL D 62 23.76 20.91 -33.54
C VAL D 62 25.14 21.49 -33.29
N ILE D 63 25.86 21.77 -34.39
CA ILE D 63 27.17 22.39 -34.36
C ILE D 63 27.11 23.62 -35.25
N VAL D 64 27.40 24.78 -34.69
CA VAL D 64 27.38 26.03 -35.45
C VAL D 64 28.79 26.62 -35.48
N GLU D 65 28.97 27.60 -36.37
CA GLU D 65 30.29 28.15 -36.65
C GLU D 65 30.16 29.66 -36.88
N HIS D 66 31.03 30.44 -36.25
CA HIS D 66 31.06 31.88 -36.45
C HIS D 66 32.50 32.33 -36.30
N GLY D 67 32.87 33.38 -37.03
CA GLY D 67 34.23 33.83 -37.10
C GLY D 67 34.41 35.27 -36.65
N ALA D 68 35.66 35.72 -36.72
CA ALA D 68 36.01 37.08 -36.35
C ALA D 68 37.25 37.50 -37.14
N LEU D 69 37.34 38.80 -37.42
CA LEU D 69 38.46 39.39 -38.16
C LEU D 69 38.90 40.67 -37.44
N CYS D 70 39.23 40.53 -36.15
CA CYS D 70 39.72 41.63 -35.34
C CYS D 70 40.97 42.26 -35.95
N ILE D 71 40.97 43.59 -36.06
CA ILE D 71 42.03 44.35 -36.71
C ILE D 71 42.61 45.33 -35.71
N ASP D 72 43.94 45.45 -35.67
CA ASP D 72 44.60 46.34 -34.73
C ASP D 72 44.35 47.81 -35.07
N ALA D 73 44.26 48.14 -36.35
CA ALA D 73 44.09 49.53 -36.74
C ALA D 73 42.69 50.02 -36.42
N LEU D 74 41.72 49.12 -36.31
CA LEU D 74 40.35 49.48 -35.99
C LEU D 74 39.99 49.09 -34.56
N ASN D 75 41.00 48.90 -33.71
CA ASN D 75 40.89 48.51 -32.31
C ASN D 75 40.05 47.26 -32.08
N GLY D 76 40.18 46.27 -32.96
CA GLY D 76 39.41 45.06 -32.85
C GLY D 76 38.18 44.99 -33.73
N LEU D 77 37.85 46.07 -34.40
CA LEU D 77 36.72 46.03 -35.32
C LEU D 77 37.13 45.34 -36.62
N PRO D 78 36.24 44.57 -37.24
CA PRO D 78 34.85 44.24 -36.88
C PRO D 78 34.65 43.27 -35.72
N GLY D 79 35.60 42.36 -35.49
CA GLY D 79 35.34 41.31 -34.52
C GLY D 79 34.34 40.33 -35.11
N ALA D 80 33.32 39.98 -34.34
CA ALA D 80 32.25 39.11 -34.84
C ALA D 80 31.26 39.83 -35.73
N LEU D 81 31.51 41.10 -36.05
CA LEU D 81 30.75 41.92 -36.98
C LEU D 81 31.31 41.87 -38.40
N VAL D 82 31.96 40.75 -38.77
CA VAL D 82 32.67 40.69 -40.04
C VAL D 82 31.71 40.45 -41.21
N LYS D 83 30.54 39.89 -40.96
CA LYS D 83 29.55 39.62 -42.00
C LYS D 83 29.02 40.90 -42.67
N PRO D 84 28.67 42.00 -41.98
CA PRO D 84 28.28 43.19 -42.73
C PRO D 84 29.43 44.07 -43.18
N PHE D 85 30.69 43.80 -42.82
CA PHE D 85 31.76 44.62 -43.39
C PHE D 85 32.07 44.22 -44.83
N TRP D 86 32.24 42.92 -45.07
CA TRP D 86 32.54 42.44 -46.41
C TRP D 86 31.36 42.66 -47.35
N GLU D 87 30.14 42.77 -46.81
CA GLU D 87 29.02 43.22 -47.62
C GLU D 87 29.16 44.70 -47.99
N SER D 88 29.54 45.54 -47.03
CA SER D 88 29.65 46.97 -47.31
C SER D 88 30.97 47.31 -47.99
N LEU D 89 32.08 47.11 -47.28
CA LEU D 89 33.41 47.39 -47.81
C LEU D 89 33.95 46.11 -48.43
N ASP D 90 33.96 46.02 -49.75
CA ASP D 90 34.41 44.76 -50.34
C ASP D 90 35.94 44.71 -50.38
N THR D 91 36.55 45.50 -51.24
CA THR D 91 38.00 45.60 -51.26
C THR D 91 38.49 46.98 -50.87
N ARG D 92 37.57 47.88 -50.53
CA ARG D 92 37.91 49.15 -49.90
C ARG D 92 38.36 48.96 -48.47
N LEU D 93 38.10 47.77 -47.89
CA LEU D 93 38.60 47.43 -46.56
C LEU D 93 40.12 47.37 -46.53
N CYS D 94 40.76 47.08 -47.67
CA CYS D 94 42.21 47.24 -47.76
C CYS D 94 42.64 48.71 -47.77
N GLU D 95 41.73 49.62 -48.10
CA GLU D 95 42.08 51.03 -48.24
C GLU D 95 41.76 51.86 -47.02
N VAL D 96 40.78 51.45 -46.20
CA VAL D 96 40.44 52.21 -45.00
C VAL D 96 41.42 52.00 -43.87
N ILE D 97 42.33 51.06 -44.00
CA ILE D 97 43.30 50.73 -42.96
C ILE D 97 44.64 51.34 -43.34
N PRO D 98 45.33 52.02 -42.43
CA PRO D 98 46.57 52.70 -42.80
C PRO D 98 47.69 51.72 -43.10
N ALA D 99 48.51 52.07 -44.09
CA ALA D 99 49.67 51.24 -44.42
C ALA D 99 50.75 51.42 -43.37
N GLY D 100 51.21 50.32 -42.81
CA GLY D 100 52.20 50.32 -41.74
C GLY D 100 51.72 49.65 -40.46
N GLN D 101 50.41 49.54 -40.25
CA GLN D 101 49.83 48.88 -39.09
C GLN D 101 48.73 47.92 -39.52
N ARG D 102 49.04 47.10 -40.52
CA ARG D 102 48.07 46.21 -41.15
C ARG D 102 47.76 44.94 -40.35
N THR D 103 48.28 44.79 -39.13
CA THR D 103 48.17 43.52 -38.42
C THR D 103 46.75 43.28 -37.91
N ALA D 104 46.36 42.01 -37.93
CA ALA D 104 44.99 41.60 -37.60
C ALA D 104 45.02 40.15 -37.15
N ARG D 105 43.92 39.72 -36.55
CA ARG D 105 43.74 38.33 -36.12
C ARG D 105 42.52 37.76 -36.79
N ALA D 106 42.65 36.57 -37.38
CA ALA D 106 41.53 35.83 -37.93
C ALA D 106 41.13 34.78 -36.92
N ARG D 107 40.04 35.04 -36.20
CA ARG D 107 39.53 34.12 -35.19
C ARG D 107 38.36 33.34 -35.74
N GLY D 108 38.12 32.17 -35.17
CA GLY D 108 37.03 31.32 -35.60
C GLY D 108 36.63 30.41 -34.47
N ALA D 109 35.33 30.12 -34.40
CA ALA D 109 34.80 29.40 -33.25
C ALA D 109 33.75 28.41 -33.68
N LEU D 110 33.85 27.19 -33.14
CA LEU D 110 32.80 26.19 -33.21
C LEU D 110 32.12 26.12 -31.85
N CYS D 111 30.81 25.92 -31.86
CA CYS D 111 30.04 25.68 -30.64
C CYS D 111 29.04 24.58 -30.92
N TYR D 112 29.14 23.48 -30.19
CA TYR D 112 28.20 22.38 -30.32
C TYR D 112 27.27 22.36 -29.12
N CYS D 113 25.98 22.17 -29.39
CA CYS D 113 24.94 22.15 -28.37
C CYS D 113 24.17 20.85 -28.52
N ASP D 114 24.16 20.03 -27.48
CA ASP D 114 23.42 18.78 -27.49
C ASP D 114 22.01 18.92 -26.92
N GLY D 115 21.63 20.11 -26.51
CA GLY D 115 20.34 20.36 -25.90
C GLY D 115 20.40 20.68 -24.42
N ARG D 116 21.58 20.50 -23.82
CA ARG D 116 21.73 20.71 -22.35
C ARG D 116 22.97 21.56 -22.06
N GLU D 117 23.97 21.48 -22.94
CA GLU D 117 25.25 22.20 -22.68
C GLU D 117 25.80 22.80 -23.98
N ARG D 118 26.49 23.94 -23.87
CA ARG D 118 27.10 24.61 -25.01
C ARG D 118 28.59 24.69 -24.78
N HIS D 119 29.37 24.02 -25.62
CA HIS D 119 30.82 23.99 -25.49
C HIS D 119 31.44 24.69 -26.70
N VAL D 120 32.29 25.68 -26.43
CA VAL D 120 32.85 26.54 -27.47
C VAL D 120 34.32 26.16 -27.67
N LEU D 121 34.70 25.93 -28.93
CA LEU D 121 36.09 25.68 -29.31
C LEU D 121 36.55 26.86 -30.16
N ILE D 122 37.64 27.50 -29.76
CA ILE D 122 38.13 28.72 -30.43
C ILE D 122 39.57 28.49 -30.87
N GLU D 123 39.83 28.69 -32.16
CA GLU D 123 41.18 28.83 -32.68
C GLU D 123 41.35 30.20 -33.31
N GLU D 124 42.57 30.50 -33.73
CA GLU D 124 42.99 31.88 -33.98
C GLU D 124 44.26 31.88 -34.81
N THR D 125 44.33 32.79 -35.78
CA THR D 125 45.49 32.89 -36.66
C THR D 125 45.93 34.35 -36.77
N GLU D 126 47.17 34.62 -36.35
CA GLU D 126 47.77 35.92 -36.55
C GLU D 126 48.02 36.16 -38.03
N GLY D 127 47.92 37.42 -38.43
CA GLY D 127 48.17 37.76 -39.81
C GLY D 127 48.23 39.25 -40.01
N GLU D 128 48.02 39.66 -41.26
CA GLU D 128 48.00 41.07 -41.63
C GLU D 128 47.20 41.24 -42.91
N ILE D 129 46.48 42.36 -42.99
CA ILE D 129 45.65 42.64 -44.15
C ILE D 129 46.53 42.99 -45.34
N ALA D 130 46.19 42.45 -46.50
CA ALA D 130 46.97 42.69 -47.71
C ALA D 130 46.86 44.15 -48.14
N PRO D 131 47.87 44.67 -48.86
CA PRO D 131 47.73 46.02 -49.42
C PRO D 131 46.66 46.12 -50.50
N SER D 132 46.36 45.03 -51.19
CA SER D 132 45.27 44.98 -52.14
C SER D 132 44.83 43.53 -52.26
N ALA D 133 43.58 43.34 -52.67
CA ALA D 133 43.03 41.99 -52.77
C ALA D 133 43.66 41.23 -53.92
N ARG D 134 44.15 40.03 -53.63
CA ARG D 134 44.75 39.17 -54.63
C ARG D 134 44.34 37.73 -54.37
N GLY D 135 44.16 36.99 -55.45
CA GLY D 135 43.75 35.60 -55.36
C GLY D 135 42.31 35.40 -55.76
N THR D 136 42.02 34.20 -56.26
CA THR D 136 40.69 33.88 -56.78
C THR D 136 39.95 32.81 -55.98
N GLY D 137 40.66 31.87 -55.36
CA GLY D 137 40.03 30.78 -54.65
C GLY D 137 39.41 31.22 -53.34
N GLY D 138 38.78 30.27 -52.67
CA GLY D 138 38.18 30.58 -51.39
C GLY D 138 36.91 31.38 -51.54
N PHE D 139 36.60 32.16 -50.51
CA PHE D 139 35.38 32.95 -50.45
C PHE D 139 35.64 34.21 -49.61
N HIS D 140 34.59 34.78 -49.01
CA HIS D 140 34.58 36.09 -48.32
C HIS D 140 35.84 36.37 -47.49
N TRP D 141 36.44 37.53 -47.75
CA TRP D 141 37.66 38.09 -47.16
C TRP D 141 38.90 37.22 -47.29
N ASP D 142 38.87 36.12 -48.01
CA ASP D 142 40.11 35.41 -48.29
C ASP D 142 41.11 36.13 -49.20
N PRO D 143 40.73 36.97 -50.17
CA PRO D 143 41.76 37.73 -50.89
C PRO D 143 42.45 38.84 -50.11
N ILE D 144 42.07 39.13 -48.87
CA ILE D 144 42.67 40.27 -48.17
C ILE D 144 43.53 39.86 -46.98
N PHE D 145 43.52 38.60 -46.56
CA PHE D 145 44.20 38.18 -45.34
C PHE D 145 45.42 37.35 -45.68
N ILE D 146 46.57 37.77 -45.16
CA ILE D 146 47.84 37.07 -45.33
C ILE D 146 48.30 36.58 -43.95
N PRO D 147 48.48 35.27 -43.75
CA PRO D 147 48.91 34.80 -42.44
C PRO D 147 50.35 35.15 -42.14
N LYS D 148 50.71 35.02 -40.87
CA LYS D 148 52.05 35.40 -40.44
C LYS D 148 53.07 34.39 -40.92
N GLY D 149 54.16 34.87 -41.49
CA GLY D 149 55.18 34.03 -42.10
C GLY D 149 54.96 33.79 -43.57
N GLN D 150 53.72 33.54 -43.96
CA GLN D 150 53.38 33.33 -45.36
C GLN D 150 53.35 34.67 -46.09
N THR D 151 53.62 34.62 -47.39
CA THR D 151 53.46 35.79 -48.24
C THR D 151 52.12 35.83 -48.97
N ARG D 152 51.46 34.69 -49.12
CA ARG D 152 50.25 34.60 -49.93
C ARG D 152 49.00 34.72 -49.06
N THR D 153 47.87 34.90 -49.72
CA THR D 153 46.58 35.02 -49.06
C THR D 153 45.93 33.65 -48.90
N PHE D 154 44.78 33.62 -48.24
CA PHE D 154 43.96 32.41 -48.24
C PHE D 154 43.38 32.13 -49.61
N ALA D 155 43.16 33.18 -50.42
CA ALA D 155 42.59 32.98 -51.74
C ALA D 155 43.61 32.39 -52.71
N GLU D 156 44.89 32.71 -52.52
CA GLU D 156 45.93 32.21 -53.40
C GLU D 156 46.30 30.76 -53.13
N MET D 157 45.89 30.21 -51.99
CA MET D 157 46.26 28.86 -51.62
C MET D 157 45.09 27.92 -51.86
N SER D 158 45.41 26.64 -52.07
CA SER D 158 44.40 25.62 -52.28
C SER D 158 43.72 25.26 -50.95
N LEU D 159 42.74 24.36 -51.01
CA LEU D 159 41.97 24.04 -49.82
C LEU D 159 42.77 23.22 -48.82
N ASP D 160 43.71 22.40 -49.30
CA ASP D 160 44.62 21.72 -48.39
C ASP D 160 45.60 22.70 -47.76
N GLU D 161 46.04 23.70 -48.53
CA GLU D 161 47.02 24.64 -48.03
C GLU D 161 46.36 25.72 -47.17
N LYS D 162 45.11 26.05 -47.43
CA LYS D 162 44.41 27.05 -46.62
C LYS D 162 44.11 26.51 -45.23
N LEU D 163 43.73 25.24 -45.13
CA LEU D 163 43.42 24.62 -43.85
C LEU D 163 44.66 24.26 -43.05
N SER D 164 45.85 24.39 -43.62
CA SER D 164 47.06 24.30 -42.80
C SER D 164 47.42 25.62 -42.14
N PHE D 165 46.64 26.68 -42.38
CA PHE D 165 46.87 27.98 -41.76
C PHE D 165 45.61 28.49 -41.06
N SER D 166 44.45 28.18 -41.61
CA SER D 166 43.19 28.74 -41.14
C SER D 166 42.80 28.15 -39.79
N PRO D 167 41.95 28.85 -39.03
CA PRO D 167 41.51 28.29 -37.74
C PRO D 167 40.72 27.00 -37.83
N LEU D 168 40.08 26.70 -38.96
CA LEU D 168 39.30 25.48 -39.07
C LEU D 168 40.18 24.23 -39.12
N GLY D 169 41.43 24.36 -39.57
CA GLY D 169 42.30 23.21 -39.65
C GLY D 169 42.78 22.69 -38.32
N ARG D 170 42.72 23.51 -37.29
CA ARG D 170 42.96 23.07 -35.92
C ARG D 170 41.66 22.71 -35.19
N LEU D 171 40.52 23.17 -35.71
CA LEU D 171 39.22 22.87 -35.14
C LEU D 171 38.62 21.57 -35.65
N HIS D 172 39.15 20.99 -36.73
CA HIS D 172 38.71 19.66 -37.13
C HIS D 172 39.08 18.62 -36.07
N THR D 173 40.34 18.64 -35.63
CA THR D 173 40.84 17.62 -34.74
C THR D 173 40.25 17.76 -33.34
N ARG D 174 39.99 18.99 -32.92
CA ARG D 174 39.38 19.21 -31.61
C ARG D 174 37.89 18.84 -31.62
N LEU D 175 37.22 19.00 -32.76
CA LEU D 175 35.82 18.61 -32.84
C LEU D 175 35.68 17.11 -32.99
N ARG D 176 36.61 16.47 -33.71
CA ARG D 176 36.57 15.03 -33.88
C ARG D 176 36.87 14.31 -32.58
N THR D 177 37.82 14.82 -31.79
CA THR D 177 38.21 14.15 -30.56
C THR D 177 37.13 14.29 -29.49
N GLU D 178 36.58 15.49 -29.32
CA GLU D 178 35.60 15.70 -28.28
C GLU D 178 34.24 15.11 -28.58
N LEU D 179 33.94 14.82 -29.85
CA LEU D 179 32.66 14.23 -30.20
C LEU D 179 32.76 12.79 -30.66
N GLY D 180 33.97 12.29 -30.91
CA GLY D 180 34.12 10.93 -31.36
C GLY D 180 33.70 10.72 -32.79
N LEU D 181 33.84 11.72 -33.64
CA LEU D 181 33.41 11.63 -35.02
C LEU D 181 34.35 10.74 -35.82
N ALA E 2 -14.87 7.12 42.68
CA ALA E 2 -13.45 7.36 42.91
C ALA E 2 -13.10 8.82 42.66
N PRO E 3 -12.21 9.36 43.48
CA PRO E 3 -11.80 10.76 43.31
C PRO E 3 -11.00 10.97 42.03
N THR E 4 -10.96 12.22 41.58
CA THR E 4 -10.12 12.60 40.46
C THR E 4 -9.04 13.60 40.85
N TRP E 5 -9.18 14.29 41.97
CA TRP E 5 -8.16 15.19 42.48
C TRP E 5 -7.79 14.75 43.89
N PHE E 6 -6.52 14.97 44.24
CA PHE E 6 -5.98 14.49 45.51
C PHE E 6 -5.25 15.63 46.19
N TYR E 7 -5.67 15.94 47.41
CA TYR E 7 -5.03 16.99 48.19
C TYR E 7 -3.95 16.37 49.07
N ASN E 8 -2.70 16.73 48.81
CA ASN E 8 -1.55 16.14 49.45
C ASN E 8 -1.06 17.05 50.57
N THR E 9 -1.08 16.53 51.80
CA THR E 9 -0.47 17.23 52.92
C THR E 9 -0.05 16.21 53.96
N THR E 10 1.05 16.50 54.65
CA THR E 10 1.44 15.74 55.81
C THR E 10 0.98 16.38 57.10
N ASN E 11 0.41 17.57 57.02
CA ASN E 11 -0.03 18.32 58.20
C ASN E 11 -1.49 17.96 58.44
N SER E 12 -1.76 17.25 59.53
CA SER E 12 -3.10 16.77 59.84
C SER E 12 -4.03 17.86 60.32
N GLU E 13 -3.51 19.06 60.60
CA GLU E 13 -4.36 20.19 60.95
C GLU E 13 -4.84 20.94 59.72
N LYS E 14 -4.06 20.94 58.64
CA LYS E 14 -4.55 21.45 57.38
C LYS E 14 -5.60 20.53 56.78
N LEU E 15 -5.52 19.24 57.11
CA LEU E 15 -6.44 18.25 56.54
C LEU E 15 -7.85 18.44 57.08
N ARG E 16 -7.99 18.72 58.38
CA ARG E 16 -9.33 18.90 58.93
C ARG E 16 -9.91 20.27 58.59
N GLU E 17 -9.09 21.22 58.15
CA GLU E 17 -9.64 22.50 57.68
C GLU E 17 -10.24 22.35 56.29
N LEU E 18 -9.51 21.71 55.38
CA LEU E 18 -10.00 21.58 54.02
C LEU E 18 -11.10 20.54 53.92
N GLN E 19 -11.18 19.60 54.86
CA GLN E 19 -12.33 18.71 54.92
C GLN E 19 -13.53 19.35 55.60
N HIS E 20 -13.36 20.52 56.22
CA HIS E 20 -14.51 21.17 56.83
C HIS E 20 -15.39 21.85 55.79
N VAL E 21 -14.82 22.22 54.65
CA VAL E 21 -15.54 22.95 53.60
C VAL E 21 -15.61 22.14 52.32
N LEU E 22 -14.47 21.65 51.84
CA LEU E 22 -14.42 20.79 50.67
C LEU E 22 -14.51 19.31 51.02
N GLY E 23 -15.09 18.96 52.16
CA GLY E 23 -15.14 17.58 52.58
C GLY E 23 -16.22 16.76 51.92
N GLY E 24 -17.39 17.37 51.68
CA GLY E 24 -18.48 16.67 51.05
C GLY E 24 -18.34 16.45 49.56
N SER E 25 -17.31 17.00 48.94
CA SER E 25 -17.05 16.77 47.54
C SER E 25 -16.52 15.37 47.32
N ALA E 26 -17.25 14.57 46.55
CA ALA E 26 -16.86 13.19 46.28
C ALA E 26 -15.77 13.07 45.22
N LYS E 27 -15.36 14.17 44.62
CA LYS E 27 -14.34 14.16 43.58
C LYS E 27 -12.96 14.48 44.12
N LEU E 28 -12.80 14.58 45.44
CA LEU E 28 -11.54 14.99 46.05
C LEU E 28 -11.07 13.88 46.99
N GLY E 29 -9.86 13.38 46.74
CA GLY E 29 -9.22 12.42 47.61
C GLY E 29 -8.11 13.08 48.42
N TYR E 30 -7.46 12.28 49.25
CA TYR E 30 -6.47 12.80 50.19
C TYR E 30 -5.25 11.89 50.25
N LEU E 31 -4.07 12.47 50.13
CA LEU E 31 -2.81 11.76 50.20
C LEU E 31 -1.90 12.46 51.21
N THR E 32 -0.84 11.76 51.62
CA THR E 32 0.02 12.25 52.70
C THR E 32 1.50 12.13 52.34
N ALA E 33 1.86 12.42 51.10
CA ALA E 33 3.26 12.32 50.70
C ALA E 33 4.06 13.51 51.19
N LYS E 34 5.30 13.26 51.58
CA LYS E 34 6.17 14.28 52.16
C LYS E 34 7.12 14.79 51.08
N VAL E 35 7.11 16.10 50.86
CA VAL E 35 7.96 16.73 49.86
C VAL E 35 8.89 17.71 50.56
N THR E 36 9.91 18.15 49.81
CA THR E 36 10.93 19.05 50.31
C THR E 36 10.85 20.35 49.51
N GLU E 37 10.72 21.47 50.22
CA GLU E 37 10.57 22.75 49.55
C GLU E 37 11.93 23.33 49.21
N ILE E 38 11.94 24.22 48.23
CA ILE E 38 13.16 24.90 47.82
C ILE E 38 13.34 26.13 48.71
N LEU E 39 14.55 26.69 48.69
CA LEU E 39 14.90 27.79 49.57
C LEU E 39 14.66 29.10 48.82
N ASP E 40 13.50 29.72 49.05
CA ASP E 40 13.16 31.00 48.45
C ASP E 40 12.07 31.65 49.29
N VAL E 41 12.13 32.97 49.44
CA VAL E 41 11.12 33.66 50.23
C VAL E 41 9.85 33.93 49.44
N ASP E 42 9.90 33.84 48.11
CA ASP E 42 8.72 34.12 47.30
C ASP E 42 7.76 32.95 47.36
N LEU E 43 6.50 33.24 47.70
CA LEU E 43 5.50 32.19 47.83
C LEU E 43 5.17 31.54 46.50
N GLU E 44 5.07 32.35 45.44
CA GLU E 44 4.77 31.86 44.10
C GLU E 44 5.83 30.89 43.60
N THR E 45 7.10 31.11 43.96
CA THR E 45 8.16 30.23 43.50
C THR E 45 8.15 28.91 44.25
N VAL E 46 7.84 28.93 45.55
CA VAL E 46 7.93 27.72 46.35
C VAL E 46 6.74 26.79 46.09
N ILE E 47 5.53 27.34 45.99
CA ILE E 47 4.33 26.53 45.77
C ILE E 47 4.34 25.94 44.36
N ARG E 48 5.01 26.60 43.41
CA ARG E 48 5.08 26.07 42.06
C ARG E 48 6.09 24.95 41.95
N ALA E 49 7.17 25.02 42.73
CA ALA E 49 8.14 23.93 42.80
C ALA E 49 7.72 22.83 43.77
N LYS E 50 6.67 23.06 44.56
CA LYS E 50 6.17 22.03 45.46
C LYS E 50 5.19 21.09 44.75
N ALA E 51 4.47 21.60 43.76
CA ALA E 51 3.54 20.77 43.01
C ALA E 51 4.25 19.85 42.03
N ILE E 52 5.35 20.30 41.44
CA ILE E 52 6.11 19.44 40.55
C ILE E 52 6.82 18.35 41.34
N ALA E 53 7.12 18.61 42.61
CA ALA E 53 7.78 17.62 43.45
C ALA E 53 6.77 16.67 44.09
N ALA E 54 5.50 17.05 44.17
CA ALA E 54 4.50 16.15 44.70
C ALA E 54 3.79 15.35 43.63
N TYR E 55 3.71 15.87 42.40
CA TYR E 55 3.25 15.04 41.30
C TYR E 55 4.22 13.91 41.00
N ARG E 56 5.51 14.17 41.16
CA ARG E 56 6.52 13.15 40.96
C ARG E 56 6.42 12.03 41.99
N ALA E 57 5.86 12.33 43.17
CA ALA E 57 5.71 11.32 44.20
C ALA E 57 4.47 10.46 43.97
N VAL E 58 3.31 11.09 43.76
CA VAL E 58 2.05 10.35 43.80
C VAL E 58 1.48 10.04 42.42
N ARG E 59 1.90 10.74 41.37
CA ARG E 59 1.61 10.44 39.96
C ARG E 59 0.12 10.48 39.63
N VAL E 60 -0.64 11.27 40.38
CA VAL E 60 -2.04 11.55 40.10
C VAL E 60 -2.22 13.07 40.11
N PRO E 61 -3.34 13.59 39.54
CA PRO E 61 -3.62 15.03 39.69
C PRO E 61 -3.69 15.50 41.13
N VAL E 62 -2.75 16.35 41.52
CA VAL E 62 -2.47 16.63 42.92
C VAL E 62 -2.69 18.11 43.19
N ILE E 63 -3.06 18.42 44.44
CA ILE E 63 -3.26 19.79 44.90
C ILE E 63 -2.39 19.96 46.16
N VAL E 64 -1.48 20.92 46.12
CA VAL E 64 -0.61 21.20 47.26
C VAL E 64 -0.89 22.59 47.80
N GLU E 65 -0.36 22.85 48.99
CA GLU E 65 -0.68 24.08 49.72
C GLU E 65 0.57 24.55 50.45
N HIS E 66 0.87 25.84 50.34
CA HIS E 66 1.99 26.43 51.06
C HIS E 66 1.63 27.87 51.38
N GLY E 67 2.14 28.37 52.50
CA GLY E 67 1.76 29.67 53.01
C GLY E 67 2.94 30.62 53.15
N ALA E 68 2.63 31.81 53.64
CA ALA E 68 3.62 32.83 53.87
C ALA E 68 3.14 33.76 54.99
N LEU E 69 4.10 34.30 55.73
CA LEU E 69 3.82 35.22 56.84
C LEU E 69 4.78 36.41 56.75
N CYS E 70 4.76 37.08 55.61
CA CYS E 70 5.57 38.27 55.36
C CYS E 70 5.29 39.35 56.40
N ILE E 71 6.35 39.90 56.99
CA ILE E 71 6.27 40.87 58.08
C ILE E 71 6.98 42.15 57.64
N ASP E 72 6.36 43.30 57.93
CA ASP E 72 6.93 44.59 57.53
C ASP E 72 8.19 44.91 58.32
N ALA E 73 8.25 44.52 59.58
CA ALA E 73 9.41 44.85 60.40
C ALA E 73 10.63 44.04 60.01
N LEU E 74 10.42 42.89 59.38
CA LEU E 74 11.52 42.05 58.93
C LEU E 74 11.68 42.09 57.42
N ASN E 75 11.16 43.15 56.79
CA ASN E 75 11.19 43.40 55.34
C ASN E 75 10.67 42.24 54.52
N GLY E 76 9.60 41.58 54.99
CA GLY E 76 9.04 40.45 54.28
C GLY E 76 9.47 39.10 54.80
N LEU E 77 10.40 39.06 55.73
CA LEU E 77 10.78 37.79 56.32
C LEU E 77 9.73 37.35 57.34
N PRO E 78 9.45 36.04 57.45
CA PRO E 78 9.99 34.89 56.71
C PRO E 78 9.54 34.72 55.26
N GLY E 79 8.34 35.17 54.91
CA GLY E 79 7.82 34.84 53.60
C GLY E 79 7.44 33.38 53.57
N ALA E 80 7.86 32.66 52.54
CA ALA E 80 7.62 31.22 52.46
C ALA E 80 8.56 30.40 53.33
N LEU E 81 9.39 31.06 54.12
CA LEU E 81 10.28 30.45 55.12
C LEU E 81 9.64 30.38 56.49
N VAL E 82 8.31 30.29 56.57
CA VAL E 82 7.62 30.37 57.84
C VAL E 82 7.69 29.06 58.62
N LYS E 83 7.91 27.93 57.95
CA LYS E 83 8.01 26.63 58.59
C LYS E 83 9.20 26.52 59.56
N PRO E 84 10.43 26.97 59.26
CA PRO E 84 11.46 26.92 60.29
C PRO E 84 11.48 28.08 61.26
N PHE E 85 10.66 29.13 61.09
CA PHE E 85 10.63 30.16 62.12
C PHE E 85 9.84 29.72 63.34
N TRP E 86 8.63 29.19 63.13
CA TRP E 86 7.81 28.74 64.23
C TRP E 86 8.42 27.52 64.93
N GLU E 87 9.27 26.77 64.24
CA GLU E 87 10.09 25.76 64.90
C GLU E 87 11.14 26.40 65.80
N SER E 88 11.82 27.44 65.31
CA SER E 88 12.88 28.05 66.10
C SER E 88 12.32 29.04 67.12
N LEU E 89 11.69 30.12 66.63
CA LEU E 89 11.11 31.14 67.49
C LEU E 89 9.64 30.79 67.69
N ASP E 90 9.29 30.28 68.87
CA ASP E 90 7.89 29.87 69.04
C ASP E 90 7.04 31.08 69.37
N THR E 91 7.17 31.63 70.57
CA THR E 91 6.47 32.85 70.92
C THR E 91 7.42 34.01 71.16
N ARG E 92 8.73 33.77 70.99
CA ARG E 92 9.71 34.84 70.96
C ARG E 92 9.60 35.66 69.67
N LEU E 93 8.89 35.12 68.67
CA LEU E 93 8.61 35.87 67.44
C LEU E 93 7.75 37.09 67.70
N CYS E 94 6.94 37.08 68.76
CA CYS E 94 6.27 38.29 69.20
C CYS E 94 7.23 39.29 69.83
N GLU E 95 8.41 38.84 70.27
CA GLU E 95 9.35 39.70 70.99
C GLU E 95 10.45 40.26 70.10
N VAL E 96 10.80 39.57 69.01
CA VAL E 96 11.86 40.05 68.13
C VAL E 96 11.39 41.18 67.23
N ILE E 97 10.10 41.46 67.20
CA ILE E 97 9.53 42.48 66.33
C ILE E 97 9.23 43.72 67.18
N PRO E 98 9.61 44.91 66.73
CA PRO E 98 9.42 46.10 67.57
C PRO E 98 7.95 46.47 67.73
N ALA E 99 7.59 46.93 68.91
CA ALA E 99 6.24 47.39 69.16
C ALA E 99 6.02 48.74 68.49
N GLY E 100 4.97 48.83 67.68
CA GLY E 100 4.68 50.02 66.90
C GLY E 100 4.65 49.80 65.40
N GLN E 101 5.30 48.75 64.90
CA GLN E 101 5.30 48.41 63.48
C GLN E 101 5.03 46.93 63.30
N ARG E 102 3.97 46.45 63.97
CA ARG E 102 3.64 45.04 64.02
C ARG E 102 2.93 44.51 62.78
N THR E 103 2.78 45.31 61.73
CA THR E 103 1.95 44.91 60.59
C THR E 103 2.62 43.82 59.75
N ALA E 104 1.78 42.93 59.22
CA ALA E 104 2.24 41.75 58.50
C ALA E 104 1.14 41.29 57.56
N ARG E 105 1.49 40.41 56.63
CA ARG E 105 0.54 39.81 55.70
C ARG E 105 0.60 38.30 55.85
N ALA E 106 -0.56 37.68 55.99
CA ALA E 106 -0.69 36.23 55.99
C ALA E 106 -1.12 35.80 54.60
N ARG E 107 -0.18 35.28 53.82
CA ARG E 107 -0.47 34.83 52.47
C ARG E 107 -0.58 33.31 52.45
N GLY E 108 -1.28 32.82 51.45
CA GLY E 108 -1.49 31.38 51.31
C GLY E 108 -1.78 31.06 49.87
N ALA E 109 -1.31 29.90 49.43
CA ALA E 109 -1.38 29.56 48.02
C ALA E 109 -1.72 28.09 47.82
N LEU E 110 -2.65 27.83 46.92
CA LEU E 110 -2.92 26.51 46.40
C LEU E 110 -2.34 26.41 45.00
N CYS E 111 -1.80 25.24 44.66
CA CYS E 111 -1.34 24.95 43.31
C CYS E 111 -1.75 23.54 42.96
N TYR E 112 -2.57 23.41 41.92
CA TYR E 112 -2.98 22.09 41.45
C TYR E 112 -2.26 21.76 40.15
N CYS E 113 -1.77 20.52 40.07
CA CYS E 113 -1.03 20.03 38.92
C CYS E 113 -1.71 18.76 38.42
N ASP E 114 -2.16 18.78 37.18
CA ASP E 114 -2.79 17.61 36.59
C ASP E 114 -1.80 16.73 35.83
N GLY E 115 -0.53 17.10 35.81
CA GLY E 115 0.48 16.37 35.07
C GLY E 115 1.02 17.09 33.86
N ARG E 116 0.37 18.21 33.49
CA ARG E 116 0.76 18.95 32.27
C ARG E 116 0.84 20.45 32.56
N GLU E 117 0.07 20.92 33.54
CA GLU E 117 0.03 22.37 33.83
C GLU E 117 -0.04 22.62 35.34
N ARG E 118 0.53 23.73 35.80
CA ARG E 118 0.53 24.11 37.20
C ARG E 118 -0.17 25.46 37.33
N HIS E 119 -1.30 25.49 38.02
CA HIS E 119 -2.07 26.71 38.19
C HIS E 119 -2.10 27.09 39.66
N VAL E 120 -1.67 28.32 39.96
CA VAL E 120 -1.49 28.79 41.32
C VAL E 120 -2.62 29.75 41.68
N LEU E 121 -3.28 29.51 42.80
CA LEU E 121 -4.30 30.39 43.35
C LEU E 121 -3.77 30.98 44.64
N ILE E 122 -3.74 32.30 44.74
CA ILE E 122 -3.15 33.00 45.89
C ILE E 122 -4.19 33.92 46.51
N GLU E 123 -4.43 33.75 47.81
CA GLU E 123 -5.15 34.74 48.61
C GLU E 123 -4.25 35.25 49.71
N GLU E 124 -4.75 36.23 50.45
CA GLU E 124 -3.89 37.09 51.26
C GLU E 124 -4.74 37.84 52.28
N THR E 125 -4.23 37.95 53.51
CA THR E 125 -4.95 38.62 54.59
C THR E 125 -4.02 39.59 55.30
N GLU E 126 -4.37 40.87 55.27
CA GLU E 126 -3.68 41.88 56.05
C GLU E 126 -3.91 41.64 57.54
N GLY E 127 -2.91 41.98 58.34
CA GLY E 127 -3.05 41.84 59.77
C GLY E 127 -1.90 42.48 60.51
N GLU E 128 -1.71 42.04 61.74
CA GLU E 128 -0.63 42.52 62.59
C GLU E 128 -0.32 41.48 63.64
N ILE E 129 0.97 41.35 63.98
CA ILE E 129 1.41 40.38 64.96
C ILE E 129 0.97 40.82 66.35
N ALA E 130 0.47 39.87 67.14
CA ALA E 130 0.00 40.18 68.48
C ALA E 130 1.17 40.59 69.38
N PRO E 131 0.90 41.37 70.44
CA PRO E 131 1.97 41.66 71.40
C PRO E 131 2.41 40.45 72.21
N SER E 132 1.54 39.46 72.37
CA SER E 132 1.88 38.19 72.99
C SER E 132 0.92 37.15 72.47
N ALA E 133 1.34 35.89 72.53
CA ALA E 133 0.52 34.81 72.02
C ALA E 133 -0.69 34.56 72.92
N ARG E 134 -1.87 34.53 72.31
CA ARG E 134 -3.10 34.28 73.04
C ARG E 134 -4.01 33.40 72.20
N GLY E 135 -4.75 32.54 72.87
CA GLY E 135 -5.65 31.62 72.20
C GLY E 135 -5.11 30.20 72.19
N THR E 136 -6.04 29.24 72.16
CA THR E 136 -5.70 27.82 72.23
C THR E 136 -6.02 27.04 70.97
N GLY E 137 -7.04 27.43 70.21
CA GLY E 137 -7.45 26.67 69.05
C GLY E 137 -6.49 26.85 67.88
N GLY E 138 -6.80 26.14 66.80
CA GLY E 138 -5.96 26.26 65.63
C GLY E 138 -4.63 25.53 65.80
N PHE E 139 -3.63 26.00 65.07
CA PHE E 139 -2.31 25.37 65.07
C PHE E 139 -1.26 26.44 64.80
N HIS E 140 -0.10 26.06 64.24
CA HIS E 140 1.12 26.88 64.09
C HIS E 140 0.84 28.33 63.70
N TRP E 141 1.43 29.25 64.48
CA TRP E 141 1.34 30.72 64.40
C TRP E 141 -0.07 31.30 64.46
N ASP E 142 -1.09 30.51 64.71
CA ASP E 142 -2.40 31.12 64.96
C ASP E 142 -2.53 31.92 66.26
N PRO E 143 -1.83 31.63 67.37
CA PRO E 143 -1.92 32.56 68.50
C PRO E 143 -1.23 33.90 68.33
N ILE E 144 -0.52 34.17 67.24
CA ILE E 144 0.23 35.42 67.14
C ILE E 144 -0.31 36.37 66.09
N PHE E 145 -1.25 35.95 65.25
CA PHE E 145 -1.72 36.76 64.12
C PHE E 145 -3.12 37.28 64.38
N ILE E 146 -3.29 38.60 64.30
CA ILE E 146 -4.58 39.26 64.46
C ILE E 146 -4.94 39.91 63.14
N PRO E 147 -6.06 39.56 62.51
CA PRO E 147 -6.42 40.17 61.22
C PRO E 147 -6.84 41.62 61.39
N LYS E 148 -6.87 42.31 60.26
CA LYS E 148 -7.19 43.74 60.28
C LYS E 148 -8.67 43.93 60.55
N GLY E 149 -8.97 44.83 61.48
CA GLY E 149 -10.33 45.08 61.93
C GLY E 149 -10.72 44.26 63.14
N GLN E 150 -10.33 42.99 63.15
CA GLN E 150 -10.61 42.12 64.27
C GLN E 150 -9.65 42.41 65.41
N THR E 151 -10.10 42.15 66.65
CA THR E 151 -9.22 42.23 67.80
C THR E 151 -8.63 40.90 68.21
N ARG E 152 -9.24 39.79 67.80
CA ARG E 152 -8.84 38.46 68.24
C ARG E 152 -7.89 37.81 67.24
N THR E 153 -7.27 36.72 67.67
CA THR E 153 -6.34 35.96 66.85
C THR E 153 -7.08 34.88 66.08
N PHE E 154 -6.35 34.16 65.23
CA PHE E 154 -6.91 32.95 64.62
C PHE E 154 -7.10 31.85 65.65
N ALA E 155 -6.31 31.84 66.71
CA ALA E 155 -6.42 30.81 67.73
C ALA E 155 -7.65 31.03 68.60
N GLU E 156 -8.03 32.29 68.80
CA GLU E 156 -9.18 32.60 69.64
C GLU E 156 -10.51 32.35 68.94
N MET E 157 -10.51 32.19 67.62
CA MET E 157 -11.73 32.02 66.87
C MET E 157 -11.94 30.56 66.50
N SER E 158 -13.20 30.18 66.30
CA SER E 158 -13.53 28.81 65.91
C SER E 158 -13.18 28.59 64.44
N LEU E 159 -13.42 27.36 63.97
CA LEU E 159 -13.01 27.01 62.61
C LEU E 159 -13.92 27.67 61.57
N ASP E 160 -15.18 27.90 61.91
CA ASP E 160 -16.04 28.67 61.01
C ASP E 160 -15.64 30.14 61.00
N GLU E 161 -15.22 30.67 62.15
CA GLU E 161 -14.86 32.07 62.23
C GLU E 161 -13.46 32.33 61.71
N LYS E 162 -12.56 31.34 61.81
CA LYS E 162 -11.20 31.53 61.30
C LYS E 162 -11.21 31.54 59.77
N LEU E 163 -12.01 30.69 59.15
CA LEU E 163 -12.10 30.63 57.70
C LEU E 163 -12.90 31.77 57.09
N SER E 164 -13.54 32.62 57.90
CA SER E 164 -14.10 33.85 57.37
C SER E 164 -13.07 34.98 57.33
N PHE E 165 -11.83 34.72 57.76
CA PHE E 165 -10.76 35.71 57.71
C PHE E 165 -9.53 35.16 57.01
N SER E 166 -9.27 33.86 57.16
CA SER E 166 -8.03 33.26 56.68
C SER E 166 -8.03 33.18 55.16
N PRO E 167 -6.85 33.06 54.54
CA PRO E 167 -6.80 32.93 53.07
C PRO E 167 -7.46 31.68 52.53
N LEU E 168 -7.59 30.61 53.32
CA LEU E 168 -8.20 29.39 52.81
C LEU E 168 -9.70 29.53 52.59
N GLY E 169 -10.36 30.44 53.30
CA GLY E 169 -11.79 30.62 53.14
C GLY E 169 -12.19 31.26 51.84
N ARG E 170 -11.27 31.95 51.18
CA ARG E 170 -11.49 32.43 49.83
C ARG E 170 -10.93 31.49 48.77
N LEU E 171 -10.05 30.57 49.16
CA LEU E 171 -9.48 29.58 48.27
C LEU E 171 -10.33 28.33 48.14
N HIS E 172 -11.31 28.11 49.02
CA HIS E 172 -12.26 27.01 48.80
C HIS E 172 -13.08 27.24 47.55
N THR E 173 -13.66 28.43 47.42
CA THR E 173 -14.58 28.71 46.33
C THR E 173 -13.85 28.80 45.00
N ARG E 174 -12.62 29.29 45.00
CA ARG E 174 -11.84 29.35 43.77
C ARG E 174 -11.36 27.98 43.34
N LEU E 175 -11.08 27.08 44.29
CA LEU E 175 -10.67 25.74 43.93
C LEU E 175 -11.87 24.89 43.51
N ARG E 176 -13.02 25.12 44.12
CA ARG E 176 -14.22 24.38 43.74
C ARG E 176 -14.70 24.77 42.36
N THR E 177 -14.63 26.06 42.02
CA THR E 177 -15.14 26.53 40.74
C THR E 177 -14.23 26.10 39.60
N GLU E 178 -12.92 26.24 39.76
CA GLU E 178 -12.00 25.92 38.69
C GLU E 178 -11.83 24.43 38.47
N LEU E 179 -12.15 23.59 39.46
CA LEU E 179 -12.02 22.16 39.30
C LEU E 179 -13.36 21.44 39.21
N GLY E 180 -14.46 22.11 39.51
CA GLY E 180 -15.75 21.46 39.46
C GLY E 180 -15.99 20.50 40.60
N LEU E 181 -15.41 20.75 41.76
CA LEU E 181 -15.54 19.86 42.90
C LEU E 181 -16.94 19.94 43.49
N ALA F 2 45.32 18.34 33.46
CA ALA F 2 43.89 18.52 33.63
C ALA F 2 43.48 18.30 35.09
N PRO F 3 42.54 19.10 35.58
CA PRO F 3 42.08 18.94 36.96
C PRO F 3 41.33 17.65 37.17
N THR F 4 41.26 17.22 38.43
CA THR F 4 40.45 16.08 38.81
C THR F 4 39.31 16.44 39.75
N TRP F 5 39.38 17.59 40.43
CA TRP F 5 38.31 18.09 41.26
C TRP F 5 37.90 19.47 40.78
N PHE F 6 36.62 19.78 40.93
CA PHE F 6 36.05 21.01 40.40
C PHE F 6 35.25 21.70 41.49
N TYR F 7 35.60 22.94 41.79
CA TYR F 7 34.90 23.73 42.79
C TYR F 7 33.82 24.54 42.11
N ASN F 8 32.57 24.24 42.43
CA ASN F 8 31.41 24.83 41.78
C ASN F 8 30.85 25.95 42.64
N THR F 9 30.84 27.16 42.09
CA THR F 9 30.17 28.27 42.73
C THR F 9 29.74 29.27 41.66
N THR F 10 28.61 29.92 41.90
CA THR F 10 28.20 31.05 41.09
C THR F 10 28.59 32.38 41.71
N ASN F 11 29.11 32.35 42.94
CA ASN F 11 29.49 33.55 43.67
C ASN F 11 30.95 33.84 43.36
N SER F 12 31.19 34.94 42.63
CA SER F 12 32.55 35.27 42.19
C SER F 12 33.41 35.82 43.31
N GLU F 13 32.84 36.10 44.47
CA GLU F 13 33.63 36.52 45.62
C GLU F 13 34.13 35.34 46.43
N LYS F 14 33.38 34.23 46.42
CA LYS F 14 33.91 32.99 46.99
C LYS F 14 35.01 32.41 46.12
N LEU F 15 34.97 32.70 44.82
CA LEU F 15 35.95 32.15 43.88
C LEU F 15 37.33 32.74 44.11
N ARG F 16 37.42 34.05 44.36
CA ARG F 16 38.72 34.66 44.59
C ARG F 16 39.26 34.38 45.99
N GLU F 17 38.41 33.92 46.91
CA GLU F 17 38.93 33.52 48.21
C GLU F 17 39.59 32.15 48.13
N LEU F 18 38.92 31.19 47.49
CA LEU F 18 39.46 29.85 47.41
C LEU F 18 40.62 29.76 46.41
N GLN F 19 40.69 30.68 45.46
CA GLN F 19 41.87 30.76 44.61
C GLN F 19 43.01 31.52 45.28
N HIS F 20 42.78 32.14 46.42
CA HIS F 20 43.87 32.82 47.11
C HIS F 20 44.77 31.84 47.85
N VAL F 21 44.23 30.68 48.23
CA VAL F 21 44.97 29.68 49.01
C VAL F 21 45.12 28.37 48.22
N LEU F 22 44.01 27.85 47.70
CA LEU F 22 44.03 26.65 46.88
C LEU F 22 44.18 26.96 45.39
N GLY F 23 44.72 28.12 45.05
CA GLY F 23 44.80 28.51 43.65
C GLY F 23 45.95 27.87 42.90
N GLY F 24 47.09 27.69 43.55
CA GLY F 24 48.24 27.09 42.91
C GLY F 24 48.17 25.59 42.72
N SER F 25 47.13 24.95 43.25
CA SER F 25 46.94 23.52 43.05
C SER F 25 46.47 23.25 41.64
N ALA F 26 47.26 22.48 40.89
CA ALA F 26 46.93 22.18 39.50
C ALA F 26 45.90 21.07 39.37
N LYS F 27 45.46 20.47 40.47
CA LYS F 27 44.47 19.41 40.45
C LYS F 27 43.06 19.90 40.71
N LEU F 28 42.86 21.21 40.76
CA LEU F 28 41.55 21.77 41.09
C LEU F 28 41.09 22.67 39.95
N GLY F 29 39.92 22.36 39.41
CA GLY F 29 39.28 23.19 38.42
C GLY F 29 38.12 23.96 39.00
N TYR F 30 37.47 24.75 38.15
CA TYR F 30 36.43 25.67 38.61
C TYR F 30 35.25 25.65 37.65
N LEU F 31 34.05 25.51 38.19
CA LEU F 31 32.81 25.51 37.42
C LEU F 31 31.84 26.50 38.07
N THR F 32 30.80 26.86 37.33
CA THR F 32 29.87 27.92 37.74
C THR F 32 28.41 27.50 37.58
N ALA F 33 28.09 26.25 37.88
CA ALA F 33 26.71 25.79 37.74
C ALA F 33 25.85 26.28 38.89
N LYS F 34 24.61 26.61 38.59
CA LYS F 34 23.68 27.19 39.56
C LYS F 34 22.75 26.09 40.06
N VAL F 35 22.72 25.90 41.37
CA VAL F 35 21.88 24.88 41.99
C VAL F 35 20.88 25.56 42.92
N THR F 36 19.89 24.79 43.34
CA THR F 36 18.80 25.28 44.19
C THR F 36 18.86 24.52 45.51
N GLU F 37 18.93 25.25 46.61
CA GLU F 37 19.06 24.63 47.91
C GLU F 37 17.68 24.24 48.45
N ILE F 38 17.67 23.28 49.37
CA ILE F 38 16.44 22.86 50.02
C ILE F 38 16.18 23.76 51.20
N LEU F 39 14.96 23.71 51.73
CA LEU F 39 14.53 24.60 52.80
C LEU F 39 14.75 23.89 54.13
N ASP F 40 15.87 24.19 54.77
CA ASP F 40 16.17 23.64 56.09
C ASP F 40 17.21 24.53 56.75
N VAL F 41 17.09 24.72 58.06
CA VAL F 41 18.05 25.56 58.78
C VAL F 41 19.34 24.82 59.12
N ASP F 42 19.34 23.49 59.06
CA ASP F 42 20.53 22.74 59.41
C ASP F 42 21.53 22.81 58.27
N LEU F 43 22.77 23.20 58.60
CA LEU F 43 23.81 23.35 57.59
C LEU F 43 24.21 22.01 56.99
N GLU F 44 24.32 20.97 57.83
CA GLU F 44 24.68 19.63 57.38
C GLU F 44 23.68 19.06 56.39
N THR F 45 22.40 19.38 56.55
CA THR F 45 21.38 18.87 55.64
C THR F 45 21.42 19.58 54.30
N VAL F 46 21.67 20.88 54.30
CA VAL F 46 21.61 21.66 53.06
C VAL F 46 22.84 21.40 52.19
N ILE F 47 24.03 21.38 52.80
CA ILE F 47 25.27 21.18 52.02
C ILE F 47 25.34 19.76 51.48
N ARG F 48 24.68 18.81 52.13
CA ARG F 48 24.69 17.44 51.65
C ARG F 48 23.71 17.26 50.49
N ALA F 49 22.61 18.00 50.49
CA ALA F 49 21.68 18.01 49.37
C ALA F 49 22.10 18.96 48.26
N LYS F 50 23.12 19.78 48.51
CA LYS F 50 23.62 20.69 47.48
C LYS F 50 24.66 20.00 46.59
N ALA F 51 25.40 19.04 47.16
CA ALA F 51 26.39 18.31 46.38
C ALA F 51 25.75 17.28 45.46
N ILE F 52 24.66 16.65 45.89
CA ILE F 52 23.97 15.71 45.02
C ILE F 52 23.27 16.45 43.89
N ALA F 53 22.91 17.72 44.10
CA ALA F 53 22.27 18.50 43.06
C ALA F 53 23.27 19.16 42.14
N ALA F 54 24.53 19.30 42.56
CA ALA F 54 25.55 19.85 41.69
C ALA F 54 26.33 18.79 40.95
N TYR F 55 26.43 17.57 41.49
CA TYR F 55 26.98 16.47 40.71
C TYR F 55 26.06 16.10 39.56
N ARG F 56 24.75 16.23 39.76
CA ARG F 56 23.78 15.95 38.71
C ARG F 56 23.90 16.97 37.57
N ALA F 57 24.39 18.16 37.86
CA ALA F 57 24.54 19.17 36.83
C ALA F 57 25.83 18.97 36.02
N VAL F 58 26.97 18.83 36.70
CA VAL F 58 28.25 18.89 36.01
C VAL F 58 28.90 17.52 35.76
N ARG F 59 28.48 16.47 36.48
CA ARG F 59 28.83 15.08 36.21
C ARG F 59 30.34 14.80 36.33
N VAL F 60 31.03 15.61 37.12
CA VAL F 60 32.44 15.38 37.46
C VAL F 60 32.55 15.44 38.98
N PRO F 61 33.66 14.93 39.56
CA PRO F 61 33.90 15.12 41.01
C PRO F 61 33.88 16.58 41.44
N VAL F 62 32.90 16.96 42.24
CA VAL F 62 32.55 18.35 42.48
C VAL F 62 32.70 18.67 43.96
N ILE F 63 33.02 19.93 44.25
CA ILE F 63 33.15 20.45 45.61
C ILE F 63 32.23 21.65 45.71
N VAL F 64 31.28 21.61 46.65
CA VAL F 64 30.35 22.73 46.85
C VAL F 64 30.57 23.31 48.24
N GLU F 65 29.98 24.49 48.45
CA GLU F 65 30.22 25.26 49.67
C GLU F 65 28.92 25.95 50.07
N HIS F 66 28.58 25.86 51.36
CA HIS F 66 27.41 26.54 51.89
C HIS F 66 27.71 26.92 53.32
N GLY F 67 27.13 28.03 53.77
CA GLY F 67 27.44 28.59 55.07
C GLY F 67 26.22 28.72 55.97
N ALA F 68 26.47 29.25 57.16
CA ALA F 68 25.42 29.46 58.14
C ALA F 68 25.82 30.62 59.05
N LEU F 69 24.82 31.34 59.54
CA LEU F 69 25.02 32.48 60.43
C LEU F 69 24.03 32.39 61.59
N CYS F 70 24.07 31.25 62.29
CA CYS F 70 23.22 31.02 63.46
C CYS F 70 23.42 32.10 64.52
N ILE F 71 22.31 32.65 65.01
CA ILE F 71 22.32 33.77 65.95
C ILE F 71 21.57 33.33 67.22
N ASP F 72 22.13 33.67 68.39
CA ASP F 72 21.53 33.28 69.65
C ASP F 72 20.24 34.03 69.92
N ALA F 73 20.14 35.29 69.48
CA ALA F 73 18.94 36.07 69.75
C ALA F 73 17.77 35.61 68.90
N LEU F 74 18.04 34.96 67.78
CA LEU F 74 17.00 34.45 66.90
C LEU F 74 16.89 32.93 66.98
N ASN F 75 17.39 32.35 68.07
CA ASN F 75 17.41 30.91 68.36
C ASN F 75 18.00 30.07 67.24
N GLY F 76 19.07 30.57 66.62
CA GLY F 76 19.69 29.86 65.53
C GLY F 76 19.31 30.32 64.15
N LEU F 77 18.35 31.22 64.05
CA LEU F 77 18.00 31.76 62.75
C LEU F 77 19.02 32.80 62.32
N PRO F 78 19.35 32.89 61.03
CA PRO F 78 18.88 32.11 59.88
C PRO F 78 19.39 30.67 59.76
N GLY F 79 20.59 30.38 60.26
CA GLY F 79 21.17 29.08 59.99
C GLY F 79 21.61 29.04 58.54
N ALA F 80 21.26 27.97 57.84
CA ALA F 80 21.56 27.86 56.41
C ALA F 80 20.62 28.67 55.54
N LEU F 81 19.72 29.45 56.13
CA LEU F 81 18.83 30.39 55.48
C LEU F 81 19.41 31.79 55.40
N VAL F 82 20.74 31.90 55.34
CA VAL F 82 21.39 33.21 55.42
C VAL F 82 21.33 33.96 54.09
N LYS F 83 21.19 33.25 52.97
CA LYS F 83 21.11 33.85 51.65
C LYS F 83 19.89 34.77 51.47
N PRO F 84 18.66 34.43 51.89
CA PRO F 84 17.60 35.43 51.76
C PRO F 84 17.49 36.42 52.90
N PHE F 85 18.28 36.31 53.98
CA PHE F 85 18.23 37.37 54.99
C PHE F 85 18.99 38.61 54.54
N TRP F 86 20.22 38.43 54.06
CA TRP F 86 21.02 39.55 53.61
C TRP F 86 20.42 40.19 52.35
N GLU F 87 19.63 39.44 51.58
CA GLU F 87 18.84 40.05 50.53
C GLU F 87 17.73 40.93 51.10
N SER F 88 17.03 40.44 52.13
CA SER F 88 15.92 41.21 52.68
C SER F 88 16.40 42.26 53.67
N LEU F 89 16.99 41.83 54.78
CA LEU F 89 17.51 42.74 55.80
C LEU F 89 18.98 42.99 55.50
N ASP F 90 19.31 44.16 54.97
CA ASP F 90 20.71 44.38 54.61
C ASP F 90 21.52 44.77 55.84
N THR F 91 21.31 45.98 56.36
CA THR F 91 21.95 46.38 57.60
C THR F 91 20.94 46.62 58.70
N ARG F 92 19.66 46.39 58.43
CA ARG F 92 18.63 46.35 59.46
C ARG F 92 18.76 45.08 60.31
N LEU F 93 19.53 44.09 59.84
CA LEU F 93 19.82 42.90 60.61
C LEU F 93 20.62 43.22 61.87
N CYS F 94 21.39 44.32 61.85
CA CYS F 94 21.99 44.82 63.08
C CYS F 94 20.97 45.42 64.03
N GLU F 95 19.80 45.81 63.52
CA GLU F 95 18.81 46.51 64.33
C GLU F 95 17.71 45.61 64.85
N VAL F 96 17.43 44.49 64.19
CA VAL F 96 16.39 43.57 64.65
C VAL F 96 16.84 42.72 65.82
N ILE F 97 18.13 42.74 66.16
CA ILE F 97 18.69 41.92 67.21
C ILE F 97 18.90 42.81 68.43
N PRO F 98 18.49 42.39 69.64
CA PRO F 98 18.61 43.26 70.81
C PRO F 98 20.05 43.47 71.23
N ALA F 99 20.34 44.69 71.67
CA ALA F 99 21.68 45.00 72.17
C ALA F 99 21.87 44.38 73.54
N GLY F 100 22.94 43.60 73.70
CA GLY F 100 23.22 42.87 74.91
C GLY F 100 23.31 41.37 74.74
N GLN F 101 22.72 40.82 73.69
CA GLN F 101 22.79 39.40 73.38
C GLN F 101 23.12 39.19 71.91
N ARG F 102 24.16 39.88 71.45
CA ARG F 102 24.55 39.91 70.05
C ARG F 102 25.33 38.68 69.59
N THR F 103 25.49 37.65 70.42
CA THR F 103 26.38 36.54 70.09
C THR F 103 25.79 35.64 69.00
N ALA F 104 26.67 35.14 68.15
CA ALA F 104 26.28 34.37 66.98
C ALA F 104 27.44 33.46 66.58
N ARG F 105 27.15 32.49 65.71
CA ARG F 105 28.16 31.59 65.18
C ARG F 105 28.16 31.70 63.67
N ALA F 106 29.34 31.86 63.09
CA ALA F 106 29.52 31.83 61.63
C ALA F 106 30.03 30.44 61.26
N ARG F 107 29.13 29.62 60.73
CA ARG F 107 29.48 28.26 60.33
C ARG F 107 29.65 28.21 58.82
N GLY F 108 30.42 27.23 58.37
CA GLY F 108 30.69 27.06 56.95
C GLY F 108 31.05 25.62 56.67
N ALA F 109 30.63 25.13 55.52
CA ALA F 109 30.78 23.73 55.22
C ALA F 109 31.17 23.51 53.77
N LEU F 110 32.16 22.64 53.57
CA LEU F 110 32.50 22.09 52.27
C LEU F 110 31.97 20.67 52.18
N CYS F 111 31.48 20.28 51.01
CA CYS F 111 31.09 18.90 50.74
C CYS F 111 31.57 18.53 49.36
N TYR F 112 32.42 17.52 49.27
CA TYR F 112 32.91 17.04 48.00
C TYR F 112 32.25 15.70 47.66
N CYS F 113 31.82 15.57 46.42
CA CYS F 113 31.14 14.37 45.93
C CYS F 113 31.88 13.88 44.70
N ASP F 114 32.38 12.65 44.76
CA ASP F 114 33.08 12.06 43.63
C ASP F 114 32.16 11.24 42.74
N GLY F 115 30.87 11.18 43.06
CA GLY F 115 29.91 10.39 42.31
C GLY F 115 29.40 9.18 43.05
N ARG F 116 30.01 8.86 44.20
CA ARG F 116 29.64 7.64 44.96
C ARG F 116 29.49 7.97 46.45
N GLU F 117 30.21 8.99 46.91
CA GLU F 117 30.19 9.32 48.37
C GLU F 117 30.19 10.83 48.57
N ARG F 118 29.55 11.29 49.64
CA ARG F 118 29.49 12.71 49.99
C ARG F 118 30.11 12.89 51.36
N HIS F 119 31.22 13.62 51.42
CA HIS F 119 31.95 13.86 52.65
C HIS F 119 31.90 15.34 53.00
N VAL F 120 31.42 15.65 54.21
CA VAL F 120 31.17 17.02 54.63
C VAL F 120 32.24 17.44 55.63
N LEU F 121 32.87 18.59 55.36
CA LEU F 121 33.83 19.19 56.28
C LEU F 121 33.22 20.49 56.81
N ILE F 122 33.14 20.61 58.13
CA ILE F 122 32.49 21.76 58.78
C ILE F 122 33.46 22.44 59.72
N GLU F 123 33.66 23.74 59.53
CA GLU F 123 34.31 24.58 60.51
C GLU F 123 33.35 25.67 60.96
N GLU F 124 33.79 26.46 61.94
CA GLU F 124 32.86 27.25 62.75
C GLU F 124 33.64 28.32 63.50
N THR F 125 33.09 29.53 63.56
CA THR F 125 33.74 30.66 64.22
C THR F 125 32.75 31.35 65.14
N GLU F 126 33.05 31.37 66.44
CA GLU F 126 32.28 32.15 67.39
C GLU F 126 32.47 33.63 67.13
N GLY F 127 31.42 34.40 67.41
CA GLY F 127 31.52 35.84 67.23
C GLY F 127 30.32 36.54 67.81
N GLU F 128 30.10 37.76 67.32
CA GLU F 128 28.97 38.57 67.74
C GLU F 128 28.66 39.60 66.66
N ILE F 129 27.37 39.88 66.48
CA ILE F 129 26.92 40.82 65.46
C ILE F 129 27.30 42.23 65.88
N ALA F 130 27.81 43.02 64.94
CA ALA F 130 28.21 44.38 65.23
C ALA F 130 26.99 45.25 65.56
N PRO F 131 27.19 46.32 66.32
CA PRO F 131 26.07 47.26 66.55
C PRO F 131 25.66 48.01 65.29
N SER F 132 26.56 48.19 64.34
CA SER F 132 26.23 48.76 63.05
C SER F 132 27.27 48.26 62.05
N ALA F 133 26.89 48.26 60.78
CA ALA F 133 27.78 47.75 59.74
C ALA F 133 28.95 48.69 59.52
N ARG F 134 30.16 48.14 59.55
CA ARG F 134 31.37 48.91 59.33
C ARG F 134 32.34 48.08 58.51
N GLY F 135 33.09 48.75 57.65
CA GLY F 135 34.04 48.10 56.79
C GLY F 135 33.56 48.04 55.35
N THR F 136 34.53 48.01 54.42
CA THR F 136 34.24 48.03 52.99
C THR F 136 34.65 46.77 52.26
N GLY F 137 35.68 46.06 52.71
CA GLY F 137 36.15 44.89 52.01
C GLY F 137 35.24 43.70 52.17
N GLY F 138 35.61 42.60 51.51
CA GLY F 138 34.81 41.40 51.63
C GLY F 138 33.51 41.51 50.84
N PHE F 139 32.51 40.76 51.28
CA PHE F 139 31.23 40.68 50.61
C PHE F 139 30.15 40.40 51.64
N HIS F 140 29.02 39.80 51.23
CA HIS F 140 27.78 39.61 52.01
C HIS F 140 28.00 39.28 53.49
N TRP F 141 27.37 40.05 54.37
CA TRP F 141 27.39 40.01 55.83
C TRP F 141 28.77 40.14 56.47
N ASP F 142 29.82 40.41 55.70
CA ASP F 142 31.09 40.73 56.35
C ASP F 142 31.14 42.05 57.13
N PRO F 143 30.41 43.12 56.79
CA PRO F 143 30.43 44.29 57.68
C PRO F 143 29.68 44.12 59.00
N ILE F 144 29.01 43.00 59.28
CA ILE F 144 28.22 42.91 60.50
C ILE F 144 28.76 41.90 61.50
N PHE F 145 29.75 41.09 61.13
CA PHE F 145 30.22 40.01 62.00
C PHE F 145 31.59 40.33 62.55
N ILE F 146 31.71 40.29 63.88
CA ILE F 146 32.97 40.52 64.58
C ILE F 146 33.36 39.23 65.29
N PRO F 147 34.51 38.63 64.99
CA PRO F 147 34.90 37.38 65.65
C PRO F 147 35.25 37.59 67.11
N LYS F 148 35.30 36.48 67.84
CA LYS F 148 35.55 36.55 69.27
C LYS F 148 37.02 36.89 69.52
N GLY F 149 37.26 37.85 70.40
CA GLY F 149 38.59 38.37 70.69
C GLY F 149 38.95 39.57 69.85
N GLN F 150 38.62 39.53 68.57
CA GLN F 150 38.89 40.64 67.67
C GLN F 150 37.88 41.74 67.91
N THR F 151 38.28 42.98 67.62
CA THR F 151 37.36 44.11 67.64
C THR F 151 36.81 44.46 66.27
N ARG F 152 37.47 44.04 65.20
CA ARG F 152 37.11 44.43 63.85
C ARG F 152 36.23 43.39 63.20
N THR F 153 35.64 43.76 62.06
CA THR F 153 34.76 42.89 61.30
C THR F 153 35.58 42.12 60.26
N PHE F 154 34.91 41.22 59.54
CA PHE F 154 35.54 40.60 58.37
C PHE F 154 35.73 41.61 57.25
N ALA F 155 34.90 42.64 57.19
CA ALA F 155 35.02 43.64 56.13
C ALA F 155 36.20 44.56 56.37
N GLU F 156 36.52 44.82 57.64
CA GLU F 156 37.63 45.70 57.97
C GLU F 156 39.00 45.04 57.79
N MET F 157 39.06 43.73 57.66
CA MET F 157 40.32 43.01 57.56
C MET F 157 40.58 42.62 56.12
N SER F 158 41.86 42.45 55.80
CA SER F 158 42.26 42.05 54.45
C SER F 158 41.98 40.56 54.26
N LEU F 159 42.27 40.07 53.05
CA LEU F 159 41.94 38.68 52.72
C LEU F 159 42.85 37.70 53.45
N ASP F 160 44.10 38.09 53.71
CA ASP F 160 44.95 37.25 54.54
C ASP F 160 44.50 37.26 55.99
N GLU F 161 44.02 38.40 56.47
CA GLU F 161 43.60 38.51 57.85
C GLU F 161 42.22 37.94 58.07
N LYS F 162 41.35 37.98 57.06
CA LYS F 162 40.01 37.41 57.20
C LYS F 162 40.06 35.89 57.26
N LEU F 163 40.93 35.28 56.46
CA LEU F 163 41.07 33.84 56.44
C LEU F 163 41.84 33.30 57.63
N SER F 164 42.41 34.14 58.47
CA SER F 164 42.94 33.67 59.73
C SER F 164 41.88 33.61 60.82
N PHE F 165 40.65 33.99 60.51
CA PHE F 165 39.53 33.92 61.45
C PHE F 165 38.35 33.16 60.89
N SER F 166 38.14 33.27 59.57
CA SER F 166 36.95 32.73 58.94
C SER F 166 37.00 31.21 58.89
N PRO F 167 35.85 30.54 58.74
CA PRO F 167 35.86 29.07 58.65
C PRO F 167 36.60 28.52 57.44
N LEU F 168 36.74 29.28 56.36
CA LEU F 168 37.41 28.77 55.17
C LEU F 168 38.91 28.61 55.38
N GLY F 169 39.51 29.37 56.30
CA GLY F 169 40.93 29.27 56.53
C GLY F 169 41.36 28.00 57.23
N ARG F 170 40.43 27.32 57.89
CA ARG F 170 40.68 25.99 58.43
C ARG F 170 40.21 24.89 57.49
N LEU F 171 39.35 25.23 56.52
CA LEU F 171 38.85 24.30 55.54
C LEU F 171 39.75 24.15 54.33
N HIS F 172 40.71 25.07 54.11
CA HIS F 172 41.70 24.86 53.06
C HIS F 172 42.56 23.65 53.35
N THR F 173 43.09 23.57 54.57
CA THR F 173 44.04 22.53 54.92
C THR F 173 43.36 21.17 55.01
N ARG F 174 42.12 21.14 55.45
CA ARG F 174 41.39 19.88 55.52
C ARG F 174 40.97 19.39 54.14
N LEU F 175 40.69 20.31 53.21
CA LEU F 175 40.36 19.91 51.86
C LEU F 175 41.59 19.50 51.08
N ARG F 176 42.72 20.17 51.33
CA ARG F 176 43.96 19.82 50.64
C ARG F 176 44.48 18.46 51.09
N THR F 177 44.37 18.16 52.39
CA THR F 177 44.91 16.91 52.91
C THR F 177 44.05 15.72 52.48
N GLU F 178 42.73 15.84 52.56
CA GLU F 178 41.87 14.72 52.23
C GLU F 178 41.75 14.46 50.74
N LEU F 179 42.08 15.44 49.90
CA LEU F 179 42.01 15.24 48.47
C LEU F 179 43.38 15.19 47.79
N GLY F 180 44.44 15.54 48.50
CA GLY F 180 45.76 15.52 47.90
C GLY F 180 45.99 16.64 46.91
N LEU F 181 45.37 17.79 47.12
CA LEU F 181 45.49 18.91 46.20
C LEU F 181 46.86 19.56 46.32
N THR G 2 -47.07 -2.83 -28.28
CA THR G 2 -46.15 -2.12 -27.41
C THR G 2 -44.97 -3.01 -27.03
N THR G 3 -45.00 -4.25 -27.50
CA THR G 3 -43.99 -5.24 -27.14
C THR G 3 -43.85 -6.22 -28.29
N LEU G 4 -42.60 -6.44 -28.73
CA LEU G 4 -42.34 -7.36 -29.83
C LEU G 4 -42.58 -8.80 -29.39
N THR G 5 -43.04 -9.61 -30.33
CA THR G 5 -43.13 -11.04 -30.11
C THR G 5 -41.87 -11.70 -30.66
N LEU G 6 -41.83 -13.02 -30.66
CA LEU G 6 -40.64 -13.72 -31.13
C LEU G 6 -40.52 -13.67 -32.64
N SER G 7 -41.62 -13.82 -33.37
CA SER G 7 -41.58 -13.78 -34.81
C SER G 7 -41.39 -12.38 -35.37
N GLU G 8 -41.81 -11.36 -34.62
CA GLU G 8 -41.60 -9.99 -35.07
C GLU G 8 -40.15 -9.56 -34.90
N ALA G 9 -39.52 -9.98 -33.81
CA ALA G 9 -38.16 -9.56 -33.50
C ALA G 9 -37.11 -10.37 -34.23
N ALA G 10 -37.47 -11.52 -34.78
CA ALA G 10 -36.52 -12.37 -35.47
C ALA G 10 -35.91 -11.78 -36.75
N PRO G 11 -36.64 -11.08 -37.65
CA PRO G 11 -35.92 -10.43 -38.76
C PRO G 11 -35.13 -9.22 -38.34
N LEU G 12 -35.47 -8.59 -37.21
CA LEU G 12 -34.68 -7.46 -36.73
C LEU G 12 -33.35 -7.93 -36.15
N LEU G 13 -33.32 -9.13 -35.58
CA LEU G 13 -32.08 -9.65 -35.02
C LEU G 13 -31.20 -10.28 -36.08
N LYS G 14 -31.78 -10.77 -37.17
CA LYS G 14 -30.96 -11.30 -38.27
C LYS G 14 -30.18 -10.20 -38.96
N LYS G 15 -30.79 -9.02 -39.10
CA LYS G 15 -30.15 -7.92 -39.81
C LYS G 15 -28.95 -7.39 -39.05
N GLU G 16 -29.08 -7.25 -37.72
CA GLU G 16 -27.98 -6.78 -36.92
C GLU G 16 -26.90 -7.84 -36.74
N PHE G 17 -27.25 -9.12 -36.84
CA PHE G 17 -26.25 -10.16 -36.67
C PHE G 17 -25.42 -10.34 -37.93
N ARG G 18 -26.03 -10.28 -39.12
CA ARG G 18 -25.26 -10.45 -40.34
C ARG G 18 -24.39 -9.25 -40.64
N GLU G 19 -24.67 -8.10 -40.03
CA GLU G 19 -23.77 -6.96 -40.11
C GLU G 19 -22.70 -6.98 -39.02
N GLY G 20 -22.77 -7.93 -38.11
CA GLY G 20 -21.78 -8.01 -37.05
C GLY G 20 -21.93 -6.97 -35.96
N ARG G 21 -23.15 -6.50 -35.72
CA ARG G 21 -23.39 -5.39 -34.80
C ARG G 21 -24.39 -5.77 -33.72
N LEU G 22 -24.46 -7.05 -33.39
CA LEU G 22 -25.32 -7.56 -32.32
C LEU G 22 -24.46 -8.24 -31.29
N ILE G 23 -24.64 -7.85 -30.01
CA ILE G 23 -23.83 -8.37 -28.91
C ILE G 23 -24.74 -8.88 -27.81
N PRO G 24 -24.61 -10.14 -27.39
CA PRO G 24 -25.46 -10.63 -26.30
C PRO G 24 -25.02 -10.11 -24.95
N PHE G 25 -25.99 -9.89 -24.07
CA PHE G 25 -25.74 -9.49 -22.70
C PHE G 25 -26.47 -10.48 -21.81
N LEU G 26 -25.74 -11.31 -21.09
CA LEU G 26 -26.33 -12.45 -20.40
C LEU G 26 -26.34 -12.22 -18.90
N GLY G 27 -27.47 -12.57 -18.26
CA GLY G 27 -27.67 -12.31 -16.87
C GLY G 27 -27.70 -13.58 -16.03
N ALA G 28 -28.21 -13.45 -14.82
CA ALA G 28 -28.24 -14.57 -13.90
C ALA G 28 -29.31 -15.59 -14.26
N GLY G 29 -30.34 -15.19 -15.00
CA GLY G 29 -31.34 -16.13 -15.44
C GLY G 29 -30.89 -17.04 -16.56
N PHE G 30 -29.74 -16.75 -17.16
CA PHE G 30 -29.20 -17.61 -18.20
C PHE G 30 -28.52 -18.85 -17.63
N SER G 31 -28.15 -18.82 -16.35
CA SER G 31 -27.56 -19.96 -15.67
C SER G 31 -28.54 -20.64 -14.74
N LYS G 32 -29.80 -20.29 -14.80
CA LYS G 32 -30.86 -20.92 -14.01
C LYS G 32 -31.12 -22.39 -14.39
N PRO G 33 -31.08 -22.83 -15.66
CA PRO G 33 -31.20 -24.28 -15.90
C PRO G 33 -30.01 -25.11 -15.46
N LEU G 34 -28.92 -24.48 -15.05
CA LEU G 34 -27.79 -25.21 -14.49
C LEU G 34 -27.93 -25.43 -12.99
N LYS G 35 -29.12 -25.16 -12.44
CA LYS G 35 -29.44 -25.29 -11.01
C LYS G 35 -28.52 -24.43 -10.15
N LEU G 36 -28.30 -23.23 -10.59
CA LEU G 36 -27.48 -22.33 -9.81
C LEU G 36 -28.37 -21.31 -9.10
N PRO G 37 -27.88 -20.76 -7.99
CA PRO G 37 -28.61 -19.66 -7.33
C PRO G 37 -28.71 -18.42 -8.20
N ASP G 38 -29.85 -17.74 -8.10
CA ASP G 38 -29.97 -16.39 -8.62
C ASP G 38 -29.65 -15.41 -7.48
N GLY G 39 -29.99 -14.14 -7.65
CA GLY G 39 -29.73 -13.15 -6.62
C GLY G 39 -30.52 -13.31 -5.33
N SER G 40 -31.53 -14.18 -5.31
CA SER G 40 -32.29 -14.43 -4.10
C SER G 40 -31.80 -15.64 -3.32
N GLN G 41 -31.33 -16.69 -3.99
CA GLN G 41 -30.80 -17.83 -3.24
C GLN G 41 -29.40 -17.61 -2.69
N LEU G 42 -28.67 -16.60 -3.18
CA LEU G 42 -27.44 -16.22 -2.49
C LEU G 42 -27.74 -15.62 -1.12
N ILE G 43 -28.71 -14.71 -1.06
CA ILE G 43 -29.08 -14.04 0.18
C ILE G 43 -29.66 -15.04 1.18
N ALA G 44 -30.33 -16.09 0.69
CA ALA G 44 -30.77 -17.15 1.57
C ALA G 44 -29.59 -17.94 2.12
N SER G 45 -28.49 -18.00 1.40
CA SER G 45 -27.29 -18.67 1.89
C SER G 45 -26.44 -17.77 2.77
N LEU G 46 -26.46 -16.47 2.54
CA LEU G 46 -25.74 -15.55 3.41
C LEU G 46 -26.44 -15.41 4.75
N ALA G 47 -27.77 -15.52 4.76
CA ALA G 47 -28.52 -15.42 6.00
C ALA G 47 -28.32 -16.64 6.89
N LYS G 48 -28.06 -17.79 6.30
CA LYS G 48 -27.81 -18.99 7.09
C LYS G 48 -26.48 -18.91 7.80
N THR G 49 -25.48 -18.30 7.16
CA THR G 49 -24.17 -18.16 7.78
C THR G 49 -24.21 -17.14 8.92
N LEU G 50 -24.93 -16.05 8.73
CA LEU G 50 -24.99 -15.00 9.73
C LEU G 50 -25.93 -15.31 10.88
N GLY G 51 -26.74 -16.35 10.78
CA GLY G 51 -27.68 -16.68 11.82
C GLY G 51 -29.04 -16.02 11.70
N PHE G 52 -29.38 -15.54 10.52
CA PHE G 52 -30.67 -14.95 10.24
C PHE G 52 -31.64 -15.97 9.68
N GLU G 53 -32.90 -15.74 9.90
CA GLU G 53 -33.87 -16.43 9.07
C GLU G 53 -33.92 -15.75 7.71
N PRO G 54 -34.03 -16.52 6.62
CA PRO G 54 -33.91 -15.93 5.28
C PRO G 54 -35.01 -14.96 4.90
N GLU G 55 -36.16 -15.03 5.55
CA GLU G 55 -37.22 -14.06 5.30
C GLU G 55 -37.05 -12.80 6.13
N LEU G 56 -36.44 -12.91 7.31
CA LEU G 56 -36.17 -11.73 8.11
C LEU G 56 -34.96 -10.96 7.61
N PHE G 57 -33.99 -11.65 7.03
CA PHE G 57 -32.79 -10.98 6.54
C PHE G 57 -33.07 -10.19 5.28
N ASP G 58 -34.08 -10.59 4.51
CA ASP G 58 -34.38 -9.93 3.25
C ASP G 58 -34.97 -8.55 3.44
N MET G 59 -35.63 -8.29 4.58
CA MET G 59 -36.36 -7.01 4.75
C MET G 59 -35.52 -5.95 5.46
N HIS G 60 -34.19 -6.11 5.53
CA HIS G 60 -33.36 -5.09 6.12
C HIS G 60 -32.57 -4.28 5.10
N GLY G 61 -32.73 -4.55 3.82
CA GLY G 61 -32.01 -3.79 2.82
C GLY G 61 -32.09 -4.46 1.47
N ARG G 62 -31.47 -3.81 0.50
CA ARG G 62 -31.45 -4.33 -0.85
C ARG G 62 -30.36 -5.37 -1.00
N PHE G 63 -30.26 -5.93 -2.21
CA PHE G 63 -29.31 -7.01 -2.50
C PHE G 63 -27.87 -6.55 -2.33
N GLU G 64 -27.56 -5.32 -2.73
CA GLU G 64 -26.21 -4.79 -2.60
C GLU G 64 -25.86 -4.57 -1.14
N GLN G 65 -26.85 -4.21 -0.33
CA GLN G 65 -26.62 -3.81 1.05
C GLN G 65 -26.54 -5.00 1.98
N LEU G 66 -27.22 -6.09 1.66
CA LEU G 66 -27.13 -7.28 2.48
C LEU G 66 -25.81 -8.00 2.27
N ALA G 67 -25.23 -7.91 1.07
CA ALA G 67 -23.92 -8.47 0.83
C ALA G 67 -22.81 -7.61 1.41
N GLU G 68 -23.03 -6.30 1.49
CA GLU G 68 -22.10 -5.42 2.19
C GLU G 68 -22.08 -5.73 3.68
N PHE G 69 -23.25 -6.05 4.26
CA PHE G 69 -23.32 -6.42 5.66
C PHE G 69 -22.66 -7.76 5.91
N PHE G 70 -22.73 -8.68 4.94
CA PHE G 70 -22.08 -9.97 5.10
C PHE G 70 -20.57 -9.85 5.09
N ALA G 71 -20.03 -9.02 4.18
CA ALA G 71 -18.59 -8.97 3.98
C ALA G 71 -17.84 -8.32 5.13
N ILE G 72 -18.53 -7.54 5.97
CA ILE G 72 -17.90 -6.85 7.09
C ILE G 72 -18.29 -7.46 8.42
N SER G 73 -18.92 -8.64 8.41
CA SER G 73 -19.29 -9.29 9.66
C SER G 73 -18.08 -9.86 10.37
N ALA G 74 -17.09 -10.32 9.61
CA ALA G 74 -15.89 -10.94 10.15
C ALA G 74 -14.79 -10.74 9.12
N PRO G 75 -13.53 -10.83 9.53
CA PRO G 75 -12.46 -10.81 8.53
C PRO G 75 -12.50 -12.05 7.67
N ASN G 76 -12.08 -11.86 6.40
CA ASN G 76 -11.97 -12.91 5.39
C ASN G 76 -13.32 -13.58 5.11
N ARG G 77 -14.41 -12.85 5.31
CA ARG G 77 -15.73 -13.42 5.12
C ARG G 77 -16.13 -13.39 3.65
N LEU G 78 -15.63 -12.42 2.88
CA LEU G 78 -15.90 -12.37 1.46
C LEU G 78 -15.07 -13.38 0.69
N GLN G 79 -13.82 -13.59 1.12
CA GLN G 79 -12.93 -14.56 0.43
C GLN G 79 -13.56 -15.95 0.50
N ARG G 80 -14.11 -16.30 1.66
CA ARG G 80 -14.77 -17.63 1.85
C ARG G 80 -15.94 -17.75 0.87
N LEU G 81 -16.72 -16.68 0.71
CA LEU G 81 -17.91 -16.73 -0.18
C LEU G 81 -17.46 -17.07 -1.60
N VAL G 82 -16.41 -16.40 -2.08
CA VAL G 82 -15.90 -16.65 -3.47
C VAL G 82 -15.48 -18.11 -3.56
N TYR G 83 -14.79 -18.62 -2.54
CA TYR G 83 -14.35 -20.04 -2.53
C TYR G 83 -15.58 -20.96 -2.62
N GLU G 84 -16.59 -20.69 -1.80
CA GLU G 84 -17.80 -21.54 -1.77
C GLU G 84 -18.51 -21.45 -3.12
N MET G 85 -18.66 -20.24 -3.66
CA MET G 85 -19.36 -20.05 -4.97
C MET G 85 -18.59 -20.80 -6.05
N SER G 86 -17.25 -20.72 -6.03
CA SER G 86 -16.43 -21.40 -7.06
C SER G 86 -16.74 -22.90 -7.07
N LEU G 87 -16.91 -23.50 -5.89
CA LEU G 87 -17.14 -24.97 -5.80
C LEU G 87 -18.58 -25.31 -6.15
N SER G 88 -19.51 -24.36 -6.05
CA SER G 88 -20.95 -24.66 -6.29
C SER G 88 -21.34 -24.26 -7.71
N PHE G 89 -20.83 -23.13 -8.21
CA PHE G 89 -21.22 -22.64 -9.51
C PHE G 89 -20.51 -23.40 -10.63
N ASP G 90 -19.22 -23.66 -10.46
CA ASP G 90 -18.41 -24.30 -11.48
C ASP G 90 -18.14 -25.77 -11.17
N SER G 91 -19.08 -26.44 -10.53
CA SER G 91 -18.91 -27.84 -10.18
C SER G 91 -19.03 -28.73 -11.42
N ALA G 92 -18.67 -30.00 -11.24
CA ALA G 92 -18.68 -30.92 -12.37
C ALA G 92 -20.09 -31.30 -12.79
N GLU G 93 -21.03 -31.30 -11.86
CA GLU G 93 -22.41 -31.57 -12.24
C GLU G 93 -23.09 -30.36 -12.90
N ALA G 94 -22.57 -29.16 -12.69
CA ALA G 94 -23.03 -28.02 -13.47
C ALA G 94 -22.41 -28.00 -14.85
N GLU G 95 -21.22 -28.60 -14.99
CA GLU G 95 -20.65 -28.80 -16.32
C GLU G 95 -21.47 -29.77 -17.13
N ALA G 96 -21.94 -30.85 -16.50
CA ALA G 96 -22.65 -31.90 -17.21
C ALA G 96 -24.04 -31.46 -17.63
N LEU G 97 -24.67 -30.56 -16.87
CA LEU G 97 -25.93 -29.97 -17.29
C LEU G 97 -25.76 -28.94 -18.39
N ARG G 98 -24.53 -28.55 -18.69
CA ARG G 98 -24.27 -27.43 -19.58
C ARG G 98 -24.08 -27.88 -21.02
N GLU G 99 -23.64 -29.12 -21.25
CA GLU G 99 -23.57 -29.61 -22.62
C GLU G 99 -24.94 -29.94 -23.17
N LYS G 100 -25.83 -30.46 -22.33
CA LYS G 100 -27.17 -30.83 -22.76
C LYS G 100 -28.17 -29.70 -22.59
N SER G 101 -27.72 -28.50 -22.30
CA SER G 101 -28.62 -27.37 -22.20
C SER G 101 -28.88 -26.80 -23.59
N PRO G 102 -30.15 -26.66 -24.00
CA PRO G 102 -30.43 -26.14 -25.34
C PRO G 102 -30.13 -24.66 -25.51
N MET G 103 -30.09 -23.86 -24.44
CA MET G 103 -29.75 -22.46 -24.59
C MET G 103 -28.26 -22.29 -24.86
N HIS G 104 -27.43 -23.03 -24.14
CA HIS G 104 -25.99 -22.90 -24.29
C HIS G 104 -25.51 -23.50 -25.60
N ARG G 105 -26.23 -24.48 -26.14
CA ARG G 105 -25.92 -24.98 -27.46
C ARG G 105 -26.31 -23.98 -28.54
N ALA G 106 -27.46 -23.33 -28.37
CA ALA G 106 -27.92 -22.37 -29.37
C ALA G 106 -27.12 -21.08 -29.31
N LEU G 107 -26.56 -20.75 -28.14
CA LEU G 107 -25.70 -19.58 -28.05
C LEU G 107 -24.38 -19.80 -28.76
N ALA G 108 -23.78 -20.97 -28.57
CA ALA G 108 -22.48 -21.25 -29.14
C ALA G 108 -22.55 -21.62 -30.61
N ALA G 109 -23.73 -21.89 -31.15
CA ALA G 109 -23.85 -22.20 -32.57
C ALA G 109 -23.66 -20.97 -33.44
N LEU G 110 -23.89 -19.79 -32.89
CA LEU G 110 -23.70 -18.55 -33.62
C LEU G 110 -22.26 -18.08 -33.48
N ASP G 111 -21.80 -17.34 -34.48
CA ASP G 111 -20.41 -16.90 -34.54
C ASP G 111 -20.33 -15.47 -34.01
N TRP G 112 -20.36 -15.35 -32.69
CA TRP G 112 -20.29 -14.05 -32.05
C TRP G 112 -18.87 -13.54 -32.06
N ARG G 113 -18.71 -12.26 -31.77
CA ARG G 113 -17.40 -11.66 -31.55
C ARG G 113 -17.21 -11.09 -30.16
N THR G 114 -18.28 -10.69 -29.49
CA THR G 114 -18.18 -10.17 -28.13
C THR G 114 -19.42 -10.62 -27.37
N ILE G 115 -19.22 -11.12 -26.16
CA ILE G 115 -20.32 -11.50 -25.27
C ILE G 115 -20.06 -10.89 -23.91
N TYR G 116 -21.06 -10.19 -23.37
CA TYR G 116 -20.99 -9.63 -22.04
C TYR G 116 -21.85 -10.47 -21.09
N THR G 117 -21.32 -10.73 -19.90
CA THR G 117 -22.07 -11.43 -18.85
C THR G 117 -21.87 -10.72 -17.52
N THR G 118 -22.88 -10.82 -16.66
CA THR G 118 -22.78 -10.31 -15.30
C THR G 118 -22.85 -11.41 -14.25
N ASN G 119 -22.54 -12.65 -14.61
CA ASN G 119 -22.58 -13.73 -13.66
C ASN G 119 -21.20 -14.36 -13.50
N TYR G 120 -20.97 -14.93 -12.31
CA TYR G 120 -19.65 -15.41 -11.92
C TYR G 120 -19.59 -16.92 -12.13
N ASP G 121 -19.45 -17.34 -13.39
CA ASP G 121 -19.37 -18.76 -13.70
C ASP G 121 -18.78 -18.93 -15.08
N LYS G 122 -18.11 -20.05 -15.30
CA LYS G 122 -17.48 -20.30 -16.58
C LYS G 122 -18.39 -21.08 -17.52
N HIS G 123 -19.66 -20.69 -17.60
CA HIS G 123 -20.61 -21.45 -18.38
C HIS G 123 -21.04 -20.73 -19.65
N VAL G 124 -20.52 -19.55 -19.90
CA VAL G 124 -20.73 -18.87 -21.16
C VAL G 124 -19.54 -19.06 -22.08
N GLU G 125 -18.33 -18.89 -21.56
CA GLU G 125 -17.17 -19.31 -22.33
C GLU G 125 -17.05 -20.82 -22.36
N GLY G 126 -17.55 -21.51 -21.33
CA GLY G 126 -17.53 -22.95 -21.35
C GLY G 126 -18.47 -23.55 -22.37
N ALA G 127 -19.55 -22.83 -22.69
CA ALA G 127 -20.43 -23.27 -23.77
C ALA G 127 -19.75 -23.14 -25.12
N LEU G 128 -18.86 -22.17 -25.27
CA LEU G 128 -18.13 -22.02 -26.54
C LEU G 128 -17.06 -23.08 -26.69
N ARG G 129 -16.43 -23.50 -25.59
CA ARG G 129 -15.48 -24.60 -25.65
C ARG G 129 -16.17 -25.93 -25.94
N ASP G 130 -17.44 -26.07 -25.57
CA ASP G 130 -18.15 -27.31 -25.83
C ASP G 130 -18.47 -27.47 -27.31
N ALA G 131 -18.64 -26.36 -28.03
CA ALA G 131 -18.95 -26.41 -29.45
C ALA G 131 -17.70 -26.40 -30.32
N GLY G 132 -16.54 -26.65 -29.75
CA GLY G 132 -15.30 -26.64 -30.49
C GLY G 132 -14.70 -25.27 -30.70
N LYS G 133 -15.43 -24.20 -30.42
CA LYS G 133 -14.91 -22.86 -30.55
C LYS G 133 -14.02 -22.53 -29.36
N GLN G 134 -13.31 -21.42 -29.47
CA GLN G 134 -12.43 -20.97 -28.40
C GLN G 134 -12.80 -19.54 -28.03
N ALA G 135 -12.69 -19.24 -26.74
CA ALA G 135 -13.11 -17.97 -26.18
C ALA G 135 -11.96 -17.33 -25.44
N ALA G 136 -12.16 -16.07 -25.08
CA ALA G 136 -11.13 -15.29 -24.39
C ALA G 136 -11.82 -14.50 -23.29
N VAL G 137 -11.59 -14.89 -22.05
CA VAL G 137 -12.22 -14.24 -20.91
C VAL G 137 -11.46 -12.96 -20.59
N LEU G 138 -12.17 -11.84 -20.53
CA LEU G 138 -11.57 -10.55 -20.22
C LEU G 138 -12.30 -9.99 -19.01
N ALA G 139 -11.61 -9.91 -17.89
CA ALA G 139 -12.23 -9.43 -16.67
C ALA G 139 -11.48 -8.28 -16.02
N SER G 140 -10.16 -8.31 -16.04
CA SER G 140 -9.34 -7.33 -15.35
C SER G 140 -8.47 -6.58 -16.35
N PHE G 141 -7.66 -5.65 -15.84
CA PHE G 141 -6.78 -4.88 -16.69
C PHE G 141 -5.69 -5.75 -17.32
N ALA G 142 -5.23 -6.77 -16.61
CA ALA G 142 -4.20 -7.64 -17.15
C ALA G 142 -4.71 -8.56 -18.25
N ASP G 143 -6.02 -8.81 -18.28
CA ASP G 143 -6.59 -9.63 -19.35
C ASP G 143 -6.69 -8.85 -20.64
N PHE G 144 -7.05 -7.57 -20.57
CA PHE G 144 -7.16 -6.76 -21.77
C PHE G 144 -5.81 -6.53 -22.43
N GLN G 145 -4.75 -6.41 -21.64
CA GLN G 145 -3.42 -6.25 -22.22
C GLN G 145 -2.70 -7.57 -22.44
N GLY G 146 -3.28 -8.68 -22.07
CA GLY G 146 -2.67 -9.96 -22.31
C GLY G 146 -2.79 -10.37 -23.76
N PRO G 147 -2.10 -11.46 -24.11
CA PRO G 147 -2.16 -11.95 -25.48
C PRO G 147 -3.42 -12.77 -25.73
N ARG G 148 -4.05 -12.52 -26.86
CA ARG G 148 -5.13 -13.35 -27.38
C ARG G 148 -4.75 -13.86 -28.76
N ALA G 149 -5.67 -14.62 -29.35
CA ALA G 149 -5.53 -15.02 -30.73
C ALA G 149 -6.20 -13.97 -31.61
N ARG G 150 -6.26 -14.21 -32.91
CA ARG G 150 -6.60 -13.16 -33.86
C ARG G 150 -8.11 -12.91 -33.89
N ASP G 151 -8.90 -13.93 -34.24
CA ASP G 151 -10.35 -13.79 -34.35
C ASP G 151 -10.98 -14.80 -33.40
N VAL G 152 -11.14 -14.38 -32.15
CA VAL G 152 -11.68 -15.22 -31.08
C VAL G 152 -12.73 -14.39 -30.34
N CYS G 153 -13.87 -15.03 -30.04
CA CYS G 153 -14.93 -14.38 -29.29
C CYS G 153 -14.45 -13.97 -27.91
N GLU G 154 -14.51 -12.68 -27.63
CA GLU G 154 -14.08 -12.13 -26.35
C GLU G 154 -15.27 -12.11 -25.41
N VAL G 155 -15.18 -12.87 -24.33
CA VAL G 155 -16.23 -12.92 -23.32
C VAL G 155 -15.84 -11.92 -22.23
N ILE G 156 -16.62 -10.85 -22.09
CA ILE G 156 -16.32 -9.80 -21.13
C ILE G 156 -17.09 -10.12 -19.86
N LYS G 157 -16.39 -10.58 -18.84
CA LYS G 157 -17.00 -10.77 -17.52
C LYS G 157 -17.18 -9.41 -16.89
N PHE G 158 -18.39 -8.87 -16.99
CA PHE G 158 -18.61 -7.47 -16.62
C PHE G 158 -18.57 -7.27 -15.12
N HIS G 159 -19.01 -8.25 -14.35
CA HIS G 159 -18.99 -8.13 -12.90
C HIS G 159 -17.88 -8.94 -12.23
N GLY G 160 -17.06 -9.65 -12.98
CA GLY G 160 -15.93 -10.34 -12.43
C GLY G 160 -16.03 -11.84 -12.64
N THR G 161 -14.94 -12.51 -12.28
CA THR G 161 -14.81 -13.94 -12.48
C THR G 161 -14.38 -14.56 -11.15
N LEU G 162 -14.71 -15.83 -10.96
CA LEU G 162 -14.38 -16.49 -9.70
C LEU G 162 -12.90 -16.82 -9.59
N ASP G 163 -12.17 -16.92 -10.69
CA ASP G 163 -10.75 -17.21 -10.60
C ASP G 163 -9.91 -15.95 -10.39
N GLN G 164 -10.53 -14.78 -10.39
CA GLN G 164 -9.88 -13.51 -10.05
C GLN G 164 -10.80 -12.85 -9.04
N PRO G 165 -10.65 -13.16 -7.75
CA PRO G 165 -11.63 -12.69 -6.76
C PRO G 165 -11.61 -11.21 -6.48
N ASP G 166 -10.60 -10.48 -6.94
CA ASP G 166 -10.59 -9.04 -6.77
C ASP G 166 -11.52 -8.33 -7.74
N THR G 167 -11.98 -9.01 -8.78
CA THR G 167 -12.81 -8.39 -9.80
C THR G 167 -14.29 -8.54 -9.53
N ILE G 168 -14.69 -9.31 -8.53
CA ILE G 168 -16.09 -9.58 -8.26
C ILE G 168 -16.72 -8.36 -7.60
N VAL G 169 -17.78 -7.84 -8.20
CA VAL G 169 -18.55 -6.77 -7.59
C VAL G 169 -19.85 -7.38 -7.07
N LEU G 170 -19.95 -7.47 -5.78
CA LEU G 170 -21.13 -8.03 -5.12
C LEU G 170 -21.66 -7.13 -4.03
N THR G 171 -20.78 -6.50 -3.27
CA THR G 171 -21.19 -5.67 -2.16
C THR G 171 -21.54 -4.27 -2.64
N GLU G 172 -22.11 -3.47 -1.73
CA GLU G 172 -22.55 -2.14 -2.11
C GLU G 172 -21.38 -1.22 -2.41
N SER G 173 -20.28 -1.37 -1.67
CA SER G 173 -19.10 -0.56 -1.90
C SER G 173 -18.45 -0.87 -3.23
N SER G 174 -18.62 -2.08 -3.75
CA SER G 174 -18.09 -2.39 -5.06
C SER G 174 -18.96 -1.88 -6.18
N TYR G 175 -20.27 -1.73 -5.96
CA TYR G 175 -21.12 -1.07 -6.94
C TYR G 175 -20.88 0.43 -6.98
N PHE G 176 -20.59 1.04 -5.83
CA PHE G 176 -20.27 2.45 -5.81
C PHE G 176 -18.92 2.74 -6.43
N GLN G 177 -18.01 1.78 -6.38
CA GLN G 177 -16.71 1.96 -7.02
C GLN G 177 -16.82 1.89 -8.53
N ARG G 178 -17.86 1.24 -9.05
CA ARG G 178 -18.12 1.15 -10.48
C ARG G 178 -18.99 2.28 -10.99
N MET G 179 -19.44 3.20 -10.14
CA MET G 179 -20.21 4.34 -10.60
C MET G 179 -19.35 5.37 -11.31
N ALA G 180 -18.03 5.32 -11.14
CA ALA G 180 -17.16 6.23 -11.85
C ALA G 180 -16.99 5.84 -13.31
N LEU G 181 -17.41 4.63 -13.68
CA LEU G 181 -17.35 4.09 -15.04
C LEU G 181 -15.92 4.08 -15.56
N ASP G 182 -15.00 3.72 -14.68
CA ASP G 182 -13.57 3.80 -14.96
C ASP G 182 -12.92 2.43 -15.04
N ALA G 183 -13.61 1.37 -14.63
CA ALA G 183 -13.07 0.03 -14.71
C ALA G 183 -12.93 -0.39 -16.18
N PRO G 184 -12.03 -1.33 -16.48
CA PRO G 184 -11.87 -1.79 -17.87
C PRO G 184 -13.10 -2.46 -18.45
N PRO G 185 -13.94 -3.19 -17.70
CA PRO G 185 -15.22 -3.58 -18.32
C PRO G 185 -16.19 -2.44 -18.54
N ASP G 186 -16.07 -1.37 -17.75
CA ASP G 186 -16.96 -0.22 -17.95
C ASP G 186 -16.58 0.56 -19.21
N GLN G 187 -15.27 0.74 -19.44
CA GLN G 187 -14.81 1.49 -20.60
C GLN G 187 -15.04 0.74 -21.89
N ARG G 188 -14.97 -0.59 -21.85
CA ARG G 188 -15.21 -1.39 -23.03
C ARG G 188 -16.69 -1.45 -23.37
N LEU G 189 -17.55 -1.42 -22.36
CA LEU G 189 -18.99 -1.46 -22.59
C LEU G 189 -19.49 -0.17 -23.22
N ARG G 190 -18.98 0.97 -22.75
CA ARG G 190 -19.48 2.25 -23.23
C ARG G 190 -19.03 2.53 -24.65
N ALA G 191 -17.93 1.92 -25.08
CA ALA G 191 -17.50 2.09 -26.46
C ALA G 191 -18.22 1.12 -27.39
N ASP G 192 -18.59 -0.06 -26.90
CA ASP G 192 -19.38 -0.96 -27.72
C ASP G 192 -20.82 -0.50 -27.84
N LEU G 193 -21.32 0.22 -26.84
CA LEU G 193 -22.67 0.73 -26.89
C LEU G 193 -22.81 1.88 -27.88
N LEU G 194 -21.70 2.53 -28.23
CA LEU G 194 -21.73 3.59 -29.23
C LEU G 194 -22.05 3.07 -30.63
N ALA G 195 -21.84 1.79 -30.90
CA ALA G 195 -21.90 1.32 -32.26
C ALA G 195 -22.68 0.03 -32.46
N ASN G 196 -23.26 -0.57 -31.43
CA ASN G 196 -23.79 -1.91 -31.55
C ASN G 196 -25.14 -2.02 -30.86
N SER G 197 -25.97 -2.93 -31.37
CA SER G 197 -27.21 -3.32 -30.69
C SER G 197 -26.90 -4.42 -29.68
N PHE G 198 -27.59 -4.39 -28.56
CA PHE G 198 -27.41 -5.44 -27.57
C PHE G 198 -28.66 -6.29 -27.44
N LEU G 199 -28.48 -7.52 -27.00
CA LEU G 199 -29.57 -8.47 -26.77
C LEU G 199 -29.47 -8.95 -25.33
N PHE G 200 -30.37 -8.49 -24.48
CA PHE G 200 -30.38 -8.85 -23.07
C PHE G 200 -31.17 -10.13 -22.90
N ILE G 201 -30.50 -11.19 -22.46
CA ILE G 201 -31.12 -12.50 -22.29
C ILE G 201 -30.92 -12.92 -20.84
N GLY G 202 -32.02 -13.21 -20.15
CA GLY G 202 -31.92 -13.66 -18.78
C GLY G 202 -31.48 -12.63 -17.79
N TYR G 203 -31.53 -11.36 -18.15
CA TYR G 203 -31.08 -10.27 -17.30
C TYR G 203 -32.25 -9.33 -17.05
N SER G 204 -32.36 -8.87 -15.81
CA SER G 204 -33.37 -7.87 -15.43
C SER G 204 -32.63 -6.64 -14.95
N PHE G 205 -33.05 -5.47 -15.42
CA PHE G 205 -32.32 -4.24 -15.11
C PHE G 205 -32.58 -3.87 -13.65
N SER G 206 -31.79 -4.45 -12.77
CA SER G 206 -31.82 -4.11 -11.37
C SER G 206 -30.53 -3.50 -10.88
N ASP G 207 -29.48 -3.52 -11.70
CA ASP G 207 -28.19 -2.95 -11.33
C ASP G 207 -28.21 -1.47 -11.70
N THR G 208 -27.96 -0.61 -10.72
CA THR G 208 -28.01 0.82 -10.97
C THR G 208 -26.78 1.34 -11.70
N ASN G 209 -25.77 0.52 -11.95
CA ASN G 209 -24.68 0.93 -12.81
C ASN G 209 -24.90 0.54 -14.26
N ILE G 210 -25.69 -0.49 -14.52
CA ILE G 210 -26.07 -0.77 -15.91
C ILE G 210 -27.06 0.28 -16.39
N ARG G 211 -28.03 0.63 -15.55
CA ARG G 211 -29.04 1.62 -15.93
C ARG G 211 -28.44 3.00 -16.09
N TYR G 212 -27.36 3.29 -15.36
CA TYR G 212 -26.67 4.56 -15.48
C TYR G 212 -25.85 4.67 -16.75
N ILE G 213 -25.42 3.55 -17.32
CA ILE G 213 -24.69 3.60 -18.59
C ILE G 213 -25.64 3.89 -19.74
N TRP G 214 -26.79 3.23 -19.77
CA TRP G 214 -27.81 3.54 -20.77
C TRP G 214 -28.44 4.90 -20.56
N TYR G 215 -28.41 5.44 -19.34
CA TYR G 215 -28.84 6.81 -19.14
C TYR G 215 -27.90 7.78 -19.86
N ARG G 216 -26.60 7.62 -19.68
CA ARG G 216 -25.65 8.58 -20.21
C ARG G 216 -25.35 8.37 -21.69
N MET G 217 -25.89 7.33 -22.30
CA MET G 217 -25.81 7.24 -23.75
C MET G 217 -26.89 8.09 -24.40
N ASN G 218 -28.00 8.32 -23.72
CA ASN G 218 -29.03 9.24 -24.19
C ASN G 218 -28.67 10.68 -23.99
N GLN G 219 -27.83 10.97 -23.01
CA GLN G 219 -27.33 12.33 -22.90
C GLN G 219 -26.39 12.67 -24.05
N LEU G 220 -25.74 11.67 -24.63
CA LEU G 220 -25.06 11.90 -25.89
C LEU G 220 -26.05 11.93 -27.05
N ARG G 221 -27.11 11.14 -26.96
CA ARG G 221 -28.06 11.06 -28.05
C ARG G 221 -28.93 12.31 -28.14
N GLU G 222 -29.34 12.86 -27.00
CA GLU G 222 -30.18 14.03 -27.02
C GLU G 222 -29.41 15.32 -27.30
N GLN G 223 -28.16 15.40 -26.85
CA GLN G 223 -27.35 16.58 -27.12
C GLN G 223 -26.89 16.65 -28.56
N SER G 224 -26.89 15.53 -29.28
CA SER G 224 -26.49 15.54 -30.68
C SER G 224 -27.58 16.05 -31.60
N GLN G 225 -28.80 16.25 -31.08
CA GLN G 225 -29.89 16.95 -31.76
C GLN G 225 -30.31 16.27 -33.06
N LEU G 226 -30.30 14.93 -33.05
CA LEU G 226 -30.83 14.19 -34.17
C LEU G 226 -32.35 14.32 -34.22
N GLY G 227 -32.92 13.91 -35.35
CA GLY G 227 -34.34 14.02 -35.54
C GLY G 227 -35.12 12.99 -34.73
N VAL G 228 -36.43 12.99 -34.96
CA VAL G 228 -37.25 11.94 -34.37
C VAL G 228 -36.99 10.62 -35.06
N LYS G 229 -36.72 10.65 -36.37
CA LYS G 229 -36.51 9.42 -37.12
C LYS G 229 -35.14 8.81 -36.83
N HIS G 230 -34.10 9.64 -36.78
CA HIS G 230 -32.74 9.12 -36.73
C HIS G 230 -32.25 8.81 -35.33
N SER G 231 -32.82 9.43 -34.31
CA SER G 231 -32.45 9.08 -32.94
C SER G 231 -33.08 7.78 -32.48
N GLN G 232 -34.07 7.27 -33.21
CA GLN G 232 -34.76 6.04 -32.84
C GLN G 232 -34.37 4.87 -33.72
N ALA G 233 -33.26 4.97 -34.44
CA ALA G 233 -32.93 3.97 -35.45
C ALA G 233 -32.20 2.78 -34.87
N ARG G 234 -31.24 3.02 -33.98
CA ARG G 234 -30.41 1.95 -33.40
C ARG G 234 -31.03 1.52 -32.08
N ARG G 235 -31.61 0.34 -32.05
CA ARG G 235 -32.36 -0.16 -30.90
C ARG G 235 -31.56 -1.23 -30.18
N CYS G 236 -31.93 -1.47 -28.93
CA CYS G 236 -31.45 -2.61 -28.17
C CYS G 236 -32.65 -3.47 -27.79
N PHE G 237 -32.39 -4.74 -27.50
CA PHE G 237 -33.45 -5.72 -27.35
C PHE G 237 -33.36 -6.41 -26.00
N PHE G 238 -34.51 -6.63 -25.39
CA PHE G 238 -34.62 -7.04 -23.99
C PHE G 238 -35.59 -8.22 -23.90
N ALA G 239 -35.06 -9.43 -24.03
CA ALA G 239 -35.88 -10.63 -24.01
C ALA G 239 -36.19 -11.01 -22.56
N THR G 240 -37.48 -11.04 -22.22
CA THR G 240 -37.90 -11.26 -20.85
C THR G 240 -39.25 -11.94 -20.83
N HIS G 241 -39.39 -12.98 -20.01
CA HIS G 241 -40.66 -13.66 -19.86
C HIS G 241 -41.65 -12.81 -19.07
N GLY G 242 -41.18 -12.13 -18.04
CA GLY G 242 -42.06 -11.55 -17.05
C GLY G 242 -41.83 -10.09 -16.71
N ALA G 243 -41.58 -9.25 -17.71
CA ALA G 243 -41.46 -7.83 -17.46
C ALA G 243 -42.80 -7.26 -17.02
N GLY G 244 -42.76 -6.29 -16.11
CA GLY G 244 -43.98 -5.77 -15.53
C GLY G 244 -44.71 -4.78 -16.40
N LEU G 245 -45.30 -3.76 -15.78
CA LEU G 245 -46.00 -2.73 -16.51
C LEU G 245 -45.28 -1.40 -16.53
N VAL G 246 -44.34 -1.18 -15.62
CA VAL G 246 -43.60 0.07 -15.52
C VAL G 246 -42.29 0.00 -16.27
N GLN G 247 -41.54 -1.08 -16.08
CA GLN G 247 -40.20 -1.17 -16.64
C GLN G 247 -40.08 -1.17 -18.17
N PRO G 248 -41.00 -1.75 -18.98
CA PRO G 248 -40.86 -1.56 -20.42
C PRO G 248 -41.01 -0.14 -20.91
N ASP G 249 -41.76 0.71 -20.21
CA ASP G 249 -41.88 2.10 -20.65
C ASP G 249 -40.73 2.96 -20.19
N ILE G 250 -40.02 2.58 -19.13
CA ILE G 250 -38.82 3.30 -18.73
C ILE G 250 -37.72 3.09 -19.76
N LEU G 251 -37.62 1.87 -20.29
CA LEU G 251 -36.55 1.51 -21.20
C LEU G 251 -36.80 1.96 -22.63
N GLN G 252 -38.01 2.36 -22.98
CA GLN G 252 -38.27 2.96 -24.28
C GLN G 252 -37.54 4.28 -24.45
N GLN G 253 -37.30 4.98 -23.33
CA GLN G 253 -36.48 6.18 -23.35
C GLN G 253 -35.07 5.91 -23.82
N TRP G 254 -34.57 4.70 -23.56
CA TRP G 254 -33.17 4.40 -23.76
C TRP G 254 -32.96 3.53 -25.00
N ASN G 255 -33.93 3.54 -25.91
CA ASN G 255 -33.96 2.73 -27.14
C ASN G 255 -33.79 1.24 -26.86
N ILE G 256 -34.57 0.73 -25.92
CA ILE G 256 -34.55 -0.67 -25.56
C ILE G 256 -35.94 -1.23 -25.79
N ASP G 257 -36.06 -2.17 -26.72
CA ASP G 257 -37.31 -2.81 -27.03
C ASP G 257 -37.42 -4.13 -26.27
N VAL G 258 -38.64 -4.49 -25.89
CA VAL G 258 -38.89 -5.67 -25.09
C VAL G 258 -39.39 -6.78 -26.00
N ILE G 259 -38.78 -7.96 -25.91
CA ILE G 259 -39.21 -9.14 -26.64
C ILE G 259 -39.91 -10.05 -25.64
N GLN G 260 -41.21 -10.23 -25.79
CA GLN G 260 -41.98 -11.05 -24.87
C GLN G 260 -41.80 -12.52 -25.23
N LEU G 261 -41.23 -13.29 -24.32
CA LEU G 261 -41.06 -14.72 -24.51
C LEU G 261 -42.15 -15.48 -23.77
N ASP G 262 -42.35 -16.72 -24.17
CA ASP G 262 -43.42 -17.53 -23.62
C ASP G 262 -43.05 -18.01 -22.22
N PRO G 263 -43.80 -17.62 -21.18
CA PRO G 263 -43.38 -17.92 -19.81
C PRO G 263 -43.69 -19.32 -19.34
N THR G 264 -44.30 -20.17 -20.17
CA THR G 264 -44.63 -21.52 -19.73
C THR G 264 -43.38 -22.39 -19.63
N ASP G 265 -42.50 -22.29 -20.62
CA ASP G 265 -41.21 -22.98 -20.60
C ASP G 265 -40.14 -21.92 -20.86
N LYS G 266 -39.39 -21.56 -19.82
CA LYS G 266 -38.43 -20.47 -19.96
C LYS G 266 -37.23 -20.86 -20.80
N SER G 267 -36.79 -22.11 -20.72
CA SER G 267 -35.58 -22.52 -21.40
C SER G 267 -35.81 -22.70 -22.90
N ALA G 268 -36.98 -23.21 -23.28
CA ALA G 268 -37.25 -23.43 -24.69
C ALA G 268 -37.59 -22.15 -25.43
N SER G 269 -38.09 -21.14 -24.71
CA SER G 269 -38.41 -19.87 -25.35
C SER G 269 -37.15 -19.11 -25.71
N VAL G 270 -36.13 -19.19 -24.86
CA VAL G 270 -34.86 -18.54 -25.14
C VAL G 270 -34.15 -19.25 -26.28
N ALA G 271 -34.21 -20.59 -26.29
CA ALA G 271 -33.51 -21.36 -27.31
C ALA G 271 -34.10 -21.14 -28.69
N ARG G 272 -35.42 -20.95 -28.78
CA ARG G 272 -36.01 -20.62 -30.07
C ARG G 272 -35.65 -19.22 -30.54
N LEU G 273 -35.33 -18.31 -29.62
CA LEU G 273 -34.88 -16.98 -30.01
C LEU G 273 -33.48 -17.03 -30.59
N LEU G 274 -32.59 -17.78 -29.96
CA LEU G 274 -31.22 -17.87 -30.44
C LEU G 274 -31.10 -18.69 -31.72
N GLU G 275 -32.04 -19.59 -31.97
CA GLU G 275 -32.04 -20.32 -33.22
C GLU G 275 -32.65 -19.53 -34.36
N SER G 276 -33.48 -18.53 -34.04
CA SER G 276 -34.05 -17.68 -35.08
C SER G 276 -33.07 -16.64 -35.59
N ILE G 277 -31.99 -16.40 -34.86
CA ILE G 277 -30.97 -15.46 -35.35
C ILE G 277 -30.16 -16.09 -36.46
N ALA G 278 -29.91 -17.40 -36.36
CA ALA G 278 -29.18 -18.14 -37.38
C ALA G 278 -29.95 -18.22 -38.68
N THR H 2 -23.68 -0.46 20.93
CA THR H 2 -23.50 -0.35 19.49
C THR H 2 -24.31 0.81 18.93
N THR H 3 -25.06 1.48 19.80
CA THR H 3 -25.96 2.55 19.38
C THR H 3 -26.09 3.54 20.52
N LEU H 4 -25.89 4.82 20.23
CA LEU H 4 -25.99 5.86 21.24
C LEU H 4 -27.44 6.06 21.67
N THR H 5 -27.62 6.40 22.93
CA THR H 5 -28.92 6.80 23.42
C THR H 5 -29.01 8.32 23.36
N LEU H 6 -30.09 8.88 23.90
CA LEU H 6 -30.27 10.33 23.85
C LEU H 6 -29.36 11.04 24.83
N SER H 7 -29.19 10.50 26.04
CA SER H 7 -28.34 11.14 27.02
C SER H 7 -26.86 10.95 26.73
N GLU H 8 -26.49 9.89 26.01
CA GLU H 8 -25.10 9.70 25.64
C GLU H 8 -24.68 10.64 24.52
N ALA H 9 -25.56 10.87 23.56
CA ALA H 9 -25.25 11.68 22.39
C ALA H 9 -25.38 13.17 22.66
N ALA H 10 -26.05 13.56 23.73
CA ALA H 10 -26.26 14.97 24.05
C ALA H 10 -24.97 15.76 24.35
N PRO H 11 -23.98 15.27 25.12
CA PRO H 11 -22.74 16.06 25.23
C PRO H 11 -21.89 16.04 23.98
N LEU H 12 -22.07 15.05 23.11
CA LEU H 12 -21.33 15.04 21.85
C LEU H 12 -21.90 16.06 20.88
N LEU H 13 -23.19 16.33 20.95
CA LEU H 13 -23.79 17.32 20.07
C LEU H 13 -23.61 18.74 20.59
N LYS H 14 -23.46 18.92 21.90
CA LYS H 14 -23.18 20.26 22.43
C LYS H 14 -21.81 20.73 22.03
N LYS H 15 -20.83 19.82 21.97
CA LYS H 15 -19.47 20.22 21.66
C LYS H 15 -19.34 20.66 20.22
N GLU H 16 -19.98 19.94 19.30
CA GLU H 16 -19.93 20.33 17.90
C GLU H 16 -20.77 21.55 17.61
N PHE H 17 -21.81 21.81 18.41
CA PHE H 17 -22.64 22.98 18.15
C PHE H 17 -21.99 24.26 18.65
N ARG H 18 -21.33 24.22 19.81
CA ARG H 18 -20.70 25.43 20.32
C ARG H 18 -19.44 25.79 19.54
N GLU H 19 -18.88 24.85 18.79
CA GLU H 19 -17.81 25.16 17.86
C GLU H 19 -18.32 25.58 16.50
N GLY H 20 -19.63 25.53 16.27
CA GLY H 20 -20.18 25.93 14.99
C GLY H 20 -19.96 24.93 13.88
N ARG H 21 -19.84 23.64 14.19
CA ARG H 21 -19.48 22.63 13.22
C ARG H 21 -20.52 21.51 13.17
N LEU H 22 -21.76 21.82 13.51
CA LEU H 22 -22.87 20.88 13.45
C LEU H 22 -23.91 21.42 12.50
N ILE H 23 -24.34 20.60 11.54
CA ILE H 23 -25.29 21.00 10.51
C ILE H 23 -26.44 20.00 10.46
N PRO H 24 -27.69 20.42 10.61
CA PRO H 24 -28.81 19.48 10.53
C PRO H 24 -29.09 19.07 9.10
N PHE H 25 -29.51 17.82 8.94
CA PHE H 25 -29.93 17.29 7.64
C PHE H 25 -31.33 16.72 7.85
N LEU H 26 -32.34 17.34 7.26
CA LEU H 26 -33.73 17.03 7.58
C LEU H 26 -34.39 16.30 6.42
N GLY H 27 -35.15 15.26 6.75
CA GLY H 27 -35.76 14.41 5.77
C GLY H 27 -37.27 14.54 5.72
N ALA H 28 -37.90 13.56 5.09
CA ALA H 28 -39.35 13.60 4.92
C ALA H 28 -40.09 13.29 6.21
N GLY H 29 -39.46 12.60 7.14
CA GLY H 29 -40.09 12.34 8.42
C GLY H 29 -40.15 13.54 9.33
N PHE H 30 -39.45 14.62 8.99
CA PHE H 30 -39.50 15.83 9.78
C PHE H 30 -40.76 16.63 9.51
N SER H 31 -41.41 16.39 8.37
CA SER H 31 -42.67 17.05 8.04
C SER H 31 -43.86 16.14 8.21
N LYS H 32 -43.68 14.98 8.82
CA LYS H 32 -44.76 14.04 9.13
C LYS H 32 -45.77 14.56 10.15
N PRO H 33 -45.42 15.31 11.22
CA PRO H 33 -46.47 15.89 12.06
C PRO H 33 -47.27 17.00 11.42
N LEU H 34 -46.87 17.48 10.24
CA LEU H 34 -47.66 18.46 9.51
C LEU H 34 -48.70 17.81 8.62
N LYS H 35 -48.92 16.50 8.79
CA LYS H 35 -49.87 15.70 8.01
C LYS H 35 -49.56 15.74 6.52
N LEU H 36 -48.31 15.62 6.20
CA LEU H 36 -47.91 15.60 4.81
C LEU H 36 -47.58 14.18 4.37
N PRO H 37 -47.70 13.89 3.09
CA PRO H 37 -47.26 12.59 2.57
C PRO H 37 -45.77 12.37 2.74
N ASP H 38 -45.39 11.13 3.03
CA ASP H 38 -44.00 10.71 2.90
C ASP H 38 -43.82 10.11 1.49
N GLY H 39 -42.72 9.39 1.28
CA GLY H 39 -42.46 8.78 -0.01
C GLY H 39 -43.42 7.67 -0.41
N SER H 40 -44.24 7.17 0.51
CA SER H 40 -45.22 6.15 0.19
C SER H 40 -46.59 6.70 -0.14
N GLN H 41 -47.02 7.79 0.50
CA GLN H 41 -48.32 8.36 0.15
C GLN H 41 -48.28 9.18 -1.13
N LEU H 42 -47.12 9.59 -1.62
CA LEU H 42 -47.06 10.15 -2.97
C LEU H 42 -47.37 9.10 -4.02
N ILE H 43 -46.77 7.92 -3.88
CA ILE H 43 -46.97 6.83 -4.83
C ILE H 43 -48.41 6.33 -4.80
N ALA H 44 -49.06 6.41 -3.64
CA ALA H 44 -50.48 6.11 -3.58
C ALA H 44 -51.31 7.15 -4.31
N SER H 45 -50.81 8.39 -4.40
CA SER H 45 -51.52 9.42 -5.14
C SER H 45 -51.18 9.40 -6.62
N LEU H 46 -49.99 8.95 -6.99
CA LEU H 46 -49.66 8.81 -8.41
C LEU H 46 -50.39 7.62 -9.01
N ALA H 47 -50.63 6.58 -8.23
CA ALA H 47 -51.33 5.40 -8.72
C ALA H 47 -52.80 5.68 -8.97
N LYS H 48 -53.38 6.60 -8.21
CA LYS H 48 -54.78 6.95 -8.40
C LYS H 48 -54.98 7.71 -9.71
N THR H 49 -54.00 8.55 -10.07
CA THR H 49 -54.10 9.31 -11.32
C THR H 49 -53.91 8.41 -12.52
N LEU H 50 -52.99 7.45 -12.44
CA LEU H 50 -52.69 6.56 -13.55
C LEU H 50 -53.71 5.45 -13.72
N GLY H 51 -54.60 5.24 -12.74
CA GLY H 51 -55.55 4.16 -12.82
C GLY H 51 -55.10 2.85 -12.23
N PHE H 52 -54.07 2.87 -11.39
CA PHE H 52 -53.57 1.69 -10.72
C PHE H 52 -54.20 1.54 -9.34
N GLU H 53 -54.28 0.33 -8.88
CA GLU H 53 -54.47 0.16 -7.46
C GLU H 53 -53.16 0.43 -6.73
N PRO H 54 -53.18 1.09 -5.58
CA PRO H 54 -51.92 1.52 -4.95
C PRO H 54 -51.04 0.38 -4.47
N GLU H 55 -51.59 -0.81 -4.23
CA GLU H 55 -50.77 -1.94 -3.86
C GLU H 55 -50.20 -2.66 -5.06
N LEU H 56 -50.88 -2.61 -6.21
CA LEU H 56 -50.34 -3.19 -7.42
C LEU H 56 -49.30 -2.30 -8.07
N PHE H 57 -49.43 -0.98 -7.92
CA PHE H 57 -48.47 -0.07 -8.53
C PHE H 57 -47.14 -0.09 -7.81
N ASP H 58 -47.14 -0.44 -6.53
CA ASP H 58 -45.93 -0.42 -5.73
C ASP H 58 -44.97 -1.53 -6.10
N MET H 59 -45.49 -2.65 -6.64
CA MET H 59 -44.61 -3.83 -6.89
C MET H 59 -44.05 -3.87 -8.31
N HIS H 60 -44.07 -2.74 -9.04
CA HIS H 60 -43.48 -2.71 -10.37
C HIS H 60 -42.16 -1.96 -10.42
N GLY H 61 -41.67 -1.46 -9.30
CA GLY H 61 -40.40 -0.75 -9.33
C GLY H 61 -40.20 0.01 -8.04
N ARG H 62 -39.04 0.66 -7.97
CA ARG H 62 -38.71 1.44 -6.80
C ARG H 62 -39.34 2.82 -6.88
N PHE H 63 -39.11 3.63 -5.84
CA PHE H 63 -39.73 4.96 -5.74
C PHE H 63 -39.30 5.88 -6.86
N GLU H 64 -38.03 5.81 -7.26
CA GLU H 64 -37.53 6.64 -8.33
C GLU H 64 -38.12 6.23 -9.67
N GLN H 65 -38.39 4.95 -9.84
CA GLN H 65 -38.83 4.40 -11.11
C GLN H 65 -40.32 4.54 -11.32
N LEU H 66 -41.10 4.56 -10.25
CA LEU H 66 -42.53 4.77 -10.40
C LEU H 66 -42.86 6.22 -10.70
N ALA H 67 -42.03 7.15 -10.21
CA ALA H 67 -42.21 8.55 -10.54
C ALA H 67 -41.71 8.87 -11.94
N GLU H 68 -40.71 8.13 -12.41
CA GLU H 68 -40.29 8.25 -13.81
C GLU H 68 -41.38 7.76 -14.75
N PHE H 69 -42.09 6.71 -14.37
CA PHE H 69 -43.21 6.21 -15.17
C PHE H 69 -44.37 7.18 -15.16
N PHE H 70 -44.57 7.89 -14.06
CA PHE H 70 -45.65 8.86 -13.99
C PHE H 70 -45.38 10.06 -14.90
N ALA H 71 -44.14 10.55 -14.90
CA ALA H 71 -43.82 11.79 -15.60
C ALA H 71 -43.85 11.65 -17.11
N ILE H 72 -43.77 10.44 -17.64
CA ILE H 72 -43.77 10.21 -19.08
C ILE H 72 -45.07 9.58 -19.55
N SER H 73 -46.09 9.55 -18.70
CA SER H 73 -47.36 8.98 -19.10
C SER H 73 -48.11 9.89 -20.06
N ALA H 74 -47.94 11.19 -19.89
CA ALA H 74 -48.61 12.19 -20.70
C ALA H 74 -47.76 13.45 -20.66
N PRO H 75 -47.92 14.34 -21.63
CA PRO H 75 -47.22 15.63 -21.55
C PRO H 75 -47.74 16.46 -20.39
N ASN H 76 -46.83 17.24 -19.81
CA ASN H 76 -47.11 18.17 -18.71
C ASN H 76 -47.64 17.47 -17.47
N ARG H 77 -47.28 16.19 -17.30
CA ARG H 77 -47.78 15.42 -16.17
C ARG H 77 -46.97 15.70 -14.91
N LEU H 78 -45.70 16.03 -15.07
CA LEU H 78 -44.88 16.40 -13.91
C LEU H 78 -45.17 17.80 -13.42
N GLN H 79 -45.47 18.72 -14.33
CA GLN H 79 -45.80 20.12 -13.95
C GLN H 79 -47.04 20.10 -13.05
N ARG H 80 -48.04 19.29 -13.41
CA ARG H 80 -49.31 19.21 -12.62
C ARG H 80 -48.98 18.71 -11.21
N LEU H 81 -48.11 17.72 -11.09
CA LEU H 81 -47.77 17.14 -9.76
C LEU H 81 -47.21 18.24 -8.86
N VAL H 82 -46.28 19.05 -9.39
CA VAL H 82 -45.66 20.14 -8.57
C VAL H 82 -46.76 21.09 -8.12
N TYR H 83 -47.67 21.44 -9.02
CA TYR H 83 -48.80 22.36 -8.68
C TYR H 83 -49.62 21.74 -7.55
N GLU H 84 -49.98 20.46 -7.68
CA GLU H 84 -50.81 19.78 -6.65
C GLU H 84 -50.05 19.72 -5.33
N MET H 85 -48.76 19.37 -5.39
CA MET H 85 -47.94 19.26 -4.15
C MET H 85 -47.87 20.63 -3.47
N SER H 86 -47.69 21.71 -4.25
CA SER H 86 -47.61 23.07 -3.68
C SER H 86 -48.89 23.38 -2.90
N LEU H 87 -50.05 23.06 -3.46
CA LEU H 87 -51.34 23.37 -2.79
C LEU H 87 -51.50 22.52 -1.54
N SER H 88 -50.92 21.32 -1.52
CA SER H 88 -51.11 20.40 -0.36
C SER H 88 -50.00 20.54 0.67
N PHE H 89 -48.75 20.69 0.24
CA PHE H 89 -47.64 20.73 1.19
C PHE H 89 -47.55 22.07 1.88
N ASP H 90 -47.73 23.16 1.14
CA ASP H 90 -47.58 24.50 1.68
C ASP H 90 -48.92 25.18 1.92
N SER H 91 -49.94 24.41 2.27
CA SER H 91 -51.27 24.96 2.50
C SER H 91 -51.31 25.73 3.81
N ALA H 92 -52.40 26.46 4.02
CA ALA H 92 -52.53 27.29 5.21
C ALA H 92 -52.74 26.46 6.46
N GLU H 93 -53.37 25.30 6.35
CA GLU H 93 -53.53 24.45 7.51
C GLU H 93 -52.26 23.69 7.86
N ALA H 94 -51.33 23.55 6.91
CA ALA H 94 -50.02 23.03 7.25
C ALA H 94 -49.14 24.11 7.87
N GLU H 95 -49.42 25.38 7.56
CA GLU H 95 -48.77 26.48 8.25
C GLU H 95 -49.20 26.55 9.71
N ALA H 96 -50.48 26.32 9.97
CA ALA H 96 -51.02 26.46 11.32
C ALA H 96 -50.57 25.32 12.22
N LEU H 97 -50.34 24.14 11.66
CA LEU H 97 -49.76 23.04 12.43
C LEU H 97 -48.27 23.23 12.68
N ARG H 98 -47.65 24.21 12.04
CA ARG H 98 -46.21 24.34 12.06
C ARG H 98 -45.74 25.29 13.16
N GLU H 99 -46.58 26.24 13.59
CA GLU H 99 -46.19 27.06 14.73
C GLU H 99 -46.30 26.29 16.04
N LYS H 100 -47.29 25.42 16.15
CA LYS H 100 -47.50 24.66 17.38
C LYS H 100 -46.79 23.32 17.36
N SER H 101 -45.92 23.08 16.39
CA SER H 101 -45.15 21.86 16.36
C SER H 101 -43.93 22.00 17.27
N PRO H 102 -43.72 21.08 18.21
CA PRO H 102 -42.56 21.20 19.11
C PRO H 102 -41.23 20.94 18.44
N MET H 103 -41.18 20.20 17.33
CA MET H 103 -39.91 19.98 16.66
C MET H 103 -39.45 21.24 15.94
N HIS H 104 -40.38 21.91 15.27
CA HIS H 104 -40.02 23.10 14.50
C HIS H 104 -39.73 24.27 15.41
N ARG H 105 -40.30 24.30 16.61
CA ARG H 105 -39.92 25.31 17.58
C ARG H 105 -38.54 25.04 18.15
N ALA H 106 -38.23 23.77 18.40
CA ALA H 106 -36.93 23.43 18.98
C ALA H 106 -35.82 23.54 17.95
N LEU H 107 -36.15 23.38 16.67
CA LEU H 107 -35.16 23.58 15.63
C LEU H 107 -34.80 25.04 15.47
N ALA H 108 -35.79 25.91 15.48
CA ALA H 108 -35.56 27.33 15.27
C ALA H 108 -35.03 28.04 16.51
N ALA H 109 -35.07 27.40 17.68
CA ALA H 109 -34.55 28.03 18.88
C ALA H 109 -33.02 28.06 18.88
N LEU H 110 -32.39 27.17 18.14
CA LEU H 110 -30.95 27.13 18.03
C LEU H 110 -30.48 28.07 16.93
N ASP H 111 -29.25 28.56 17.05
CA ASP H 111 -28.72 29.54 16.13
C ASP H 111 -27.84 28.81 15.12
N TRP H 112 -28.49 28.20 14.14
CA TRP H 112 -27.78 27.46 13.11
C TRP H 112 -27.20 28.43 12.09
N ARG H 113 -26.30 27.92 11.26
CA ARG H 113 -25.79 28.66 10.13
C ARG H 113 -26.10 28.01 8.79
N THR H 114 -26.26 26.70 8.74
CA THR H 114 -26.59 26.01 7.51
C THR H 114 -27.53 24.86 7.85
N ILE H 115 -28.60 24.71 7.10
CA ILE H 115 -29.53 23.59 7.25
C ILE H 115 -29.77 23.00 5.87
N TYR H 116 -29.61 21.68 5.76
CA TYR H 116 -29.90 20.95 4.54
C TYR H 116 -31.21 20.19 4.70
N THR H 117 -32.05 20.23 3.67
CA THR H 117 -33.29 19.46 3.64
C THR H 117 -33.45 18.78 2.29
N THR H 118 -34.13 17.64 2.28
CA THR H 118 -34.47 16.95 1.04
C THR H 118 -35.97 16.89 0.81
N ASN H 119 -36.74 17.79 1.39
CA ASN H 119 -38.17 17.79 1.19
C ASN H 119 -38.63 19.10 0.55
N TYR H 120 -39.73 19.03 -0.18
CA TYR H 120 -40.21 20.13 -1.00
C TYR H 120 -41.31 20.87 -0.26
N ASP H 121 -40.93 21.67 0.73
CA ASP H 121 -41.91 22.42 1.49
C ASP H 121 -41.19 23.55 2.21
N LYS H 122 -41.92 24.64 2.44
CA LYS H 122 -41.33 25.79 3.11
C LYS H 122 -41.54 25.75 4.63
N HIS H 123 -41.31 24.60 5.22
CA HIS H 123 -41.60 24.44 6.64
C HIS H 123 -40.34 24.34 7.49
N VAL H 124 -39.17 24.39 6.88
CA VAL H 124 -37.92 24.48 7.61
C VAL H 124 -37.42 25.91 7.68
N GLU H 125 -37.45 26.62 6.55
CA GLU H 125 -37.23 28.05 6.62
C GLU H 125 -38.44 28.77 7.19
N GLY H 126 -39.63 28.20 7.03
CA GLY H 126 -40.81 28.80 7.63
C GLY H 126 -40.82 28.69 9.14
N ALA H 127 -40.17 27.66 9.69
CA ALA H 127 -40.01 27.57 11.13
C ALA H 127 -39.07 28.65 11.66
N LEU H 128 -38.09 29.04 10.85
CA LEU H 128 -37.18 30.10 11.27
C LEU H 128 -37.83 31.46 11.21
N ARG H 129 -38.74 31.68 10.26
CA ARG H 129 -39.50 32.93 10.22
C ARG H 129 -40.48 33.02 11.37
N ASP H 130 -40.95 31.88 11.88
CA ASP H 130 -41.89 31.90 12.99
C ASP H 130 -41.22 32.33 14.29
N ALA H 131 -39.94 32.04 14.44
CA ALA H 131 -39.19 32.40 15.64
C ALA H 131 -38.57 33.78 15.55
N GLY H 132 -38.97 34.60 14.58
CA GLY H 132 -38.40 35.91 14.41
C GLY H 132 -37.10 35.94 13.65
N LYS H 133 -36.47 34.80 13.41
CA LYS H 133 -35.24 34.74 12.65
C LYS H 133 -35.53 34.84 11.17
N GLN H 134 -34.49 35.03 10.38
CA GLN H 134 -34.63 35.11 8.94
C GLN H 134 -33.72 34.09 8.29
N ALA H 135 -34.19 33.52 7.19
CA ALA H 135 -33.51 32.44 6.50
C ALA H 135 -33.29 32.80 5.05
N ALA H 136 -32.47 32.00 4.38
CA ALA H 136 -32.12 32.24 2.98
C ALA H 136 -32.17 30.91 2.26
N VAL H 137 -33.16 30.73 1.41
CA VAL H 137 -33.34 29.48 0.69
C VAL H 137 -32.40 29.46 -0.50
N LEU H 138 -31.60 28.41 -0.60
CA LEU H 138 -30.65 28.25 -1.70
C LEU H 138 -30.97 26.92 -2.39
N ALA H 139 -31.45 26.99 -3.60
CA ALA H 139 -31.81 25.78 -4.32
C ALA H 139 -31.16 25.66 -5.68
N SER H 140 -31.02 26.76 -6.41
CA SER H 140 -30.53 26.76 -7.77
C SER H 140 -29.26 27.58 -7.87
N PHE H 141 -28.70 27.67 -9.07
CA PHE H 141 -27.48 28.44 -9.29
C PHE H 141 -27.72 29.93 -9.09
N ALA H 142 -28.91 30.42 -9.43
CA ALA H 142 -29.20 31.83 -9.27
C ALA H 142 -29.38 32.23 -7.82
N ASP H 143 -29.71 31.28 -6.95
CA ASP H 143 -29.84 31.59 -5.54
C ASP H 143 -28.49 31.74 -4.88
N PHE H 144 -27.52 30.91 -5.26
CA PHE H 144 -26.19 30.99 -4.68
C PHE H 144 -25.49 32.28 -5.07
N GLN H 145 -25.71 32.77 -6.28
CA GLN H 145 -25.10 34.03 -6.69
C GLN H 145 -25.97 35.24 -6.40
N GLY H 146 -27.17 35.03 -5.86
CA GLY H 146 -28.01 36.15 -5.51
C GLY H 146 -27.54 36.83 -4.24
N PRO H 147 -28.15 37.96 -3.93
CA PRO H 147 -27.78 38.69 -2.71
C PRO H 147 -28.45 38.10 -1.48
N ARG H 148 -27.69 37.94 -0.42
CA ARG H 148 -28.18 37.62 0.90
C ARG H 148 -27.78 38.70 1.89
N ALA H 149 -28.17 38.50 3.13
CA ALA H 149 -27.70 39.36 4.21
C ALA H 149 -26.40 38.75 4.77
N ARG H 150 -25.88 39.35 5.84
CA ARG H 150 -24.53 39.03 6.28
C ARG H 150 -24.47 37.72 7.03
N ASP H 151 -25.18 37.63 8.16
CA ASP H 151 -25.17 36.43 9.00
C ASP H 151 -26.60 35.93 9.10
N VAL H 152 -26.99 35.11 8.14
CA VAL H 152 -28.33 34.55 8.02
C VAL H 152 -28.20 33.07 7.75
N CYS H 153 -29.00 32.26 8.44
CA CYS H 153 -29.01 30.82 8.24
C CYS H 153 -29.41 30.48 6.82
N GLU H 154 -28.52 29.79 6.12
CA GLU H 154 -28.74 29.39 4.73
C GLU H 154 -29.40 28.02 4.73
N VAL H 155 -30.63 27.95 4.23
CA VAL H 155 -31.35 26.69 4.12
C VAL H 155 -31.11 26.15 2.72
N ILE H 156 -30.39 25.03 2.62
CA ILE H 156 -30.05 24.45 1.33
C ILE H 156 -31.11 23.42 0.99
N LYS H 157 -32.00 23.75 0.06
CA LYS H 157 -32.95 22.78 -0.45
C LYS H 157 -32.22 21.83 -1.38
N PHE H 158 -31.85 20.67 -0.83
CA PHE H 158 -30.94 19.77 -1.55
C PHE H 158 -31.62 19.09 -2.73
N HIS H 159 -32.91 18.81 -2.62
CA HIS H 159 -33.63 18.17 -3.72
C HIS H 159 -34.54 19.12 -4.48
N GLY H 160 -34.61 20.38 -4.11
CA GLY H 160 -35.37 21.35 -4.86
C GLY H 160 -36.49 21.97 -4.04
N THR H 161 -37.11 22.97 -4.62
CA THR H 161 -38.16 23.72 -3.97
C THR H 161 -39.36 23.76 -4.89
N LEU H 162 -40.55 23.93 -4.31
CA LEU H 162 -41.76 23.93 -5.13
C LEU H 162 -41.94 25.22 -5.91
N ASP H 163 -41.31 26.32 -5.49
CA ASP H 163 -41.43 27.56 -6.25
C ASP H 163 -40.45 27.66 -7.39
N GLN H 164 -39.55 26.69 -7.52
CA GLN H 164 -38.65 26.57 -8.65
C GLN H 164 -38.77 25.13 -9.14
N PRO H 165 -39.73 24.84 -10.01
CA PRO H 165 -40.03 23.43 -10.35
C PRO H 165 -38.97 22.74 -11.18
N ASP H 166 -38.00 23.48 -11.73
CA ASP H 166 -36.91 22.83 -12.45
C ASP H 166 -35.89 22.19 -11.53
N THR H 167 -35.90 22.53 -10.24
CA THR H 167 -34.91 22.03 -9.31
C THR H 167 -35.35 20.76 -8.60
N ILE H 168 -36.59 20.33 -8.77
CA ILE H 168 -37.11 19.19 -8.05
C ILE H 168 -36.57 17.90 -8.67
N VAL H 169 -35.92 17.08 -7.86
CA VAL H 169 -35.47 15.77 -8.30
C VAL H 169 -36.40 14.74 -7.68
N LEU H 170 -37.23 14.15 -8.50
CA LEU H 170 -38.18 13.15 -8.07
C LEU H 170 -38.12 11.89 -8.92
N THR H 171 -37.93 12.03 -10.23
CA THR H 171 -37.93 10.91 -11.14
C THR H 171 -36.56 10.26 -11.18
N GLU H 172 -36.48 9.10 -11.82
CA GLU H 172 -35.22 8.37 -11.86
C GLU H 172 -34.17 9.08 -12.69
N SER H 173 -34.59 9.73 -13.78
CA SER H 173 -33.67 10.48 -14.63
C SER H 173 -33.10 11.68 -13.92
N SER H 174 -33.82 12.24 -12.95
CA SER H 174 -33.27 13.36 -12.19
C SER H 174 -32.31 12.89 -11.11
N TYR H 175 -32.46 11.67 -10.59
CA TYR H 175 -31.46 11.14 -9.68
C TYR H 175 -30.19 10.75 -10.41
N PHE H 176 -30.31 10.26 -11.65
CA PHE H 176 -29.12 9.94 -12.44
C PHE H 176 -28.39 11.20 -12.87
N GLN H 177 -29.10 12.31 -13.04
CA GLN H 177 -28.45 13.56 -13.38
C GLN H 177 -27.68 14.12 -12.21
N ARG H 178 -28.02 13.74 -10.99
CA ARG H 178 -27.32 14.17 -9.80
C ARG H 178 -26.20 13.22 -9.40
N MET H 179 -25.98 12.14 -10.14
CA MET H 179 -24.86 11.24 -9.84
C MET H 179 -23.54 11.83 -10.25
N ALA H 180 -23.54 12.86 -11.10
CA ALA H 180 -22.29 13.50 -11.47
C ALA H 180 -21.75 14.39 -10.37
N LEU H 181 -22.59 14.69 -9.36
CA LEU H 181 -22.25 15.54 -8.20
C LEU H 181 -21.81 16.93 -8.64
N ASP H 182 -22.50 17.45 -9.64
CA ASP H 182 -22.12 18.70 -10.28
C ASP H 182 -23.12 19.81 -10.03
N ALA H 183 -24.29 19.50 -9.48
CA ALA H 183 -25.28 20.52 -9.17
C ALA H 183 -24.79 21.41 -8.03
N PRO H 184 -25.27 22.64 -7.95
CA PRO H 184 -24.85 23.54 -6.86
C PRO H 184 -25.21 23.04 -5.46
N PRO H 185 -26.33 22.32 -5.21
CA PRO H 185 -26.43 21.71 -3.88
C PRO H 185 -25.48 20.55 -3.66
N ASP H 186 -25.03 19.88 -4.73
CA ASP H 186 -24.08 18.80 -4.57
C ASP H 186 -22.70 19.32 -4.21
N GLN H 187 -22.28 20.40 -4.85
CA GLN H 187 -20.96 20.96 -4.60
C GLN H 187 -20.87 21.62 -3.25
N ARG H 188 -21.97 22.19 -2.76
CA ARG H 188 -21.96 22.81 -1.45
C ARG H 188 -21.99 21.76 -0.34
N LEU H 189 -22.63 20.62 -0.60
CA LEU H 189 -22.70 19.56 0.41
C LEU H 189 -21.34 18.90 0.60
N ARG H 190 -20.62 18.66 -0.50
CA ARG H 190 -19.35 17.94 -0.41
C ARG H 190 -18.27 18.79 0.24
N ALA H 191 -18.41 20.12 0.17
CA ALA H 191 -17.44 20.97 0.84
C ALA H 191 -17.78 21.16 2.31
N ASP H 192 -19.07 21.12 2.66
CA ASP H 192 -19.43 21.18 4.07
C ASP H 192 -19.15 19.88 4.77
N LEU H 193 -19.17 18.76 4.05
CA LEU H 193 -18.88 17.47 4.64
C LEU H 193 -17.40 17.32 4.94
N LEU H 194 -16.54 18.11 4.29
CA LEU H 194 -15.12 18.08 4.59
C LEU H 194 -14.79 18.61 5.97
N ALA H 195 -15.66 19.40 6.57
CA ALA H 195 -15.28 20.11 7.78
C ALA H 195 -16.30 20.07 8.91
N ASN H 196 -17.43 19.41 8.74
CA ASN H 196 -18.52 19.56 9.69
C ASN H 196 -19.15 18.21 10.01
N SER H 197 -19.70 18.10 11.22
CA SER H 197 -20.55 16.98 11.60
C SER H 197 -21.97 17.24 11.17
N PHE H 198 -22.67 16.19 10.74
CA PHE H 198 -24.06 16.35 10.36
C PHE H 198 -24.95 15.61 11.34
N LEU H 199 -26.20 16.06 11.44
CA LEU H 199 -27.22 15.45 12.28
C LEU H 199 -28.42 15.13 11.41
N PHE H 200 -28.62 13.86 11.12
CA PHE H 200 -29.72 13.41 10.28
C PHE H 200 -30.95 13.20 11.13
N ILE H 201 -31.99 13.98 10.87
CA ILE H 201 -33.22 13.93 11.65
C ILE H 201 -34.37 13.66 10.68
N GLY H 202 -35.10 12.59 10.93
CA GLY H 202 -36.25 12.28 10.10
C GLY H 202 -35.92 11.80 8.71
N TYR H 203 -34.67 11.41 8.47
CA TYR H 203 -34.21 10.98 7.16
C TYR H 203 -33.71 9.56 7.25
N SER H 204 -34.05 8.76 6.24
CA SER H 204 -33.57 7.39 6.13
C SER H 204 -32.75 7.29 4.85
N PHE H 205 -31.57 6.68 4.93
CA PHE H 205 -30.67 6.65 3.79
C PHE H 205 -31.21 5.69 2.75
N SER H 206 -32.10 6.20 1.91
CA SER H 206 -32.62 5.45 0.80
C SER H 206 -32.25 6.06 -0.54
N ASP H 207 -31.69 7.26 -0.55
CA ASP H 207 -31.30 7.93 -1.78
C ASP H 207 -29.88 7.50 -2.12
N THR H 208 -29.71 6.94 -3.31
CA THR H 208 -28.40 6.43 -3.70
C THR H 208 -27.42 7.53 -4.10
N ASN H 209 -27.85 8.79 -4.14
CA ASN H 209 -26.90 9.87 -4.33
C ASN H 209 -26.42 10.46 -3.01
N ILE H 210 -27.20 10.33 -1.94
CA ILE H 210 -26.70 10.70 -0.62
C ILE H 210 -25.68 9.69 -0.15
N ARG H 211 -25.96 8.40 -0.35
CA ARG H 211 -25.05 7.35 0.08
C ARG H 211 -23.77 7.36 -0.72
N TYR H 212 -23.82 7.82 -1.97
CA TYR H 212 -22.64 7.92 -2.80
C TYR H 212 -21.75 9.08 -2.41
N ILE H 213 -22.29 10.11 -1.78
CA ILE H 213 -21.46 11.21 -1.32
C ILE H 213 -20.66 10.81 -0.09
N TRP H 214 -21.31 10.15 0.88
CA TRP H 214 -20.61 9.60 2.02
C TRP H 214 -19.68 8.46 1.68
N TYR H 215 -19.93 7.76 0.57
CA TYR H 215 -18.98 6.78 0.08
C TYR H 215 -17.68 7.45 -0.33
N ARG H 216 -17.76 8.51 -1.13
CA ARG H 216 -16.56 9.13 -1.68
C ARG H 216 -15.87 10.06 -0.72
N MET H 217 -16.44 10.30 0.45
CA MET H 217 -15.68 11.00 1.48
C MET H 217 -14.72 10.06 2.19
N ASN H 218 -15.05 8.77 2.24
CA ASN H 218 -14.15 7.76 2.79
C ASN H 218 -13.04 7.41 1.83
N GLN H 219 -13.27 7.56 0.54
CA GLN H 219 -12.17 7.39 -0.39
C GLN H 219 -11.15 8.49 -0.24
N LEU H 220 -11.56 9.67 0.22
CA LEU H 220 -10.58 10.66 0.63
C LEU H 220 -10.01 10.32 2.00
N ARG H 221 -10.82 9.72 2.87
CA ARG H 221 -10.37 9.44 4.23
C ARG H 221 -9.39 8.27 4.25
N GLU H 222 -9.64 7.25 3.44
CA GLU H 222 -8.76 6.09 3.45
C GLU H 222 -7.47 6.33 2.68
N GLN H 223 -7.52 7.13 1.61
CA GLN H 223 -6.31 7.43 0.86
C GLN H 223 -5.39 8.38 1.60
N SER H 224 -5.89 9.12 2.57
CA SER H 224 -5.05 10.02 3.33
C SER H 224 -4.24 9.32 4.40
N GLN H 225 -4.49 8.02 4.63
CA GLN H 225 -3.66 7.14 5.44
C GLN H 225 -3.54 7.62 6.88
N LEU H 226 -4.63 8.14 7.42
CA LEU H 226 -4.67 8.48 8.84
C LEU H 226 -4.69 7.22 9.69
N GLY H 227 -4.44 7.39 10.98
CA GLY H 227 -4.41 6.26 11.88
C GLY H 227 -5.79 5.70 12.17
N VAL H 228 -5.81 4.72 13.07
CA VAL H 228 -7.08 4.21 13.55
C VAL H 228 -7.75 5.26 14.45
N LYS H 229 -6.96 6.00 15.21
CA LYS H 229 -7.52 6.98 16.13
C LYS H 229 -8.01 8.22 15.41
N HIS H 230 -7.25 8.72 14.44
CA HIS H 230 -7.56 10.02 13.85
C HIS H 230 -8.55 9.95 12.71
N SER H 231 -8.69 8.81 12.05
CA SER H 231 -9.70 8.68 11.02
C SER H 231 -11.09 8.50 11.58
N GLN H 232 -11.22 8.20 12.88
CA GLN H 232 -12.51 7.96 13.51
C GLN H 232 -12.92 9.13 14.41
N ALA H 233 -12.30 10.28 14.25
CA ALA H 233 -12.52 11.38 15.19
C ALA H 233 -13.75 12.21 14.85
N ARG H 234 -13.94 12.53 13.58
CA ARG H 234 -15.04 13.38 13.15
C ARG H 234 -16.21 12.50 12.73
N ARG H 235 -17.28 12.48 13.53
CA ARG H 235 -18.40 11.59 13.36
C ARG H 235 -19.59 12.37 12.83
N CYS H 236 -20.55 11.64 12.25
CA CYS H 236 -21.86 12.17 11.91
C CYS H 236 -22.89 11.38 12.68
N PHE H 237 -24.08 11.97 12.85
CA PHE H 237 -25.08 11.43 13.76
C PHE H 237 -26.39 11.22 13.04
N PHE H 238 -27.04 10.11 13.34
CA PHE H 238 -28.19 9.60 12.58
C PHE H 238 -29.31 9.25 13.56
N ALA H 239 -30.17 10.21 13.85
CA ALA H 239 -31.25 10.02 14.80
C ALA H 239 -32.41 9.31 14.11
N THR H 240 -32.77 8.13 14.61
CA THR H 240 -33.78 7.30 13.95
C THR H 240 -34.48 6.45 14.99
N HIS H 241 -35.81 6.42 14.92
CA HIS H 241 -36.59 5.58 15.82
C HIS H 241 -36.45 4.11 15.47
N GLY H 242 -36.43 3.79 14.18
CA GLY H 242 -36.61 2.43 13.73
C GLY H 242 -35.59 1.90 12.76
N ALA H 243 -34.31 2.18 12.98
CA ALA H 243 -33.27 1.60 12.13
C ALA H 243 -33.20 0.10 12.35
N GLY H 244 -32.91 -0.63 11.28
CA GLY H 244 -32.96 -2.08 11.33
C GLY H 244 -31.73 -2.71 11.96
N LEU H 245 -31.32 -3.86 11.42
CA LEU H 245 -30.13 -4.53 11.91
C LEU H 245 -28.96 -4.46 10.96
N VAL H 246 -29.20 -4.16 9.69
CA VAL H 246 -28.15 -4.10 8.69
C VAL H 246 -27.63 -2.69 8.51
N GLN H 247 -28.54 -1.73 8.39
CA GLN H 247 -28.16 -0.36 8.06
C GLN H 247 -27.27 0.37 9.09
N PRO H 248 -27.39 0.19 10.42
CA PRO H 248 -26.41 0.84 11.30
C PRO H 248 -24.98 0.35 11.14
N ASP H 249 -24.77 -0.89 10.71
CA ASP H 249 -23.41 -1.37 10.51
C ASP H 249 -22.83 -0.95 9.17
N ILE H 250 -23.67 -0.67 8.18
CA ILE H 250 -23.17 -0.15 6.92
C ILE H 250 -22.64 1.27 7.12
N LEU H 251 -23.32 2.05 7.94
CA LEU H 251 -22.98 3.45 8.13
C LEU H 251 -21.84 3.67 9.10
N GLN H 252 -21.44 2.66 9.87
CA GLN H 252 -20.24 2.77 10.70
C GLN H 252 -18.99 2.89 9.85
N GLN H 253 -19.02 2.35 8.63
CA GLN H 253 -17.94 2.54 7.68
C GLN H 253 -17.75 4.00 7.33
N TRP H 254 -18.82 4.78 7.36
CA TRP H 254 -18.81 6.14 6.84
C TRP H 254 -18.79 7.16 7.96
N ASN H 255 -18.37 6.75 9.16
CA ASN H 255 -18.34 7.56 10.38
C ASN H 255 -19.70 8.18 10.70
N ILE H 256 -20.73 7.35 10.68
CA ILE H 256 -22.08 7.78 11.00
C ILE H 256 -22.55 6.96 12.19
N ASP H 257 -22.82 7.63 13.30
CA ASP H 257 -23.31 6.99 14.51
C ASP H 257 -24.82 7.12 14.58
N VAL H 258 -25.46 6.10 15.15
CA VAL H 258 -26.92 6.03 15.21
C VAL H 258 -27.36 6.44 16.61
N ILE H 259 -28.30 7.38 16.68
CA ILE H 259 -28.90 7.80 17.94
C ILE H 259 -30.29 7.18 18.00
N GLN H 260 -30.48 6.23 18.92
CA GLN H 260 -31.77 5.57 19.04
C GLN H 260 -32.75 6.44 19.81
N LEU H 261 -33.82 6.84 19.16
CA LEU H 261 -34.87 7.63 19.78
C LEU H 261 -36.03 6.73 20.20
N ASP H 262 -36.83 7.22 21.12
CA ASP H 262 -37.93 6.44 21.67
C ASP H 262 -39.07 6.35 20.66
N PRO H 263 -39.42 5.15 20.19
CA PRO H 263 -40.40 5.04 19.10
C PRO H 263 -41.85 5.15 19.52
N THR H 264 -42.13 5.34 20.81
CA THR H 264 -43.53 5.42 21.25
C THR H 264 -44.16 6.74 20.83
N ASP H 265 -43.42 7.84 20.99
CA ASP H 265 -43.86 9.16 20.52
C ASP H 265 -42.73 9.72 19.68
N LYS H 266 -42.93 9.76 18.35
CA LYS H 266 -41.86 10.16 17.46
C LYS H 266 -41.57 11.65 17.53
N SER H 267 -42.59 12.47 17.75
CA SER H 267 -42.41 13.91 17.72
C SER H 267 -41.74 14.42 18.99
N ALA H 268 -42.06 13.83 20.14
CA ALA H 268 -41.47 14.28 21.39
C ALA H 268 -40.05 13.81 21.57
N SER H 269 -39.68 12.69 20.93
CA SER H 269 -38.32 12.19 21.03
C SER H 269 -37.35 13.07 20.25
N VAL H 270 -37.79 13.57 19.11
CA VAL H 270 -36.96 14.47 18.32
C VAL H 270 -36.82 15.81 19.02
N ALA H 271 -37.91 16.31 19.61
CA ALA H 271 -37.89 17.60 20.26
C ALA H 271 -36.99 17.61 21.50
N ARG H 272 -36.93 16.50 22.23
CA ARG H 272 -36.00 16.43 23.35
C ARG H 272 -34.55 16.35 22.88
N LEU H 273 -34.30 15.86 21.66
CA LEU H 273 -32.94 15.86 21.14
C LEU H 273 -32.49 17.28 20.78
N LEU H 274 -33.37 18.04 20.14
CA LEU H 274 -33.02 19.39 19.74
C LEU H 274 -32.95 20.35 20.92
N GLU H 275 -33.64 20.05 22.01
CA GLU H 275 -33.53 20.86 23.21
C GLU H 275 -32.30 20.52 24.03
N SER H 276 -31.76 19.31 23.87
CA SER H 276 -30.56 18.93 24.57
C SER H 276 -29.30 19.54 23.95
N ILE H 277 -29.40 20.02 22.71
CA ILE H 277 -28.24 20.67 22.10
C ILE H 277 -28.04 22.06 22.69
N ALA H 278 -29.14 22.74 23.02
CA ALA H 278 -29.08 24.07 23.64
C ALA H 278 -28.49 24.01 25.03
N THR I 2 -12.51 49.00 -21.52
CA THR I 2 -12.46 47.54 -21.58
C THR I 2 -11.75 46.96 -20.37
N THR I 3 -11.25 47.84 -19.51
CA THR I 3 -10.46 47.42 -18.36
C THR I 3 -10.65 48.44 -17.24
N LEU I 4 -10.98 47.96 -16.06
CA LEU I 4 -11.18 48.84 -14.92
C LEU I 4 -9.87 49.45 -14.44
N THR I 5 -9.94 50.67 -13.96
CA THR I 5 -8.80 51.29 -13.31
C THR I 5 -8.92 51.06 -11.81
N LEU I 6 -8.04 51.68 -11.03
CA LEU I 6 -8.05 51.47 -9.59
C LEU I 6 -9.21 52.21 -8.93
N SER I 7 -9.48 53.44 -9.37
CA SER I 7 -10.56 54.21 -8.77
C SER I 7 -11.93 53.73 -9.22
N GLU I 8 -12.03 53.10 -10.39
CA GLU I 8 -13.30 52.57 -10.84
C GLU I 8 -13.66 51.30 -10.09
N ALA I 9 -12.68 50.44 -9.83
CA ALA I 9 -12.91 49.16 -9.20
C ALA I 9 -13.03 49.25 -7.69
N ALA I 10 -12.61 50.35 -7.09
CA ALA I 10 -12.66 50.51 -5.63
C ALA I 10 -14.07 50.53 -5.03
N PRO I 11 -15.10 51.20 -5.60
CA PRO I 11 -16.43 51.04 -5.00
C PRO I 11 -17.06 49.69 -5.29
N LEU I 12 -16.61 48.98 -6.32
CA LEU I 12 -17.13 47.64 -6.58
C LEU I 12 -16.57 46.64 -5.58
N LEU I 13 -15.35 46.86 -5.10
CA LEU I 13 -14.75 45.97 -4.12
C LEU I 13 -15.22 46.27 -2.70
N LYS I 14 -15.60 47.52 -2.42
CA LYS I 14 -16.14 47.83 -1.10
C LYS I 14 -17.50 47.18 -0.89
N LYS I 15 -18.31 47.11 -1.94
CA LYS I 15 -19.65 46.55 -1.80
C LYS I 15 -19.60 45.06 -1.53
N GLU I 16 -18.73 44.34 -2.23
CA GLU I 16 -18.61 42.91 -2.00
C GLU I 16 -17.91 42.59 -0.69
N PHE I 17 -17.07 43.50 -0.19
CA PHE I 17 -16.38 43.22 1.06
C PHE I 17 -17.28 43.45 2.26
N ARG I 18 -18.10 44.51 2.23
CA ARG I 18 -18.96 44.77 3.38
C ARG I 18 -20.12 43.77 3.45
N GLU I 19 -20.42 43.07 2.36
CA GLU I 19 -21.36 41.97 2.41
C GLU I 19 -20.70 40.65 2.77
N GLY I 20 -19.38 40.62 2.89
CA GLY I 20 -18.69 39.40 3.24
C GLY I 20 -18.59 38.39 2.12
N ARG I 21 -18.57 38.84 0.88
CA ARG I 21 -18.62 37.96 -0.29
C ARG I 21 -17.45 38.20 -1.22
N LEU I 22 -16.33 38.67 -0.68
CA LEU I 22 -15.11 38.89 -1.44
C LEU I 22 -14.00 38.04 -0.83
N ILE I 23 -13.31 37.27 -1.67
CA ILE I 23 -12.29 36.34 -1.23
C ILE I 23 -11.02 36.58 -2.04
N PRO I 24 -9.88 36.85 -1.41
CA PRO I 24 -8.64 37.05 -2.17
C PRO I 24 -8.07 35.73 -2.67
N PHE I 25 -7.45 35.79 -3.84
CA PHE I 25 -6.77 34.65 -4.43
C PHE I 25 -5.35 35.11 -4.76
N LEU I 26 -4.37 34.61 -4.04
CA LEU I 26 -3.02 35.16 -4.09
C LEU I 26 -2.08 34.21 -4.82
N GLY I 27 -1.24 34.77 -5.69
CA GLY I 27 -0.36 34.00 -6.53
C GLY I 27 1.09 34.14 -6.16
N ALA I 28 1.96 33.74 -7.09
CA ALA I 28 3.39 33.77 -6.84
C ALA I 28 3.95 35.18 -6.91
N GLY I 29 3.28 36.10 -7.59
CA GLY I 29 3.72 37.47 -7.61
C GLY I 29 3.47 38.23 -6.33
N PHE I 30 2.69 37.66 -5.42
CA PHE I 30 2.45 38.30 -4.14
C PHE I 30 3.61 38.11 -3.18
N SER I 31 4.46 37.12 -3.43
CA SER I 31 5.65 36.88 -2.62
C SER I 31 6.92 37.34 -3.31
N LYS I 32 6.80 38.05 -4.41
CA LYS I 32 7.93 38.62 -5.14
C LYS I 32 8.69 39.71 -4.34
N PRO I 33 8.06 40.62 -3.57
CA PRO I 33 8.88 41.53 -2.74
C PRO I 33 9.60 40.86 -1.59
N LEU I 34 9.34 39.60 -1.31
CA LEU I 34 10.08 38.87 -0.29
C LEU I 34 11.33 38.22 -0.86
N LYS I 35 11.72 38.58 -2.09
CA LYS I 35 12.88 38.05 -2.81
C LYS I 35 12.80 36.54 -2.97
N LEU I 36 11.65 36.06 -3.31
CA LEU I 36 11.48 34.65 -3.53
C LEU I 36 11.43 34.34 -5.02
N PRO I 37 11.80 33.13 -5.42
CA PRO I 37 11.64 32.73 -6.82
C PRO I 37 10.18 32.71 -7.25
N ASP I 38 9.94 33.09 -8.50
CA ASP I 38 8.67 32.81 -9.15
C ASP I 38 8.80 31.49 -9.91
N GLY I 39 7.86 31.21 -10.81
CA GLY I 39 7.89 29.98 -11.59
C GLY I 39 9.05 29.86 -12.57
N SER I 40 9.78 30.94 -12.82
CA SER I 40 10.93 30.89 -13.72
C SER I 40 12.25 30.69 -12.98
N GLN I 41 12.41 31.25 -11.78
CA GLN I 41 13.65 31.02 -11.05
C GLN I 41 13.71 29.66 -10.38
N LEU I 42 12.59 28.95 -10.23
CA LEU I 42 12.66 27.56 -9.81
C LEU I 42 13.29 26.70 -10.90
N ILE I 43 12.85 26.90 -12.14
CA ILE I 43 13.35 26.12 -13.27
C ILE I 43 14.82 26.42 -13.53
N ALA I 44 15.26 27.65 -13.23
CA ALA I 44 16.68 27.95 -13.30
C ALA I 44 17.46 27.23 -12.22
N SER I 45 16.82 26.90 -11.09
CA SER I 45 17.48 26.15 -10.04
C SER I 45 17.40 24.65 -10.26
N LEU I 46 16.34 24.18 -10.93
CA LEU I 46 16.28 22.76 -11.26
C LEU I 46 17.24 22.41 -12.38
N ALA I 47 17.50 23.35 -13.28
CA ALA I 47 18.42 23.10 -14.38
C ALA I 47 19.86 23.05 -13.89
N LYS I 48 20.18 23.75 -12.82
CA LYS I 48 21.53 23.71 -12.27
C LYS I 48 21.82 22.37 -11.63
N THR I 49 20.81 21.77 -11.00
CA THR I 49 21.00 20.47 -10.36
C THR I 49 21.13 19.37 -11.40
N LEU I 50 20.36 19.44 -12.48
CA LEU I 50 20.38 18.42 -13.50
C LEU I 50 21.55 18.54 -14.47
N GLY I 51 22.29 19.65 -14.43
CA GLY I 51 23.39 19.85 -15.34
C GLY I 51 23.03 20.51 -16.65
N PHE I 52 21.90 21.19 -16.70
CA PHE I 52 21.46 21.93 -17.87
C PHE I 52 21.88 23.39 -17.77
N GLU I 53 22.05 24.00 -18.92
CA GLU I 53 22.04 25.45 -18.89
C GLU I 53 20.60 25.92 -18.78
N PRO I 54 20.34 26.99 -18.01
CA PRO I 54 18.95 27.38 -17.72
C PRO I 54 18.18 27.87 -18.92
N GLU I 55 18.84 28.32 -19.98
CA GLU I 55 18.14 28.71 -21.19
C GLU I 55 17.87 27.53 -22.11
N LEU I 56 18.71 26.50 -22.06
CA LEU I 56 18.47 25.31 -22.84
C LEU I 56 17.43 24.40 -22.20
N PHE I 57 17.34 24.41 -20.88
CA PHE I 57 16.38 23.56 -20.19
C PHE I 57 14.96 24.09 -20.35
N ASP I 58 14.81 25.39 -20.55
CA ASP I 58 13.50 25.99 -20.65
C ASP I 58 12.77 25.63 -21.93
N MET I 59 13.52 25.30 -22.99
CA MET I 59 12.87 25.09 -24.32
C MET I 59 12.57 23.61 -24.59
N HIS I 60 12.54 22.76 -23.56
CA HIS I 60 12.17 21.38 -23.76
C HIS I 60 10.78 21.04 -23.24
N GLY I 61 10.05 22.00 -22.70
CA GLY I 61 8.72 21.72 -22.21
C GLY I 61 8.21 22.85 -21.36
N ARG I 62 6.98 22.67 -20.90
CA ARG I 62 6.35 23.69 -20.07
C ARG I 62 6.79 23.53 -18.62
N PHE I 63 6.28 24.41 -17.76
CA PHE I 63 6.68 24.44 -16.35
C PHE I 63 6.31 23.15 -15.62
N GLU I 64 5.14 22.59 -15.94
CA GLU I 64 4.71 21.36 -15.30
C GLU I 64 5.57 20.18 -15.75
N GLN I 65 6.03 20.23 -16.99
CA GLN I 65 6.73 19.10 -17.58
C GLN I 65 8.21 19.08 -17.22
N LEU I 66 8.80 20.25 -16.98
CA LEU I 66 10.19 20.28 -16.56
C LEU I 66 10.35 19.86 -15.11
N ALA I 67 9.33 20.11 -14.28
CA ALA I 67 9.38 19.63 -12.90
C ALA I 67 9.06 18.14 -12.82
N GLU I 68 8.26 17.62 -13.75
CA GLU I 68 8.06 16.18 -13.84
C GLU I 68 9.34 15.47 -14.23
N PHE I 69 10.12 16.08 -15.13
CA PHE I 69 11.41 15.52 -15.52
C PHE I 69 12.42 15.57 -14.38
N PHE I 70 12.33 16.58 -13.54
CA PHE I 70 13.24 16.70 -12.41
C PHE I 70 12.95 15.62 -11.37
N ALA I 71 11.67 15.37 -11.09
CA ALA I 71 11.30 14.49 -9.99
C ALA I 71 11.59 13.03 -10.27
N ILE I 72 11.76 12.65 -11.53
CA ILE I 72 12.02 11.26 -11.89
C ILE I 72 13.46 11.07 -12.36
N SER I 73 14.33 12.05 -12.14
CA SER I 73 15.72 11.91 -12.54
C SER I 73 16.45 10.96 -11.62
N ALA I 74 16.09 10.93 -10.35
CA ALA I 74 16.73 10.12 -9.34
C ALA I 74 15.72 9.87 -8.24
N PRO I 75 15.90 8.83 -7.43
CA PRO I 75 15.03 8.66 -6.28
C PRO I 75 15.24 9.77 -5.26
N ASN I 76 14.15 10.11 -4.57
CA ASN I 76 14.11 11.11 -3.51
C ASN I 76 14.53 12.49 -3.99
N ARG I 77 14.32 12.77 -5.28
CA ARG I 77 14.75 14.04 -5.84
C ARG I 77 13.72 15.13 -5.58
N LEU I 78 12.44 14.76 -5.46
CA LEU I 78 11.41 15.73 -5.13
C LEU I 78 11.43 16.08 -3.64
N GLN I 79 11.73 15.11 -2.79
CA GLN I 79 11.80 15.37 -1.32
C GLN I 79 12.86 16.43 -1.04
N ARG I 80 14.01 16.33 -1.72
CA ARG I 80 15.13 17.29 -1.51
C ARG I 80 14.67 18.69 -1.90
N LEU I 81 13.93 18.81 -3.01
CA LEU I 81 13.47 20.14 -3.50
C LEU I 81 12.62 20.81 -2.41
N VAL I 82 11.68 20.05 -1.82
CA VAL I 82 10.80 20.62 -0.76
C VAL I 82 11.68 21.10 0.39
N TYR I 83 12.67 20.30 0.78
CA TYR I 83 13.58 20.66 1.89
C TYR I 83 14.31 21.96 1.55
N GLU I 84 14.83 22.07 0.32
CA GLU I 84 15.58 23.27 -0.11
C GLU I 84 14.62 24.48 -0.16
N MET I 85 13.43 24.30 -0.72
CA MET I 85 12.43 25.40 -0.81
C MET I 85 12.09 25.87 0.62
N SER I 86 11.90 24.92 1.53
CA SER I 86 11.62 25.29 2.95
C SER I 86 12.71 26.22 3.47
N LEU I 87 13.98 25.90 3.19
CA LEU I 87 15.08 26.71 3.67
C LEU I 87 15.11 28.10 3.05
N SER I 88 14.67 28.24 1.80
CA SER I 88 14.78 29.50 1.11
C SER I 88 13.48 30.29 1.07
N PHE I 89 12.32 29.64 1.13
CA PHE I 89 11.08 30.41 1.09
C PHE I 89 10.70 30.92 2.46
N ASP I 90 10.84 30.08 3.49
CA ASP I 90 10.42 30.42 4.83
C ASP I 90 11.60 30.77 5.74
N SER I 91 12.64 31.35 5.18
CA SER I 91 13.82 31.70 5.96
C SER I 91 13.54 32.90 6.85
N ALA I 92 14.47 33.17 7.76
CA ALA I 92 14.28 34.25 8.72
C ALA I 92 14.42 35.62 8.07
N GLU I 93 15.21 35.73 7.01
CA GLU I 93 15.30 37.01 6.31
C GLU I 93 14.11 37.26 5.40
N ALA I 94 13.38 36.22 5.02
CA ALA I 94 12.11 36.42 4.34
C ALA I 94 11.00 36.78 5.32
N GLU I 95 11.15 36.35 6.59
CA GLU I 95 10.24 36.80 7.63
C GLU I 95 10.41 38.28 7.91
N ALA I 96 11.67 38.75 7.92
CA ALA I 96 11.95 40.14 8.27
C ALA I 96 11.53 41.10 7.18
N LEU I 97 11.56 40.66 5.93
CA LEU I 97 11.03 41.47 4.84
C LEU I 97 9.50 41.49 4.81
N ARG I 98 8.86 40.64 5.60
CA ARG I 98 7.43 40.44 5.52
C ARG I 98 6.66 41.34 6.47
N GLU I 99 7.29 41.76 7.59
CA GLU I 99 6.60 42.72 8.44
C GLU I 99 6.61 44.11 7.85
N LYS I 100 7.68 44.48 7.16
CA LYS I 100 7.80 45.80 6.57
C LYS I 100 7.29 45.85 5.14
N SER I 101 6.64 44.80 4.67
CA SER I 101 6.06 44.82 3.34
C SER I 101 4.70 45.51 3.37
N PRO I 102 4.47 46.52 2.53
CA PRO I 102 3.18 47.23 2.56
C PRO I 102 2.02 46.42 2.02
N MET I 103 2.26 45.41 1.18
CA MET I 103 1.15 44.59 0.70
C MET I 103 0.64 43.66 1.78
N HIS I 104 1.57 43.05 2.52
CA HIS I 104 1.18 42.10 3.56
C HIS I 104 0.57 42.80 4.76
N ARG I 105 0.94 44.06 4.99
CA ARG I 105 0.27 44.84 6.03
C ARG I 105 -1.13 45.23 5.60
N ALA I 106 -1.30 45.60 4.33
CA ALA I 106 -2.61 46.02 3.85
C ALA I 106 -3.55 44.84 3.68
N LEU I 107 -3.01 43.65 3.45
CA LEU I 107 -3.83 42.45 3.38
C LEU I 107 -4.36 42.07 4.74
N ALA I 108 -3.51 42.11 5.75
CA ALA I 108 -3.91 41.70 7.09
C ALA I 108 -4.73 42.74 7.83
N ALA I 109 -4.78 43.98 7.33
CA ALA I 109 -5.57 45.02 7.97
C ALA I 109 -7.06 44.79 7.77
N LEU I 110 -7.44 44.08 6.71
CA LEU I 110 -8.83 43.77 6.44
C LEU I 110 -9.24 42.50 7.17
N ASP I 111 -10.53 42.40 7.47
CA ASP I 111 -11.04 41.28 8.27
C ASP I 111 -11.63 40.25 7.31
N TRP I 112 -10.75 39.47 6.70
CA TRP I 112 -11.18 38.45 5.77
C TRP I 112 -11.72 37.24 6.53
N ARG I 113 -12.40 36.36 5.80
CA ARG I 113 -12.81 35.08 6.33
C ARG I 113 -12.21 33.89 5.62
N THR I 114 -11.85 34.03 4.34
CA THR I 114 -11.24 32.95 3.58
C THR I 114 -10.22 33.57 2.63
N ILE I 115 -9.02 33.00 2.58
CA ILE I 115 -7.98 33.42 1.66
C ILE I 115 -7.45 32.18 0.96
N TYR I 116 -7.40 32.21 -0.36
CA TYR I 116 -6.81 31.14 -1.16
C TYR I 116 -5.46 31.58 -1.68
N THR I 117 -4.47 30.69 -1.62
CA THR I 117 -3.16 30.92 -2.18
C THR I 117 -2.69 29.71 -2.96
N THR I 118 -1.86 29.94 -3.97
CA THR I 118 -1.23 28.86 -4.72
C THR I 118 0.28 28.84 -4.56
N ASN I 119 0.81 29.42 -3.50
CA ASN I 119 2.25 29.43 -3.29
C ASN I 119 2.61 28.71 -2.00
N TYR I 120 3.78 28.05 -2.01
CA TYR I 120 4.19 27.22 -0.85
C TYR I 120 5.07 28.02 0.09
N ASP I 121 4.47 28.89 0.91
CA ASP I 121 5.20 29.68 1.89
C ASP I 121 4.22 30.15 2.96
N LYS I 122 4.74 30.35 4.15
CA LYS I 122 3.89 30.78 5.26
C LYS I 122 3.86 32.29 5.41
N HIS I 123 3.70 32.99 4.30
CA HIS I 123 3.78 34.44 4.34
C HIS I 123 2.43 35.11 4.12
N VAL I 124 1.37 34.33 3.93
CA VAL I 124 0.03 34.87 3.90
C VAL I 124 -0.67 34.68 5.22
N GLU I 125 -0.57 33.49 5.80
CA GLU I 125 -1.00 33.35 7.18
C GLU I 125 0.00 34.00 8.14
N GLY I 126 1.27 34.08 7.76
CA GLY I 126 2.23 34.76 8.59
C GLY I 126 2.02 36.26 8.63
N ALA I 127 1.44 36.84 7.57
CA ALA I 127 1.07 38.24 7.61
C ALA I 127 -0.09 38.49 8.55
N LEU I 128 -0.97 37.51 8.73
CA LEU I 128 -2.08 37.66 9.66
C LEU I 128 -1.61 37.53 11.10
N ARG I 129 -0.61 36.69 11.36
CA ARG I 129 -0.05 36.60 12.69
C ARG I 129 0.74 37.86 13.06
N ASP I 130 1.26 38.57 12.07
CA ASP I 130 2.00 39.80 12.35
C ASP I 130 1.09 40.92 12.79
N ALA I 131 -0.16 40.92 12.32
CA ALA I 131 -1.13 41.95 12.68
C ALA I 131 -1.92 41.61 13.93
N GLY I 132 -1.49 40.61 14.70
CA GLY I 132 -2.20 40.20 15.87
C GLY I 132 -3.36 39.26 15.62
N LYS I 133 -3.77 39.08 14.38
CA LYS I 133 -4.85 38.16 14.06
C LYS I 133 -4.33 36.73 14.05
N GLN I 134 -5.24 35.79 13.98
CA GLN I 134 -4.89 34.39 13.94
C GLN I 134 -5.54 33.74 12.73
N ALA I 135 -4.83 32.79 12.14
CA ALA I 135 -5.22 32.17 10.90
C ALA I 135 -5.26 30.65 11.08
N ALA I 136 -5.83 29.98 10.09
CA ALA I 136 -6.00 28.54 10.12
C ALA I 136 -5.64 27.98 8.75
N VAL I 137 -4.51 27.32 8.65
CA VAL I 137 -4.04 26.80 7.37
C VAL I 137 -4.76 25.49 7.09
N LEU I 138 -5.39 25.41 5.91
CA LEU I 138 -6.11 24.21 5.50
C LEU I 138 -5.51 23.75 4.18
N ALA I 139 -4.85 22.62 4.20
CA ALA I 139 -4.22 22.11 2.99
C ALA I 139 -4.61 20.70 2.64
N SER I 140 -4.78 19.83 3.63
CA SER I 140 -5.05 18.42 3.40
C SER I 140 -6.40 18.05 4.01
N PHE I 141 -6.76 16.77 3.88
CA PHE I 141 -8.02 16.29 4.42
C PHE I 141 -8.03 16.33 5.94
N ALA I 142 -6.88 16.11 6.58
CA ALA I 142 -6.82 16.13 8.03
C ALA I 142 -6.94 17.53 8.60
N ASP I 143 -6.61 18.55 7.81
CA ASP I 143 -6.76 19.92 8.26
C ASP I 143 -8.21 20.36 8.26
N PHE I 144 -8.98 19.94 7.26
CA PHE I 144 -10.38 20.31 7.18
C PHE I 144 -11.19 19.67 8.31
N GLN I 145 -10.85 18.45 8.70
CA GLN I 145 -11.55 17.81 9.80
C GLN I 145 -10.91 18.07 11.15
N GLY I 146 -9.81 18.79 11.20
CA GLY I 146 -9.20 19.12 12.46
C GLY I 146 -9.96 20.22 13.18
N PRO I 147 -9.57 20.46 14.43
CA PRO I 147 -10.23 21.52 15.20
C PRO I 147 -9.68 22.90 14.85
N ARG I 148 -10.59 23.85 14.68
CA ARG I 148 -10.27 25.26 14.57
C ARG I 148 -10.96 26.03 15.68
N ALA I 149 -10.76 27.34 15.67
CA ALA I 149 -11.51 28.23 16.54
C ALA I 149 -12.77 28.66 15.80
N ARG I 150 -13.53 29.56 16.41
CA ARG I 150 -14.89 29.84 15.94
C ARG I 150 -14.89 30.74 14.71
N ASP I 151 -14.36 31.95 14.85
CA ASP I 151 -14.34 32.93 13.76
C ASP I 151 -12.88 33.30 13.49
N VAL I 152 -12.23 32.51 12.65
CA VAL I 152 -10.82 32.65 12.31
C VAL I 152 -10.71 32.55 10.80
N CYS I 153 -9.91 33.45 10.20
CA CYS I 153 -9.67 33.43 8.77
C CYS I 153 -9.00 32.13 8.35
N GLU I 154 -9.67 31.40 7.46
CA GLU I 154 -9.16 30.13 6.97
C GLU I 154 -8.34 30.37 5.73
N VAL I 155 -7.05 30.08 5.80
CA VAL I 155 -6.16 30.23 4.66
C VAL I 155 -6.08 28.88 3.95
N ILE I 156 -6.60 28.81 2.74
CA ILE I 156 -6.66 27.57 1.98
C ILE I 156 -5.42 27.52 1.10
N LYS I 157 -4.45 26.69 1.48
CA LYS I 157 -3.29 26.45 0.63
C LYS I 157 -3.73 25.56 -0.52
N PHE I 158 -4.01 26.17 -1.67
CA PHE I 158 -4.66 25.45 -2.76
C PHE I 158 -3.71 24.48 -3.44
N HIS I 159 -2.43 24.80 -3.51
CA HIS I 159 -1.47 23.91 -4.12
C HIS I 159 -0.59 23.18 -3.14
N GLY I 160 -0.76 23.39 -1.85
CA GLY I 160 -0.02 22.64 -0.85
C GLY I 160 0.85 23.53 0.02
N THR I 161 1.40 22.92 1.05
CA THR I 161 2.22 23.63 2.02
C THR I 161 3.53 22.88 2.15
N LEU I 162 4.59 23.60 2.56
CA LEU I 162 5.90 22.97 2.68
C LEU I 162 6.01 22.07 3.90
N ASP I 163 5.18 22.26 4.92
CA ASP I 163 5.25 21.39 6.07
C ASP I 163 4.45 20.10 5.90
N GLN I 164 3.73 19.97 4.78
CA GLN I 164 3.04 18.74 4.41
C GLN I 164 3.44 18.47 2.97
N PRO I 165 4.56 17.78 2.75
CA PRO I 165 5.11 17.66 1.38
C PRO I 165 4.30 16.77 0.46
N ASP I 166 3.35 16.00 0.96
CA ASP I 166 2.48 15.23 0.09
C ASP I 166 1.43 16.07 -0.61
N THR I 167 1.20 17.28 -0.15
CA THR I 167 0.14 18.12 -0.70
C THR I 167 0.63 19.04 -1.81
N ILE I 168 1.93 19.10 -2.04
CA ILE I 168 2.49 20.03 -3.02
C ILE I 168 2.24 19.50 -4.42
N VAL I 169 1.59 20.30 -5.25
CA VAL I 169 1.41 19.96 -6.65
C VAL I 169 2.36 20.84 -7.46
N LEU I 170 3.38 20.22 -8.00
CA LEU I 170 4.38 20.90 -8.78
C LEU I 170 4.64 20.22 -10.11
N THR I 171 4.65 18.89 -10.13
CA THR I 171 4.96 18.14 -11.33
C THR I 171 3.71 17.99 -12.18
N GLU I 172 3.89 17.48 -13.40
CA GLU I 172 2.78 17.35 -14.33
C GLU I 172 1.79 16.29 -13.88
N SER I 173 2.28 15.21 -13.28
CA SER I 173 1.42 14.16 -12.78
C SER I 173 0.57 14.62 -11.61
N SER I 174 1.03 15.61 -10.86
CA SER I 174 0.22 16.13 -9.77
C SER I 174 -0.83 17.11 -10.26
N TYR I 175 -0.58 17.80 -11.39
CA TYR I 175 -1.63 18.61 -11.99
C TYR I 175 -2.71 17.76 -12.63
N PHE I 176 -2.32 16.62 -13.22
CA PHE I 176 -3.31 15.73 -13.80
C PHE I 176 -4.14 15.03 -12.74
N GLN I 177 -3.57 14.84 -11.55
CA GLN I 177 -4.32 14.24 -10.46
C GLN I 177 -5.36 15.22 -9.90
N ARG I 178 -5.15 16.52 -10.10
CA ARG I 178 -6.09 17.53 -9.67
C ARG I 178 -7.12 17.87 -10.73
N MET I 179 -7.05 17.26 -11.91
CA MET I 179 -8.06 17.50 -12.93
C MET I 179 -9.38 16.83 -12.61
N ALA I 180 -9.40 15.87 -11.69
CA ALA I 180 -10.64 15.25 -11.29
C ALA I 180 -11.47 16.15 -10.38
N LEU I 181 -10.86 17.22 -9.85
CA LEU I 181 -11.49 18.21 -8.97
C LEU I 181 -12.05 17.54 -7.72
N ASP I 182 -11.29 16.59 -7.20
CA ASP I 182 -11.74 15.75 -6.09
C ASP I 182 -10.95 16.00 -4.81
N ALA I 183 -9.85 16.75 -4.88
CA ALA I 183 -9.08 17.07 -3.69
C ALA I 183 -9.87 18.01 -2.79
N PRO I 184 -9.58 18.01 -1.48
CA PRO I 184 -10.29 18.91 -0.56
C PRO I 184 -10.10 20.40 -0.85
N PRO I 185 -8.95 20.88 -1.35
CA PRO I 185 -8.97 22.28 -1.81
C PRO I 185 -9.77 22.50 -3.07
N ASP I 186 -9.94 21.47 -3.91
CA ASP I 186 -10.75 21.64 -5.11
C ASP I 186 -12.22 21.72 -4.78
N GLN I 187 -12.69 20.89 -3.85
CA GLN I 187 -14.09 20.88 -3.49
C GLN I 187 -14.49 22.12 -2.71
N ARG I 188 -13.58 22.68 -1.94
CA ARG I 188 -13.87 23.89 -1.19
C ARG I 188 -13.88 25.11 -2.10
N LEU I 189 -13.04 25.10 -3.14
CA LEU I 189 -13.00 26.22 -4.08
C LEU I 189 -14.26 26.30 -4.91
N ARG I 190 -14.76 25.15 -5.38
CA ARG I 190 -15.91 25.15 -6.28
C ARG I 190 -17.18 25.52 -5.55
N ALA I 191 -17.23 25.30 -4.23
CA ALA I 191 -18.40 25.72 -3.48
C ALA I 191 -18.33 27.19 -3.09
N ASP I 192 -17.12 27.73 -2.89
CA ASP I 192 -17.01 29.15 -2.63
C ASP I 192 -17.21 29.96 -3.88
N LEU I 193 -16.91 29.39 -5.05
CA LEU I 193 -17.12 30.10 -6.30
C LEU I 193 -18.59 30.19 -6.66
N LEU I 194 -19.44 29.33 -6.09
CA LEU I 194 -20.87 29.42 -6.31
C LEU I 194 -21.48 30.67 -5.71
N ALA I 195 -20.84 31.29 -4.73
CA ALA I 195 -21.51 32.33 -3.96
C ALA I 195 -20.68 33.59 -3.73
N ASN I 196 -19.45 33.67 -4.22
CA ASN I 196 -18.56 34.74 -3.80
C ASN I 196 -17.80 35.31 -4.99
N SER I 197 -17.45 36.59 -4.89
CA SER I 197 -16.53 37.23 -5.83
C SER I 197 -15.10 36.97 -5.39
N PHE I 198 -14.21 36.78 -6.35
CA PHE I 198 -12.81 36.59 -6.02
C PHE I 198 -11.98 37.77 -6.51
N LEU I 199 -10.85 37.99 -5.85
CA LEU I 199 -9.90 39.04 -6.19
C LEU I 199 -8.55 38.39 -6.42
N PHE I 200 -8.12 38.30 -7.67
CA PHE I 200 -6.86 37.68 -8.01
C PHE I 200 -5.76 38.72 -7.94
N ILE I 201 -4.81 38.53 -7.04
CA ILE I 201 -3.72 39.46 -6.82
C ILE I 201 -2.41 38.72 -6.99
N GLY I 202 -1.57 39.19 -7.90
CA GLY I 202 -0.28 38.58 -8.11
C GLY I 202 -0.32 37.23 -8.77
N TYR I 203 -1.45 36.87 -9.38
CA TYR I 203 -1.62 35.57 -10.00
C TYR I 203 -1.92 35.76 -11.47
N SER I 204 -1.31 34.92 -12.31
CA SER I 204 -1.57 34.90 -13.73
C SER I 204 -2.16 33.55 -14.09
N PHE I 205 -3.24 33.53 -14.87
CA PHE I 205 -3.94 32.28 -15.15
C PHE I 205 -3.11 31.45 -16.12
N SER I 206 -2.16 30.71 -15.56
CA SER I 206 -1.38 29.77 -16.33
C SER I 206 -1.62 28.33 -15.92
N ASP I 207 -2.32 28.10 -14.82
CA ASP I 207 -2.61 26.75 -14.36
C ASP I 207 -3.87 26.27 -15.05
N THR I 208 -3.79 25.14 -15.74
CA THR I 208 -4.93 24.63 -16.48
C THR I 208 -5.97 23.97 -15.60
N ASN I 209 -5.72 23.82 -14.30
CA ASN I 209 -6.77 23.38 -13.41
C ASN I 209 -7.53 24.53 -12.77
N ILE I 210 -6.93 25.70 -12.66
CA ILE I 210 -7.68 26.88 -12.25
C ILE I 210 -8.61 27.32 -13.36
N ARG I 211 -8.11 27.33 -14.60
CA ARG I 211 -8.92 27.76 -15.74
C ARG I 211 -10.05 26.78 -16.01
N TYR I 212 -9.87 25.51 -15.67
CA TYR I 212 -10.90 24.50 -15.85
C TYR I 212 -12.00 24.61 -14.81
N ILE I 213 -11.72 25.18 -13.64
CA ILE I 213 -12.77 25.39 -12.65
C ILE I 213 -13.68 26.54 -13.05
N TRP I 214 -13.09 27.64 -13.50
CA TRP I 214 -13.89 28.74 -14.03
C TRP I 214 -14.58 28.41 -15.33
N TYR I 215 -14.06 27.45 -16.09
CA TYR I 215 -14.78 26.95 -17.25
C TYR I 215 -16.09 26.29 -16.84
N ARG I 216 -16.02 25.37 -15.87
CA ARG I 216 -17.19 24.58 -15.51
C ARG I 216 -18.16 25.31 -14.60
N MET I 217 -17.83 26.53 -14.16
CA MET I 217 -18.82 27.33 -13.48
C MET I 217 -19.74 28.02 -14.50
N ASN I 218 -19.23 28.26 -15.71
CA ASN I 218 -20.07 28.79 -16.78
C ASN I 218 -20.94 27.75 -17.41
N GLN I 219 -20.55 26.49 -17.34
CA GLN I 219 -21.44 25.43 -17.78
C GLN I 219 -22.62 25.30 -16.84
N LEU I 220 -22.45 25.66 -15.58
CA LEU I 220 -23.62 25.82 -14.72
C LEU I 220 -24.35 27.13 -15.00
N ARG I 221 -23.61 28.16 -15.37
CA ARG I 221 -24.23 29.46 -15.59
C ARG I 221 -25.02 29.49 -16.88
N GLU I 222 -24.51 28.87 -17.93
CA GLU I 222 -25.21 28.88 -19.21
C GLU I 222 -26.38 27.92 -19.25
N GLN I 223 -26.28 26.78 -18.57
CA GLN I 223 -27.38 25.83 -18.54
C GLN I 223 -28.53 26.30 -17.68
N SER I 224 -28.29 27.24 -16.77
CA SER I 224 -29.36 27.75 -15.93
C SER I 224 -30.23 28.77 -16.65
N GLN I 225 -29.84 29.20 -17.86
CA GLN I 225 -30.65 29.99 -18.78
C GLN I 225 -31.07 31.32 -18.18
N LEU I 226 -30.17 31.94 -17.44
CA LEU I 226 -30.41 33.29 -16.96
C LEU I 226 -30.34 34.29 -18.11
N GLY I 227 -30.81 35.50 -17.86
CA GLY I 227 -30.83 36.52 -18.88
C GLY I 227 -29.45 37.07 -19.18
N VAL I 228 -29.44 38.09 -20.04
CA VAL I 228 -28.20 38.81 -20.29
C VAL I 228 -27.83 39.64 -19.08
N LYS I 229 -28.83 40.19 -18.39
CA LYS I 229 -28.57 41.05 -17.25
C LYS I 229 -28.15 40.26 -16.02
N HIS I 230 -28.80 39.14 -15.76
CA HIS I 230 -28.60 38.44 -14.49
C HIS I 230 -27.44 37.46 -14.52
N SER I 231 -27.04 36.98 -15.68
CA SER I 231 -25.86 36.13 -15.75
C SER I 231 -24.57 36.91 -15.66
N GLN I 232 -24.61 38.23 -15.80
CA GLN I 232 -23.43 39.07 -15.76
C GLN I 232 -23.33 39.86 -14.47
N ALA I 233 -24.06 39.48 -13.44
CA ALA I 233 -24.16 40.29 -12.24
C ALA I 233 -23.01 40.04 -11.26
N ARG I 234 -22.66 38.78 -11.04
CA ARG I 234 -21.64 38.41 -10.07
C ARG I 234 -20.31 38.28 -10.80
N ARG I 235 -19.41 39.21 -10.56
CA ARG I 235 -18.15 39.32 -11.28
C ARG I 235 -17.00 38.86 -10.38
N CYS I 236 -15.88 38.53 -11.00
CA CYS I 236 -14.62 38.32 -10.31
C CYS I 236 -13.61 39.32 -10.84
N PHE I 237 -12.57 39.58 -10.06
CA PHE I 237 -11.67 40.68 -10.34
C PHE I 237 -10.24 40.18 -10.41
N PHE I 238 -9.49 40.71 -11.37
CA PHE I 238 -8.18 40.20 -11.76
C PHE I 238 -7.20 41.36 -11.84
N ALA I 239 -6.54 41.65 -10.73
CA ALA I 239 -5.60 42.76 -10.65
C ALA I 239 -4.26 42.34 -11.23
N THR I 240 -3.82 43.02 -12.29
CA THR I 240 -2.62 42.63 -13.01
C THR I 240 -1.97 43.85 -13.62
N HIS I 241 -0.66 43.97 -13.45
CA HIS I 241 0.07 45.07 -14.06
C HIS I 241 0.21 44.89 -15.56
N GLY I 242 0.43 43.66 -16.00
CA GLY I 242 0.88 43.42 -17.36
C GLY I 242 0.11 42.39 -18.14
N ALA I 243 -1.22 42.38 -18.05
CA ALA I 243 -2.01 41.47 -18.87
C ALA I 243 -1.91 41.86 -20.33
N GLY I 244 -1.91 40.86 -21.20
CA GLY I 244 -1.68 41.10 -22.61
C GLY I 244 -2.88 41.62 -23.35
N LEU I 245 -3.04 41.17 -24.61
CA LEU I 245 -4.18 41.57 -25.41
C LEU I 245 -5.19 40.45 -25.62
N VAL I 246 -4.79 39.21 -25.42
CA VAL I 246 -5.66 38.06 -25.61
C VAL I 246 -6.33 37.64 -24.33
N GLN I 247 -5.56 37.53 -23.26
CA GLN I 247 -6.08 36.99 -22.01
C GLN I 247 -7.20 37.78 -21.33
N PRO I 248 -7.28 39.13 -21.35
CA PRO I 248 -8.48 39.77 -20.78
C PRO I 248 -9.78 39.47 -21.51
N ASP I 249 -9.74 39.18 -22.80
CA ASP I 249 -10.98 38.84 -23.50
C ASP I 249 -11.38 37.38 -23.32
N ILE I 250 -10.44 36.50 -23.01
CA ILE I 250 -10.81 35.12 -22.70
C ILE I 250 -11.56 35.07 -21.38
N LEU I 251 -11.13 35.88 -20.41
CA LEU I 251 -11.69 35.84 -19.08
C LEU I 251 -12.99 36.60 -18.95
N GLN I 252 -13.36 37.43 -19.94
CA GLN I 252 -14.67 38.05 -19.93
C GLN I 252 -15.78 37.03 -20.08
N GLN I 253 -15.48 35.91 -20.74
CA GLN I 253 -16.41 34.79 -20.81
C GLN I 253 -16.75 34.24 -19.44
N TRP I 254 -15.81 34.32 -18.51
CA TRP I 254 -15.93 33.64 -17.23
C TRP I 254 -16.27 34.61 -16.11
N ASN I 255 -16.82 35.79 -16.47
CA ASN I 255 -17.16 36.88 -15.55
C ASN I 255 -15.98 37.30 -14.69
N ILE I 256 -14.84 37.55 -15.35
CA ILE I 256 -13.64 38.01 -14.68
C ILE I 256 -13.25 39.33 -15.29
N ASP I 257 -13.27 40.38 -14.48
CA ASP I 257 -12.89 41.71 -14.91
C ASP I 257 -11.44 41.98 -14.53
N VAL I 258 -10.77 42.75 -15.37
CA VAL I 258 -9.34 43.04 -15.21
C VAL I 258 -9.19 44.43 -14.60
N ILE I 259 -8.41 44.51 -13.53
CA ILE I 259 -8.08 45.78 -12.89
C ILE I 259 -6.66 46.11 -13.27
N GLN I 260 -6.48 47.16 -14.07
CA GLN I 260 -5.14 47.55 -14.51
C GLN I 260 -4.44 48.33 -13.42
N LEU I 261 -3.34 47.81 -12.92
CA LEU I 261 -2.53 48.47 -11.92
C LEU I 261 -1.35 49.16 -12.58
N ASP I 262 -0.76 50.11 -11.87
CA ASP I 262 0.33 50.90 -12.41
C ASP I 262 1.62 50.09 -12.43
N PRO I 263 2.21 49.82 -13.59
CA PRO I 263 3.35 48.90 -13.66
C PRO I 263 4.68 49.51 -13.28
N THR I 264 4.73 50.80 -12.91
CA THR I 264 6.01 51.42 -12.57
C THR I 264 6.50 50.93 -11.21
N ASP I 265 5.61 50.85 -10.24
CA ASP I 265 5.92 50.29 -8.93
C ASP I 265 4.87 49.23 -8.63
N LYS I 266 5.28 47.96 -8.70
CA LYS I 266 4.31 46.86 -8.56
C LYS I 266 3.82 46.72 -7.14
N SER I 267 4.66 46.98 -6.15
CA SER I 267 4.27 46.74 -4.76
C SER I 267 3.35 47.83 -4.24
N ALA I 268 3.56 49.07 -4.66
CA ALA I 268 2.73 50.17 -4.18
C ALA I 268 1.37 50.19 -4.86
N SER I 269 1.28 49.66 -6.07
CA SER I 269 -0.01 49.63 -6.76
C SER I 269 -0.95 48.62 -6.14
N VAL I 270 -0.40 47.48 -5.68
CA VAL I 270 -1.21 46.48 -5.02
C VAL I 270 -1.66 46.98 -3.65
N ALA I 271 -0.75 47.66 -2.94
CA ALA I 271 -1.06 48.14 -1.60
C ALA I 271 -2.13 49.22 -1.61
N ARG I 272 -2.16 50.06 -2.63
CA ARG I 272 -3.24 51.04 -2.75
C ARG I 272 -4.57 50.39 -3.10
N LEU I 273 -4.54 49.22 -3.73
CA LEU I 273 -5.80 48.51 -3.99
C LEU I 273 -6.37 47.91 -2.72
N LEU I 274 -5.52 47.32 -1.90
CA LEU I 274 -5.98 46.71 -0.66
C LEU I 274 -6.38 47.74 0.38
N GLU I 275 -5.83 48.94 0.31
CA GLU I 275 -6.24 50.00 1.21
C GLU I 275 -7.53 50.68 0.76
N SER I 276 -7.87 50.58 -0.52
CA SER I 276 -9.11 51.16 -1.01
C SER I 276 -10.31 50.29 -0.69
N ILE I 277 -10.10 49.02 -0.32
CA ILE I 277 -11.21 48.17 0.08
C ILE I 277 -11.69 48.55 1.46
N ALA I 278 -10.78 48.96 2.34
CA ALA I 278 -11.11 49.38 3.70
C ALA I 278 -11.91 50.69 3.69
N THR J 2 18.62 4.39 -25.15
CA THR J 2 17.48 5.03 -24.52
C THR J 2 16.39 5.34 -25.54
N THR J 3 16.66 5.04 -26.80
CA THR J 3 15.76 5.37 -27.89
C THR J 3 15.93 4.35 -29.00
N LEU J 4 14.83 3.77 -29.46
CA LEU J 4 14.89 2.77 -30.52
C LEU J 4 15.24 3.41 -31.84
N THR J 5 15.96 2.66 -32.67
CA THR J 5 16.22 3.06 -34.04
C THR J 5 15.16 2.43 -34.94
N LEU J 6 15.32 2.59 -36.25
CA LEU J 6 14.32 2.06 -37.17
C LEU J 6 14.43 0.55 -37.29
N SER J 7 15.65 0.01 -37.34
CA SER J 7 15.84 -1.42 -37.47
C SER J 7 15.55 -2.16 -36.17
N GLU J 8 15.70 -1.50 -35.03
CA GLU J 8 15.37 -2.15 -33.76
C GLU J 8 13.87 -2.24 -33.55
N ALA J 9 13.14 -1.21 -33.94
CA ALA J 9 11.70 -1.16 -33.71
C ALA J 9 10.90 -1.92 -34.76
N ALA J 10 11.50 -2.27 -35.89
CA ALA J 10 10.81 -2.98 -36.95
C ALA J 10 10.33 -4.39 -36.59
N PRO J 11 11.09 -5.25 -35.89
CA PRO J 11 10.48 -6.53 -35.48
C PRO J 11 9.47 -6.39 -34.36
N LEU J 12 9.52 -5.31 -33.58
CA LEU J 12 8.52 -5.09 -32.55
C LEU J 12 7.20 -4.65 -33.15
N LEU J 13 7.24 -3.95 -34.27
CA LEU J 13 6.01 -3.51 -34.92
C LEU J 13 5.41 -4.60 -35.79
N LYS J 14 6.22 -5.53 -36.30
CA LYS J 14 5.67 -6.65 -37.07
C LYS J 14 4.87 -7.58 -36.17
N LYS J 15 5.32 -7.77 -34.94
CA LYS J 15 4.65 -8.71 -34.03
C LYS J 15 3.28 -8.19 -33.62
N GLU J 16 3.18 -6.89 -33.34
CA GLU J 16 1.90 -6.33 -32.96
C GLU J 16 0.98 -6.17 -34.15
N PHE J 17 1.52 -6.06 -35.36
CA PHE J 17 0.65 -5.90 -36.52
C PHE J 17 0.06 -7.24 -36.96
N ARG J 18 0.85 -8.31 -36.92
CA ARG J 18 0.31 -9.61 -37.34
C ARG J 18 -0.66 -10.18 -36.33
N GLU J 19 -0.64 -9.69 -35.10
CA GLU J 19 -1.66 -10.04 -34.13
C GLU J 19 -2.88 -9.12 -34.21
N GLY J 20 -2.83 -8.09 -35.03
CA GLY J 20 -3.96 -7.18 -35.16
C GLY J 20 -4.13 -6.23 -34.00
N ARG J 21 -3.04 -5.88 -33.32
CA ARG J 21 -3.11 -5.08 -32.09
C ARG J 21 -2.26 -3.83 -32.20
N LEU J 22 -2.05 -3.32 -33.41
CA LEU J 22 -1.32 -2.10 -33.66
C LEU J 22 -2.24 -1.12 -34.36
N ILE J 23 -2.32 0.11 -33.83
CA ILE J 23 -3.22 1.14 -34.34
C ILE J 23 -2.43 2.41 -34.59
N PRO J 24 -2.44 2.97 -35.79
CA PRO J 24 -1.72 4.22 -36.04
C PRO J 24 -2.44 5.42 -35.45
N PHE J 25 -1.66 6.39 -34.99
CA PHE J 25 -2.19 7.65 -34.49
C PHE J 25 -1.47 8.75 -35.25
N LEU J 26 -2.18 9.47 -36.11
CA LEU J 26 -1.57 10.37 -37.07
C LEU J 26 -1.82 11.82 -36.69
N GLY J 27 -0.78 12.64 -36.78
CA GLY J 27 -0.85 14.02 -36.36
C GLY J 27 -0.77 15.00 -37.51
N ALA J 28 -0.48 16.25 -37.17
CA ALA J 28 -0.44 17.30 -38.18
C ALA J 28 0.80 17.22 -39.05
N GLY J 29 1.87 16.60 -38.57
CA GLY J 29 3.05 16.42 -39.38
C GLY J 29 2.91 15.38 -40.46
N PHE J 30 1.84 14.58 -40.43
CA PHE J 30 1.61 13.59 -41.46
C PHE J 30 1.04 14.22 -42.72
N SER J 31 0.46 15.41 -42.61
CA SER J 31 -0.07 16.14 -43.76
C SER J 31 0.83 17.28 -44.18
N LYS J 32 2.03 17.36 -43.64
CA LYS J 32 3.03 18.37 -44.01
C LYS J 32 3.54 18.22 -45.45
N PRO J 33 3.77 17.03 -46.02
CA PRO J 33 4.14 16.99 -47.45
C PRO J 33 3.01 17.35 -48.40
N LEU J 34 1.80 17.53 -47.92
CA LEU J 34 0.71 18.00 -48.76
C LEU J 34 0.63 19.51 -48.79
N LYS J 35 1.67 20.20 -48.29
CA LYS J 35 1.77 21.66 -48.22
C LYS J 35 0.61 22.27 -47.42
N LEU J 36 0.30 21.66 -46.34
CA LEU J 36 -0.75 22.18 -45.49
C LEU J 36 -0.15 22.88 -44.27
N PRO J 37 -0.87 23.83 -43.69
CA PRO J 37 -0.42 24.44 -42.44
C PRO J 37 -0.35 23.44 -41.30
N ASP J 38 0.64 23.62 -40.44
CA ASP J 38 0.65 22.96 -39.14
C ASP J 38 0.01 23.90 -38.12
N GLY J 39 0.20 23.64 -36.82
CA GLY J 39 -0.36 24.47 -35.79
C GLY J 39 0.22 25.87 -35.69
N SER J 40 1.33 26.14 -36.38
CA SER J 40 1.92 27.47 -36.38
C SER J 40 1.49 28.32 -37.57
N GLN J 41 1.27 27.73 -38.74
CA GLN J 41 0.80 28.54 -39.87
C GLN J 41 -0.68 28.84 -39.81
N LEU J 42 -1.47 28.14 -38.99
CA LEU J 42 -2.83 28.60 -38.74
C LEU J 42 -2.85 29.89 -37.96
N ILE J 43 -2.03 29.98 -36.91
CA ILE J 43 -1.96 31.16 -36.07
C ILE J 43 -1.41 32.36 -36.85
N ALA J 44 -0.54 32.11 -37.82
CA ALA J 44 -0.11 33.17 -38.71
C ALA J 44 -1.23 33.64 -39.61
N SER J 45 -2.19 32.77 -39.91
CA SER J 45 -3.34 33.17 -40.71
C SER J 45 -4.44 33.80 -39.88
N LEU J 46 -4.56 33.41 -38.62
CA LEU J 46 -5.54 34.05 -37.74
C LEU J 46 -5.09 35.45 -37.35
N ALA J 47 -3.77 35.67 -37.25
CA ALA J 47 -3.24 36.98 -36.90
C ALA J 47 -3.42 37.98 -38.03
N LYS J 48 -3.42 37.50 -39.27
CA LYS J 48 -3.62 38.39 -40.40
C LYS J 48 -5.05 38.90 -40.47
N THR J 49 -6.00 38.04 -40.09
CA THR J 49 -7.41 38.45 -40.09
C THR J 49 -7.70 39.43 -38.98
N LEU J 50 -7.12 39.22 -37.80
CA LEU J 50 -7.36 40.07 -36.65
C LEU J 50 -6.59 41.38 -36.70
N GLY J 51 -5.63 41.53 -37.60
CA GLY J 51 -4.84 42.74 -37.66
C GLY J 51 -3.58 42.72 -36.82
N PHE J 52 -3.12 41.54 -36.42
CA PHE J 52 -1.90 41.39 -35.65
C PHE J 52 -0.72 41.10 -36.58
N GLU J 53 0.45 41.48 -36.12
CA GLU J 53 1.62 40.88 -36.73
C GLU J 53 1.78 39.46 -36.20
N PRO J 54 2.19 38.51 -37.05
CA PRO J 54 2.19 37.10 -36.62
C PRO J 54 3.19 36.78 -35.53
N GLU J 55 4.24 37.58 -35.36
CA GLU J 55 5.16 37.35 -34.27
C GLU J 55 4.70 37.99 -32.97
N LEU J 56 3.92 39.07 -33.05
CA LEU J 56 3.36 39.67 -31.85
C LEU J 56 2.15 38.92 -31.34
N PHE J 57 1.39 38.29 -32.24
CA PHE J 57 0.21 37.55 -31.82
C PHE J 57 0.57 36.26 -31.11
N ASP J 58 1.73 35.70 -31.43
CA ASP J 58 2.14 34.42 -30.88
C ASP J 58 2.50 34.51 -29.40
N MET J 59 2.92 35.70 -28.93
CA MET J 59 3.43 35.81 -27.53
C MET J 59 2.35 36.26 -26.55
N HIS J 60 1.06 36.14 -26.91
CA HIS J 60 0.00 36.48 -25.98
C HIS J 60 -0.72 35.26 -25.42
N GLY J 61 -0.31 34.06 -25.79
CA GLY J 61 -0.97 32.88 -25.26
C GLY J 61 -0.58 31.66 -26.05
N ARG J 62 -1.12 30.53 -25.60
CA ARG J 62 -0.84 29.26 -26.25
C ARG J 62 -1.75 29.09 -27.47
N PHE J 63 -1.57 27.95 -28.16
CA PHE J 63 -2.30 27.69 -29.40
C PHE J 63 -3.80 27.59 -29.17
N GLU J 64 -4.20 26.99 -28.04
CA GLU J 64 -5.61 26.86 -27.73
C GLU J 64 -6.23 28.21 -27.40
N GLN J 65 -5.45 29.10 -26.81
CA GLN J 65 -5.95 30.37 -26.32
C GLN J 65 -6.00 31.42 -27.40
N LEU J 66 -5.13 31.34 -28.39
CA LEU J 66 -5.20 32.29 -29.50
C LEU J 66 -6.35 31.99 -30.44
N ALA J 67 -6.73 30.71 -30.55
CA ALA J 67 -7.89 30.35 -31.34
C ALA J 67 -9.18 30.65 -30.61
N GLU J 68 -9.16 30.60 -29.28
CA GLU J 68 -10.31 31.05 -28.50
C GLU J 68 -10.52 32.55 -28.64
N PHE J 69 -9.45 33.31 -28.71
CA PHE J 69 -9.54 34.75 -28.93
C PHE J 69 -10.04 35.08 -30.32
N PHE J 70 -9.69 34.25 -31.30
CA PHE J 70 -10.16 34.47 -32.66
C PHE J 70 -11.66 34.23 -32.78
N ALA J 71 -12.16 33.16 -32.15
CA ALA J 71 -13.54 32.75 -32.35
C ALA J 71 -14.54 33.69 -31.71
N ILE J 72 -14.11 34.51 -30.75
CA ILE J 72 -15.01 35.43 -30.06
C ILE J 72 -14.75 36.87 -30.46
N SER J 73 -13.98 37.10 -31.52
CA SER J 73 -13.72 38.46 -31.96
C SER J 73 -14.94 39.06 -32.64
N ALA J 74 -15.72 38.23 -33.32
CA ALA J 74 -16.88 38.67 -34.06
C ALA J 74 -17.82 37.48 -34.16
N PRO J 75 -19.11 37.70 -34.41
CA PRO J 75 -20.00 36.57 -34.65
C PRO J 75 -19.66 35.88 -35.96
N ASN J 76 -19.89 34.56 -35.97
CA ASN J 76 -19.67 33.69 -37.12
C ASN J 76 -18.23 33.68 -37.59
N ARG J 77 -17.29 33.95 -36.68
CA ARG J 77 -15.89 34.01 -37.06
C ARG J 77 -15.26 32.63 -37.12
N LEU J 78 -15.77 31.69 -36.32
CA LEU J 78 -15.28 30.32 -36.38
C LEU J 78 -15.83 29.57 -37.58
N GLN J 79 -17.08 29.86 -37.96
CA GLN J 79 -17.69 29.19 -39.14
C GLN J 79 -16.86 29.53 -40.39
N ARG J 80 -16.46 30.79 -40.52
CA ARG J 80 -15.66 31.23 -41.70
C ARG J 80 -14.34 30.45 -41.74
N LEU J 81 -13.69 30.27 -40.59
CA LEU J 81 -12.39 29.57 -40.54
C LEU J 81 -12.55 28.16 -41.11
N VAL J 82 -13.60 27.44 -40.68
CA VAL J 82 -13.83 26.05 -41.15
C VAL J 82 -14.00 26.08 -42.67
N TYR J 83 -14.77 27.04 -43.18
CA TYR J 83 -14.98 27.16 -44.65
C TYR J 83 -13.64 27.38 -45.34
N GLU J 84 -12.83 28.31 -44.83
CA GLU J 84 -11.52 28.62 -45.45
C GLU J 84 -10.62 27.38 -45.37
N MET J 85 -10.59 26.71 -44.22
CA MET J 85 -9.72 25.52 -44.04
C MET J 85 -10.15 24.44 -45.04
N SER J 86 -11.46 24.24 -45.20
CA SER J 86 -11.97 23.21 -46.14
C SER J 86 -11.44 23.49 -47.54
N LEU J 87 -11.53 24.75 -47.99
CA LEU J 87 -11.11 25.11 -49.37
C LEU J 87 -9.59 24.91 -49.52
N SER J 88 -8.83 25.04 -48.43
CA SER J 88 -7.35 24.97 -48.52
C SER J 88 -6.84 23.55 -48.20
N PHE J 89 -7.39 22.91 -47.17
CA PHE J 89 -6.87 21.61 -46.76
C PHE J 89 -7.28 20.51 -47.72
N ASP J 90 -8.54 20.53 -48.18
CA ASP J 90 -9.07 19.49 -49.04
C ASP J 90 -9.18 19.94 -50.49
N SER J 91 -8.26 20.79 -50.93
CA SER J 91 -8.30 21.30 -52.30
C SER J 91 -7.87 20.21 -53.28
N ALA J 92 -8.06 20.49 -54.56
CA ALA J 92 -7.74 19.50 -55.59
C ALA J 92 -6.24 19.33 -55.78
N GLU J 93 -5.46 20.38 -55.53
CA GLU J 93 -4.02 20.24 -55.62
C GLU J 93 -3.42 19.55 -54.40
N ALA J 94 -4.14 19.52 -53.28
CA ALA J 94 -3.71 18.69 -52.17
C ALA J 94 -4.10 17.23 -52.38
N GLU J 95 -5.15 17.00 -53.18
CA GLU J 95 -5.47 15.64 -53.60
C GLU J 95 -4.41 15.08 -54.51
N ALA J 96 -3.89 15.90 -55.42
CA ALA J 96 -2.93 15.44 -56.42
C ALA J 96 -1.57 15.17 -55.81
N LEU J 97 -1.21 15.89 -54.75
CA LEU J 97 0.01 15.59 -54.02
C LEU J 97 -0.13 14.35 -53.14
N ARG J 98 -1.33 13.83 -52.99
CA ARG J 98 -1.61 12.78 -52.02
C ARG J 98 -1.50 11.40 -52.65
N GLU J 99 -1.72 11.27 -53.96
CA GLU J 99 -1.50 9.97 -54.59
C GLU J 99 -0.02 9.67 -54.76
N LYS J 100 0.79 10.69 -55.03
CA LYS J 100 2.20 10.50 -55.23
C LYS J 100 3.01 10.66 -53.96
N SER J 101 2.36 10.74 -52.81
CA SER J 101 3.06 10.82 -51.54
C SER J 101 3.46 9.42 -51.09
N PRO J 102 4.74 9.19 -50.79
CA PRO J 102 5.16 7.85 -50.38
C PRO J 102 4.68 7.45 -48.99
N MET J 103 4.37 8.39 -48.11
CA MET J 103 3.86 8.01 -46.79
C MET J 103 2.43 7.52 -46.89
N HIS J 104 1.60 8.20 -47.67
CA HIS J 104 0.20 7.83 -47.79
C HIS J 104 0.02 6.55 -48.59
N ARG J 105 0.96 6.25 -49.50
CA ARG J 105 0.92 4.97 -50.17
C ARG J 105 1.35 3.85 -49.24
N ALA J 106 2.35 4.09 -48.40
CA ALA J 106 2.82 3.06 -47.49
C ALA J 106 1.85 2.83 -46.35
N LEU J 107 1.07 3.85 -45.99
CA LEU J 107 0.06 3.68 -44.97
C LEU J 107 -1.09 2.83 -45.47
N ALA J 108 -1.54 3.07 -46.69
CA ALA J 108 -2.68 2.36 -47.23
C ALA J 108 -2.33 0.96 -47.74
N ALA J 109 -1.04 0.64 -47.87
CA ALA J 109 -0.67 -0.69 -48.31
C ALA J 109 -0.88 -1.73 -47.22
N LEU J 110 -0.91 -1.31 -45.96
CA LEU J 110 -1.15 -2.21 -44.85
C LEU J 110 -2.65 -2.35 -44.61
N ASP J 111 -3.04 -3.48 -44.04
CA ASP J 111 -4.45 -3.79 -43.84
C ASP J 111 -4.81 -3.46 -42.40
N TRP J 112 -5.01 -2.18 -42.15
CA TRP J 112 -5.36 -1.74 -40.81
C TRP J 112 -6.83 -2.00 -40.53
N ARG J 113 -7.20 -1.90 -39.27
CA ARG J 113 -8.60 -1.95 -38.86
C ARG J 113 -9.10 -0.68 -38.20
N THR J 114 -8.22 0.07 -37.56
CA THR J 114 -8.60 1.32 -36.92
C THR J 114 -7.46 2.30 -37.09
N ILE J 115 -7.76 3.54 -37.49
CA ILE J 115 -6.78 4.61 -37.60
C ILE J 115 -7.34 5.83 -36.90
N TYR J 116 -6.56 6.41 -35.99
CA TYR J 116 -6.91 7.64 -35.32
C TYR J 116 -6.11 8.80 -35.90
N THR J 117 -6.78 9.93 -36.13
CA THR J 117 -6.12 11.14 -36.58
C THR J 117 -6.63 12.33 -35.78
N THR J 118 -5.77 13.34 -35.63
CA THR J 118 -6.15 14.60 -35.00
C THR J 118 -6.09 15.77 -35.97
N ASN J 119 -6.18 15.53 -37.26
CA ASN J 119 -6.13 16.62 -38.22
C ASN J 119 -7.42 16.66 -39.04
N TYR J 120 -7.76 17.85 -39.52
CA TYR J 120 -9.04 18.11 -40.17
C TYR J 120 -8.85 18.09 -41.67
N ASP J 121 -8.72 16.89 -42.24
CA ASP J 121 -8.55 16.75 -43.67
C ASP J 121 -8.89 15.33 -44.07
N LYS J 122 -9.35 15.18 -45.31
CA LYS J 122 -9.72 13.84 -45.79
C LYS J 122 -8.57 13.16 -46.51
N HIS J 123 -7.38 13.22 -45.93
CA HIS J 123 -6.22 12.68 -46.60
C HIS J 123 -5.69 11.40 -45.96
N VAL J 124 -6.32 10.93 -44.90
CA VAL J 124 -6.01 9.63 -44.34
C VAL J 124 -7.00 8.58 -44.81
N GLU J 125 -8.29 8.90 -44.78
CA GLU J 125 -9.23 8.03 -45.46
C GLU J 125 -9.14 8.18 -46.96
N GLY J 126 -8.72 9.35 -47.45
CA GLY J 126 -8.53 9.51 -48.88
C GLY J 126 -7.36 8.72 -49.41
N ALA J 127 -6.36 8.47 -48.58
CA ALA J 127 -5.27 7.59 -48.98
C ALA J 127 -5.73 6.15 -49.11
N LEU J 128 -6.72 5.75 -48.30
CA LEU J 128 -7.24 4.40 -48.40
C LEU J 128 -8.12 4.22 -49.62
N ARG J 129 -8.85 5.27 -50.03
CA ARG J 129 -9.62 5.21 -51.27
C ARG J 129 -8.71 5.18 -52.49
N ASP J 130 -7.51 5.75 -52.38
CA ASP J 130 -6.59 5.74 -53.51
C ASP J 130 -6.02 4.36 -53.78
N ALA J 131 -5.90 3.55 -52.74
CA ALA J 131 -5.36 2.20 -52.88
C ALA J 131 -6.43 1.17 -53.17
N GLY J 132 -7.64 1.60 -53.54
CA GLY J 132 -8.73 0.68 -53.79
C GLY J 132 -9.47 0.22 -52.57
N LYS J 133 -8.95 0.48 -51.38
CA LYS J 133 -9.63 0.10 -50.15
C LYS J 133 -10.74 1.09 -49.85
N GLN J 134 -11.56 0.74 -48.88
CA GLN J 134 -12.65 1.61 -48.46
C GLN J 134 -12.56 1.84 -46.97
N ALA J 135 -12.91 3.05 -46.55
CA ALA J 135 -12.77 3.50 -45.19
C ALA J 135 -14.10 3.99 -44.65
N ALA J 136 -14.15 4.20 -43.35
CA ALA J 136 -15.37 4.64 -42.68
C ALA J 136 -14.99 5.71 -41.68
N VAL J 137 -15.36 6.95 -41.97
CA VAL J 137 -15.01 8.07 -41.11
C VAL J 137 -15.99 8.11 -39.94
N LEU J 138 -15.47 8.13 -38.73
CA LEU J 138 -16.27 8.19 -37.52
C LEU J 138 -15.84 9.42 -36.73
N ALA J 139 -16.70 10.40 -36.65
CA ALA J 139 -16.35 11.63 -35.94
C ALA J 139 -17.36 12.01 -34.87
N SER J 140 -18.64 11.80 -35.11
CA SER J 140 -19.69 12.24 -34.21
C SER J 140 -20.48 11.05 -33.72
N PHE J 141 -21.49 11.31 -32.89
CA PHE J 141 -22.33 10.25 -32.35
C PHE J 141 -23.16 9.58 -33.44
N ALA J 142 -23.58 10.34 -34.45
CA ALA J 142 -24.38 9.77 -35.52
C ALA J 142 -23.57 8.89 -36.44
N ASP J 143 -22.26 9.07 -36.50
CA ASP J 143 -21.42 8.22 -37.31
C ASP J 143 -21.22 6.86 -36.68
N PHE J 144 -21.06 6.82 -35.35
CA PHE J 144 -20.87 5.55 -34.66
C PHE J 144 -22.12 4.69 -34.73
N GLN J 145 -23.30 5.29 -34.68
CA GLN J 145 -24.52 4.50 -34.80
C GLN J 145 -25.01 4.35 -36.22
N GLY J 146 -24.34 4.96 -37.19
CA GLY J 146 -24.71 4.79 -38.57
C GLY J 146 -24.32 3.44 -39.10
N PRO J 147 -24.78 3.13 -40.30
CA PRO J 147 -24.43 1.85 -40.93
C PRO J 147 -23.04 1.89 -41.57
N ARG J 148 -22.27 0.85 -41.33
CA ARG J 148 -21.03 0.59 -42.03
C ARG J 148 -21.10 -0.75 -42.74
N ALA J 149 -20.01 -1.09 -43.40
CA ALA J 149 -19.86 -2.42 -43.96
C ALA J 149 -19.21 -3.32 -42.90
N ARG J 150 -18.91 -4.56 -43.29
CA ARG J 150 -18.57 -5.57 -42.29
C ARG J 150 -17.13 -5.42 -41.80
N ASP J 151 -16.16 -5.53 -42.71
CA ASP J 151 -14.74 -5.44 -42.36
C ASP J 151 -14.14 -4.29 -43.15
N VAL J 152 -14.23 -3.09 -42.60
CA VAL J 152 -13.77 -1.86 -43.21
C VAL J 152 -12.98 -1.10 -42.17
N CYS J 153 -11.82 -0.56 -42.57
CA CYS J 153 -11.00 0.25 -41.69
C CYS J 153 -11.75 1.49 -41.23
N GLU J 154 -11.91 1.61 -39.91
CA GLU J 154 -12.62 2.73 -39.31
C GLU J 154 -11.62 3.82 -39.00
N VAL J 155 -11.76 4.97 -39.67
CA VAL J 155 -10.90 6.12 -39.43
C VAL J 155 -11.59 7.00 -38.40
N ILE J 156 -11.00 7.11 -37.21
CA ILE J 156 -11.59 7.88 -36.13
C ILE J 156 -11.00 9.28 -36.19
N LYS J 157 -11.79 10.25 -36.65
CA LYS J 157 -11.38 11.65 -36.61
C LYS J 157 -11.50 12.12 -35.17
N PHE J 158 -10.37 12.12 -34.46
CA PHE J 158 -10.41 12.34 -33.01
C PHE J 158 -10.72 13.78 -32.66
N HIS J 159 -10.28 14.73 -33.49
CA HIS J 159 -10.55 16.14 -33.22
C HIS J 159 -11.62 16.73 -34.11
N GLY J 160 -12.20 15.97 -35.02
CA GLY J 160 -13.30 16.44 -35.82
C GLY J 160 -12.97 16.44 -37.30
N THR J 161 -14.00 16.71 -38.09
CA THR J 161 -13.88 16.68 -39.54
C THR J 161 -14.42 18.00 -40.07
N LEU J 162 -13.96 18.40 -41.25
CA LEU J 162 -14.40 19.67 -41.81
C LEU J 162 -15.81 19.62 -42.36
N ASP J 163 -16.33 18.43 -42.69
CA ASP J 163 -17.70 18.35 -43.19
C ASP J 163 -18.73 18.29 -42.07
N GLN J 164 -18.28 18.22 -40.82
CA GLN J 164 -19.14 18.31 -39.65
C GLN J 164 -18.51 19.34 -38.74
N PRO J 165 -18.82 20.63 -38.93
CA PRO J 165 -18.08 21.69 -38.23
C PRO J 165 -18.36 21.77 -36.74
N ASP J 166 -19.38 21.08 -36.23
CA ASP J 166 -19.61 21.06 -34.80
C ASP J 166 -18.64 20.15 -34.05
N THR J 167 -17.93 19.28 -34.76
CA THR J 167 -17.05 18.32 -34.13
C THR J 167 -15.62 18.82 -34.01
N ILE J 168 -15.29 19.95 -34.60
CA ILE J 168 -13.93 20.45 -34.61
C ILE J 168 -13.58 21.04 -33.26
N VAL J 169 -12.52 20.53 -32.63
CA VAL J 169 -12.02 21.10 -31.40
C VAL J 169 -10.75 21.87 -31.73
N LEU J 170 -10.85 23.18 -31.68
CA LEU J 170 -9.73 24.05 -31.97
C LEU J 170 -9.50 25.09 -30.89
N THR J 171 -10.57 25.63 -30.32
CA THR J 171 -10.48 26.68 -29.33
C THR J 171 -10.25 26.08 -27.95
N GLU J 172 -9.95 26.95 -26.98
CA GLU J 172 -9.64 26.47 -25.65
C GLU J 172 -10.87 25.89 -24.96
N SER J 173 -12.05 26.49 -25.21
CA SER J 173 -13.27 25.98 -24.62
C SER J 173 -13.65 24.62 -25.16
N SER J 174 -13.22 24.29 -26.38
CA SER J 174 -13.50 22.97 -26.91
C SER J 174 -12.54 21.93 -26.37
N TYR J 175 -11.32 22.33 -26.01
CA TYR J 175 -10.42 21.40 -25.33
C TYR J 175 -10.86 21.13 -23.90
N PHE J 176 -11.41 22.14 -23.23
CA PHE J 176 -11.92 21.93 -21.88
C PHE J 176 -13.18 21.09 -21.88
N GLN J 177 -13.96 21.13 -22.96
CA GLN J 177 -15.14 20.29 -23.05
C GLN J 177 -14.77 18.84 -23.26
N ARG J 178 -13.57 18.57 -23.79
CA ARG J 178 -13.09 17.21 -23.99
C ARG J 178 -12.31 16.68 -22.80
N MET J 179 -12.15 17.47 -21.74
CA MET J 179 -11.48 16.98 -20.54
C MET J 179 -12.35 16.04 -19.73
N ALA J 180 -13.65 16.02 -19.98
CA ALA J 180 -14.52 15.09 -19.30
C ALA J 180 -14.39 13.67 -19.84
N LEU J 181 -13.75 13.53 -21.01
CA LEU J 181 -13.52 12.25 -21.70
C LEU J 181 -14.83 11.54 -21.98
N ASP J 182 -15.83 12.31 -22.39
CA ASP J 182 -17.18 11.83 -22.57
C ASP J 182 -17.62 11.83 -24.02
N ALA J 183 -16.86 12.45 -24.91
CA ALA J 183 -17.19 12.46 -26.33
C ALA J 183 -17.02 11.06 -26.92
N PRO J 184 -17.73 10.76 -28.00
CA PRO J 184 -17.60 9.43 -28.63
C PRO J 184 -16.21 9.12 -29.16
N PRO J 185 -15.40 10.07 -29.66
CA PRO J 185 -14.00 9.69 -29.91
C PRO J 185 -13.18 9.48 -28.65
N ASP J 186 -13.57 10.09 -27.53
CA ASP J 186 -12.84 9.87 -26.29
C ASP J 186 -13.11 8.50 -25.72
N GLN J 187 -14.37 8.05 -25.77
CA GLN J 187 -14.74 6.76 -25.22
C GLN J 187 -14.21 5.62 -26.07
N ARG J 188 -14.10 5.82 -27.37
CA ARG J 188 -13.56 4.78 -28.25
C ARG J 188 -12.04 4.67 -28.10
N LEU J 189 -11.37 5.79 -27.83
CA LEU J 189 -9.93 5.77 -27.67
C LEU J 189 -9.52 5.06 -26.39
N ARG J 190 -10.25 5.31 -25.30
CA ARG J 190 -9.87 4.75 -24.01
C ARG J 190 -10.11 3.25 -23.96
N ALA J 191 -11.03 2.75 -24.78
CA ALA J 191 -11.25 1.31 -24.82
C ALA J 191 -10.27 0.63 -25.76
N ASP J 192 -9.82 1.31 -26.80
CA ASP J 192 -8.79 0.73 -27.65
C ASP J 192 -7.43 0.77 -26.99
N LEU J 193 -7.21 1.72 -26.09
CA LEU J 193 -5.94 1.80 -25.38
C LEU J 193 -5.82 0.70 -24.33
N LEU J 194 -6.93 0.12 -23.91
CA LEU J 194 -6.89 -0.99 -22.97
C LEU J 194 -6.28 -2.25 -23.57
N ALA J 195 -6.26 -2.38 -24.89
CA ALA J 195 -5.92 -3.65 -25.49
C ALA J 195 -4.93 -3.58 -26.65
N ASN J 196 -4.46 -2.41 -27.03
CA ASN J 196 -3.73 -2.28 -28.28
C ASN J 196 -2.50 -1.39 -28.10
N SER J 197 -1.48 -1.65 -28.92
CA SER J 197 -0.33 -0.76 -29.05
C SER J 197 -0.63 0.32 -30.06
N PHE J 198 -0.15 1.53 -29.80
CA PHE J 198 -0.35 2.61 -30.76
C PHE J 198 0.98 3.01 -31.37
N LEU J 199 0.91 3.58 -32.57
CA LEU J 199 2.07 4.08 -33.30
C LEU J 199 1.81 5.54 -33.65
N PHE J 200 2.48 6.44 -32.97
CA PHE J 200 2.31 7.87 -33.18
C PHE J 200 3.24 8.32 -34.29
N ILE J 201 2.67 8.80 -35.39
CA ILE J 201 3.42 9.22 -36.56
C ILE J 201 3.05 10.66 -36.86
N GLY J 202 4.05 11.53 -36.88
CA GLY J 202 3.81 12.92 -37.21
C GLY J 202 3.07 13.70 -36.16
N TYR J 203 3.00 13.18 -34.94
CA TYR J 203 2.28 13.82 -33.85
C TYR J 203 3.24 14.11 -32.72
N SER J 204 3.09 15.28 -32.12
CA SER J 204 3.86 15.68 -30.96
C SER J 204 2.89 15.89 -29.80
N PHE J 205 3.22 15.34 -28.63
CA PHE J 205 2.28 15.39 -27.51
C PHE J 205 2.25 16.80 -26.95
N SER J 206 1.42 17.63 -27.56
CA SER J 206 1.18 18.97 -27.07
C SER J 206 -0.25 19.18 -26.63
N ASP J 207 -1.14 18.24 -26.90
CA ASP J 207 -2.54 18.34 -26.50
C ASP J 207 -2.68 17.79 -25.10
N THR J 208 -3.19 18.61 -24.19
CA THR J 208 -3.30 18.19 -22.80
C THR J 208 -4.46 17.23 -22.55
N ASN J 209 -5.29 16.94 -23.55
CA ASN J 209 -6.28 15.89 -23.40
C ASN J 209 -5.78 14.54 -23.91
N ILE J 210 -4.81 14.53 -24.82
CA ILE J 210 -4.17 13.27 -25.18
C ILE J 210 -3.28 12.80 -24.05
N ARG J 211 -2.52 13.72 -23.46
CA ARG J 211 -1.62 13.37 -22.37
C ARG J 211 -2.37 12.94 -21.13
N TYR J 212 -3.58 13.47 -20.93
CA TYR J 212 -4.41 13.09 -19.80
C TYR J 212 -5.02 11.71 -19.96
N ILE J 213 -5.19 11.23 -21.19
CA ILE J 213 -5.72 9.88 -21.38
C ILE J 213 -4.64 8.85 -21.06
N TRP J 214 -3.42 9.06 -21.53
CA TRP J 214 -2.30 8.20 -21.18
C TRP J 214 -1.90 8.31 -19.72
N TYR J 215 -2.21 9.44 -19.07
CA TYR J 215 -2.03 9.53 -17.63
C TYR J 215 -2.95 8.57 -16.91
N ARG J 216 -4.23 8.58 -17.25
CA ARG J 216 -5.21 7.78 -16.51
C ARG J 216 -5.24 6.33 -16.91
N MET J 217 -4.47 5.93 -17.91
CA MET J 217 -4.29 4.51 -18.16
C MET J 217 -3.26 3.91 -17.22
N ASN J 218 -2.31 4.73 -16.75
CA ASN J 218 -1.36 4.29 -15.74
C ASN J 218 -1.96 4.24 -14.36
N GLN J 219 -2.97 5.05 -14.11
CA GLN J 219 -3.67 4.92 -12.84
C GLN J 219 -4.44 3.62 -12.78
N LEU J 220 -4.85 3.08 -13.92
CA LEU J 220 -5.34 1.71 -13.94
C LEU J 220 -4.19 0.72 -13.87
N ARG J 221 -3.05 1.06 -14.47
CA ARG J 221 -1.94 0.12 -14.50
C ARG J 221 -1.26 0.01 -13.14
N GLU J 222 -1.12 1.12 -12.43
CA GLU J 222 -0.45 1.07 -11.14
C GLU J 222 -1.35 0.52 -10.04
N GLN J 223 -2.65 0.78 -10.11
CA GLN J 223 -3.56 0.24 -9.10
C GLN J 223 -3.79 -1.25 -9.25
N SER J 224 -3.51 -1.81 -10.43
CA SER J 224 -3.68 -3.23 -10.62
C SER J 224 -2.54 -4.05 -10.05
N GLN J 225 -1.47 -3.39 -9.61
CA GLN J 225 -0.38 -3.99 -8.82
C GLN J 225 0.33 -5.12 -9.56
N LEU J 226 0.51 -4.93 -10.86
CA LEU J 226 1.30 -5.87 -11.63
C LEU J 226 2.78 -5.73 -11.27
N GLY J 227 3.57 -6.70 -11.70
CA GLY J 227 4.98 -6.70 -11.39
C GLY J 227 5.75 -5.66 -12.19
N VAL J 228 7.08 -5.70 -12.00
CA VAL J 228 7.93 -4.87 -12.84
C VAL J 228 7.97 -5.42 -14.26
N LYS J 229 7.91 -6.73 -14.40
CA LYS J 229 7.99 -7.35 -15.72
C LYS J 229 6.70 -7.19 -16.50
N HIS J 230 5.55 -7.39 -15.85
CA HIS J 230 4.30 -7.48 -16.57
C HIS J 230 3.63 -6.13 -16.80
N SER J 231 3.94 -5.12 -16.00
CA SER J 231 3.41 -3.79 -16.26
C SER J 231 4.14 -3.08 -17.39
N GLN J 232 5.29 -3.59 -17.82
CA GLN J 232 6.08 -2.97 -18.87
C GLN J 232 6.00 -3.75 -20.18
N ALA J 233 5.02 -4.63 -20.32
CA ALA J 233 4.99 -5.53 -21.46
C ALA J 233 4.35 -4.91 -22.69
N ARG J 234 3.24 -4.22 -22.52
CA ARG J 234 2.50 -3.63 -23.63
C ARG J 234 2.94 -2.19 -23.82
N ARG J 235 3.67 -1.92 -24.89
CA ARG J 235 4.30 -0.63 -25.14
C ARG J 235 3.54 0.10 -26.24
N CYS J 236 3.74 1.41 -26.29
CA CYS J 236 3.31 2.24 -27.41
C CYS J 236 4.53 2.88 -28.03
N PHE J 237 4.41 3.30 -29.28
CA PHE J 237 5.57 3.72 -30.06
C PHE J 237 5.35 5.11 -30.61
N PHE J 238 6.42 5.91 -30.58
CA PHE J 238 6.36 7.36 -30.83
C PHE J 238 7.45 7.72 -31.82
N ALA J 239 7.13 7.68 -33.10
CA ALA J 239 8.09 7.97 -34.15
C ALA J 239 8.22 9.48 -34.32
N THR J 240 9.43 10.00 -34.12
CA THR J 240 9.64 11.44 -34.12
C THR J 240 11.06 11.74 -34.57
N HIS J 241 11.20 12.69 -35.49
CA HIS J 241 12.52 13.11 -35.93
C HIS J 241 13.24 13.92 -34.86
N GLY J 242 12.52 14.78 -34.16
CA GLY J 242 13.14 15.81 -33.35
C GLY J 242 12.66 15.92 -31.92
N ALA J 243 12.46 14.80 -31.24
CA ALA J 243 12.10 14.85 -29.83
C ALA J 243 13.25 15.39 -29.01
N GLY J 244 12.93 16.15 -27.97
CA GLY J 244 13.95 16.84 -27.21
C GLY J 244 14.67 15.96 -26.22
N LEU J 245 15.01 16.53 -25.06
CA LEU J 245 15.66 15.78 -24.00
C LEU J 245 14.77 15.49 -22.81
N VAL J 246 13.68 16.22 -22.67
CA VAL J 246 12.77 16.05 -21.54
C VAL J 246 11.61 15.13 -21.90
N GLN J 247 11.00 15.36 -23.05
CA GLN J 247 9.78 14.63 -23.41
C GLN J 247 9.93 13.10 -23.59
N PRO J 248 11.03 12.52 -24.09
CA PRO J 248 11.10 11.05 -24.08
C PRO J 248 11.13 10.41 -22.71
N ASP J 249 11.63 11.10 -21.69
CA ASP J 249 11.63 10.52 -20.35
C ASP J 249 10.30 10.70 -19.64
N ILE J 250 9.50 11.69 -20.02
CA ILE J 250 8.16 11.81 -19.46
C ILE J 250 7.28 10.66 -19.94
N LEU J 251 7.44 10.29 -21.21
CA LEU J 251 6.59 9.28 -21.83
C LEU J 251 7.00 7.85 -21.50
N GLN J 252 8.19 7.64 -20.94
CA GLN J 252 8.56 6.32 -20.46
C GLN J 252 7.69 5.89 -19.29
N GLN J 253 7.18 6.85 -18.53
CA GLN J 253 6.22 6.57 -17.47
C GLN J 253 4.95 5.94 -18.03
N TRP J 254 4.58 6.28 -19.25
CA TRP J 254 3.29 5.91 -19.80
C TRP J 254 3.41 4.78 -20.81
N ASN J 255 4.51 4.02 -20.74
CA ASN J 255 4.84 2.93 -21.65
C ASN J 255 4.84 3.37 -23.12
N ILE J 256 5.52 4.47 -23.39
CA ILE J 256 5.64 5.00 -24.74
C ILE J 256 7.12 5.03 -25.09
N ASP J 257 7.50 4.26 -26.09
CA ASP J 257 8.88 4.22 -26.56
C ASP J 257 9.04 5.14 -27.76
N VAL J 258 10.22 5.74 -27.87
CA VAL J 258 10.51 6.71 -28.92
C VAL J 258 11.31 6.03 -30.02
N ILE J 259 10.85 6.18 -31.26
CA ILE J 259 11.55 5.68 -32.42
C ILE J 259 12.20 6.87 -33.11
N GLN J 260 13.53 6.92 -33.09
CA GLN J 260 14.24 8.05 -33.69
C GLN J 260 14.33 7.86 -35.19
N LEU J 261 13.74 8.76 -35.94
CA LEU J 261 13.80 8.74 -37.39
C LEU J 261 14.85 9.71 -37.88
N ASP J 262 15.30 9.50 -39.11
CA ASP J 262 16.37 10.30 -39.69
C ASP J 262 15.85 11.69 -40.07
N PRO J 263 16.36 12.76 -39.46
CA PRO J 263 15.77 14.09 -39.68
C PRO J 263 16.19 14.78 -40.97
N THR J 264 17.04 14.15 -41.79
CA THR J 264 17.49 14.80 -43.01
C THR J 264 16.36 14.83 -44.05
N ASP J 265 15.65 13.72 -44.19
CA ASP J 265 14.48 13.66 -45.08
C ASP J 265 13.33 13.10 -44.24
N LYS J 266 12.38 13.97 -43.89
CA LYS J 266 11.32 13.56 -42.98
C LYS J 266 10.33 12.61 -43.64
N SER J 267 10.07 12.79 -44.94
CA SER J 267 9.04 11.99 -45.60
C SER J 267 9.54 10.58 -45.90
N ALA J 268 10.81 10.43 -46.24
CA ALA J 268 11.34 9.12 -46.57
C ALA J 268 11.60 8.28 -45.33
N SER J 269 11.84 8.93 -44.19
CA SER J 269 12.08 8.19 -42.96
C SER J 269 10.79 7.55 -42.45
N VAL J 270 9.68 8.26 -42.60
CA VAL J 270 8.39 7.72 -42.20
C VAL J 270 7.98 6.58 -43.13
N ALA J 271 8.21 6.75 -44.42
CA ALA J 271 7.81 5.75 -45.41
C ALA J 271 8.59 4.45 -45.24
N ARG J 272 9.85 4.52 -44.85
CA ARG J 272 10.59 3.30 -44.57
C ARG J 272 10.12 2.62 -43.29
N LEU J 273 9.53 3.37 -42.36
CA LEU J 273 8.97 2.74 -41.17
C LEU J 273 7.70 1.98 -41.50
N LEU J 274 6.84 2.57 -42.31
CA LEU J 274 5.59 1.91 -42.66
C LEU J 274 5.79 0.74 -43.61
N GLU J 275 6.88 0.74 -44.38
CA GLU J 275 7.19 -0.40 -45.23
C GLU J 275 7.85 -1.53 -44.46
N SER J 276 8.47 -1.22 -43.32
CA SER J 276 9.08 -2.27 -42.51
C SER J 276 8.06 -3.03 -41.70
N ILE J 277 6.84 -2.52 -41.55
CA ILE J 277 5.80 -3.25 -40.84
C ILE J 277 5.28 -4.38 -41.71
N ALA J 278 5.20 -4.15 -43.02
CA ALA J 278 4.75 -5.17 -43.97
C ALA J 278 5.73 -6.33 -44.06
N ALA K 2 28.16 -17.45 -31.61
CA ALA K 2 27.98 -18.64 -30.80
C ALA K 2 26.78 -19.44 -31.27
N PRO K 3 26.87 -20.77 -31.26
CA PRO K 3 25.76 -21.60 -31.68
C PRO K 3 24.59 -21.52 -30.70
N THR K 4 23.41 -21.89 -31.21
CA THR K 4 22.23 -22.01 -30.38
C THR K 4 21.69 -23.42 -30.31
N TRP K 5 22.06 -24.30 -31.23
CA TRP K 5 21.70 -25.70 -31.21
C TRP K 5 22.96 -26.55 -31.23
N PHE K 6 22.91 -27.70 -30.58
CA PHE K 6 24.07 -28.55 -30.42
C PHE K 6 23.71 -29.97 -30.79
N TYR K 7 24.44 -30.53 -31.76
CA TYR K 7 24.21 -31.90 -32.19
C TYR K 7 25.13 -32.82 -31.40
N ASN K 8 24.53 -33.68 -30.60
CA ASN K 8 25.25 -34.55 -29.68
C ASN K 8 25.38 -35.93 -30.28
N THR K 9 26.62 -36.37 -30.48
CA THR K 9 26.89 -37.75 -30.86
C THR K 9 28.28 -38.13 -30.39
N THR K 10 28.44 -39.40 -30.03
CA THR K 10 29.76 -39.96 -29.77
C THR K 10 30.31 -40.68 -30.98
N ASN K 11 29.52 -40.83 -32.03
CA ASN K 11 29.93 -41.53 -33.24
C ASN K 11 30.54 -40.53 -34.19
N SER K 12 31.85 -40.63 -34.41
CA SER K 12 32.56 -39.66 -35.23
C SER K 12 32.31 -39.83 -36.71
N GLU K 13 31.64 -40.90 -37.12
CA GLU K 13 31.24 -41.06 -38.51
C GLU K 13 29.91 -40.41 -38.81
N LYS K 14 29.02 -40.33 -37.82
CA LYS K 14 27.82 -39.52 -37.96
C LYS K 14 28.15 -38.04 -37.97
N LEU K 15 29.24 -37.66 -37.31
CA LEU K 15 29.62 -36.26 -37.20
C LEU K 15 30.06 -35.70 -38.54
N ARG K 16 30.84 -36.45 -39.31
CA ARG K 16 31.28 -35.96 -40.61
C ARG K 16 30.20 -36.03 -41.67
N GLU K 17 29.12 -36.78 -41.43
CA GLU K 17 28.01 -36.76 -42.36
C GLU K 17 27.17 -35.51 -42.17
N LEU K 18 26.84 -35.18 -40.93
CA LEU K 18 26.00 -34.02 -40.67
C LEU K 18 26.78 -32.71 -40.85
N GLN K 19 28.10 -32.75 -40.75
CA GLN K 19 28.89 -31.58 -41.10
C GLN K 19 29.12 -31.47 -42.60
N HIS K 20 28.75 -32.48 -43.38
CA HIS K 20 28.90 -32.37 -44.82
C HIS K 20 27.81 -31.51 -45.45
N VAL K 21 26.66 -31.43 -44.80
CA VAL K 21 25.51 -30.69 -45.32
C VAL K 21 25.12 -29.53 -44.40
N LEU K 22 24.97 -29.80 -43.10
CA LEU K 22 24.69 -28.77 -42.12
C LEU K 22 25.95 -28.19 -41.49
N GLY K 23 27.09 -28.28 -42.17
CA GLY K 23 28.34 -27.84 -41.59
C GLY K 23 28.54 -26.34 -41.66
N GLY K 24 28.11 -25.72 -42.74
CA GLY K 24 28.28 -24.28 -42.91
C GLY K 24 27.32 -23.43 -42.09
N SER K 25 26.37 -24.04 -41.41
CA SER K 25 25.46 -23.31 -40.55
C SER K 25 26.19 -22.88 -39.28
N ALA K 26 26.26 -21.57 -39.05
CA ALA K 26 26.95 -21.03 -37.89
C ALA K 26 26.11 -21.10 -36.61
N LYS K 27 24.87 -21.57 -36.70
CA LYS K 27 23.99 -21.67 -35.55
C LYS K 27 23.99 -23.06 -34.94
N LEU K 28 24.85 -23.96 -35.40
CA LEU K 28 24.87 -25.34 -34.94
C LEU K 28 26.23 -25.66 -34.34
N GLY K 29 26.23 -26.10 -33.09
CA GLY K 29 27.42 -26.57 -32.42
C GLY K 29 27.42 -28.09 -32.30
N TYR K 30 28.48 -28.61 -31.70
CA TYR K 30 28.69 -30.06 -31.66
C TYR K 30 29.18 -30.46 -30.28
N LEU K 31 28.54 -31.48 -29.71
CA LEU K 31 28.92 -32.03 -28.41
C LEU K 31 29.06 -33.55 -28.54
N THR K 32 29.69 -34.17 -27.55
CA THR K 32 30.03 -35.59 -27.62
C THR K 32 29.66 -36.33 -26.33
N ALA K 33 28.51 -36.01 -25.74
CA ALA K 33 28.11 -36.67 -24.52
C ALA K 33 27.55 -38.06 -24.80
N LYS K 34 27.84 -39.00 -23.92
CA LYS K 34 27.46 -40.41 -24.08
C LYS K 34 26.20 -40.67 -23.26
N VAL K 35 25.16 -41.17 -23.92
CA VAL K 35 23.90 -41.47 -23.26
C VAL K 35 23.62 -42.96 -23.40
N THR K 36 22.65 -43.43 -22.63
CA THR K 36 22.27 -44.84 -22.59
C THR K 36 20.83 -44.95 -23.07
N GLU K 37 20.60 -45.79 -24.07
CA GLU K 37 19.27 -45.92 -24.63
C GLU K 37 18.45 -46.93 -23.84
N ILE K 38 17.14 -46.80 -23.94
CA ILE K 38 16.23 -47.73 -23.29
C ILE K 38 16.02 -48.92 -24.20
N LEU K 39 15.47 -50.00 -23.64
CA LEU K 39 15.31 -51.26 -24.35
C LEU K 39 13.92 -51.29 -24.96
N ASP K 40 13.82 -50.93 -26.24
CA ASP K 40 12.57 -50.99 -26.97
C ASP K 40 12.89 -51.03 -28.46
N VAL K 41 12.10 -51.79 -29.22
CA VAL K 41 12.32 -51.88 -30.66
C VAL K 41 11.73 -50.70 -31.42
N ASP K 42 10.83 -49.94 -30.82
CA ASP K 42 10.20 -48.83 -31.50
C ASP K 42 11.17 -47.66 -31.57
N LEU K 43 11.38 -47.14 -32.79
CA LEU K 43 12.32 -46.03 -32.98
C LEU K 43 11.83 -44.75 -32.31
N GLU K 44 10.53 -44.47 -32.44
CA GLU K 44 9.93 -43.28 -31.84
C GLU K 44 10.08 -43.25 -30.32
N THR K 45 10.02 -44.41 -29.68
CA THR K 45 10.14 -44.46 -28.23
C THR K 45 11.58 -44.24 -27.78
N VAL K 46 12.55 -44.77 -28.52
CA VAL K 46 13.95 -44.70 -28.10
C VAL K 46 14.52 -43.32 -28.33
N ILE K 47 14.25 -42.71 -29.50
CA ILE K 47 14.79 -41.39 -29.81
C ILE K 47 14.16 -40.32 -28.93
N ARG K 48 12.95 -40.55 -28.44
CA ARG K 48 12.31 -39.58 -27.57
C ARG K 48 12.85 -39.68 -26.14
N ALA K 49 13.23 -40.87 -25.70
CA ALA K 49 13.89 -41.05 -24.42
C ALA K 49 15.39 -40.79 -24.48
N LYS K 50 15.94 -40.62 -25.68
CA LYS K 50 17.37 -40.31 -25.82
C LYS K 50 17.61 -38.81 -25.72
N ALA K 51 16.64 -38.00 -26.15
CA ALA K 51 16.78 -36.55 -26.06
C ALA K 51 16.60 -36.04 -24.64
N ILE K 52 15.71 -36.67 -23.87
CA ILE K 52 15.54 -36.26 -22.47
C ILE K 52 16.77 -36.68 -21.66
N ALA K 53 17.47 -37.72 -22.08
CA ALA K 53 18.67 -38.15 -21.38
C ALA K 53 19.91 -37.40 -21.82
N ALA K 54 19.87 -36.77 -22.99
CA ALA K 54 21.00 -35.96 -23.43
C ALA K 54 20.85 -34.49 -23.06
N TYR K 55 19.62 -33.99 -22.93
CA TYR K 55 19.44 -32.66 -22.37
C TYR K 55 19.86 -32.61 -20.91
N ARG K 56 19.63 -33.70 -20.18
CA ARG K 56 20.04 -33.78 -18.78
C ARG K 56 21.56 -33.76 -18.64
N ALA K 57 22.29 -34.19 -19.68
CA ALA K 57 23.74 -34.19 -19.61
C ALA K 57 24.31 -32.81 -19.94
N VAL K 58 23.89 -32.22 -21.06
CA VAL K 58 24.58 -31.03 -21.57
C VAL K 58 23.86 -29.72 -21.28
N ARG K 59 22.56 -29.75 -20.95
CA ARG K 59 21.79 -28.60 -20.44
C ARG K 59 21.70 -27.44 -21.42
N VAL K 60 21.83 -27.73 -22.71
CA VAL K 60 21.61 -26.75 -23.78
C VAL K 60 20.63 -27.36 -24.76
N PRO K 61 20.00 -26.54 -25.64
CA PRO K 61 19.18 -27.11 -26.72
C PRO K 61 19.92 -28.11 -27.60
N VAL K 62 19.51 -29.37 -27.55
CA VAL K 62 20.30 -30.47 -28.05
C VAL K 62 19.52 -31.20 -29.16
N ILE K 63 20.26 -31.79 -30.09
CA ILE K 63 19.71 -32.57 -31.19
C ILE K 63 20.39 -33.93 -31.15
N VAL K 64 19.60 -35.00 -31.02
CA VAL K 64 20.13 -36.35 -30.98
C VAL K 64 19.60 -37.13 -32.18
N GLU K 65 20.22 -38.29 -32.42
CA GLU K 65 19.97 -39.07 -33.63
C GLU K 65 20.02 -40.55 -33.27
N HIS K 66 19.03 -41.31 -33.73
CA HIS K 66 19.00 -42.75 -33.53
C HIS K 66 18.32 -43.37 -34.73
N GLY K 67 18.73 -44.58 -35.08
CA GLY K 67 18.27 -45.23 -36.30
C GLY K 67 17.58 -46.56 -36.03
N ALA K 68 17.17 -47.19 -37.13
CA ALA K 68 16.51 -48.48 -37.07
C ALA K 68 16.77 -49.22 -38.37
N LEU K 69 16.82 -50.56 -38.28
CA LEU K 69 17.05 -51.43 -39.43
C LEU K 69 16.04 -52.59 -39.36
N CYS K 70 14.76 -52.24 -39.32
CA CYS K 70 13.68 -53.22 -39.31
C CYS K 70 13.74 -54.14 -40.53
N ILE K 71 13.66 -55.44 -40.28
CA ILE K 71 13.81 -56.47 -41.32
C ILE K 71 12.53 -57.30 -41.37
N ASP K 72 12.05 -57.60 -42.57
CA ASP K 72 10.82 -58.37 -42.73
C ASP K 72 11.00 -59.82 -42.31
N ALA K 73 12.18 -60.38 -42.54
CA ALA K 73 12.39 -61.79 -42.21
C ALA K 73 12.49 -62.01 -40.71
N LEU K 74 12.84 -60.97 -39.97
CA LEU K 74 12.95 -61.04 -38.52
C LEU K 74 11.79 -60.32 -37.82
N ASN K 75 10.69 -60.12 -38.56
CA ASN K 75 9.47 -59.45 -38.11
C ASN K 75 9.72 -58.07 -37.51
N GLY K 76 10.64 -57.31 -38.09
CA GLY K 76 10.97 -55.99 -37.58
C GLY K 76 12.20 -55.94 -36.72
N LEU K 77 12.79 -57.06 -36.38
CA LEU K 77 14.02 -57.04 -35.62
C LEU K 77 15.19 -56.70 -36.53
N PRO K 78 16.18 -55.95 -36.04
CA PRO K 78 16.36 -55.36 -34.72
C PRO K 78 15.48 -54.16 -34.38
N GLY K 79 15.08 -53.37 -35.36
CA GLY K 79 14.42 -52.12 -35.04
C GLY K 79 15.44 -51.15 -34.49
N ALA K 80 15.12 -50.51 -33.36
CA ALA K 80 16.06 -49.60 -32.71
C ALA K 80 17.12 -50.34 -31.90
N LEU K 81 17.15 -51.67 -31.98
CA LEU K 81 18.15 -52.53 -31.38
C LEU K 81 19.29 -52.85 -32.35
N VAL K 82 19.58 -51.94 -33.28
CA VAL K 82 20.54 -52.23 -34.34
C VAL K 82 21.98 -52.11 -33.86
N LYS K 83 22.22 -51.34 -32.80
CA LYS K 83 23.56 -51.15 -32.23
C LYS K 83 24.17 -52.44 -31.69
N PRO K 84 23.48 -53.32 -30.94
CA PRO K 84 24.15 -54.57 -30.56
C PRO K 84 24.06 -55.69 -31.58
N PHE K 85 23.34 -55.54 -32.70
CA PHE K 85 23.40 -56.59 -33.71
C PHE K 85 24.69 -56.54 -34.51
N TRP K 86 25.04 -55.35 -35.01
CA TRP K 86 26.27 -55.20 -35.78
C TRP K 86 27.50 -55.43 -34.92
N GLU K 87 27.40 -55.25 -33.60
CA GLU K 87 28.45 -55.69 -32.72
C GLU K 87 28.54 -57.21 -32.67
N SER K 88 27.39 -57.90 -32.56
CA SER K 88 27.41 -59.35 -32.45
C SER K 88 27.56 -60.01 -33.82
N LEU K 89 26.56 -59.83 -34.68
CA LEU K 89 26.57 -60.41 -36.02
C LEU K 89 27.14 -59.37 -36.97
N ASP K 90 28.39 -59.55 -37.40
CA ASP K 90 28.98 -58.51 -38.25
C ASP K 90 28.51 -58.69 -39.69
N THR K 91 28.99 -59.72 -40.37
CA THR K 91 28.51 -60.03 -41.71
C THR K 91 27.79 -61.36 -41.75
N ARG K 92 27.65 -62.03 -40.62
CA ARG K 92 26.77 -63.18 -40.49
C ARG K 92 25.30 -62.76 -40.52
N LEU K 93 25.02 -61.47 -40.34
CA LEU K 93 23.67 -60.93 -40.48
C LEU K 93 23.14 -61.09 -41.90
N CYS K 94 24.03 -61.14 -42.89
CA CYS K 94 23.63 -61.52 -44.24
C CYS K 94 23.27 -63.00 -44.35
N GLU K 95 23.75 -63.82 -43.42
CA GLU K 95 23.57 -65.26 -43.51
C GLU K 95 22.41 -65.78 -42.66
N VAL K 96 22.03 -65.07 -41.60
CA VAL K 96 20.92 -65.52 -40.75
C VAL K 96 19.57 -65.23 -41.36
N ILE K 97 19.52 -64.47 -42.45
CA ILE K 97 18.28 -64.08 -43.10
C ILE K 97 18.11 -64.95 -44.35
N PRO K 98 16.93 -65.53 -44.58
CA PRO K 98 16.75 -66.43 -45.72
C PRO K 98 16.81 -65.70 -47.05
N ALA K 99 17.40 -66.36 -48.04
CA ALA K 99 17.45 -65.80 -49.38
C ALA K 99 16.09 -65.91 -50.04
N GLY K 100 15.57 -64.79 -50.53
CA GLY K 100 14.25 -64.73 -51.12
C GLY K 100 13.31 -63.76 -50.42
N GLN K 101 13.57 -63.42 -49.16
CA GLN K 101 12.77 -62.46 -48.41
C GLN K 101 13.68 -61.46 -47.71
N ARG K 102 14.62 -60.90 -48.45
CA ARG K 102 15.66 -60.03 -47.92
C ARG K 102 15.20 -58.60 -47.65
N THR K 103 13.92 -58.28 -47.80
CA THR K 103 13.46 -56.89 -47.73
C THR K 103 13.50 -56.35 -46.31
N ALA K 104 13.84 -55.06 -46.19
CA ALA K 104 14.04 -54.41 -44.91
C ALA K 104 13.82 -52.92 -45.09
N ARG K 105 13.69 -52.22 -43.97
CA ARG K 105 13.54 -50.76 -43.96
C ARG K 105 14.66 -50.16 -43.13
N ALA K 106 15.34 -49.16 -43.68
CA ALA K 106 16.34 -48.39 -42.94
C ALA K 106 15.67 -47.10 -42.47
N ARG K 107 15.32 -47.05 -41.19
CA ARG K 107 14.69 -45.89 -40.61
C ARG K 107 15.70 -45.07 -39.83
N GLY K 108 15.42 -43.79 -39.67
CA GLY K 108 16.31 -42.89 -38.95
C GLY K 108 15.52 -41.73 -38.42
N ALA K 109 15.92 -41.25 -37.24
CA ALA K 109 15.13 -40.24 -36.56
C ALA K 109 16.03 -39.21 -35.91
N LEU K 110 15.67 -37.95 -36.08
CA LEU K 110 16.22 -36.83 -35.32
C LEU K 110 15.19 -36.39 -34.30
N CYS K 111 15.66 -36.02 -33.11
CA CYS K 111 14.82 -35.43 -32.09
C CYS K 111 15.56 -34.27 -31.45
N TYR K 112 15.02 -33.07 -31.55
CA TYR K 112 15.60 -31.91 -30.93
C TYR K 112 14.80 -31.50 -29.71
N CYS K 113 15.50 -31.19 -28.63
CA CYS K 113 14.91 -30.80 -27.36
C CYS K 113 15.49 -29.47 -26.95
N ASP K 114 14.64 -28.46 -26.78
CA ASP K 114 15.08 -27.15 -26.35
C ASP K 114 14.99 -26.97 -24.84
N GLY K 115 14.56 -27.99 -24.11
CA GLY K 115 14.39 -27.92 -22.68
C GLY K 115 12.95 -27.94 -22.22
N ARG K 116 12.01 -27.83 -23.18
CA ARG K 116 10.56 -27.76 -22.83
C ARG K 116 9.76 -28.70 -23.73
N GLU K 117 10.25 -28.94 -24.95
CA GLU K 117 9.49 -29.76 -25.92
C GLU K 117 10.43 -30.68 -26.69
N ARG K 118 9.94 -31.87 -27.08
CA ARG K 118 10.70 -32.83 -27.85
C ARG K 118 9.97 -33.08 -29.16
N HIS K 119 10.60 -32.72 -30.28
CA HIS K 119 10.01 -32.87 -31.60
C HIS K 119 10.82 -33.88 -32.40
N VAL K 120 10.15 -34.90 -32.91
CA VAL K 120 10.80 -36.03 -33.58
C VAL K 120 10.56 -35.92 -35.08
N LEU K 121 11.63 -35.99 -35.86
CA LEU K 121 11.56 -36.03 -37.31
C LEU K 121 12.04 -37.40 -37.76
N ILE K 122 11.21 -38.11 -38.54
CA ILE K 122 11.50 -39.49 -38.95
C ILE K 122 11.46 -39.57 -40.47
N GLU K 123 12.55 -40.06 -41.06
CA GLU K 123 12.55 -40.49 -42.45
C GLU K 123 12.90 -41.98 -42.51
N GLU K 124 12.84 -42.53 -43.73
CA GLU K 124 12.73 -43.96 -43.91
C GLU K 124 13.08 -44.32 -45.34
N THR K 125 13.83 -45.41 -45.52
CA THR K 125 14.26 -45.86 -46.84
C THR K 125 14.00 -47.35 -47.00
N GLU K 126 13.16 -47.70 -47.96
CA GLU K 126 12.96 -49.10 -48.32
C GLU K 126 14.22 -49.67 -48.95
N GLY K 127 14.45 -50.95 -48.72
CA GLY K 127 15.59 -51.59 -49.31
C GLY K 127 15.55 -53.08 -49.12
N GLU K 128 16.72 -53.69 -49.22
CA GLU K 128 16.86 -55.14 -49.04
C GLU K 128 18.30 -55.45 -48.64
N ILE K 129 18.46 -56.44 -47.77
CA ILE K 129 19.78 -56.83 -47.28
C ILE K 129 20.54 -57.53 -48.40
N ALA K 130 21.82 -57.19 -48.54
CA ALA K 130 22.64 -57.78 -49.57
C ALA K 130 22.88 -59.27 -49.32
N PRO K 131 23.14 -60.06 -50.36
CA PRO K 131 23.52 -61.46 -50.13
C PRO K 131 24.86 -61.62 -49.44
N SER K 132 25.76 -60.66 -49.59
CA SER K 132 27.01 -60.65 -48.86
C SER K 132 27.48 -59.20 -48.78
N ALA K 133 28.30 -58.92 -47.78
CA ALA K 133 28.77 -57.55 -47.56
C ALA K 133 29.74 -57.14 -48.65
N ARG K 134 29.48 -55.99 -49.26
CA ARG K 134 30.34 -55.45 -50.30
C ARG K 134 30.45 -53.95 -50.12
N GLY K 135 31.62 -53.41 -50.44
CA GLY K 135 31.87 -51.99 -50.31
C GLY K 135 32.75 -51.67 -49.12
N THR K 136 33.50 -50.57 -49.24
CA THR K 136 34.46 -50.16 -48.23
C THR K 136 34.12 -48.86 -47.52
N GLY K 137 33.44 -47.93 -48.19
CA GLY K 137 33.15 -46.64 -47.60
C GLY K 137 32.06 -46.72 -46.54
N GLY K 138 31.79 -45.56 -45.94
CA GLY K 138 30.75 -45.53 -44.93
C GLY K 138 31.19 -46.15 -43.63
N PHE K 139 30.22 -46.65 -42.87
CA PHE K 139 30.46 -47.24 -41.56
C PHE K 139 29.41 -48.31 -41.30
N HIS K 140 29.11 -48.60 -40.02
CA HIS K 140 28.29 -49.72 -39.54
C HIS K 140 27.06 -50.02 -40.40
N TRP K 141 26.93 -51.28 -40.81
CA TRP K 141 25.89 -51.88 -41.66
C TRP K 141 25.72 -51.23 -43.04
N ASP K 142 26.57 -50.31 -43.43
CA ASP K 142 26.52 -49.86 -44.82
C ASP K 142 26.94 -50.88 -45.88
N PRO K 143 27.84 -51.84 -45.65
CA PRO K 143 28.06 -52.86 -46.69
C PRO K 143 26.94 -53.88 -46.86
N ILE K 144 25.86 -53.86 -46.08
CA ILE K 144 24.84 -54.90 -46.19
C ILE K 144 23.51 -54.40 -46.71
N PHE K 145 23.31 -53.09 -46.84
CA PHE K 145 22.01 -52.53 -47.19
C PHE K 145 22.04 -51.98 -48.60
N ILE K 146 21.11 -52.44 -49.43
CA ILE K 146 20.95 -51.99 -50.80
C ILE K 146 19.59 -51.30 -50.92
N PRO K 147 19.52 -50.02 -51.28
CA PRO K 147 18.23 -49.35 -51.38
C PRO K 147 17.42 -49.84 -52.57
N LYS K 148 16.14 -49.52 -52.55
CA LYS K 148 15.23 -49.99 -53.58
C LYS K 148 15.49 -49.25 -54.89
N GLY K 149 15.60 -49.99 -55.98
CA GLY K 149 15.94 -49.45 -57.28
C GLY K 149 17.42 -49.47 -57.57
N GLN K 150 18.23 -49.14 -56.58
CA GLN K 150 19.68 -49.16 -56.73
C GLN K 150 20.18 -50.60 -56.65
N THR K 151 21.31 -50.86 -57.30
CA THR K 151 21.98 -52.15 -57.18
C THR K 151 23.10 -52.14 -56.14
N ARG K 152 23.62 -50.96 -55.79
CA ARG K 152 24.79 -50.86 -54.93
C ARG K 152 24.38 -50.63 -53.48
N THR K 153 25.35 -50.76 -52.59
CA THR K 153 25.14 -50.57 -51.16
C THR K 153 25.41 -49.12 -50.79
N PHE K 154 25.18 -48.79 -49.52
CA PHE K 154 25.63 -47.50 -49.00
C PHE K 154 27.15 -47.42 -48.93
N ALA K 155 27.81 -48.56 -48.76
CA ALA K 155 29.26 -48.56 -48.67
C ALA K 155 29.91 -48.33 -50.03
N GLU K 156 29.26 -48.78 -51.09
CA GLU K 156 29.81 -48.63 -52.44
C GLU K 156 29.64 -47.22 -52.98
N MET K 157 28.80 -46.40 -52.37
CA MET K 157 28.53 -45.06 -52.87
C MET K 157 29.27 -44.03 -52.05
N SER K 158 29.54 -42.89 -52.66
CA SER K 158 30.22 -41.79 -51.99
C SER K 158 29.26 -41.09 -51.04
N LEU K 159 29.78 -40.08 -50.33
CA LEU K 159 28.97 -39.42 -49.31
C LEU K 159 27.89 -38.54 -49.92
N ASP K 160 28.14 -37.98 -51.10
CA ASP K 160 27.09 -37.26 -51.81
C ASP K 160 26.04 -38.23 -52.34
N GLU K 161 26.47 -39.41 -52.78
CA GLU K 161 25.53 -40.37 -53.35
C GLU K 161 24.80 -41.15 -52.27
N LYS K 162 25.41 -41.33 -51.10
CA LYS K 162 24.73 -42.04 -50.01
C LYS K 162 23.62 -41.19 -49.43
N LEU K 163 23.84 -39.89 -49.29
CA LEU K 163 22.85 -38.99 -48.75
C LEU K 163 21.74 -38.66 -49.73
N SER K 164 21.84 -39.08 -50.98
CA SER K 164 20.70 -38.99 -51.89
C SER K 164 19.78 -40.19 -51.76
N PHE K 165 20.09 -41.14 -50.88
CA PHE K 165 19.26 -42.31 -50.64
C PHE K 165 18.95 -42.48 -49.17
N SER K 166 19.90 -42.12 -48.30
CA SER K 166 19.80 -42.41 -46.88
C SER K 166 18.75 -41.51 -46.23
N PRO K 167 18.22 -41.90 -45.06
CA PRO K 167 17.25 -41.04 -44.38
C PRO K 167 17.78 -39.69 -43.94
N LEU K 168 19.08 -39.54 -43.75
CA LEU K 168 19.62 -38.26 -43.30
C LEU K 168 19.56 -37.20 -44.37
N GLY K 169 19.55 -37.59 -45.65
CA GLY K 169 19.51 -36.61 -46.73
C GLY K 169 18.18 -35.91 -46.88
N ARG K 170 17.12 -36.49 -46.33
CA ARG K 170 15.83 -35.81 -46.23
C ARG K 170 15.63 -35.14 -44.87
N LEU K 171 16.42 -35.52 -43.89
CA LEU K 171 16.36 -34.93 -42.56
C LEU K 171 17.22 -33.69 -42.41
N HIS K 172 18.15 -33.42 -43.34
CA HIS K 172 18.85 -32.13 -43.33
C HIS K 172 17.89 -30.98 -43.56
N THR K 173 17.07 -31.10 -44.60
CA THR K 173 16.22 -29.99 -45.00
C THR K 173 15.09 -29.77 -44.00
N ARG K 174 14.60 -30.84 -43.38
CA ARG K 174 13.56 -30.70 -42.37
C ARG K 174 14.11 -30.13 -41.08
N LEU K 175 15.36 -30.42 -40.75
CA LEU K 175 15.97 -29.85 -39.55
C LEU K 175 16.38 -28.40 -39.76
N ARG K 176 16.82 -28.07 -40.98
CA ARG K 176 17.20 -26.70 -41.29
C ARG K 176 16.00 -25.78 -41.32
N THR K 177 14.87 -26.26 -41.86
CA THR K 177 13.69 -25.42 -41.99
C THR K 177 13.03 -25.18 -40.64
N GLU K 178 12.89 -26.23 -39.82
CA GLU K 178 12.20 -26.08 -38.56
C GLU K 178 13.03 -25.37 -37.49
N LEU K 179 14.35 -25.31 -37.66
CA LEU K 179 15.19 -24.62 -36.69
C LEU K 179 15.79 -23.33 -37.22
N GLY K 180 15.69 -23.07 -38.52
CA GLY K 180 16.27 -21.87 -39.07
C GLY K 180 17.77 -21.89 -39.14
N LEU K 181 18.37 -23.06 -39.33
CA LEU K 181 19.81 -23.18 -39.37
C LEU K 181 20.37 -22.61 -40.67
N ALA L 2 5.99 -58.20 9.41
CA ALA L 2 6.19 -57.41 8.20
C ALA L 2 7.45 -57.85 7.46
N PRO L 3 7.39 -57.88 6.14
CA PRO L 3 8.57 -58.27 5.35
C PRO L 3 9.68 -57.26 5.45
N THR L 4 10.90 -57.73 5.16
CA THR L 4 12.05 -56.85 5.04
C THR L 4 12.64 -56.79 3.65
N TRP L 5 12.34 -57.76 2.78
CA TRP L 5 12.76 -57.76 1.39
C TRP L 5 11.53 -57.85 0.51
N PHE L 6 11.60 -57.23 -0.66
CA PHE L 6 10.47 -57.12 -1.55
C PHE L 6 10.89 -57.53 -2.95
N TYR L 7 10.22 -58.53 -3.51
CA TYR L 7 10.51 -59.00 -4.86
C TYR L 7 9.61 -58.27 -5.84
N ASN L 8 10.21 -57.46 -6.70
CA ASN L 8 9.50 -56.59 -7.61
C ASN L 8 9.43 -57.24 -8.99
N THR L 9 8.22 -57.49 -9.46
CA THR L 9 8.02 -57.92 -10.84
C THR L 9 6.63 -57.52 -11.29
N THR L 10 6.52 -57.19 -12.57
CA THR L 10 5.21 -57.00 -13.19
C THR L 10 4.73 -58.25 -13.90
N ASN L 11 5.56 -59.28 -13.98
CA ASN L 11 5.23 -60.51 -14.68
C ASN L 11 4.61 -61.46 -13.65
N SER L 12 3.32 -61.74 -13.80
CA SER L 12 2.59 -62.56 -12.85
C SER L 12 2.92 -64.04 -12.96
N GLU L 13 3.65 -64.45 -13.99
CA GLU L 13 4.10 -65.82 -14.11
C GLU L 13 5.41 -66.05 -13.39
N LYS L 14 6.26 -65.02 -13.31
CA LYS L 14 7.44 -65.10 -12.45
C LYS L 14 7.05 -65.07 -10.98
N LEU L 15 5.91 -64.45 -10.66
CA LEU L 15 5.48 -64.32 -9.28
C LEU L 15 5.07 -65.67 -8.70
N ARG L 16 4.35 -66.49 -9.47
CA ARG L 16 3.94 -67.78 -8.96
C ARG L 16 5.07 -68.80 -8.95
N GLU L 17 6.16 -68.55 -9.68
CA GLU L 17 7.31 -69.43 -9.57
C GLU L 17 8.09 -69.18 -8.31
N LEU L 18 8.36 -67.91 -8.00
CA LEU L 18 9.14 -67.60 -6.80
C LEU L 18 8.32 -67.77 -5.53
N GLN L 19 7.00 -67.71 -5.62
CA GLN L 19 6.17 -68.08 -4.48
C GLN L 19 5.99 -69.57 -4.33
N HIS L 20 6.43 -70.37 -5.30
CA HIS L 20 6.33 -71.80 -5.16
C HIS L 20 7.42 -72.36 -4.25
N VAL L 21 8.54 -71.67 -4.14
CA VAL L 21 9.68 -72.12 -3.34
C VAL L 21 9.98 -71.16 -2.20
N LEU L 22 10.10 -69.87 -2.50
CA LEU L 22 10.30 -68.86 -1.48
C LEU L 22 9.00 -68.26 -0.97
N GLY L 23 7.89 -68.98 -1.08
CA GLY L 23 6.60 -68.44 -0.69
C GLY L 23 6.34 -68.47 0.80
N GLY L 24 6.79 -69.54 1.46
CA GLY L 24 6.58 -69.65 2.89
C GLY L 24 7.47 -68.79 3.76
N SER L 25 8.42 -68.08 3.15
CA SER L 25 9.26 -67.17 3.90
C SER L 25 8.48 -65.92 4.27
N ALA L 26 8.33 -65.66 5.57
CA ALA L 26 7.60 -64.51 6.05
C ALA L 26 8.38 -63.21 5.98
N LYS L 27 9.64 -63.26 5.55
CA LYS L 27 10.48 -62.07 5.45
C LYS L 27 10.50 -61.50 4.05
N LEU L 28 9.69 -62.02 3.14
CA LEU L 28 9.72 -61.60 1.75
C LEU L 28 8.35 -61.06 1.36
N GLY L 29 8.32 -59.81 0.88
CA GLY L 29 7.12 -59.21 0.35
C GLY L 29 7.17 -59.14 -1.16
N TYR L 30 6.11 -58.59 -1.75
CA TYR L 30 5.97 -58.59 -3.20
C TYR L 30 5.43 -57.25 -3.67
N LEU L 31 6.08 -56.67 -4.68
CA LEU L 31 5.69 -55.41 -5.28
C LEU L 31 5.61 -55.59 -6.78
N THR L 32 4.96 -54.63 -7.46
CA THR L 32 4.68 -54.75 -8.89
C THR L 32 5.04 -53.47 -9.65
N ALA L 33 6.14 -52.83 -9.30
CA ALA L 33 6.53 -51.60 -9.98
C ALA L 33 7.15 -51.91 -11.34
N LYS L 34 6.86 -51.05 -12.32
CA LYS L 34 7.30 -51.24 -13.69
C LYS L 34 8.53 -50.37 -13.95
N VAL L 35 9.62 -51.01 -14.37
CA VAL L 35 10.87 -50.31 -14.65
C VAL L 35 11.20 -50.48 -16.13
N THR L 36 12.15 -49.68 -16.59
CA THR L 36 12.60 -49.66 -17.97
C THR L 36 14.05 -50.08 -18.02
N GLU L 37 14.34 -51.10 -18.82
CA GLU L 37 15.71 -51.62 -18.88
C GLU L 37 16.53 -50.82 -19.88
N ILE L 38 17.84 -50.87 -19.70
CA ILE L 38 18.76 -50.21 -20.61
C ILE L 38 19.06 -51.13 -21.78
N LEU L 39 19.63 -50.57 -22.85
CA LEU L 39 19.86 -51.30 -24.08
C LEU L 39 21.27 -51.87 -24.05
N ASP L 40 21.40 -53.14 -23.65
CA ASP L 40 22.69 -53.82 -23.63
C ASP L 40 22.43 -55.32 -23.64
N VAL L 41 23.28 -56.07 -24.36
CA VAL L 41 23.10 -57.51 -24.41
C VAL L 41 23.67 -58.22 -23.20
N ASP L 42 24.53 -57.56 -22.42
CA ASP L 42 25.14 -58.20 -21.26
C ASP L 42 24.13 -58.27 -20.13
N LEU L 43 23.95 -59.47 -19.58
CA LEU L 43 22.97 -59.68 -18.52
C LEU L 43 23.39 -58.97 -17.23
N GLU L 44 24.68 -59.03 -16.89
CA GLU L 44 25.22 -58.38 -15.70
C GLU L 44 25.00 -56.88 -15.72
N THR L 45 25.08 -56.25 -16.89
CA THR L 45 24.90 -54.81 -16.98
C THR L 45 23.44 -54.42 -16.83
N VAL L 46 22.52 -55.21 -17.37
CA VAL L 46 21.11 -54.84 -17.38
C VAL L 46 20.48 -55.06 -16.00
N ILE L 47 20.78 -56.20 -15.35
CA ILE L 47 20.20 -56.50 -14.05
C ILE L 47 20.75 -55.55 -12.98
N ARG L 48 21.96 -55.03 -13.18
CA ARG L 48 22.53 -54.11 -12.22
C ARG L 48 21.93 -52.71 -12.37
N ALA L 49 21.58 -52.32 -13.58
CA ALA L 49 20.88 -51.07 -13.82
C ALA L 49 19.39 -51.18 -13.62
N LYS L 50 18.86 -52.39 -13.45
CA LYS L 50 17.44 -52.58 -13.17
C LYS L 50 17.14 -52.46 -11.69
N ALA L 51 18.09 -52.82 -10.83
CA ALA L 51 17.89 -52.69 -9.40
C ALA L 51 18.00 -51.26 -8.92
N ILE L 52 18.88 -50.47 -9.53
CA ILE L 52 18.97 -49.06 -9.16
C ILE L 52 17.75 -48.30 -9.63
N ALA L 53 17.09 -48.79 -10.70
CA ALA L 53 15.88 -48.14 -11.20
C ALA L 53 14.64 -48.61 -10.48
N ALA L 54 14.70 -49.76 -9.81
CA ALA L 54 13.55 -50.23 -9.03
C ALA L 54 13.62 -49.81 -7.57
N TYR L 55 14.83 -49.61 -7.04
CA TYR L 55 14.94 -49.01 -5.71
C TYR L 55 14.47 -47.57 -5.71
N ARG L 56 14.70 -46.86 -6.82
CA ARG L 56 14.24 -45.49 -6.95
C ARG L 56 12.73 -45.41 -6.99
N ALA L 57 12.06 -46.48 -7.42
CA ALA L 57 10.60 -46.47 -7.47
C ALA L 57 9.99 -46.79 -6.11
N VAL L 58 10.44 -47.87 -5.46
CA VAL L 58 9.72 -48.37 -4.30
C VAL L 58 10.37 -48.02 -2.97
N ARG L 59 11.66 -47.65 -2.96
CA ARG L 59 12.36 -47.07 -1.80
C ARG L 59 12.44 -48.02 -0.61
N VAL L 60 12.38 -49.32 -0.86
CA VAL L 60 12.59 -50.35 0.15
C VAL L 60 13.63 -51.31 -0.40
N PRO L 61 14.27 -52.15 0.47
CA PRO L 61 15.15 -53.21 -0.04
C PRO L 61 14.49 -54.15 -1.04
N VAL L 62 14.95 -54.11 -2.28
CA VAL L 62 14.22 -54.68 -3.40
C VAL L 62 15.07 -55.76 -4.06
N ILE L 63 14.38 -56.74 -4.65
CA ILE L 63 15.00 -57.83 -5.39
C ILE L 63 14.38 -57.86 -6.77
N VAL L 64 15.20 -57.72 -7.81
CA VAL L 64 14.73 -57.74 -9.18
C VAL L 64 15.32 -58.94 -9.92
N GLU L 65 14.76 -59.24 -11.08
CA GLU L 65 15.08 -60.44 -11.83
C GLU L 65 15.09 -60.12 -13.31
N HIS L 66 16.11 -60.58 -14.02
CA HIS L 66 16.19 -60.41 -15.46
C HIS L 66 16.95 -61.61 -16.03
N GLY L 67 16.60 -62.00 -17.25
CA GLY L 67 17.13 -63.21 -17.84
C GLY L 67 17.86 -62.95 -19.15
N ALA L 68 18.33 -64.04 -19.73
CA ALA L 68 19.04 -64.00 -21.00
C ALA L 68 18.86 -65.33 -21.72
N LEU L 69 18.86 -65.26 -23.05
CA LEU L 69 18.71 -66.44 -23.90
C LEU L 69 19.75 -66.38 -25.03
N CYS L 70 21.02 -66.27 -24.63
CA CYS L 70 22.14 -66.25 -25.56
C CYS L 70 22.16 -67.49 -26.45
N ILE L 71 22.28 -67.27 -27.76
CA ILE L 71 22.21 -68.35 -28.76
C ILE L 71 23.51 -68.36 -29.55
N ASP L 72 24.06 -69.56 -29.79
CA ASP L 72 25.33 -69.68 -30.51
C ASP L 72 25.18 -69.30 -31.97
N ALA L 73 24.03 -69.59 -32.59
CA ALA L 73 23.86 -69.31 -33.99
C ALA L 73 23.71 -67.82 -34.26
N LEU L 74 23.29 -67.06 -33.26
CA LEU L 74 23.14 -65.62 -33.38
C LEU L 74 24.24 -64.87 -32.64
N ASN L 75 25.36 -65.55 -32.37
CA ASN L 75 26.53 -65.04 -31.66
C ASN L 75 26.20 -64.42 -30.31
N GLY L 76 25.28 -65.01 -29.58
CA GLY L 76 24.88 -64.49 -28.29
C GLY L 76 23.62 -63.67 -28.30
N LEU L 77 23.06 -63.38 -29.45
CA LEU L 77 21.80 -62.67 -29.50
C LEU L 77 20.65 -63.62 -29.18
N PRO L 78 19.61 -63.15 -28.48
CA PRO L 78 19.37 -61.81 -27.93
C PRO L 78 20.18 -61.41 -26.70
N GLY L 79 20.59 -62.36 -25.87
CA GLY L 79 21.19 -61.98 -24.61
C GLY L 79 20.11 -61.44 -23.69
N ALA L 80 20.36 -60.29 -23.07
CA ALA L 80 19.37 -59.64 -22.22
C ALA L 80 18.30 -58.90 -23.02
N LEU L 81 18.34 -59.01 -24.35
CA LEU L 81 17.34 -58.48 -25.27
C LEU L 81 16.26 -59.50 -25.60
N VAL L 82 15.96 -60.42 -24.68
CA VAL L 82 15.06 -61.52 -24.97
C VAL L 82 13.59 -61.08 -24.92
N LYS L 83 13.29 -60.02 -24.18
CA LYS L 83 11.93 -59.51 -24.06
C LYS L 83 11.33 -59.02 -25.39
N PRO L 84 12.03 -58.26 -26.26
CA PRO L 84 11.40 -57.95 -27.55
C PRO L 84 11.57 -59.00 -28.64
N PHE L 85 12.33 -60.08 -28.42
CA PHE L 85 12.35 -61.12 -29.45
C PHE L 85 11.09 -61.97 -29.42
N TRP L 86 10.71 -62.45 -28.24
CA TRP L 86 9.51 -63.26 -28.11
C TRP L 86 8.25 -62.46 -28.41
N GLU L 87 8.30 -61.13 -28.27
CA GLU L 87 7.23 -60.30 -28.78
C GLU L 87 7.20 -60.29 -30.30
N SER L 88 8.36 -60.15 -30.94
CA SER L 88 8.39 -60.09 -32.39
C SER L 88 8.33 -61.47 -33.02
N LEU L 89 9.35 -62.29 -32.78
CA LEU L 89 9.42 -63.65 -33.32
C LEU L 89 8.84 -64.59 -32.27
N ASP L 90 7.62 -65.07 -32.49
CA ASP L 90 7.03 -65.92 -31.45
C ASP L 90 7.55 -67.35 -31.58
N THR L 91 7.13 -68.06 -32.60
CA THR L 91 7.67 -69.40 -32.86
C THR L 91 8.45 -69.46 -34.16
N ARG L 92 8.57 -68.32 -34.85
CA ARG L 92 9.49 -68.19 -35.97
C ARG L 92 10.95 -68.16 -35.51
N LEU L 93 11.17 -67.93 -34.21
CA LEU L 93 12.50 -68.01 -33.62
C LEU L 93 13.08 -69.41 -33.71
N CYS L 94 12.24 -70.44 -33.77
CA CYS L 94 12.71 -71.77 -34.09
C CYS L 94 13.12 -71.90 -35.55
N GLU L 95 12.64 -71.02 -36.43
CA GLU L 95 12.89 -71.14 -37.86
C GLU L 95 14.04 -70.26 -38.35
N VAL L 96 14.34 -69.16 -37.65
CA VAL L 96 15.43 -68.29 -38.09
C VAL L 96 16.79 -68.84 -37.73
N ILE L 97 16.86 -69.91 -36.94
CA ILE L 97 18.10 -70.50 -36.48
C ILE L 97 18.35 -71.75 -37.31
N PRO L 98 19.57 -71.95 -37.84
CA PRO L 98 19.82 -73.11 -38.71
C PRO L 98 19.79 -74.42 -37.95
N ALA L 99 19.26 -75.45 -38.59
CA ALA L 99 19.23 -76.78 -38.00
C ALA L 99 20.63 -77.38 -38.04
N GLY L 100 21.13 -77.82 -36.89
CA GLY L 100 22.46 -78.35 -36.76
C GLY L 100 23.34 -77.60 -35.78
N GLN L 101 23.01 -76.34 -35.47
CA GLN L 101 23.75 -75.54 -34.51
C GLN L 101 22.77 -74.84 -33.56
N ARG L 102 21.84 -75.62 -33.03
CA ARG L 102 20.76 -75.10 -32.21
C ARG L 102 21.15 -74.77 -30.77
N THR L 103 22.42 -74.86 -30.39
CA THR L 103 22.81 -74.74 -29.00
C THR L 103 22.70 -73.31 -28.49
N ALA L 104 22.31 -73.17 -27.22
CA ALA L 104 22.03 -71.88 -26.61
C ALA L 104 22.20 -72.01 -25.11
N ARG L 105 22.27 -70.87 -24.44
CA ARG L 105 22.35 -70.82 -22.98
C ARG L 105 21.17 -70.02 -22.45
N ALA L 106 20.49 -70.56 -21.45
CA ALA L 106 19.43 -69.85 -20.74
C ALA L 106 20.03 -69.32 -19.44
N ARG L 107 20.33 -68.03 -19.41
CA ARG L 107 20.89 -67.39 -18.24
C ARG L 107 19.81 -66.63 -17.48
N GLY L 108 20.05 -66.43 -16.21
CA GLY L 108 19.10 -65.72 -15.36
C GLY L 108 19.82 -65.13 -14.18
N ALA L 109 19.37 -63.96 -13.75
CA ALA L 109 20.07 -63.21 -12.73
C ALA L 109 19.11 -62.57 -11.75
N LEU L 110 19.44 -62.70 -10.47
CA LEU L 110 18.81 -61.94 -9.40
C LEU L 110 19.78 -60.86 -8.96
N CYS L 111 19.25 -59.68 -8.63
CA CYS L 111 20.04 -58.61 -8.03
C CYS L 111 19.22 -57.97 -6.93
N TYR L 112 19.73 -58.03 -5.70
CA TYR L 112 19.07 -57.39 -4.58
C TYR L 112 19.81 -56.13 -4.18
N CYS L 113 19.05 -55.07 -3.93
CA CYS L 113 19.59 -53.78 -3.55
C CYS L 113 18.94 -53.34 -2.25
N ASP L 114 19.74 -53.14 -1.22
CA ASP L 114 19.23 -52.67 0.06
C ASP L 114 19.26 -51.16 0.21
N GLY L 115 19.70 -50.45 -0.81
CA GLY L 115 19.82 -49.01 -0.77
C GLY L 115 21.24 -48.50 -0.75
N ARG L 116 22.20 -49.41 -0.57
CA ARG L 116 23.63 -49.01 -0.46
C ARG L 116 24.51 -49.90 -1.33
N GLU L 117 24.07 -51.14 -1.57
CA GLU L 117 24.89 -52.10 -2.34
C GLU L 117 24.02 -52.93 -3.28
N ARG L 118 24.58 -53.33 -4.42
CA ARG L 118 23.88 -54.15 -5.41
C ARG L 118 24.67 -55.44 -5.58
N HIS L 119 24.07 -56.57 -5.22
CA HIS L 119 24.72 -57.87 -5.32
C HIS L 119 23.98 -58.73 -6.32
N VAL L 120 24.71 -59.24 -7.32
CA VAL L 120 24.12 -59.96 -8.44
C VAL L 120 24.42 -61.45 -8.28
N LEU L 121 23.38 -62.28 -8.37
CA LEU L 121 23.51 -63.72 -8.38
C LEU L 121 23.11 -64.23 -9.75
N ILE L 122 23.99 -64.99 -10.40
CA ILE L 122 23.77 -65.44 -11.77
C ILE L 122 23.87 -66.96 -11.82
N GLU L 123 22.83 -67.61 -12.34
CA GLU L 123 22.88 -69.01 -12.72
C GLU L 123 22.60 -69.12 -14.22
N GLU L 124 22.73 -70.34 -14.73
CA GLU L 124 22.89 -70.55 -16.16
C GLU L 124 22.63 -72.01 -16.49
N THR L 125 21.92 -72.26 -17.60
CA THR L 125 21.55 -73.60 -18.03
C THR L 125 21.88 -73.78 -19.50
N GLU L 126 22.77 -74.72 -19.80
CA GLU L 126 23.04 -75.11 -21.18
C GLU L 126 21.83 -75.80 -21.78
N GLY L 127 21.64 -75.62 -23.07
CA GLY L 127 20.54 -76.27 -23.74
C GLY L 127 20.63 -76.12 -25.24
N GLU L 128 19.49 -76.28 -25.89
CA GLU L 128 19.40 -76.14 -27.34
C GLU L 128 17.97 -75.80 -27.71
N ILE L 129 17.81 -74.96 -28.74
CA ILE L 129 16.49 -74.53 -29.19
C ILE L 129 15.80 -75.70 -29.88
N ALA L 130 14.52 -75.88 -29.59
CA ALA L 130 13.75 -76.97 -30.18
C ALA L 130 13.57 -76.75 -31.67
N PRO L 131 13.37 -77.83 -32.45
CA PRO L 131 13.04 -77.65 -33.87
C PRO L 131 11.68 -77.02 -34.11
N SER L 132 10.76 -77.18 -33.17
CA SER L 132 9.47 -76.50 -33.22
C SER L 132 8.95 -76.40 -31.81
N ALA L 133 8.07 -75.43 -31.58
CA ALA L 133 7.54 -75.19 -30.24
C ALA L 133 6.59 -76.31 -29.83
N ARG L 134 6.84 -76.87 -28.65
CA ARG L 134 6.00 -77.93 -28.11
C ARG L 134 5.83 -77.72 -26.62
N GLY L 135 4.66 -78.07 -26.13
CA GLY L 135 4.35 -77.91 -24.72
C GLY L 135 3.40 -76.75 -24.47
N THR L 136 2.63 -76.87 -23.39
CA THR L 136 1.62 -75.88 -23.05
C THR L 136 1.87 -75.13 -21.75
N GLY L 137 2.55 -75.74 -20.79
CA GLY L 137 2.76 -75.11 -19.50
C GLY L 137 3.80 -74.02 -19.56
N GLY L 138 4.01 -73.38 -18.42
CA GLY L 138 5.01 -72.33 -18.37
C GLY L 138 4.54 -71.06 -19.05
N PHE L 139 5.51 -70.29 -19.53
CA PHE L 139 5.23 -69.00 -20.16
C PHE L 139 6.31 -68.72 -21.20
N HIS L 140 6.58 -67.44 -21.51
CA HIS L 140 7.43 -66.96 -22.62
C HIS L 140 8.69 -67.78 -22.84
N TRP L 141 8.89 -68.21 -24.08
CA TRP L 141 9.98 -69.04 -24.63
C TRP L 141 10.17 -70.39 -23.93
N ASP L 142 9.30 -70.79 -23.03
CA ASP L 142 9.40 -72.16 -22.54
C ASP L 142 9.06 -73.27 -23.55
N PRO L 143 8.18 -73.10 -24.55
CA PRO L 143 8.05 -74.16 -25.55
C PRO L 143 9.21 -74.33 -26.52
N ILE L 144 10.25 -73.50 -26.48
CA ILE L 144 11.31 -73.60 -27.48
C ILE L 144 12.64 -74.05 -26.92
N PHE L 145 12.80 -74.14 -25.60
CA PHE L 145 14.09 -74.42 -24.97
C PHE L 145 14.09 -75.82 -24.38
N ILE L 146 15.07 -76.63 -24.79
CA ILE L 146 15.27 -77.98 -24.28
C ILE L 146 16.60 -78.02 -23.56
N PRO L 147 16.63 -78.35 -22.26
CA PRO L 147 17.91 -78.38 -21.54
C PRO L 147 18.78 -79.54 -21.97
N LYS L 148 20.04 -79.47 -21.60
CA LYS L 148 21.00 -80.48 -22.01
C LYS L 148 20.77 -81.77 -21.23
N GLY L 149 20.73 -82.89 -21.96
CA GLY L 149 20.42 -84.19 -21.40
C GLY L 149 18.95 -84.53 -21.47
N GLN L 150 18.09 -83.57 -21.20
CA GLN L 150 16.65 -83.77 -21.26
C GLN L 150 16.22 -83.75 -22.72
N THR L 151 15.11 -84.45 -23.01
CA THR L 151 14.48 -84.38 -24.32
C THR L 151 13.33 -83.40 -24.39
N ARG L 152 12.74 -83.04 -23.24
CA ARG L 152 11.55 -82.23 -23.20
C ARG L 152 11.90 -80.76 -22.99
N THR L 153 10.89 -79.90 -23.19
CA THR L 153 11.04 -78.47 -23.02
C THR L 153 10.70 -78.06 -21.61
N PHE L 154 10.87 -76.78 -21.29
CA PHE L 154 10.35 -76.25 -20.03
C PHE L 154 8.83 -76.22 -20.02
N ALA L 155 8.21 -76.11 -21.19
CA ALA L 155 6.74 -76.08 -21.24
C ALA L 155 6.15 -77.46 -21.01
N GLU L 156 6.86 -78.51 -21.40
CA GLU L 156 6.36 -79.87 -21.22
C GLU L 156 6.48 -80.38 -19.80
N MET L 157 7.28 -79.71 -18.97
CA MET L 157 7.52 -80.16 -17.61
C MET L 157 6.70 -79.34 -16.62
N SER L 158 6.40 -79.94 -15.47
CA SER L 158 5.66 -79.26 -14.42
C SER L 158 6.55 -78.25 -13.72
N LEU L 159 5.97 -77.53 -12.74
CA LEU L 159 6.71 -76.47 -12.09
C LEU L 159 7.78 -77.02 -11.14
N ASP L 160 7.55 -78.20 -10.56
CA ASP L 160 8.61 -78.84 -9.79
C ASP L 160 9.71 -79.36 -10.70
N GLU L 161 9.35 -79.84 -11.88
CA GLU L 161 10.34 -80.39 -12.79
C GLU L 161 11.07 -79.31 -13.56
N LYS L 162 10.41 -78.17 -13.81
CA LYS L 162 11.06 -77.08 -14.53
C LYS L 162 12.13 -76.43 -13.65
N LEU L 163 11.84 -76.26 -12.36
CA LEU L 163 12.79 -75.66 -11.43
C LEU L 163 13.92 -76.60 -11.03
N SER L 164 13.89 -77.86 -11.42
CA SER L 164 15.05 -78.72 -11.27
C SER L 164 16.01 -78.59 -12.44
N PHE L 165 15.70 -77.74 -13.43
CA PHE L 165 16.58 -77.51 -14.57
C PHE L 165 16.83 -76.02 -14.77
N SER L 166 15.84 -75.18 -14.48
CA SER L 166 15.89 -73.77 -14.79
C SER L 166 16.88 -73.05 -13.87
N PRO L 167 17.39 -71.88 -14.28
CA PRO L 167 18.30 -71.13 -13.39
C PRO L 167 17.70 -70.68 -12.08
N LEU L 168 16.38 -70.54 -11.99
CA LEU L 168 15.77 -70.07 -10.75
C LEU L 168 15.83 -71.12 -9.65
N GLY L 169 15.91 -72.40 -10.00
CA GLY L 169 15.96 -73.45 -9.00
C GLY L 169 17.26 -73.53 -8.24
N ARG L 170 18.33 -72.96 -8.79
CA ARG L 170 19.58 -72.79 -8.07
C ARG L 170 19.70 -71.42 -7.44
N LEU L 171 18.89 -70.46 -7.87
CA LEU L 171 18.88 -69.12 -7.31
C LEU L 171 17.96 -68.98 -6.10
N HIS L 172 17.07 -69.94 -5.85
CA HIS L 172 16.31 -69.91 -4.60
C HIS L 172 17.23 -70.08 -3.40
N THR L 173 18.10 -71.09 -3.45
CA THR L 173 18.93 -71.42 -2.31
C THR L 173 20.00 -70.38 -2.06
N ARG L 174 20.51 -69.77 -3.13
CA ARG L 174 21.50 -68.71 -2.98
C ARG L 174 20.87 -67.42 -2.46
N LEU L 175 19.62 -67.16 -2.81
CA LEU L 175 18.96 -65.96 -2.30
C LEU L 175 18.50 -66.17 -0.86
N ARG L 176 18.09 -67.39 -0.52
CA ARG L 176 17.67 -67.67 0.85
C ARG L 176 18.83 -67.64 1.81
N THR L 177 20.00 -68.14 1.39
CA THR L 177 21.15 -68.20 2.28
C THR L 177 21.75 -66.82 2.51
N GLU L 178 21.90 -66.03 1.44
CA GLU L 178 22.53 -64.73 1.58
C GLU L 178 21.63 -63.69 2.23
N LEU L 179 20.33 -63.90 2.24
CA LEU L 179 19.42 -62.94 2.87
C LEU L 179 18.80 -63.47 4.15
N GLY L 180 18.93 -64.75 4.45
CA GLY L 180 18.33 -65.29 5.65
C GLY L 180 16.83 -65.43 5.57
N LEU L 181 16.29 -65.67 4.39
CA LEU L 181 14.85 -65.76 4.21
C LEU L 181 14.32 -67.07 4.80
N THR M 2 -11.52 8.11 28.27
CA THR M 2 -10.26 7.68 27.68
C THR M 2 -9.63 6.56 28.51
N THR M 3 -10.29 6.20 29.61
CA THR M 3 -9.75 5.21 30.53
C THR M 3 -10.92 4.51 31.20
N LEU M 4 -10.89 3.18 31.19
CA LEU M 4 -11.95 2.40 31.80
C LEU M 4 -11.90 2.49 33.32
N THR M 5 -13.07 2.45 33.94
CA THR M 5 -13.16 2.35 35.39
C THR M 5 -13.29 0.89 35.76
N LEU M 6 -13.51 0.61 37.04
CA LEU M 6 -13.61 -0.77 37.48
C LEU M 6 -14.94 -1.40 37.07
N SER M 7 -16.03 -0.65 37.17
CA SER M 7 -17.33 -1.19 36.81
C SER M 7 -17.53 -1.29 35.30
N GLU M 8 -16.83 -0.46 34.53
CA GLU M 8 -16.92 -0.56 33.08
C GLU M 8 -16.15 -1.76 32.55
N ALA M 9 -14.98 -2.04 33.12
CA ALA M 9 -14.13 -3.11 32.64
C ALA M 9 -14.54 -4.48 33.16
N ALA M 10 -15.38 -4.54 34.18
CA ALA M 10 -15.82 -5.82 34.75
C ALA M 10 -16.63 -6.70 33.82
N PRO M 11 -17.60 -6.22 33.02
CA PRO M 11 -18.23 -7.14 32.06
C PRO M 11 -17.35 -7.50 30.88
N LEU M 12 -16.34 -6.70 30.58
CA LEU M 12 -15.41 -7.05 29.52
C LEU M 12 -14.46 -8.16 29.96
N LEU M 13 -14.14 -8.22 31.25
CA LEU M 13 -13.26 -9.26 31.75
C LEU M 13 -14.00 -10.55 32.01
N LYS M 14 -15.31 -10.48 32.31
CA LYS M 14 -16.09 -11.70 32.49
C LYS M 14 -16.25 -12.45 31.17
N LYS M 15 -16.39 -11.73 30.07
CA LYS M 15 -16.61 -12.37 28.79
C LYS M 15 -15.37 -13.11 28.32
N GLU M 16 -14.19 -12.51 28.50
CA GLU M 16 -12.97 -13.18 28.10
C GLU M 16 -12.58 -14.30 29.05
N PHE M 17 -13.03 -14.23 30.30
CA PHE M 17 -12.69 -15.30 31.24
C PHE M 17 -13.55 -16.53 31.05
N ARG M 18 -14.85 -16.35 30.78
CA ARG M 18 -15.70 -17.52 30.59
C ARG M 18 -15.45 -18.20 29.26
N GLU M 19 -14.80 -17.52 28.33
CA GLU M 19 -14.33 -18.17 27.11
C GLU M 19 -12.96 -18.78 27.26
N GLY M 20 -12.30 -18.59 28.39
CA GLY M 20 -10.98 -19.14 28.61
C GLY M 20 -9.87 -18.45 27.86
N ARG M 21 -10.02 -17.16 27.59
CA ARG M 21 -9.08 -16.42 26.75
C ARG M 21 -8.53 -15.20 27.47
N LEU M 22 -8.48 -15.25 28.80
CA LEU M 22 -7.92 -14.18 29.62
C LEU M 22 -6.77 -14.75 30.42
N ILE M 23 -5.61 -14.08 30.37
CA ILE M 23 -4.39 -14.55 31.02
C ILE M 23 -3.82 -13.42 31.87
N PRO M 24 -3.60 -13.62 33.17
CA PRO M 24 -3.02 -12.56 33.99
C PRO M 24 -1.53 -12.41 33.74
N PHE M 25 -1.06 -11.17 33.83
CA PHE M 25 0.36 -10.86 33.73
C PHE M 25 0.73 -10.06 34.96
N LEU M 26 1.51 -10.63 35.86
CA LEU M 26 1.72 -10.07 37.18
C LEU M 26 3.12 -9.50 37.30
N GLY M 27 3.23 -8.31 37.90
CA GLY M 27 4.47 -7.59 37.99
C GLY M 27 4.99 -7.51 39.41
N ALA M 28 5.94 -6.59 39.62
CA ALA M 28 6.57 -6.45 40.92
C ALA M 28 5.66 -5.78 41.94
N GLY M 29 4.68 -5.01 41.49
CA GLY M 29 3.73 -4.41 42.40
C GLY M 29 2.73 -5.38 42.97
N PHE M 30 2.65 -6.59 42.45
CA PHE M 30 1.76 -7.60 42.98
C PHE M 30 2.32 -8.25 44.24
N SER M 31 3.63 -8.15 44.46
CA SER M 31 4.26 -8.67 45.66
C SER M 31 4.64 -7.58 46.63
N LYS M 32 4.17 -6.36 46.41
CA LYS M 32 4.38 -5.24 47.32
C LYS M 32 3.69 -5.39 48.67
N PRO M 33 2.46 -5.94 48.82
CA PRO M 33 1.95 -6.17 50.18
C PRO M 33 2.65 -7.27 50.95
N LEU M 34 3.54 -8.02 50.33
CA LEU M 34 4.34 -9.01 51.03
C LEU M 34 5.62 -8.40 51.60
N LYS M 35 5.73 -7.07 51.60
CA LYS M 35 6.88 -6.31 52.08
C LYS M 35 8.16 -6.70 51.35
N LEU M 36 8.05 -6.84 50.07
CA LEU M 36 9.23 -7.16 49.28
C LEU M 36 9.72 -5.93 48.54
N PRO M 37 11.02 -5.89 48.22
CA PRO M 37 11.53 -4.79 47.38
C PRO M 37 10.91 -4.77 46.00
N ASP M 38 10.70 -3.57 45.49
CA ASP M 38 10.42 -3.38 44.06
C ASP M 38 11.74 -3.12 43.34
N GLY M 39 11.69 -2.62 42.11
CA GLY M 39 12.89 -2.34 41.36
C GLY M 39 13.75 -1.20 41.90
N SER M 40 13.23 -0.41 42.84
CA SER M 40 14.01 0.66 43.45
C SER M 40 14.70 0.25 44.74
N GLN M 41 14.08 -0.61 45.55
CA GLN M 41 14.76 -1.03 46.78
C GLN M 41 15.82 -2.10 46.53
N LEU M 42 15.83 -2.76 45.37
CA LEU M 42 16.98 -3.59 45.03
C LEU M 42 18.22 -2.74 44.80
N ILE M 43 18.07 -1.65 44.03
CA ILE M 43 19.17 -0.77 43.71
C ILE M 43 19.69 -0.07 44.96
N ALA M 44 18.82 0.19 45.93
CA ALA M 44 19.27 0.70 47.21
C ALA M 44 20.08 -0.34 47.98
N SER M 45 19.82 -1.62 47.74
CA SER M 45 20.60 -2.67 48.38
C SER M 45 21.87 -3.00 47.62
N LEU M 46 21.88 -2.82 46.31
CA LEU M 46 23.10 -3.01 45.55
C LEU M 46 24.09 -1.88 45.79
N ALA M 47 23.58 -0.67 46.05
CA ALA M 47 24.45 0.46 46.30
C ALA M 47 25.13 0.36 47.67
N LYS M 48 24.48 -0.29 48.62
CA LYS M 48 25.08 -0.46 49.93
C LYS M 48 26.25 -1.44 49.88
N THR M 49 26.15 -2.46 49.03
CA THR M 49 27.23 -3.44 48.90
C THR M 49 28.42 -2.83 48.18
N LEU M 50 28.17 -2.03 47.16
CA LEU M 50 29.24 -1.44 46.37
C LEU M 50 29.89 -0.24 47.04
N GLY M 51 29.31 0.28 48.11
CA GLY M 51 29.85 1.46 48.76
C GLY M 51 29.35 2.78 48.24
N PHE M 52 28.23 2.78 47.55
CA PHE M 52 27.59 3.98 47.04
C PHE M 52 26.54 4.50 48.01
N GLU M 53 26.32 5.78 47.97
CA GLU M 53 25.08 6.26 48.55
C GLU M 53 23.93 5.96 47.59
N PRO M 54 22.78 5.56 48.10
CA PRO M 54 21.70 5.09 47.20
C PRO M 54 21.11 6.15 46.30
N GLU M 55 21.26 7.43 46.64
CA GLU M 55 20.80 8.48 45.75
C GLU M 55 21.84 8.85 44.70
N LEU M 56 23.12 8.66 45.01
CA LEU M 56 24.16 8.90 44.03
C LEU M 56 24.29 7.75 43.04
N PHE M 57 24.00 6.54 43.48
CA PHE M 57 24.12 5.38 42.59
C PHE M 57 23.01 5.36 41.56
N ASP M 58 21.87 5.96 41.88
CA ASP M 58 20.72 5.92 40.99
C ASP M 58 20.90 6.78 39.75
N MET M 59 21.74 7.82 39.84
CA MET M 59 21.86 8.79 38.71
C MET M 59 23.00 8.45 37.76
N HIS M 60 23.52 7.23 37.79
CA HIS M 60 24.56 6.84 36.85
C HIS M 60 24.06 5.91 35.75
N GLY M 61 22.79 5.57 35.74
CA GLY M 61 22.27 4.70 34.69
C GLY M 61 20.90 4.19 35.04
N ARG M 62 20.36 3.40 34.12
CA ARG M 62 19.04 2.84 34.31
C ARG M 62 19.13 1.58 35.18
N PHE M 63 17.97 0.97 35.43
CA PHE M 63 17.87 -0.20 36.31
C PHE M 63 18.65 -1.38 35.76
N GLU M 64 18.61 -1.58 34.44
CA GLU M 64 19.32 -2.68 33.82
C GLU M 64 20.82 -2.46 33.90
N GLN M 65 21.26 -1.21 33.83
CA GLN M 65 22.66 -0.88 33.74
C GLN M 65 23.34 -0.84 35.09
N LEU M 66 22.60 -0.53 36.14
CA LEU M 66 23.18 -0.55 37.48
C LEU M 66 23.35 -1.97 37.99
N ALA M 67 22.49 -2.89 37.56
CA ALA M 67 22.66 -4.29 37.92
C ALA M 67 23.75 -4.96 37.09
N GLU M 68 23.97 -4.48 35.87
CA GLU M 68 25.11 -4.95 35.08
C GLU M 68 26.43 -4.51 35.71
N PHE M 69 26.46 -3.30 36.27
CA PHE M 69 27.64 -2.82 36.96
C PHE M 69 27.89 -3.58 38.25
N PHE M 70 26.82 -4.02 38.92
CA PHE M 70 26.97 -4.79 40.15
C PHE M 70 27.55 -6.17 39.86
N ALA M 71 27.08 -6.83 38.80
CA ALA M 71 27.44 -8.22 38.55
C ALA M 71 28.88 -8.39 38.10
N ILE M 72 29.52 -7.32 37.61
CA ILE M 72 30.89 -7.40 37.14
C ILE M 72 31.85 -6.69 38.07
N SER M 73 31.40 -6.34 39.27
CA SER M 73 32.29 -5.69 40.24
C SER M 73 33.29 -6.66 40.82
N ALA M 74 32.90 -7.91 40.98
CA ALA M 74 33.72 -8.95 41.57
C ALA M 74 33.23 -10.27 41.04
N PRO M 75 34.05 -11.32 41.08
CA PRO M 75 33.55 -12.64 40.72
C PRO M 75 32.53 -13.13 41.72
N ASN M 76 31.56 -13.91 41.21
CA ASN M 76 30.50 -14.54 41.98
C ASN M 76 29.62 -13.53 42.71
N ARG M 77 29.54 -12.31 42.16
CA ARG M 77 28.76 -11.27 42.81
C ARG M 77 27.28 -11.40 42.50
N LEU M 78 26.96 -11.92 41.31
CA LEU M 78 25.52 -12.10 40.92
C LEU M 78 24.93 -13.29 41.68
N GLN M 79 25.70 -14.36 41.84
CA GLN M 79 25.20 -15.58 42.54
C GLN M 79 24.85 -15.22 43.98
N ARG M 80 25.69 -14.40 44.63
CA ARG M 80 25.42 -13.97 46.03
C ARG M 80 24.07 -13.24 46.08
N LEU M 81 23.82 -12.36 45.11
CA LEU M 81 22.55 -11.59 45.10
C LEU M 81 21.37 -12.56 45.02
N VAL M 82 21.45 -13.57 44.16
CA VAL M 82 20.33 -14.56 44.01
C VAL M 82 20.13 -15.25 45.36
N TYR M 83 21.22 -15.65 46.01
CA TYR M 83 21.12 -16.33 47.33
C TYR M 83 20.44 -15.39 48.34
N GLU M 84 20.87 -14.13 48.38
CA GLU M 84 20.28 -13.15 49.33
C GLU M 84 18.80 -12.94 49.01
N MET M 85 18.48 -12.76 47.72
CA MET M 85 17.07 -12.53 47.31
C MET M 85 16.22 -13.72 47.75
N SER M 86 16.73 -14.94 47.55
CA SER M 86 15.96 -16.16 47.91
C SER M 86 15.62 -16.14 49.39
N LEU M 87 16.58 -15.75 50.24
CA LEU M 87 16.36 -15.74 51.71
C LEU M 87 15.36 -14.65 52.09
N SER M 88 15.30 -13.56 51.32
CA SER M 88 14.42 -12.42 51.68
C SER M 88 13.06 -12.51 51.00
N PHE M 89 13.03 -12.89 49.72
CA PHE M 89 11.77 -12.90 48.98
C PHE M 89 10.90 -14.06 49.38
N ASP M 90 11.48 -15.25 49.54
CA ASP M 90 10.74 -16.46 49.85
C ASP M 90 10.87 -16.87 51.31
N SER M 91 10.99 -15.90 52.21
CA SER M 91 11.13 -16.20 53.62
C SER M 91 9.80 -16.66 54.21
N ALA M 92 9.88 -17.18 55.44
CA ALA M 92 8.68 -17.72 56.08
C ALA M 92 7.71 -16.63 56.50
N GLU M 93 8.20 -15.43 56.80
CA GLU M 93 7.29 -14.35 57.13
C GLU M 93 6.65 -13.73 55.89
N ALA M 94 7.25 -13.93 54.72
CA ALA M 94 6.56 -13.55 53.49
C ALA M 94 5.54 -14.59 53.09
N GLU M 95 5.74 -15.85 53.50
CA GLU M 95 4.72 -16.87 53.33
C GLU M 95 3.50 -16.58 54.18
N ALA M 96 3.72 -16.11 55.42
CA ALA M 96 2.61 -15.89 56.34
C ALA M 96 1.80 -14.67 55.97
N LEU M 97 2.41 -13.68 55.34
CA LEU M 97 1.66 -12.54 54.80
C LEU M 97 0.90 -12.89 53.53
N ARG M 98 1.15 -14.05 52.96
CA ARG M 98 0.63 -14.40 51.65
C ARG M 98 -0.69 -15.15 51.74
N GLU M 99 -0.95 -15.86 52.84
CA GLU M 99 -2.26 -16.49 52.99
C GLU M 99 -3.33 -15.47 53.33
N LYS M 100 -2.98 -14.46 54.11
CA LYS M 100 -3.94 -13.44 54.51
C LYS M 100 -3.97 -12.25 53.57
N SER M 101 -3.32 -12.34 52.43
CA SER M 101 -3.37 -11.28 51.45
C SER M 101 -4.63 -11.40 50.61
N PRO M 102 -5.45 -10.35 50.51
CA PRO M 102 -6.69 -10.46 49.74
C PRO M 102 -6.48 -10.54 48.23
N MET M 103 -5.35 -10.04 47.71
CA MET M 103 -5.12 -10.17 46.28
C MET M 103 -4.77 -11.59 45.89
N HIS M 104 -3.94 -12.25 46.69
CA HIS M 104 -3.51 -13.61 46.37
C HIS M 104 -4.63 -14.60 46.61
N ARG M 105 -5.56 -14.30 47.51
CA ARG M 105 -6.74 -15.13 47.65
C ARG M 105 -7.69 -14.96 46.48
N ALA M 106 -7.85 -13.72 46.01
CA ALA M 106 -8.77 -13.48 44.91
C ALA M 106 -8.20 -13.95 43.59
N LEU M 107 -6.87 -14.00 43.47
CA LEU M 107 -6.26 -14.54 42.27
C LEU M 107 -6.44 -16.05 42.18
N ALA M 108 -6.25 -16.76 43.29
CA ALA M 108 -6.34 -18.20 43.30
C ALA M 108 -7.76 -18.71 43.32
N ALA M 109 -8.75 -17.85 43.59
CA ALA M 109 -10.14 -18.29 43.58
C ALA M 109 -10.65 -18.55 42.18
N LEU M 110 -10.04 -17.93 41.18
CA LEU M 110 -10.41 -18.12 39.79
C LEU M 110 -9.66 -19.32 39.22
N ASP M 111 -10.26 -19.94 38.22
CA ASP M 111 -9.73 -21.17 37.64
C ASP M 111 -8.97 -20.80 36.37
N TRP M 112 -7.75 -20.29 36.56
CA TRP M 112 -6.93 -19.91 35.43
C TRP M 112 -6.31 -21.13 34.78
N ARG M 113 -5.76 -20.94 33.59
CA ARG M 113 -4.98 -21.97 32.94
C ARG M 113 -3.54 -21.57 32.68
N THR M 114 -3.25 -20.27 32.56
CA THR M 114 -1.88 -19.81 32.35
C THR M 114 -1.74 -18.50 33.09
N ILE M 115 -0.65 -18.34 33.83
CA ILE M 115 -0.32 -17.10 34.52
C ILE M 115 1.13 -16.76 34.21
N TYR M 116 1.37 -15.53 33.76
CA TYR M 116 2.71 -15.03 33.52
C TYR M 116 3.11 -14.07 34.62
N THR M 117 4.35 -14.19 35.10
CA THR M 117 4.90 -13.28 36.09
C THR M 117 6.31 -12.87 35.69
N THR M 118 6.70 -11.66 36.09
CA THR M 118 8.07 -11.20 35.89
C THR M 118 8.80 -10.97 37.21
N ASN M 119 8.38 -11.61 38.29
CA ASN M 119 9.05 -11.44 39.56
C ASN M 119 9.59 -12.76 40.07
N TYR M 120 10.66 -12.68 40.85
CA TYR M 120 11.42 -13.85 41.28
C TYR M 120 10.99 -14.26 42.69
N ASP M 121 9.82 -14.88 42.78
CA ASP M 121 9.33 -15.32 44.08
C ASP M 121 8.26 -16.38 43.86
N LYS M 122 8.12 -17.26 44.83
CA LYS M 122 7.13 -18.33 44.71
C LYS M 122 5.81 -17.96 45.36
N HIS M 123 5.33 -16.75 45.09
CA HIS M 123 4.12 -16.27 45.74
C HIS M 123 2.94 -16.18 44.81
N VAL M 124 3.12 -16.54 43.54
CA VAL M 124 2.00 -16.66 42.63
C VAL M 124 1.58 -18.09 42.47
N GLU M 125 2.53 -19.00 42.31
CA GLU M 125 2.18 -20.41 42.41
C GLU M 125 1.94 -20.81 43.85
N GLY M 126 2.57 -20.12 44.81
CA GLY M 126 2.31 -20.40 46.20
C GLY M 126 0.93 -19.99 46.64
N ALA M 127 0.36 -18.98 46.00
CA ALA M 127 -1.03 -18.62 46.26
C ALA M 127 -1.99 -19.68 45.76
N LEU M 128 -1.63 -20.39 44.68
CA LEU M 128 -2.48 -21.46 44.18
C LEU M 128 -2.40 -22.70 45.05
N ARG M 129 -1.24 -22.97 45.65
CA ARG M 129 -1.13 -24.07 46.60
C ARG M 129 -1.88 -23.77 47.89
N ASP M 130 -2.04 -22.50 48.24
CA ASP M 130 -2.77 -22.15 49.45
C ASP M 130 -4.26 -22.41 49.31
N ALA M 131 -4.79 -22.28 48.09
CA ALA M 131 -6.20 -22.50 47.84
C ALA M 131 -6.53 -23.95 47.51
N GLY M 132 -5.61 -24.87 47.75
CA GLY M 132 -5.83 -26.26 47.44
C GLY M 132 -5.56 -26.64 46.01
N LYS M 133 -5.39 -25.67 45.13
CA LYS M 133 -5.08 -25.96 43.73
C LYS M 133 -3.61 -26.31 43.59
N GLN M 134 -3.25 -26.80 42.41
CA GLN M 134 -1.88 -27.16 42.12
C GLN M 134 -1.42 -26.43 40.87
N ALA M 135 -0.15 -26.04 40.87
CA ALA M 135 0.41 -25.22 39.80
C ALA M 135 1.65 -25.91 39.23
N ALA M 136 2.11 -25.38 38.11
CA ALA M 136 3.26 -25.95 37.41
C ALA M 136 4.15 -24.80 36.96
N VAL M 137 5.30 -24.66 37.60
CA VAL M 137 6.20 -23.57 37.30
C VAL M 137 7.01 -23.93 36.05
N LEU M 138 6.98 -23.06 35.06
CA LEU M 138 7.72 -23.25 33.82
C LEU M 138 8.65 -22.07 33.63
N ALA M 139 9.95 -22.31 33.74
CA ALA M 139 10.90 -21.22 33.60
C ALA M 139 11.98 -21.49 32.57
N SER M 140 12.44 -22.72 32.45
CA SER M 140 13.55 -23.06 31.58
C SER M 140 13.09 -24.07 30.53
N PHE M 141 14.02 -24.47 29.66
CA PHE M 141 13.71 -25.45 28.63
C PHE M 141 13.38 -26.82 29.21
N ALA M 142 14.03 -27.18 30.32
CA ALA M 142 13.77 -28.48 30.92
C ALA M 142 12.42 -28.53 31.60
N ASP M 143 11.86 -27.40 31.99
CA ASP M 143 10.54 -27.39 32.60
C ASP M 143 9.45 -27.60 31.56
N PHE M 144 9.61 -27.01 30.37
CA PHE M 144 8.62 -27.17 29.33
C PHE M 144 8.55 -28.60 28.82
N GLN M 145 9.68 -29.29 28.76
CA GLN M 145 9.68 -30.68 28.34
C GLN M 145 9.52 -31.66 29.48
N GLY M 146 9.45 -31.19 30.70
CA GLY M 146 9.24 -32.06 31.83
C GLY M 146 7.80 -32.53 31.91
N PRO M 147 7.55 -33.48 32.81
CA PRO M 147 6.18 -34.00 32.97
C PRO M 147 5.35 -33.07 33.85
N ARG M 148 4.12 -32.81 33.42
CA ARG M 148 3.10 -32.16 34.21
C ARG M 148 1.91 -33.07 34.36
N ALA M 149 0.90 -32.57 35.05
CA ALA M 149 -0.38 -33.24 35.11
C ALA M 149 -1.25 -32.74 33.96
N ARG M 150 -2.50 -33.17 33.92
CA ARG M 150 -3.31 -32.98 32.72
C ARG M 150 -3.86 -31.56 32.62
N ASP M 151 -4.65 -31.14 33.60
CA ASP M 151 -5.26 -29.81 33.60
C ASP M 151 -4.81 -29.09 34.86
N VAL M 152 -3.67 -28.43 34.77
CA VAL M 152 -3.02 -27.73 35.87
C VAL M 152 -2.61 -26.36 35.36
N CYS M 153 -2.87 -25.31 36.15
CA CYS M 153 -2.46 -23.96 35.81
C CYS M 153 -0.96 -23.87 35.68
N GLU M 154 -0.50 -23.47 34.50
CA GLU M 154 0.92 -23.34 34.21
C GLU M 154 1.35 -21.91 34.54
N VAL M 155 2.22 -21.76 35.52
CA VAL M 155 2.75 -20.46 35.89
C VAL M 155 4.06 -20.26 35.14
N ILE M 156 4.07 -19.31 34.21
CA ILE M 156 5.25 -19.05 33.39
C ILE M 156 6.07 -17.97 34.07
N LYS M 157 7.17 -18.36 34.68
CA LYS M 157 8.11 -17.38 35.23
C LYS M 157 8.86 -16.74 34.07
N PHE M 158 8.41 -15.57 33.65
CA PHE M 158 8.91 -14.98 32.40
C PHE M 158 10.33 -14.46 32.55
N HIS M 159 10.69 -13.97 33.73
CA HIS M 159 12.04 -13.48 33.93
C HIS M 159 12.92 -14.41 34.74
N GLY M 160 12.43 -15.55 35.18
CA GLY M 160 13.23 -16.53 35.86
C GLY M 160 12.75 -16.79 37.27
N THR M 161 13.35 -17.79 37.88
CA THR M 161 12.98 -18.24 39.21
C THR M 161 14.24 -18.29 40.06
N LEU M 162 14.07 -18.15 41.37
CA LEU M 162 15.23 -18.15 42.26
C LEU M 162 15.83 -19.53 42.45
N ASP M 163 15.08 -20.60 42.22
CA ASP M 163 15.64 -21.93 42.36
C ASP M 163 16.36 -22.40 41.11
N GLN M 164 16.33 -21.62 40.05
CA GLN M 164 17.11 -21.87 38.83
C GLN M 164 17.80 -20.56 38.51
N PRO M 165 18.98 -20.31 39.09
CA PRO M 165 19.59 -18.98 38.98
C PRO M 165 20.11 -18.64 37.60
N ASP M 166 20.21 -19.59 36.67
CA ASP M 166 20.60 -19.28 35.31
C ASP M 166 19.49 -18.62 34.51
N THR M 167 18.26 -18.68 34.98
CA THR M 167 17.12 -18.15 34.24
C THR M 167 16.80 -16.72 34.60
N ILE M 168 17.44 -16.15 35.61
CA ILE M 168 17.09 -14.82 36.08
C ILE M 168 17.68 -13.80 35.13
N VAL M 169 16.83 -12.94 34.59
CA VAL M 169 17.29 -11.81 33.78
C VAL M 169 17.16 -10.54 34.62
N LEU M 170 18.29 -10.03 35.02
CA LEU M 170 18.35 -8.83 35.84
C LEU M 170 19.31 -7.80 35.27
N THR M 171 20.44 -8.23 34.73
CA THR M 171 21.45 -7.32 34.24
C THR M 171 21.12 -6.91 32.80
N GLU M 172 21.87 -5.93 32.29
CA GLU M 172 21.59 -5.41 30.97
C GLU M 172 21.92 -6.42 29.88
N SER M 173 22.98 -7.21 30.08
CA SER M 173 23.35 -8.23 29.13
C SER M 173 22.32 -9.35 29.05
N SER M 174 21.58 -9.58 30.12
CA SER M 174 20.52 -10.59 30.07
C SER M 174 19.27 -10.06 29.41
N TYR M 175 19.02 -8.75 29.45
CA TYR M 175 17.91 -8.19 28.68
C TYR M 175 18.22 -8.16 27.20
N PHE M 176 19.48 -7.91 26.85
CA PHE M 176 19.87 -7.95 25.44
C PHE M 176 19.86 -9.35 24.88
N GLN M 177 20.08 -10.35 25.71
CA GLN M 177 20.01 -11.73 25.27
C GLN M 177 18.57 -12.15 25.00
N ARG M 178 17.60 -11.49 25.62
CA ARG M 178 16.19 -11.77 25.41
C ARG M 178 15.59 -10.93 24.28
N MET M 179 16.37 -10.06 23.64
CA MET M 179 15.85 -9.30 22.52
C MET M 179 15.71 -10.15 21.26
N ALA M 180 16.34 -11.31 21.22
CA ALA M 180 16.18 -12.19 20.09
C ALA M 180 14.85 -12.92 20.10
N LEU M 181 14.14 -12.87 21.24
CA LEU M 181 12.83 -13.50 21.45
C LEU M 181 12.89 -15.00 21.18
N ASP M 182 13.98 -15.61 21.63
CA ASP M 182 14.26 -17.01 21.34
C ASP M 182 14.20 -17.88 22.58
N ALA M 183 14.12 -17.31 23.77
CA ALA M 183 14.02 -18.07 24.99
C ALA M 183 12.66 -18.78 25.05
N PRO M 184 12.56 -19.88 25.79
CA PRO M 184 11.27 -20.59 25.91
C PRO M 184 10.16 -19.78 26.56
N PRO M 185 10.41 -18.87 27.52
CA PRO M 185 9.30 -17.98 27.90
C PRO M 185 8.94 -16.96 26.84
N ASP M 186 9.88 -16.60 25.96
CA ASP M 186 9.57 -15.65 24.91
C ASP M 186 8.70 -16.29 23.83
N GLN M 187 9.01 -17.53 23.47
CA GLN M 187 8.26 -18.22 22.43
C GLN M 187 6.86 -18.59 22.87
N ARG M 188 6.70 -18.88 24.17
CA ARG M 188 5.39 -19.21 24.70
C ARG M 188 4.51 -17.97 24.83
N LEU M 189 5.12 -16.82 25.13
CA LEU M 189 4.37 -15.59 25.27
C LEU M 189 3.84 -15.10 23.93
N ARG M 190 4.65 -15.21 22.87
CA ARG M 190 4.25 -14.67 21.58
C ARG M 190 3.17 -15.52 20.94
N ALA M 191 3.08 -16.80 21.31
CA ALA M 191 2.01 -17.64 20.80
C ALA M 191 0.74 -17.47 21.59
N ASP M 192 0.84 -17.17 22.89
CA ASP M 192 -0.37 -16.89 23.66
C ASP M 192 -0.93 -15.52 23.34
N LEU M 193 -0.08 -14.59 22.92
CA LEU M 193 -0.54 -13.26 22.55
C LEU M 193 -1.29 -13.27 21.24
N LEU M 194 -1.08 -14.29 20.41
CA LEU M 194 -1.83 -14.41 19.16
C LEU M 194 -3.30 -14.69 19.37
N ALA M 195 -3.69 -15.21 20.53
CA ALA M 195 -5.04 -15.71 20.69
C ALA M 195 -5.75 -15.29 21.97
N ASN M 196 -5.12 -14.51 22.84
CA ASN M 196 -5.67 -14.30 24.17
C ASN M 196 -5.56 -12.85 24.58
N SER M 197 -6.49 -12.42 25.43
CA SER M 197 -6.40 -11.12 26.10
C SER M 197 -5.56 -11.26 27.35
N PHE M 198 -4.78 -10.23 27.66
CA PHE M 198 -3.99 -10.25 28.87
C PHE M 198 -4.48 -9.20 29.85
N LEU M 199 -4.24 -9.44 31.13
CA LEU M 199 -4.60 -8.54 32.22
C LEU M 199 -3.34 -8.23 32.99
N PHE M 200 -2.82 -7.02 32.85
CA PHE M 200 -1.60 -6.60 33.52
C PHE M 200 -1.96 -6.04 34.88
N ILE M 201 -1.49 -6.69 35.94
CA ILE M 201 -1.79 -6.30 37.31
C ILE M 201 -0.48 -6.08 38.03
N GLY M 202 -0.30 -4.87 38.58
CA GLY M 202 0.90 -4.58 39.32
C GLY M 202 2.16 -4.45 38.50
N TYR M 203 2.02 -4.30 37.18
CA TYR M 203 3.15 -4.23 36.28
C TYR M 203 3.11 -2.89 35.55
N SER M 204 4.28 -2.27 35.41
CA SER M 204 4.43 -1.04 34.63
C SER M 204 5.35 -1.33 33.47
N PHE M 205 4.97 -0.89 32.27
CA PHE M 205 5.75 -1.24 31.07
C PHE M 205 7.04 -0.43 31.07
N SER M 206 8.03 -0.96 31.76
CA SER M 206 9.36 -0.39 31.75
C SER M 206 10.39 -1.31 31.13
N ASP M 207 10.04 -2.55 30.85
CA ASP M 207 10.95 -3.51 30.25
C ASP M 207 10.86 -3.36 28.75
N THR M 208 12.00 -3.09 28.10
CA THR M 208 12.00 -2.88 26.66
C THR M 208 11.89 -4.16 25.86
N ASN M 209 11.89 -5.33 26.50
CA ASN M 209 11.58 -6.56 25.79
C ASN M 209 10.11 -6.92 25.85
N ILE M 210 9.39 -6.47 26.88
CA ILE M 210 7.95 -6.64 26.87
C ILE M 210 7.32 -5.70 25.86
N ARG M 211 7.78 -4.46 25.81
CA ARG M 211 7.23 -3.47 24.87
C ARG M 211 7.55 -3.84 23.43
N TYR M 212 8.66 -4.53 23.20
CA TYR M 212 9.03 -4.97 21.88
C TYR M 212 8.20 -6.15 21.40
N ILE M 213 7.65 -6.94 22.31
CA ILE M 213 6.78 -8.03 21.89
C ILE M 213 5.43 -7.50 21.44
N TRP M 214 4.85 -6.58 22.20
CA TRP M 214 3.61 -5.92 21.78
C TRP M 214 3.80 -5.02 20.58
N TYR M 215 5.01 -4.54 20.34
CA TYR M 215 5.29 -3.83 19.09
C TYR M 215 5.15 -4.75 17.90
N ARG M 216 5.77 -5.92 17.95
CA ARG M 216 5.80 -6.80 16.80
C ARG M 216 4.53 -7.62 16.63
N MET M 217 3.59 -7.53 17.56
CA MET M 217 2.28 -8.12 17.31
C MET M 217 1.44 -7.18 16.44
N ASN M 218 1.69 -5.88 16.49
CA ASN M 218 1.03 -4.93 15.62
C ASN M 218 1.60 -4.94 14.22
N GLN M 219 2.85 -5.33 14.07
CA GLN M 219 3.38 -5.50 12.74
C GLN M 219 2.74 -6.69 12.05
N LEU M 220 2.28 -7.68 12.82
CA LEU M 220 1.42 -8.69 12.23
C LEU M 220 0.01 -8.17 12.04
N ARG M 221 -0.44 -7.30 12.94
CA ARG M 221 -1.82 -6.81 12.86
C ARG M 221 -1.99 -5.82 11.72
N GLU M 222 -1.01 -4.95 11.50
CA GLU M 222 -1.14 -3.96 10.45
C GLU M 222 -0.89 -4.55 9.06
N GLN M 223 0.00 -5.53 8.95
CA GLN M 223 0.27 -6.15 7.66
C GLN M 223 -0.87 -7.05 7.22
N SER M 224 -1.71 -7.50 8.14
CA SER M 224 -2.84 -8.35 7.77
C SER M 224 -3.99 -7.56 7.18
N GLN M 225 -3.94 -6.22 7.23
CA GLN M 225 -4.85 -5.32 6.51
C GLN M 225 -6.30 -5.51 6.92
N LEU M 226 -6.52 -5.75 8.22
CA LEU M 226 -7.87 -5.80 8.74
C LEU M 226 -8.47 -4.39 8.77
N GLY M 227 -9.78 -4.32 8.96
CA GLY M 227 -10.47 -3.05 8.97
C GLY M 227 -10.20 -2.25 10.22
N VAL M 228 -10.89 -1.11 10.31
CA VAL M 228 -10.84 -0.34 11.55
C VAL M 228 -11.61 -1.07 12.64
N LYS M 229 -12.69 -1.75 12.28
CA LYS M 229 -13.50 -2.43 13.28
C LYS M 229 -12.85 -3.71 13.79
N HIS M 230 -12.26 -4.50 12.89
CA HIS M 230 -11.80 -5.83 13.26
C HIS M 230 -10.40 -5.86 13.83
N SER M 231 -9.57 -4.86 13.52
CA SER M 231 -8.25 -4.80 14.13
C SER M 231 -8.28 -4.30 15.56
N GLN M 232 -9.42 -3.73 16.00
CA GLN M 232 -9.55 -3.19 17.34
C GLN M 232 -10.41 -4.07 18.24
N ALA M 233 -10.64 -5.32 17.85
CA ALA M 233 -11.59 -6.15 18.56
C ALA M 233 -11.00 -6.84 19.77
N ARG M 234 -9.80 -7.39 19.64
CA ARG M 234 -9.15 -8.13 20.71
C ARG M 234 -8.24 -7.19 21.49
N ARG M 235 -8.64 -6.86 22.71
CA ARG M 235 -7.97 -5.87 23.54
C ARG M 235 -7.19 -6.55 24.64
N CYS M 236 -6.23 -5.82 25.21
CA CYS M 236 -5.56 -6.22 26.43
C CYS M 236 -5.81 -5.14 27.48
N PHE M 237 -5.67 -5.51 28.74
CA PHE M 237 -6.10 -4.65 29.83
C PHE M 237 -4.96 -4.41 30.80
N PHE M 238 -4.86 -3.17 31.27
CA PHE M 238 -3.71 -2.66 32.02
C PHE M 238 -4.19 -1.96 33.27
N ALA M 239 -4.32 -2.71 34.36
CA ALA M 239 -4.81 -2.17 35.61
C ALA M 239 -3.68 -1.45 36.34
N THR M 240 -3.85 -0.15 36.59
CA THR M 240 -2.79 0.67 37.15
C THR M 240 -3.40 1.80 37.95
N HIS M 241 -2.88 2.01 39.16
CA HIS M 241 -3.34 3.12 39.99
C HIS M 241 -2.84 4.45 39.45
N GLY M 242 -1.61 4.49 38.98
CA GLY M 242 -0.93 5.75 38.74
C GLY M 242 -0.29 5.92 37.39
N ALA M 243 -0.96 5.51 36.32
CA ALA M 243 -0.43 5.74 34.98
C ALA M 243 -0.43 7.22 34.67
N GLY M 244 0.57 7.67 33.93
CA GLY M 244 0.74 9.10 33.70
C GLY M 244 -0.15 9.65 32.61
N LEU M 245 0.37 10.58 31.83
CA LEU M 245 -0.38 11.17 30.74
C LEU M 245 0.11 10.73 29.37
N VAL M 246 1.32 10.22 29.28
CA VAL M 246 1.91 9.80 28.01
C VAL M 246 1.70 8.33 27.76
N GLN M 247 1.97 7.50 28.77
CA GLN M 247 1.94 6.05 28.59
C GLN M 247 0.59 5.43 28.23
N PRO M 248 -0.59 5.89 28.70
CA PRO M 248 -1.83 5.29 28.18
C PRO M 248 -2.08 5.54 26.70
N ASP M 249 -1.57 6.62 26.12
CA ASP M 249 -1.77 6.83 24.70
C ASP M 249 -0.77 6.08 23.83
N ILE M 250 0.39 5.72 24.38
CA ILE M 250 1.33 4.88 23.64
C ILE M 250 0.75 3.48 23.49
N LEU M 251 0.10 2.99 24.54
CA LEU M 251 -0.39 1.62 24.57
C LEU M 251 -1.71 1.44 23.84
N GLN M 252 -2.42 2.52 23.49
CA GLN M 252 -3.59 2.41 22.65
C GLN M 252 -3.23 1.93 21.25
N GLN M 253 -2.02 2.21 20.80
CA GLN M 253 -1.51 1.67 19.55
C GLN M 253 -1.47 0.16 19.56
N TRP M 254 -1.25 -0.43 20.73
CA TRP M 254 -0.96 -1.85 20.84
C TRP M 254 -2.16 -2.62 21.37
N ASN M 255 -3.36 -2.04 21.26
CA ASN M 255 -4.62 -2.58 21.76
C ASN M 255 -4.56 -2.91 23.25
N ILE M 256 -4.09 -1.96 24.03
CA ILE M 256 -4.00 -2.11 25.47
C ILE M 256 -4.82 -1.01 26.11
N ASP M 257 -5.88 -1.40 26.82
CA ASP M 257 -6.74 -0.46 27.51
C ASP M 257 -6.32 -0.35 28.97
N VAL M 258 -6.49 0.84 29.52
CA VAL M 258 -6.06 1.14 30.88
C VAL M 258 -7.27 1.09 31.80
N ILE M 259 -7.15 0.35 32.89
CA ILE M 259 -8.20 0.28 33.91
C ILE M 259 -7.70 1.10 35.10
N GLN M 260 -8.36 2.22 35.38
CA GLN M 260 -7.94 3.09 36.47
C GLN M 260 -8.46 2.53 37.79
N LEU M 261 -7.55 2.17 38.67
CA LEU M 261 -7.91 1.69 39.99
C LEU M 261 -7.78 2.81 41.01
N ASP M 262 -8.43 2.64 42.15
CA ASP M 262 -8.47 3.67 43.18
C ASP M 262 -7.14 3.72 43.92
N PRO M 263 -6.40 4.84 43.86
CA PRO M 263 -5.05 4.87 44.41
C PRO M 263 -4.97 5.07 45.92
N THR M 264 -6.12 5.18 46.60
CA THR M 264 -6.07 5.39 48.06
C THR M 264 -5.66 4.12 48.78
N ASP M 265 -6.21 2.98 48.37
CA ASP M 265 -5.83 1.68 48.90
C ASP M 265 -5.49 0.79 47.71
N LYS M 266 -4.21 0.52 47.51
CA LYS M 266 -3.78 -0.21 46.32
C LYS M 266 -4.17 -1.68 46.39
N SER M 267 -4.15 -2.28 47.57
CA SER M 267 -4.39 -3.71 47.68
C SER M 267 -5.87 -4.04 47.54
N ALA M 268 -6.74 -3.19 48.06
CA ALA M 268 -8.17 -3.46 47.99
C ALA M 268 -8.74 -3.16 46.61
N SER M 269 -8.11 -2.27 45.86
CA SER M 269 -8.59 -1.97 44.51
C SER M 269 -8.31 -3.12 43.56
N VAL M 270 -7.17 -3.77 43.73
CA VAL M 270 -6.84 -4.92 42.90
C VAL M 270 -7.73 -6.10 43.26
N ALA M 271 -8.00 -6.30 44.55
CA ALA M 271 -8.80 -7.43 45.00
C ALA M 271 -10.24 -7.32 44.53
N ARG M 272 -10.79 -6.10 44.46
CA ARG M 272 -12.12 -5.93 43.91
C ARG M 272 -12.17 -6.17 42.41
N LEU M 273 -11.05 -5.98 41.71
CA LEU M 273 -11.01 -6.29 40.29
C LEU M 273 -11.02 -7.79 40.05
N LEU M 274 -10.25 -8.53 40.83
CA LEU M 274 -10.19 -9.97 40.66
C LEU M 274 -11.45 -10.67 41.14
N GLU M 275 -12.19 -10.06 42.06
CA GLU M 275 -13.46 -10.62 42.48
C GLU M 275 -14.59 -10.29 41.52
N SER M 276 -14.44 -9.25 40.72
CA SER M 276 -15.45 -8.92 39.72
C SER M 276 -15.37 -9.80 38.50
N ILE M 277 -14.26 -10.52 38.31
CA ILE M 277 -14.16 -11.44 37.18
C ILE M 277 -14.98 -12.69 37.46
N ALA M 278 -15.02 -13.13 38.72
CA ALA M 278 -15.80 -14.29 39.12
C ALA M 278 -17.30 -14.04 38.98
N THR N 2 42.49 3.90 34.73
CA THR N 2 41.26 3.26 34.27
C THR N 2 40.65 4.02 33.11
N THR N 3 41.27 5.14 32.74
CA THR N 3 40.74 6.01 31.69
C THR N 3 41.91 6.70 31.02
N LEU N 4 41.93 6.65 29.68
CA LEU N 4 42.99 7.27 28.92
C LEU N 4 42.89 8.79 28.97
N THR N 5 44.03 9.45 28.94
CA THR N 5 44.06 10.89 28.80
C THR N 5 44.24 11.22 27.33
N LEU N 6 44.43 12.51 27.02
CA LEU N 6 44.56 12.91 25.63
C LEU N 6 45.92 12.54 25.06
N SER N 7 46.99 12.70 25.84
CA SER N 7 48.31 12.36 25.36
C SER N 7 48.56 10.86 25.32
N GLU N 8 47.87 10.08 26.14
CA GLU N 8 48.01 8.64 26.10
C GLU N 8 47.31 8.04 24.90
N ALA N 9 46.14 8.57 24.55
CA ALA N 9 45.33 8.02 23.46
C ALA N 9 45.78 8.52 22.10
N ALA N 10 46.58 9.56 22.02
CA ALA N 10 47.03 10.11 20.75
C ALA N 10 47.93 9.18 19.93
N PRO N 11 48.91 8.43 20.47
CA PRO N 11 49.60 7.47 19.60
C PRO N 11 48.78 6.26 19.25
N LEU N 12 47.74 5.94 20.03
CA LEU N 12 46.87 4.83 19.68
C LEU N 12 45.95 5.20 18.53
N LEU N 13 45.58 6.47 18.42
CA LEU N 13 44.72 6.90 17.33
C LEU N 13 45.51 7.17 16.05
N LYS N 14 46.80 7.51 16.15
CA LYS N 14 47.61 7.68 14.95
C LYS N 14 47.84 6.36 14.26
N LYS N 15 48.00 5.28 15.02
CA LYS N 15 48.29 3.97 14.42
C LYS N 15 47.09 3.44 13.66
N GLU N 16 45.89 3.60 14.21
CA GLU N 16 44.70 3.14 13.52
C GLU N 16 44.33 4.04 12.36
N PHE N 17 44.73 5.31 12.39
CA PHE N 17 44.38 6.20 11.29
C PHE N 17 45.30 6.00 10.10
N ARG N 18 46.60 5.79 10.33
CA ARG N 18 47.50 5.59 9.20
C ARG N 18 47.32 4.23 8.55
N GLU N 19 46.68 3.28 9.23
CA GLU N 19 46.28 2.04 8.60
C GLU N 19 44.93 2.12 7.94
N GLY N 20 44.22 3.24 8.08
CA GLY N 20 42.92 3.38 7.47
C GLY N 20 41.81 2.62 8.15
N ARG N 21 41.92 2.39 9.45
CA ARG N 21 40.98 1.54 10.18
C ARG N 21 40.37 2.28 11.36
N LEU N 22 40.27 3.60 11.27
CA LEU N 22 39.64 4.43 12.29
C LEU N 22 38.48 5.17 11.66
N ILE N 23 37.31 5.09 12.28
CA ILE N 23 36.09 5.69 11.76
C ILE N 23 35.44 6.54 12.84
N PRO N 24 35.18 7.83 12.59
CA PRO N 24 34.54 8.66 13.60
C PRO N 24 33.05 8.35 13.71
N PHE N 25 32.53 8.47 14.93
CA PHE N 25 31.10 8.32 15.19
C PHE N 25 30.67 9.57 15.94
N LEU N 26 29.87 10.42 15.30
CA LEU N 26 29.60 11.75 15.82
C LEU N 26 28.17 11.84 16.34
N GLY N 27 28.00 12.46 17.50
CA GLY N 27 26.73 12.53 18.18
C GLY N 27 26.15 13.94 18.18
N ALA N 28 25.17 14.13 19.06
CA ALA N 28 24.49 15.42 19.13
C ALA N 28 25.33 16.49 19.81
N GLY N 29 26.30 16.10 20.63
CA GLY N 29 27.18 17.06 21.23
C GLY N 29 28.21 17.64 20.28
N PHE N 30 28.34 17.07 19.09
CA PHE N 30 29.25 17.61 18.10
C PHE N 30 28.67 18.83 17.39
N SER N 31 27.36 19.00 17.44
CA SER N 31 26.70 20.16 16.85
C SER N 31 26.24 21.16 17.90
N LYS N 32 26.67 20.99 19.14
CA LYS N 32 26.40 21.91 20.23
C LYS N 32 27.04 23.30 20.06
N PRO N 33 28.28 23.46 19.55
CA PRO N 33 28.75 24.84 19.28
C PRO N 33 28.07 25.55 18.14
N LEU N 34 27.21 24.87 17.38
CA LEU N 34 26.43 25.52 16.34
C LEU N 34 25.12 26.06 16.88
N LYS N 35 24.96 26.08 18.22
CA LYS N 35 23.76 26.54 18.92
C LYS N 35 22.52 25.75 18.51
N LEU N 36 22.68 24.48 18.40
CA LEU N 36 21.55 23.64 18.07
C LEU N 36 21.03 22.92 19.31
N PRO N 37 19.76 22.54 19.32
CA PRO N 37 19.24 21.73 20.42
C PRO N 37 19.90 20.37 20.51
N ASP N 38 20.09 19.90 21.73
CA ASP N 38 20.41 18.50 21.97
C ASP N 38 19.10 17.75 22.22
N GLY N 39 19.19 16.53 22.75
CA GLY N 39 18.00 15.73 23.02
C GLY N 39 17.09 16.28 24.11
N SER N 40 17.54 17.27 24.88
CA SER N 40 16.70 17.87 25.91
C SER N 40 15.98 19.12 25.43
N GLN N 41 16.60 19.93 24.58
CA GLN N 41 15.90 21.12 24.08
C GLN N 41 14.89 20.81 22.98
N LEU N 42 14.94 19.62 22.37
CA LEU N 42 13.83 19.20 21.51
C LEU N 42 12.58 18.95 22.32
N ILE N 43 12.71 18.23 23.44
CA ILE N 43 11.59 17.90 24.30
C ILE N 43 11.00 19.15 24.93
N ALA N 44 11.83 20.15 25.18
CA ALA N 44 11.31 21.44 25.64
C ALA N 44 10.51 22.14 24.56
N SER N 45 10.82 21.87 23.29
CA SER N 45 10.07 22.46 22.19
C SER N 45 8.84 21.63 21.85
N LEU N 46 8.87 20.32 22.06
CA LEU N 46 7.68 19.52 21.85
C LEU N 46 6.65 19.76 22.94
N ALA N 47 7.10 20.07 24.16
CA ALA N 47 6.18 20.33 25.26
C ALA N 47 5.46 21.65 25.09
N LYS N 48 6.10 22.62 24.42
CA LYS N 48 5.45 23.90 24.19
C LYS N 48 4.32 23.77 23.17
N THR N 49 4.49 22.90 22.18
CA THR N 49 3.46 22.70 21.18
C THR N 49 2.27 21.95 21.76
N LEU N 50 2.53 20.97 22.60
CA LEU N 50 1.46 20.15 23.18
C LEU N 50 0.75 20.83 24.33
N GLY N 51 1.27 21.95 24.85
CA GLY N 51 0.65 22.61 25.98
C GLY N 51 1.14 22.15 27.33
N PHE N 52 2.29 21.49 27.39
CA PHE N 52 2.89 21.05 28.64
C PHE N 52 3.88 22.08 29.15
N GLU N 53 4.06 22.08 30.44
CA GLU N 53 5.26 22.73 30.95
C GLU N 53 6.45 21.80 30.71
N PRO N 54 7.61 22.34 30.34
CA PRO N 54 8.73 21.47 29.93
C PRO N 54 9.30 20.62 31.05
N GLU N 55 9.10 20.99 32.31
CA GLU N 55 9.55 20.16 33.41
C GLU N 55 8.54 19.08 33.77
N LEU N 56 7.26 19.34 33.53
CA LEU N 56 6.25 18.32 33.77
C LEU N 56 6.20 17.30 32.65
N PHE N 57 6.51 17.70 31.42
CA PHE N 57 6.47 16.78 30.30
C PHE N 57 7.62 15.79 30.35
N ASP N 58 8.73 16.17 30.97
CA ASP N 58 9.91 15.33 31.01
C ASP N 58 9.74 14.11 31.90
N MET N 59 8.86 14.20 32.90
CA MET N 59 8.76 13.09 33.90
C MET N 59 7.66 12.09 33.56
N HIS N 60 7.18 12.06 32.31
CA HIS N 60 6.19 11.07 31.92
C HIS N 60 6.76 9.97 31.04
N GLY N 61 8.04 9.99 30.75
CA GLY N 61 8.62 8.95 29.94
C GLY N 61 10.00 9.33 29.46
N ARG N 62 10.60 8.41 28.72
CA ARG N 62 11.94 8.63 28.20
C ARG N 62 11.86 9.44 26.91
N PHE N 63 13.04 9.73 26.33
CA PHE N 63 13.13 10.57 25.15
C PHE N 63 12.43 9.96 23.95
N GLU N 64 12.53 8.64 23.80
CA GLU N 64 11.86 7.95 22.69
C GLU N 64 10.37 7.98 22.85
N GLN N 65 9.89 7.93 24.09
CA GLN N 65 8.47 7.80 24.37
C GLN N 65 7.75 9.13 24.35
N LEU N 66 8.43 10.22 24.66
CA LEU N 66 7.80 11.53 24.57
C LEU N 66 7.67 11.99 23.12
N ALA N 67 8.58 11.56 22.26
CA ALA N 67 8.44 11.87 20.83
C ALA N 67 7.41 10.99 20.16
N GLU N 68 7.22 9.77 20.66
CA GLU N 68 6.13 8.93 20.18
C GLU N 68 4.78 9.51 20.56
N PHE N 69 4.68 10.12 21.75
CA PHE N 69 3.45 10.78 22.16
C PHE N 69 3.18 12.03 21.35
N PHE N 70 4.24 12.72 20.94
CA PHE N 70 4.08 13.92 20.11
C PHE N 70 3.56 13.57 18.73
N ALA N 71 4.09 12.51 18.12
CA ALA N 71 3.80 12.21 16.73
C ALA N 71 2.38 11.69 16.52
N ILE N 72 1.71 11.22 17.57
CA ILE N 72 0.37 10.69 17.47
C ILE N 72 -0.65 11.60 18.11
N SER N 73 -0.26 12.83 18.44
CA SER N 73 -1.20 13.78 19.03
C SER N 73 -2.20 14.29 18.01
N ALA N 74 -1.75 14.42 16.77
CA ALA N 74 -2.56 14.97 15.68
C ALA N 74 -2.01 14.41 14.39
N PRO N 75 -2.80 14.39 13.32
CA PRO N 75 -2.23 14.00 12.03
C PRO N 75 -1.23 15.03 11.53
N ASN N 76 -0.22 14.53 10.81
CA ASN N 76 0.84 15.33 10.19
C ASN N 76 1.64 16.11 11.21
N ARG N 77 1.72 15.61 12.44
CA ARG N 77 2.42 16.32 13.50
C ARG N 77 3.93 16.05 13.43
N LEU N 78 4.31 14.88 12.93
CA LEU N 78 5.73 14.59 12.76
C LEU N 78 6.32 15.28 11.54
N GLN N 79 5.53 15.39 10.47
CA GLN N 79 6.01 16.06 9.24
C GLN N 79 6.37 17.52 9.56
N ARG N 80 5.53 18.19 10.35
CA ARG N 80 5.78 19.60 10.73
C ARG N 80 7.10 19.69 11.50
N LEU N 81 7.36 18.74 12.41
CA LEU N 81 8.59 18.78 13.23
C LEU N 81 9.81 18.75 12.31
N VAL N 82 9.82 17.86 11.32
CA VAL N 82 10.97 17.73 10.39
C VAL N 82 11.15 19.07 9.67
N TYR N 83 10.05 19.68 9.22
CA TYR N 83 10.11 20.99 8.51
C TYR N 83 10.72 22.03 9.44
N GLU N 84 10.24 22.10 10.68
CA GLU N 84 10.74 23.10 11.66
C GLU N 84 12.21 22.83 11.95
N MET N 85 12.57 21.55 12.15
CA MET N 85 13.99 21.19 12.46
C MET N 85 14.88 21.59 11.28
N SER N 86 14.40 21.39 10.05
CA SER N 86 15.20 21.73 8.85
C SER N 86 15.50 23.23 8.84
N LEU N 87 14.52 24.06 9.21
CA LEU N 87 14.71 25.53 9.16
C LEU N 87 15.59 26.00 10.32
N SER N 88 15.67 25.22 11.40
CA SER N 88 16.43 25.65 12.60
C SER N 88 17.83 25.03 12.61
N PHE N 89 17.95 23.76 12.20
CA PHE N 89 19.22 23.07 12.27
C PHE N 89 20.13 23.47 11.11
N ASP N 90 19.58 23.57 9.91
CA ASP N 90 20.35 23.87 8.72
C ASP N 90 20.19 25.30 8.25
N SER N 91 20.00 26.23 9.18
CA SER N 91 19.81 27.63 8.84
C SER N 91 21.13 28.25 8.40
N ALA N 92 21.04 29.46 7.85
CA ALA N 92 22.22 30.12 7.33
C ALA N 92 23.14 30.61 8.43
N GLU N 93 22.60 30.94 9.60
CA GLU N 93 23.46 31.32 10.71
C GLU N 93 24.11 30.14 11.39
N ALA N 94 23.57 28.94 11.21
CA ALA N 94 24.28 27.74 11.64
C ALA N 94 25.36 27.34 10.65
N GLU N 95 25.19 27.72 9.38
CA GLU N 95 26.25 27.56 8.40
C GLU N 95 27.44 28.46 8.72
N ALA N 96 27.16 29.69 9.12
CA ALA N 96 28.20 30.67 9.36
C ALA N 96 29.00 30.36 10.62
N LEU N 97 28.37 29.74 11.61
CA LEU N 97 29.10 29.28 12.78
C LEU N 97 29.91 28.03 12.50
N ARG N 98 29.73 27.41 11.35
CA ARG N 98 30.31 26.10 11.06
C ARG N 98 31.65 26.23 10.35
N GLU N 99 31.89 27.31 9.62
CA GLU N 99 33.22 27.49 9.03
C GLU N 99 34.24 27.91 10.08
N LYS N 100 33.83 28.70 11.06
CA LYS N 100 34.73 29.18 12.09
C LYS N 100 34.76 28.27 13.31
N SER N 101 34.15 27.10 13.23
CA SER N 101 34.20 26.16 14.33
C SER N 101 35.49 25.36 14.28
N PRO N 102 36.28 25.33 15.36
CA PRO N 102 37.55 24.59 15.32
C PRO N 102 37.39 23.08 15.29
N MET N 103 36.27 22.53 15.75
CA MET N 103 36.09 21.08 15.67
C MET N 103 35.82 20.65 14.24
N HIS N 104 34.97 21.39 13.53
CA HIS N 104 34.62 21.01 12.18
C HIS N 104 35.75 21.26 11.21
N ARG N 105 36.64 22.21 11.52
CA ARG N 105 37.84 22.37 10.71
C ARG N 105 38.83 21.24 10.96
N ALA N 106 38.96 20.81 12.21
CA ALA N 106 39.91 19.75 12.54
C ALA N 106 39.41 18.40 12.08
N LEU N 107 38.08 18.23 11.98
CA LEU N 107 37.53 16.99 11.46
C LEU N 107 37.77 16.87 9.96
N ALA N 108 37.57 17.95 9.23
CA ALA N 108 37.71 17.92 7.78
C ALA N 108 39.16 17.98 7.32
N ALA N 109 40.10 18.30 8.21
CA ALA N 109 41.50 18.34 7.82
C ALA N 109 42.07 16.94 7.63
N LEU N 110 41.48 15.95 8.25
CA LEU N 110 41.90 14.57 8.11
C LEU N 110 41.22 13.93 6.90
N ASP N 111 41.89 12.93 6.34
CA ASP N 111 41.41 12.30 5.12
C ASP N 111 40.69 11.01 5.50
N TRP N 112 39.44 11.17 5.95
CA TRP N 112 38.65 10.02 6.35
C TRP N 112 38.10 9.31 5.12
N ARG N 113 37.59 8.11 5.33
CA ARG N 113 36.86 7.39 4.30
C ARG N 113 35.42 7.10 4.66
N THR N 114 35.09 7.00 5.95
CA THR N 114 33.73 6.75 6.37
C THR N 114 33.49 7.53 7.65
N ILE N 115 32.38 8.24 7.74
CA ILE N 115 31.98 8.95 8.95
C ILE N 115 30.53 8.60 9.25
N TYR N 116 30.26 8.17 10.48
CA TYR N 116 28.92 7.89 10.94
C TYR N 116 28.44 9.02 11.85
N THR N 117 27.19 9.45 11.68
CA THR N 117 26.58 10.44 12.54
C THR N 117 25.17 10.00 12.91
N THR N 118 24.72 10.42 14.08
CA THR N 118 23.34 10.19 14.51
C THR N 118 22.55 11.48 14.67
N ASN N 119 22.96 12.56 14.00
CA ASN N 119 22.24 13.81 14.12
C ASN N 119 21.72 14.25 12.76
N TYR N 120 20.62 15.00 12.77
CA TYR N 120 19.89 15.36 11.56
C TYR N 120 20.28 16.76 11.13
N ASP N 121 21.47 16.89 10.55
CA ASP N 121 21.93 18.18 10.08
C ASP N 121 23.05 17.98 9.08
N LYS N 122 23.18 18.92 8.16
CA LYS N 122 24.20 18.81 7.13
C LYS N 122 25.50 19.52 7.54
N HIS N 123 25.95 19.30 8.77
CA HIS N 123 27.10 20.02 9.26
C HIS N 123 28.31 19.13 9.42
N VAL N 124 28.21 17.86 9.11
CA VAL N 124 29.35 16.97 9.06
C VAL N 124 29.84 16.79 7.63
N GLU N 125 28.92 16.55 6.70
CA GLU N 125 29.32 16.63 5.30
C GLU N 125 29.51 18.08 4.87
N GLY N 126 28.82 19.02 5.51
CA GLY N 126 29.05 20.42 5.18
C GLY N 126 30.40 20.92 5.63
N ALA N 127 30.95 20.32 6.68
CA ALA N 127 32.32 20.65 7.08
C ALA N 127 33.34 20.16 6.07
N LEU N 128 33.03 19.05 5.39
CA LEU N 128 33.93 18.55 4.37
C LEU N 128 33.87 19.38 3.10
N ARG N 129 32.70 19.92 2.77
CA ARG N 129 32.60 20.83 1.63
C ARG N 129 33.29 22.16 1.91
N ASP N 130 33.40 22.55 3.18
CA ASP N 130 34.06 23.80 3.51
C ASP N 130 35.56 23.70 3.31
N ALA N 131 36.13 22.51 3.48
CA ALA N 131 37.56 22.31 3.34
C ALA N 131 37.96 21.95 1.91
N GLY N 132 37.06 22.13 0.94
CA GLY N 132 37.35 21.79 -0.42
C GLY N 132 37.14 20.33 -0.77
N LYS N 133 36.96 19.47 0.22
CA LYS N 133 36.71 18.06 -0.02
C LYS N 133 35.26 17.85 -0.42
N GLN N 134 34.97 16.65 -0.90
CA GLN N 134 33.62 16.29 -1.28
C GLN N 134 33.18 15.05 -0.54
N ALA N 135 31.91 15.00 -0.18
CA ALA N 135 31.35 13.95 0.63
C ALA N 135 30.17 13.31 -0.07
N ALA N 136 29.72 12.19 0.48
CA ALA N 136 28.62 11.43 -0.11
C ALA N 136 27.71 10.98 1.02
N VAL N 137 26.54 11.58 1.10
CA VAL N 137 25.60 11.27 2.18
C VAL N 137 24.86 10.00 1.83
N LEU N 138 24.88 9.03 2.73
CA LEU N 138 24.20 7.75 2.54
C LEU N 138 23.23 7.57 3.70
N ALA N 139 21.95 7.62 3.42
CA ALA N 139 20.96 7.49 4.47
C ALA N 139 19.93 6.41 4.20
N SER N 140 19.51 6.23 2.95
CA SER N 140 18.45 5.30 2.61
C SER N 140 18.99 4.25 1.65
N PHE N 141 18.10 3.34 1.24
CA PHE N 141 18.49 2.29 0.32
C PHE N 141 18.84 2.83 -1.06
N ALA N 142 18.17 3.90 -1.48
CA ALA N 142 18.45 4.47 -2.79
C ALA N 142 19.78 5.21 -2.83
N ASP N 143 20.29 5.65 -1.68
CA ASP N 143 21.58 6.30 -1.64
C ASP N 143 22.71 5.30 -1.78
N PHE N 144 22.58 4.14 -1.16
CA PHE N 144 23.62 3.11 -1.25
C PHE N 144 23.74 2.57 -2.66
N GLN N 145 22.64 2.44 -3.39
CA GLN N 145 22.72 1.98 -4.77
C GLN N 145 22.86 3.10 -5.78
N GLY N 146 22.86 4.34 -5.34
CA GLY N 146 23.08 5.44 -6.24
C GLY N 146 24.52 5.56 -6.66
N PRO N 147 24.77 6.44 -7.64
CA PRO N 147 26.15 6.64 -8.10
C PRO N 147 26.91 7.58 -7.18
N ARG N 148 28.15 7.20 -6.87
CA ARG N 148 29.12 8.05 -6.20
C ARG N 148 30.34 8.21 -7.08
N ALA N 149 31.30 8.96 -6.56
CA ALA N 149 32.61 9.05 -7.19
C ALA N 149 33.49 7.94 -6.62
N ARG N 150 34.77 7.94 -7.00
CA ARG N 150 35.61 6.77 -6.75
C ARG N 150 36.11 6.74 -5.31
N ASP N 151 36.84 7.77 -4.89
CA ASP N 151 37.41 7.83 -3.55
C ASP N 151 36.89 9.09 -2.88
N VAL N 152 35.72 8.98 -2.26
CA VAL N 152 35.02 10.08 -1.62
C VAL N 152 34.57 9.59 -0.25
N CYS N 153 34.76 10.43 0.77
CA CYS N 153 34.33 10.11 2.13
C CYS N 153 32.82 9.93 2.18
N GLU N 154 32.39 8.75 2.60
CA GLU N 154 30.98 8.40 2.69
C GLU N 154 30.50 8.76 4.09
N VAL N 155 29.57 9.71 4.18
CA VAL N 155 28.98 10.11 5.45
C VAL N 155 27.70 9.31 5.62
N ILE N 156 27.68 8.41 6.61
CA ILE N 156 26.53 7.55 6.84
C ILE N 156 25.65 8.23 7.88
N LYS N 157 24.53 8.79 7.43
CA LYS N 157 23.54 9.32 8.36
C LYS N 157 22.81 8.17 9.00
N PHE N 158 23.24 7.80 10.21
CA PHE N 158 22.77 6.55 10.82
C PHE N 158 21.32 6.66 11.28
N HIS N 159 20.89 7.83 11.72
CA HIS N 159 19.53 8.01 12.16
C HIS N 159 18.65 8.76 11.17
N GLY N 160 19.18 9.17 10.03
CA GLY N 160 18.38 9.79 9.00
C GLY N 160 18.82 11.21 8.72
N THR N 161 18.22 11.77 7.67
CA THR N 161 18.57 13.10 7.20
C THR N 161 17.29 13.90 7.08
N LEU N 162 17.40 15.22 7.18
CA LEU N 162 16.21 16.06 7.11
C LEU N 162 15.65 16.19 5.70
N ASP N 163 16.45 15.95 4.67
CA ASP N 163 15.94 16.03 3.31
C ASP N 163 15.28 14.74 2.86
N GLN N 164 15.32 13.70 3.68
CA GLN N 164 14.59 12.45 3.44
C GLN N 164 13.86 12.15 4.74
N PRO N 165 12.66 12.68 4.92
CA PRO N 165 12.01 12.59 6.23
C PRO N 165 11.52 11.21 6.60
N ASP N 166 11.50 10.26 5.67
CA ASP N 166 11.13 8.89 6.02
C ASP N 166 12.25 8.15 6.74
N THR N 167 13.47 8.66 6.71
CA THR N 167 14.60 7.98 7.30
C THR N 167 14.88 8.39 8.73
N ILE N 168 14.18 9.40 9.23
CA ILE N 168 14.44 9.92 10.56
C ILE N 168 13.86 8.99 11.60
N VAL N 169 14.70 8.50 12.52
CA VAL N 169 14.24 7.71 13.64
C VAL N 169 14.28 8.60 14.88
N LEU N 170 13.12 8.96 15.35
CA LEU N 170 12.99 9.82 16.53
C LEU N 170 12.02 9.25 17.53
N THR N 171 10.92 8.65 17.09
CA THR N 171 9.90 8.14 17.97
C THR N 171 10.26 6.74 18.44
N GLU N 172 9.50 6.24 19.40
CA GLU N 172 9.81 4.93 19.98
C GLU N 172 9.55 3.80 18.99
N SER N 173 8.52 3.95 18.16
CA SER N 173 8.22 2.95 17.16
C SER N 173 9.29 2.87 16.08
N SER N 174 10.00 3.96 15.83
CA SER N 174 11.09 3.92 14.88
C SER N 174 12.35 3.32 15.46
N TYR N 175 12.56 3.42 16.77
CA TYR N 175 13.67 2.71 17.40
C TYR N 175 13.41 1.21 17.47
N PHE N 176 12.15 0.82 17.68
CA PHE N 176 11.82 -0.60 17.69
C PHE N 176 11.90 -1.21 16.29
N GLN N 177 11.69 -0.41 15.26
CA GLN N 177 11.83 -0.89 13.90
C GLN N 177 13.29 -1.11 13.53
N ARG N 178 14.21 -0.44 14.22
CA ARG N 178 15.63 -0.61 13.99
C ARG N 178 16.25 -1.68 14.89
N MET N 179 15.47 -2.32 15.76
CA MET N 179 15.99 -3.41 16.57
C MET N 179 16.21 -4.68 15.76
N ALA N 180 15.61 -4.78 14.58
CA ALA N 180 15.86 -5.95 13.74
C ALA N 180 17.22 -5.90 13.06
N LEU N 181 17.87 -4.73 13.09
CA LEU N 181 19.19 -4.50 12.51
C LEU N 181 19.20 -4.81 11.01
N ASP N 182 18.11 -4.42 10.35
CA ASP N 182 17.89 -4.76 8.96
C ASP N 182 17.95 -3.55 8.04
N ALA N 183 17.96 -2.33 8.59
CA ALA N 183 18.05 -1.13 7.78
C ALA N 183 19.42 -1.04 7.13
N PRO N 184 19.54 -0.34 6.00
CA PRO N 184 20.84 -0.19 5.33
C PRO N 184 21.90 0.52 6.17
N PRO N 185 21.59 1.50 7.03
CA PRO N 185 22.65 1.94 7.94
C PRO N 185 23.00 0.93 9.02
N ASP N 186 22.09 0.03 9.37
CA ASP N 186 22.40 -0.98 10.36
C ASP N 186 23.33 -2.04 9.79
N GLN N 187 23.09 -2.45 8.55
CA GLN N 187 23.89 -3.49 7.93
C GLN N 187 25.29 -2.99 7.58
N ARG N 188 25.41 -1.71 7.26
CA ARG N 188 26.72 -1.14 6.97
C ARG N 188 27.54 -0.94 8.22
N LEU N 189 26.88 -0.63 9.34
CA LEU N 189 27.58 -0.42 10.60
C LEU N 189 28.15 -1.73 11.14
N ARG N 190 27.37 -2.81 11.04
CA ARG N 190 27.80 -4.07 11.63
C ARG N 190 28.94 -4.70 10.84
N ALA N 191 29.05 -4.36 9.56
CA ALA N 191 30.17 -4.86 8.77
C ALA N 191 31.42 -4.02 8.96
N ASP N 192 31.25 -2.72 9.21
CA ASP N 192 32.42 -1.89 9.51
C ASP N 192 32.94 -2.15 10.90
N LEU N 193 32.08 -2.57 11.82
CA LEU N 193 32.50 -2.87 13.18
C LEU N 193 33.30 -4.17 13.24
N LEU N 194 33.16 -5.04 12.23
CA LEU N 194 33.96 -6.25 12.18
C LEU N 194 35.43 -6.00 11.95
N ALA N 195 35.80 -4.84 11.40
CA ALA N 195 37.15 -4.65 10.95
C ALA N 195 37.80 -3.33 11.35
N ASN N 196 37.11 -2.45 12.08
CA ASN N 196 37.61 -1.10 12.26
C ASN N 196 37.43 -0.65 13.70
N SER N 197 38.31 0.24 14.13
CA SER N 197 38.15 0.95 15.41
C SER N 197 37.27 2.16 15.20
N PHE N 198 36.44 2.47 16.19
CA PHE N 198 35.60 3.65 16.11
C PHE N 198 36.03 4.69 17.14
N LEU N 199 35.74 5.95 16.85
CA LEU N 199 36.04 7.07 17.73
C LEU N 199 34.73 7.82 17.97
N PHE N 200 34.17 7.68 19.17
CA PHE N 200 32.91 8.32 19.52
C PHE N 200 33.20 9.71 20.05
N ILE N 201 32.72 10.73 19.34
CA ILE N 201 32.96 12.12 19.70
C ILE N 201 31.61 12.79 19.86
N GLY N 202 31.37 13.37 21.03
CA GLY N 202 30.13 14.08 21.27
C GLY N 202 28.91 13.21 21.37
N TYR N 203 29.08 11.91 21.58
CA TYR N 203 27.99 10.98 21.64
C TYR N 203 28.00 10.29 22.99
N SER N 204 26.83 10.11 23.58
CA SER N 204 26.67 9.38 24.82
C SER N 204 25.79 8.17 24.54
N PHE N 205 26.19 7.01 25.03
CA PHE N 205 25.48 5.77 24.70
C PHE N 205 24.16 5.74 25.46
N SER N 206 23.16 6.37 24.86
CA SER N 206 21.81 6.33 25.39
C SER N 206 20.84 5.64 24.46
N ASP N 207 21.25 5.35 23.23
CA ASP N 207 20.40 4.68 22.27
C ASP N 207 20.52 3.18 22.47
N THR N 208 19.41 2.50 22.72
CA THR N 208 19.46 1.08 22.98
C THR N 208 19.64 0.24 21.73
N ASN N 209 19.66 0.84 20.54
CA ASN N 209 20.03 0.10 19.35
C ASN N 209 21.51 0.22 19.03
N ILE N 210 22.17 1.28 19.48
CA ILE N 210 23.63 1.32 19.36
C ILE N 210 24.26 0.37 20.34
N ARG N 211 23.75 0.33 21.58
CA ARG N 211 24.30 -0.55 22.60
C ARG N 211 24.05 -2.01 22.28
N TYR N 212 22.97 -2.30 21.55
CA TYR N 212 22.67 -3.66 21.14
C TYR N 212 23.55 -4.14 20.01
N ILE N 213 24.11 -3.24 19.21
CA ILE N 213 25.03 -3.66 18.16
C ILE N 213 26.37 -4.04 18.75
N TRP N 214 26.90 -3.23 19.67
CA TRP N 214 28.12 -3.59 20.39
C TRP N 214 27.94 -4.76 21.32
N TYR N 215 26.71 -5.03 21.77
CA TYR N 215 26.47 -6.26 22.51
C TYR N 215 26.69 -7.48 21.63
N ARG N 216 26.10 -7.48 20.44
CA ARG N 216 26.15 -8.66 19.59
C ARG N 216 27.45 -8.81 18.82
N MET N 217 28.36 -7.85 18.92
CA MET N 217 29.69 -8.06 18.39
C MET N 217 30.53 -8.87 19.38
N ASN N 218 30.23 -8.78 20.66
CA ASN N 218 30.88 -9.61 21.67
C ASN N 218 30.38 -11.03 21.68
N GLN N 219 29.13 -11.23 21.26
CA GLN N 219 28.66 -12.59 21.11
C GLN N 219 29.37 -13.28 19.96
N LEU N 220 29.83 -12.54 18.97
CA LEU N 220 30.75 -13.12 18.00
C LEU N 220 32.15 -13.24 18.58
N ARG N 221 32.54 -12.30 19.44
CA ARG N 221 33.89 -12.31 19.97
C ARG N 221 34.08 -13.41 21.01
N GLU N 222 33.07 -13.64 21.85
CA GLU N 222 33.21 -14.67 22.88
C GLU N 222 33.03 -16.07 22.32
N GLN N 223 32.17 -16.24 21.32
CA GLN N 223 31.98 -17.56 20.73
C GLN N 223 33.16 -18.00 19.88
N SER N 224 33.99 -17.06 19.44
CA SER N 224 35.15 -17.41 18.64
C SER N 224 36.31 -17.93 19.48
N GLN N 225 36.20 -17.83 20.81
CA GLN N 225 37.10 -18.49 21.77
C GLN N 225 38.55 -18.03 21.61
N LEU N 226 38.73 -16.74 21.34
CA LEU N 226 40.06 -16.16 21.33
C LEU N 226 40.61 -16.08 22.76
N GLY N 227 41.90 -15.83 22.86
CA GLY N 227 42.55 -15.77 24.15
C GLY N 227 42.20 -14.49 24.91
N VAL N 228 42.85 -14.34 26.06
CA VAL N 228 42.73 -13.09 26.79
C VAL N 228 43.47 -11.98 26.06
N LYS N 229 44.59 -12.32 25.42
CA LYS N 229 45.40 -11.31 24.74
C LYS N 229 44.76 -10.88 23.43
N HIS N 230 44.25 -11.82 22.65
CA HIS N 230 43.82 -11.51 21.29
C HIS N 230 42.40 -11.00 21.19
N SER N 231 41.55 -11.30 22.17
CA SER N 231 40.20 -10.74 22.16
C SER N 231 40.18 -9.29 22.62
N GLN N 232 41.25 -8.80 23.21
CA GLN N 232 41.32 -7.44 23.72
C GLN N 232 42.18 -6.54 22.84
N ALA N 233 42.46 -6.95 21.62
CA ALA N 233 43.43 -6.23 20.80
C ALA N 233 42.81 -5.06 20.04
N ARG N 234 41.64 -5.26 19.46
CA ARG N 234 40.98 -4.24 18.66
C ARG N 234 40.01 -3.47 19.54
N ARG N 235 40.35 -2.21 19.84
CA ARG N 235 39.62 -1.39 20.79
C ARG N 235 38.82 -0.33 20.04
N CYS N 236 37.82 0.22 20.72
CA CYS N 236 37.12 1.41 20.26
C CYS N 236 37.30 2.49 21.31
N PHE N 237 37.11 3.74 20.89
CA PHE N 237 37.48 4.87 21.73
C PHE N 237 36.28 5.80 21.92
N PHE N 238 36.14 6.31 23.13
CA PHE N 238 34.93 7.01 23.57
C PHE N 238 35.35 8.31 24.25
N ALA N 239 35.46 9.38 23.47
CA ALA N 239 35.89 10.67 23.99
C ALA N 239 34.71 11.37 24.64
N THR N 240 34.82 11.67 25.93
CA THR N 240 33.71 12.23 26.70
C THR N 240 34.24 13.08 27.83
N HIS N 241 33.68 14.27 27.98
CA HIS N 241 34.07 15.15 29.07
C HIS N 241 33.54 14.64 30.41
N GLY N 242 32.32 14.12 30.42
CA GLY N 242 31.62 13.89 31.66
C GLY N 242 31.02 12.51 31.85
N ALA N 243 31.74 11.47 31.49
CA ALA N 243 31.26 10.11 31.75
C ALA N 243 31.21 9.85 33.24
N GLY N 244 30.22 9.09 33.68
CA GLY N 244 30.01 8.89 35.10
C GLY N 244 30.92 7.86 35.72
N LEU N 245 30.40 7.09 36.67
CA LEU N 245 31.16 6.04 37.32
C LEU N 245 30.74 4.65 36.91
N VAL N 246 29.55 4.49 36.34
CA VAL N 246 29.03 3.19 35.95
C VAL N 246 29.30 2.90 34.49
N GLN N 247 29.02 3.88 33.63
CA GLN N 247 29.10 3.65 32.19
C GLN N 247 30.49 3.33 31.62
N PRO N 248 31.63 3.86 32.12
CA PRO N 248 32.91 3.36 31.58
C PRO N 248 33.21 1.90 31.87
N ASP N 249 32.68 1.34 32.95
CA ASP N 249 32.93 -0.08 33.22
C ASP N 249 31.99 -0.99 32.46
N ILE N 250 30.82 -0.50 32.05
CA ILE N 250 29.94 -1.30 31.20
C ILE N 250 30.57 -1.48 29.83
N LEU N 251 31.20 -0.42 29.32
CA LEU N 251 31.73 -0.42 27.97
C LEU N 251 33.09 -1.10 27.86
N GLN N 252 33.77 -1.38 28.98
CA GLN N 252 34.98 -2.19 28.94
C GLN N 252 34.70 -3.61 28.48
N GLN N 253 33.48 -4.09 28.74
CA GLN N 253 33.04 -5.38 28.22
C GLN N 253 33.05 -5.42 26.71
N TRP N 254 32.81 -4.28 26.07
CA TRP N 254 32.58 -4.22 24.64
C TRP N 254 33.78 -3.67 23.90
N ASN N 255 34.96 -3.72 24.53
CA ASN N 255 36.22 -3.19 24.02
C ASN N 255 36.12 -1.71 23.63
N ILE N 256 35.58 -0.92 24.54
CA ILE N 256 35.44 0.51 24.34
C ILE N 256 36.21 1.21 25.45
N ASP N 257 37.24 1.95 25.07
CA ASP N 257 38.05 2.70 26.02
C ASP N 257 37.58 4.15 26.07
N VAL N 258 37.68 4.74 27.25
CA VAL N 258 37.19 6.10 27.48
C VAL N 258 38.36 7.06 27.45
N ILE N 259 38.24 8.11 26.67
CA ILE N 259 39.23 9.17 26.60
C ILE N 259 38.68 10.36 27.37
N GLN N 260 39.28 10.70 28.50
CA GLN N 260 38.79 11.80 29.31
C GLN N 260 39.29 13.12 28.74
N LEU N 261 38.36 13.96 28.32
CA LEU N 261 38.68 15.28 27.80
C LEU N 261 38.48 16.33 28.90
N ASP N 262 39.10 17.48 28.71
CA ASP N 262 39.06 18.55 29.71
C ASP N 262 37.70 19.23 29.69
N PRO N 263 36.92 19.17 30.78
CA PRO N 263 35.55 19.69 30.74
C PRO N 263 35.42 21.19 30.88
N THR N 264 36.52 21.93 31.02
CA THR N 264 36.42 23.38 31.18
C THR N 264 36.03 24.04 29.87
N ASP N 265 36.64 23.63 28.77
CA ASP N 265 36.28 24.10 27.44
C ASP N 265 36.02 22.87 26.59
N LYS N 266 34.76 22.61 26.27
CA LYS N 266 34.40 21.39 25.56
C LYS N 266 34.84 21.42 24.11
N SER N 267 34.80 22.58 23.47
CA SER N 267 35.09 22.66 22.05
C SER N 267 36.58 22.57 21.77
N ALA N 268 37.40 23.15 22.64
CA ALA N 268 38.84 23.12 22.42
C ALA N 268 39.44 21.78 22.77
N SER N 269 38.80 21.02 23.67
CA SER N 269 39.33 19.71 24.03
C SER N 269 39.13 18.71 22.91
N VAL N 270 38.01 18.82 22.20
CA VAL N 270 37.75 17.94 21.07
C VAL N 270 38.67 18.29 19.91
N ALA N 271 38.90 19.59 19.69
CA ALA N 271 39.72 20.02 18.58
C ALA N 271 41.18 19.62 18.75
N ARG N 272 41.68 19.61 19.99
CA ARG N 272 43.03 19.11 20.21
C ARG N 272 43.13 17.61 20.03
N LEU N 273 42.03 16.87 20.20
CA LEU N 273 42.06 15.44 19.94
C LEU N 273 42.13 15.17 18.44
N LEU N 274 41.36 15.89 17.65
CA LEU N 274 41.36 15.67 16.21
C LEU N 274 42.62 16.18 15.55
N GLU N 275 43.31 17.15 16.16
CA GLU N 275 44.59 17.60 15.62
C GLU N 275 45.73 16.68 16.02
N SER N 276 45.57 15.91 17.09
CA SER N 276 46.60 14.96 17.48
C SER N 276 46.60 13.71 16.64
N ILE N 277 45.52 13.46 15.89
CA ILE N 277 45.50 12.30 15.00
C ILE N 277 46.35 12.58 13.77
N ALA N 278 46.37 13.81 13.30
CA ALA N 278 47.17 14.22 12.15
C ALA N 278 48.67 14.13 12.47
N THR O 2 16.62 -12.01 -24.08
CA THR O 2 16.33 -12.33 -22.68
C THR O 2 17.59 -12.68 -21.92
N THR O 3 18.73 -12.69 -22.62
CA THR O 3 19.99 -13.11 -22.03
C THR O 3 21.11 -12.36 -22.74
N LEU O 4 21.99 -11.73 -21.97
CA LEU O 4 23.10 -10.99 -22.53
C LEU O 4 24.13 -11.93 -23.14
N THR O 5 24.77 -11.47 -24.21
CA THR O 5 25.90 -12.17 -24.78
C THR O 5 27.18 -11.60 -24.19
N LEU O 6 28.32 -12.03 -24.70
CA LEU O 6 29.60 -11.56 -24.16
C LEU O 6 29.89 -10.13 -24.61
N SER O 7 29.61 -9.81 -25.86
CA SER O 7 29.87 -8.46 -26.36
C SER O 7 28.87 -7.45 -25.85
N GLU O 8 27.66 -7.87 -25.51
CA GLU O 8 26.68 -6.94 -24.96
C GLU O 8 27.00 -6.60 -23.51
N ALA O 9 27.45 -7.57 -22.73
CA ALA O 9 27.71 -7.36 -21.32
C ALA O 9 29.06 -6.73 -21.05
N ALA O 10 29.95 -6.71 -22.01
CA ALA O 10 31.29 -6.14 -21.83
C ALA O 10 31.32 -4.62 -21.56
N PRO O 11 30.53 -3.75 -22.23
CA PRO O 11 30.54 -2.35 -21.79
C PRO O 11 29.81 -2.11 -20.49
N LEU O 12 28.92 -3.01 -20.09
CA LEU O 12 28.25 -2.87 -18.80
C LEU O 12 29.20 -3.23 -17.66
N LEU O 13 30.13 -4.14 -17.89
CA LEU O 13 31.07 -4.52 -16.86
C LEU O 13 32.24 -3.55 -16.78
N LYS O 14 32.58 -2.87 -17.88
CA LYS O 14 33.63 -1.86 -17.82
C LYS O 14 33.21 -0.67 -16.99
N LYS O 15 31.93 -0.29 -17.08
CA LYS O 15 31.46 0.89 -16.37
C LYS O 15 31.46 0.66 -14.86
N GLU O 16 31.03 -0.51 -14.43
CA GLU O 16 31.02 -0.81 -13.00
C GLU O 16 32.42 -1.07 -12.47
N PHE O 17 33.35 -1.50 -13.31
CA PHE O 17 34.69 -1.75 -12.83
C PHE O 17 35.50 -0.48 -12.68
N ARG O 18 35.36 0.47 -13.61
CA ARG O 18 36.11 1.71 -13.51
C ARG O 18 35.58 2.61 -12.41
N GLU O 19 34.35 2.39 -11.95
CA GLU O 19 33.84 3.06 -10.77
C GLU O 19 34.18 2.34 -9.49
N GLY O 20 34.79 1.16 -9.56
CA GLY O 20 35.14 0.41 -8.38
C GLY O 20 33.98 -0.25 -7.67
N ARG O 21 32.94 -0.60 -8.41
CA ARG O 21 31.71 -1.12 -7.82
C ARG O 21 31.34 -2.48 -8.39
N LEU O 22 32.32 -3.24 -8.84
CA LEU O 22 32.13 -4.59 -9.36
C LEU O 22 32.95 -5.55 -8.52
N ILE O 23 32.30 -6.61 -8.04
CA ILE O 23 32.93 -7.58 -7.15
C ILE O 23 32.72 -8.98 -7.70
N PRO O 24 33.76 -9.77 -7.94
CA PRO O 24 33.58 -11.13 -8.44
C PRO O 24 33.09 -12.07 -7.35
N PHE O 25 32.26 -13.03 -7.75
CA PHE O 25 31.79 -14.07 -6.84
C PHE O 25 32.10 -15.40 -7.52
N LEU O 26 33.04 -16.16 -6.97
CA LEU O 26 33.60 -17.31 -7.66
C LEU O 26 33.10 -18.60 -7.01
N GLY O 27 32.73 -19.57 -7.84
CA GLY O 27 32.16 -20.81 -7.39
C GLY O 27 33.06 -22.00 -7.60
N ALA O 28 32.47 -23.19 -7.52
CA ALA O 28 33.25 -24.41 -7.65
C ALA O 28 33.65 -24.70 -9.08
N GLY O 29 32.94 -24.15 -10.06
CA GLY O 29 33.32 -24.31 -11.45
C GLY O 29 34.52 -23.49 -11.85
N PHE O 30 34.96 -22.57 -11.01
CA PHE O 30 36.15 -21.78 -11.30
C PHE O 30 37.42 -22.56 -11.01
N SER O 31 37.34 -23.62 -10.21
CA SER O 31 38.49 -24.47 -9.92
C SER O 31 38.42 -25.80 -10.65
N LYS O 32 37.49 -25.93 -11.59
CA LYS O 32 37.36 -27.11 -12.43
C LYS O 32 38.55 -27.35 -13.37
N PRO O 33 39.18 -26.33 -14.00
CA PRO O 33 40.40 -26.64 -14.78
C PRO O 33 41.60 -27.03 -13.95
N LEU O 34 41.55 -26.92 -12.62
CA LEU O 34 42.61 -27.40 -11.78
C LEU O 34 42.46 -28.86 -11.41
N LYS O 35 41.53 -29.56 -12.08
CA LYS O 35 41.22 -30.98 -11.87
C LYS O 35 40.78 -31.25 -10.43
N LEU O 36 39.96 -30.39 -9.92
CA LEU O 36 39.44 -30.58 -8.59
C LEU O 36 38.01 -31.09 -8.64
N PRO O 37 37.57 -31.79 -7.59
CA PRO O 37 36.17 -32.20 -7.51
C PRO O 37 35.23 -31.00 -7.44
N ASP O 38 34.07 -31.14 -8.07
CA ASP O 38 32.95 -30.24 -7.82
C ASP O 38 32.08 -30.87 -6.72
N GLY O 39 30.85 -30.37 -6.57
CA GLY O 39 29.94 -30.90 -5.56
C GLY O 39 29.46 -32.31 -5.80
N SER O 40 29.69 -32.88 -6.98
CA SER O 40 29.31 -34.25 -7.26
C SER O 40 30.43 -35.25 -7.04
N GLN O 41 31.68 -34.88 -7.32
CA GLN O 41 32.77 -35.82 -7.06
C GLN O 41 33.17 -35.89 -5.59
N LEU O 42 32.76 -34.93 -4.76
CA LEU O 42 32.92 -35.12 -3.32
C LEU O 42 32.01 -36.23 -2.82
N ILE O 43 30.75 -36.22 -3.24
CA ILE O 43 29.77 -37.21 -2.81
C ILE O 43 30.14 -38.59 -3.32
N ALA O 44 30.79 -38.67 -4.48
CA ALA O 44 31.32 -39.94 -4.94
C ALA O 44 32.46 -40.43 -4.07
N SER O 45 33.19 -39.52 -3.43
CA SER O 45 34.27 -39.89 -2.53
C SER O 45 33.76 -40.18 -1.13
N LEU O 46 32.68 -39.52 -0.71
CA LEU O 46 32.10 -39.83 0.59
C LEU O 46 31.38 -41.17 0.57
N ALA O 47 30.82 -41.54 -0.58
CA ALA O 47 30.13 -42.82 -0.70
C ALA O 47 31.10 -43.99 -0.68
N LYS O 48 32.33 -43.77 -1.15
CA LYS O 48 33.32 -44.84 -1.13
C LYS O 48 33.77 -45.14 0.29
N THR O 49 33.87 -44.11 1.13
CA THR O 49 34.28 -44.30 2.50
C THR O 49 33.19 -44.98 3.32
N LEU O 50 31.94 -44.62 3.08
CA LEU O 50 30.82 -45.18 3.83
C LEU O 50 30.42 -46.57 3.36
N GLY O 51 30.92 -47.03 2.23
CA GLY O 51 30.53 -48.33 1.70
C GLY O 51 29.33 -48.31 0.79
N PHE O 52 28.97 -47.16 0.25
CA PHE O 52 27.88 -47.03 -0.69
C PHE O 52 28.38 -47.11 -2.12
N GLU O 53 27.52 -47.54 -3.00
CA GLU O 53 27.79 -47.27 -4.39
C GLU O 53 27.44 -45.81 -4.68
N PRO O 54 28.24 -45.11 -5.50
CA PRO O 54 28.04 -43.67 -5.65
C PRO O 54 26.75 -43.27 -6.33
N GLU O 55 26.12 -44.16 -7.08
CA GLU O 55 24.82 -43.86 -7.66
C GLU O 55 23.67 -44.15 -6.71
N LEU O 56 23.85 -45.09 -5.79
CA LEU O 56 22.83 -45.36 -4.80
C LEU O 56 22.87 -44.34 -3.67
N PHE O 57 24.05 -43.81 -3.35
CA PHE O 57 24.17 -42.84 -2.26
C PHE O 57 23.58 -41.50 -2.66
N ASP O 58 23.57 -41.19 -3.95
CA ASP O 58 23.09 -39.90 -4.42
C ASP O 58 21.59 -39.74 -4.28
N MET O 59 20.84 -40.85 -4.29
CA MET O 59 19.35 -40.75 -4.32
C MET O 59 18.72 -40.83 -2.92
N HIS O 60 19.51 -40.61 -1.86
CA HIS O 60 18.94 -40.60 -0.53
C HIS O 60 18.84 -39.20 0.07
N GLY O 61 19.23 -38.17 -0.65
CA GLY O 61 19.12 -36.82 -0.13
C GLY O 61 19.90 -35.85 -0.98
N ARG O 62 19.84 -34.59 -0.57
CA ARG O 62 20.53 -33.54 -1.28
C ARG O 62 21.99 -33.48 -0.84
N PHE O 63 22.74 -32.55 -1.43
CA PHE O 63 24.17 -32.43 -1.18
C PHE O 63 24.47 -32.08 0.27
N GLU O 64 23.64 -31.21 0.86
CA GLU O 64 23.84 -30.82 2.25
C GLU O 64 23.55 -31.98 3.19
N GLN O 65 22.61 -32.83 2.82
CA GLN O 65 22.12 -33.89 3.68
C GLN O 65 23.00 -35.13 3.62
N LEU O 66 23.65 -35.37 2.49
CA LEU O 66 24.56 -36.50 2.41
C LEU O 66 25.86 -36.22 3.14
N ALA O 67 26.28 -34.97 3.21
CA ALA O 67 27.46 -34.62 3.98
C ALA O 67 27.17 -34.57 5.47
N GLU O 68 25.92 -34.25 5.84
CA GLU O 68 25.51 -34.36 7.23
C GLU O 68 25.50 -35.81 7.69
N PHE O 69 25.09 -36.73 6.81
CA PHE O 69 25.12 -38.14 7.13
C PHE O 69 26.54 -38.68 7.24
N PHE O 70 27.45 -38.13 6.45
CA PHE O 70 28.85 -38.55 6.52
C PHE O 70 29.49 -38.12 7.83
N ALA O 71 29.23 -36.89 8.27
CA ALA O 71 29.94 -36.33 9.42
C ALA O 71 29.52 -36.97 10.73
N ILE O 72 28.38 -37.63 10.78
CA ILE O 72 27.90 -38.26 12.02
C ILE O 72 27.97 -39.77 11.95
N SER O 73 28.67 -40.31 10.96
CA SER O 73 28.81 -41.76 10.85
C SER O 73 29.75 -42.30 11.90
N ALA O 74 30.77 -41.52 12.26
CA ALA O 74 31.78 -41.93 13.21
C ALA O 74 32.36 -40.66 13.81
N PRO O 75 32.98 -40.75 14.98
CA PRO O 75 33.67 -39.57 15.52
C PRO O 75 34.87 -39.21 14.66
N ASN O 76 35.15 -37.91 14.60
CA ASN O 76 36.29 -37.32 13.88
C ASN O 76 36.24 -37.62 12.39
N ARG O 77 35.04 -37.82 11.85
CA ARG O 77 34.92 -38.17 10.45
C ARG O 77 34.96 -36.93 9.57
N LEU O 78 34.52 -35.78 10.09
CA LEU O 78 34.62 -34.54 9.34
C LEU O 78 36.03 -33.98 9.34
N GLN O 79 36.75 -34.14 10.45
CA GLN O 79 38.15 -33.65 10.53
C GLN O 79 38.98 -34.35 9.45
N ARG O 80 38.79 -35.66 9.30
CA ARG O 80 39.56 -36.45 8.29
C ARG O 80 39.26 -35.91 6.89
N LEU O 81 37.99 -35.57 6.62
CA LEU O 81 37.61 -35.07 5.28
C LEU O 81 38.40 -33.80 4.97
N VAL O 82 38.46 -32.87 5.93
CA VAL O 82 39.17 -31.58 5.71
C VAL O 82 40.65 -31.89 5.42
N TYR O 83 41.23 -32.81 6.18
CA TYR O 83 42.65 -33.21 5.97
C TYR O 83 42.81 -33.77 4.55
N GLU O 84 41.90 -34.67 4.15
CA GLU O 84 41.98 -35.29 2.81
C GLU O 84 41.83 -34.20 1.73
N MET O 85 40.86 -33.30 1.91
CA MET O 85 40.61 -32.24 0.91
C MET O 85 41.85 -31.36 0.80
N SER O 86 42.47 -31.02 1.94
CA SER O 86 43.71 -30.21 1.92
C SER O 86 44.75 -30.87 1.02
N LEU O 87 44.94 -32.18 1.17
CA LEU O 87 45.95 -32.87 0.37
C LEU O 87 45.64 -32.86 -1.11
N SER O 88 44.36 -32.85 -1.49
CA SER O 88 43.99 -32.96 -2.90
C SER O 88 43.61 -31.64 -3.53
N PHE O 89 43.11 -30.67 -2.76
CA PHE O 89 42.75 -29.41 -3.38
C PHE O 89 43.95 -28.48 -3.51
N ASP O 90 44.78 -28.41 -2.47
CA ASP O 90 45.91 -27.50 -2.44
C ASP O 90 47.24 -28.20 -2.69
N SER O 91 47.23 -29.25 -3.51
CA SER O 91 48.43 -30.01 -3.79
C SER O 91 49.35 -29.22 -4.72
N ALA O 92 50.58 -29.72 -4.86
CA ALA O 92 51.58 -29.02 -5.66
C ALA O 92 51.27 -29.11 -7.15
N GLU O 93 50.63 -30.19 -7.59
CA GLU O 93 50.25 -30.27 -8.99
C GLU O 93 49.02 -29.45 -9.31
N ALA O 94 48.22 -29.08 -8.32
CA ALA O 94 47.17 -28.11 -8.55
C ALA O 94 47.70 -26.69 -8.54
N GLU O 95 48.83 -26.47 -7.85
CA GLU O 95 49.52 -25.19 -7.95
C GLU O 95 50.11 -24.99 -9.33
N ALA O 96 50.66 -26.05 -9.92
CA ALA O 96 51.33 -25.94 -11.20
C ALA O 96 50.35 -25.75 -12.35
N LEU O 97 49.14 -26.29 -12.21
CA LEU O 97 48.10 -26.02 -13.20
C LEU O 97 47.50 -24.63 -13.05
N ARG O 98 47.83 -23.92 -11.98
CA ARG O 98 47.19 -22.66 -11.65
C ARG O 98 47.93 -21.47 -12.22
N GLU O 99 49.24 -21.58 -12.43
CA GLU O 99 49.95 -20.48 -13.09
C GLU O 99 49.65 -20.43 -14.59
N LYS O 100 49.49 -21.58 -15.20
CA LYS O 100 49.23 -21.65 -16.63
C LYS O 100 47.75 -21.67 -16.96
N SER O 101 46.89 -21.42 -15.99
CA SER O 101 45.46 -21.34 -16.25
C SER O 101 45.11 -19.96 -16.77
N PRO O 102 44.44 -19.85 -17.91
CA PRO O 102 44.11 -18.52 -18.45
C PRO O 102 43.04 -17.78 -17.66
N MET O 103 42.18 -18.48 -16.91
CA MET O 103 41.18 -17.77 -16.12
C MET O 103 41.82 -17.10 -14.91
N HIS O 104 42.73 -17.81 -14.25
CA HIS O 104 43.35 -17.27 -13.05
C HIS O 104 44.34 -16.17 -13.38
N ARG O 105 44.91 -16.20 -14.59
CA ARG O 105 45.74 -15.09 -15.02
C ARG O 105 44.90 -13.87 -15.35
N ALA O 106 43.75 -14.08 -15.99
CA ALA O 106 42.90 -12.96 -16.36
C ALA O 106 42.19 -12.38 -15.16
N LEU O 107 41.96 -13.18 -14.11
CA LEU O 107 41.37 -12.67 -12.89
C LEU O 107 42.34 -11.76 -12.15
N ALA O 108 43.60 -12.19 -12.05
CA ALA O 108 44.59 -11.45 -11.29
C ALA O 108 45.13 -10.25 -12.05
N ALA O 109 44.89 -10.15 -13.35
CA ALA O 109 45.36 -9.00 -14.11
C ALA O 109 44.57 -7.74 -13.78
N LEU O 110 43.35 -7.89 -13.30
CA LEU O 110 42.53 -6.75 -12.92
C LEU O 110 42.82 -6.37 -11.48
N ASP O 111 42.58 -5.10 -11.16
CA ASP O 111 42.91 -4.56 -9.86
C ASP O 111 41.64 -4.53 -9.02
N TRP O 112 41.28 -5.70 -8.49
CA TRP O 112 40.09 -5.81 -7.68
C TRP O 112 40.36 -5.26 -6.28
N ARG O 113 39.28 -5.07 -5.53
CA ARG O 113 39.39 -4.73 -4.12
C ARG O 113 38.76 -5.76 -3.21
N THR O 114 37.75 -6.49 -3.67
CA THR O 114 37.11 -7.52 -2.87
C THR O 114 36.73 -8.66 -3.79
N ILE O 115 37.03 -9.89 -3.39
CA ILE O 115 36.66 -11.09 -4.12
C ILE O 115 36.01 -12.05 -3.13
N TYR O 116 34.82 -12.54 -3.47
CA TYR O 116 34.13 -13.55 -2.69
C TYR O 116 34.24 -14.90 -3.38
N THR O 117 34.51 -15.95 -2.60
CA THR O 117 34.54 -17.32 -3.10
C THR O 117 33.78 -18.23 -2.17
N THR O 118 33.21 -19.30 -2.72
CA THR O 118 32.57 -20.34 -1.91
C THR O 118 33.28 -21.68 -2.02
N ASN O 119 34.55 -21.70 -2.38
CA ASN O 119 35.28 -22.95 -2.50
C ASN O 119 36.46 -22.97 -1.54
N TYR O 120 36.84 -24.17 -1.12
CA TYR O 120 37.83 -24.36 -0.07
C TYR O 120 39.19 -24.67 -0.71
N ASP O 121 39.83 -23.65 -1.24
CA ASP O 121 41.13 -23.83 -1.85
C ASP O 121 41.83 -22.49 -1.95
N LYS O 122 43.15 -22.52 -1.93
CA LYS O 122 43.92 -21.27 -2.00
C LYS O 122 44.31 -20.92 -3.42
N HIS O 123 43.36 -21.02 -4.34
CA HIS O 123 43.68 -20.81 -5.75
C HIS O 123 43.10 -19.52 -6.29
N VAL O 124 42.40 -18.76 -5.48
CA VAL O 124 41.95 -17.43 -5.86
C VAL O 124 42.86 -16.37 -5.29
N GLU O 125 43.22 -16.48 -4.01
CA GLU O 125 44.29 -15.64 -3.51
C GLU O 125 45.64 -16.11 -4.02
N GLY O 126 45.79 -17.40 -4.33
CA GLY O 126 47.03 -17.87 -4.90
C GLY O 126 47.26 -17.38 -6.32
N ALA O 127 46.17 -17.11 -7.05
CA ALA O 127 46.32 -16.49 -8.36
C ALA O 127 46.80 -15.06 -8.25
N LEU O 128 46.44 -14.36 -7.17
CA LEU O 128 46.90 -13.00 -6.99
C LEU O 128 48.37 -12.96 -6.58
N ARG O 129 48.82 -13.95 -5.81
CA ARG O 129 50.24 -14.03 -5.48
C ARG O 129 51.09 -14.39 -6.70
N ASP O 130 50.51 -15.09 -7.67
CA ASP O 130 51.25 -15.43 -8.87
C ASP O 130 51.52 -14.23 -9.75
N ALA O 131 50.62 -13.25 -9.72
CA ALA O 131 50.77 -12.05 -10.54
C ALA O 131 51.54 -10.95 -9.83
N GLY O 132 52.23 -11.26 -8.73
CA GLY O 132 52.95 -10.28 -7.98
C GLY O 132 52.13 -9.47 -7.01
N LYS O 133 50.82 -9.56 -7.08
CA LYS O 133 49.95 -8.85 -6.17
C LYS O 133 49.88 -9.59 -4.83
N GLN O 134 49.32 -8.94 -3.84
CA GLN O 134 49.17 -9.53 -2.53
C GLN O 134 47.71 -9.48 -2.11
N ALA O 135 47.26 -10.52 -1.41
CA ALA O 135 45.87 -10.69 -1.05
C ALA O 135 45.76 -10.87 0.46
N ALA O 136 44.52 -10.81 0.94
CA ALA O 136 44.24 -10.91 2.36
C ALA O 136 43.02 -11.81 2.53
N VAL O 137 43.24 -13.02 3.03
CA VAL O 137 42.17 -13.98 3.19
C VAL O 137 41.40 -13.65 4.47
N LEU O 138 40.09 -13.49 4.34
CA LEU O 138 39.22 -13.20 5.48
C LEU O 138 38.16 -14.28 5.56
N ALA O 139 38.23 -15.10 6.59
CA ALA O 139 37.28 -16.18 6.72
C ALA O 139 36.57 -16.21 8.05
N SER O 140 37.25 -15.86 9.14
CA SER O 140 36.68 -15.96 10.48
C SER O 140 36.67 -14.58 11.12
N PHE O 141 36.18 -14.53 12.36
CA PHE O 141 36.12 -13.27 13.09
C PHE O 141 37.51 -12.73 13.41
N ALA O 142 38.48 -13.60 13.65
CA ALA O 142 39.82 -13.16 13.96
C ALA O 142 40.55 -12.60 12.74
N ASP O 143 40.13 -12.99 11.54
CA ASP O 143 40.73 -12.44 10.34
C ASP O 143 40.27 -11.02 10.07
N PHE O 144 38.99 -10.74 10.32
CA PHE O 144 38.46 -9.39 10.10
C PHE O 144 39.07 -8.39 11.07
N GLN O 145 39.34 -8.79 12.30
CA GLN O 145 39.97 -7.88 13.25
C GLN O 145 41.48 -7.96 13.24
N GLY O 146 42.07 -8.83 12.45
CA GLY O 146 43.50 -8.90 12.34
C GLY O 146 44.06 -7.75 11.53
N PRO O 147 45.39 -7.63 11.55
CA PRO O 147 46.04 -6.57 10.78
C PRO O 147 46.16 -6.94 9.30
N ARG O 148 45.84 -5.98 8.44
CA ARG O 148 46.11 -6.06 7.01
C ARG O 148 46.99 -4.89 6.60
N ALA O 149 47.29 -4.85 5.32
CA ALA O 149 47.95 -3.69 4.74
C ALA O 149 46.89 -2.70 4.28
N ARG O 150 47.31 -1.62 3.63
CA ARG O 150 46.42 -0.48 3.41
C ARG O 150 45.47 -0.74 2.25
N ASP O 151 46.00 -0.96 1.05
CA ASP O 151 45.20 -1.18 -0.15
C ASP O 151 45.57 -2.53 -0.72
N VAL O 152 44.91 -3.57 -0.22
CA VAL O 152 45.15 -4.96 -0.59
C VAL O 152 43.80 -5.61 -0.86
N CYS O 153 43.71 -6.37 -1.95
CA CYS O 153 42.49 -7.09 -2.29
C CYS O 153 42.14 -8.09 -1.20
N GLU O 154 40.95 -7.92 -0.64
CA GLU O 154 40.47 -8.78 0.43
C GLU O 154 39.69 -9.93 -0.19
N VAL O 155 40.18 -11.14 -0.02
CA VAL O 155 39.51 -12.33 -0.52
C VAL O 155 38.66 -12.89 0.60
N ILE O 156 37.34 -12.83 0.45
CA ILE O 156 36.40 -13.28 1.47
C ILE O 156 36.07 -14.74 1.18
N LYS O 157 36.63 -15.64 1.97
CA LYS O 157 36.24 -17.05 1.88
C LYS O 157 34.88 -17.21 2.52
N PHE O 158 33.83 -17.23 1.69
CA PHE O 158 32.47 -17.14 2.20
C PHE O 158 32.03 -18.42 2.89
N HIS O 159 32.51 -19.57 2.42
CA HIS O 159 32.15 -20.83 3.03
C HIS O 159 33.25 -21.44 3.88
N GLY O 160 34.40 -20.80 3.99
CA GLY O 160 35.45 -21.27 4.87
C GLY O 160 36.72 -21.60 4.11
N THR O 161 37.76 -21.89 4.89
CA THR O 161 39.07 -22.17 4.35
C THR O 161 39.55 -23.47 4.96
N LEU O 162 40.45 -24.17 4.24
CA LEU O 162 40.92 -25.44 4.74
C LEU O 162 41.92 -25.29 5.87
N ASP O 163 42.58 -24.15 6.02
CA ASP O 163 43.50 -23.98 7.13
C ASP O 163 42.81 -23.54 8.41
N GLN O 164 41.51 -23.28 8.36
CA GLN O 164 40.69 -23.01 9.54
C GLN O 164 39.49 -23.92 9.43
N PRO O 165 39.57 -25.16 9.91
CA PRO O 165 38.52 -26.15 9.66
C PRO O 165 37.21 -25.88 10.38
N ASP O 166 37.18 -24.97 11.34
CA ASP O 166 35.92 -24.62 11.99
C ASP O 166 35.05 -23.74 11.13
N THR O 167 35.59 -23.13 10.08
CA THR O 167 34.84 -22.21 9.26
C THR O 167 34.18 -22.87 8.06
N ILE O 168 34.47 -24.14 7.81
CA ILE O 168 33.95 -24.81 6.62
C ILE O 168 32.49 -25.16 6.83
N VAL O 169 31.63 -24.69 5.94
CA VAL O 169 30.22 -25.08 5.95
C VAL O 169 30.01 -26.07 4.82
N LEU O 170 29.80 -27.31 5.19
CA LEU O 170 29.57 -28.38 4.23
C LEU O 170 28.34 -29.19 4.57
N THR O 171 28.09 -29.45 5.84
CA THR O 171 26.98 -30.28 6.25
C THR O 171 25.71 -29.45 6.35
N GLU O 172 24.58 -30.14 6.54
CA GLU O 172 23.30 -29.44 6.55
C GLU O 172 23.15 -28.58 7.79
N SER O 173 23.68 -29.04 8.92
CA SER O 173 23.62 -28.25 10.15
C SER O 173 24.46 -26.98 10.06
N SER O 174 25.49 -26.97 9.24
CA SER O 174 26.27 -25.76 9.07
C SER O 174 25.60 -24.78 8.11
N TYR O 175 24.79 -25.27 7.17
CA TYR O 175 24.00 -24.36 6.35
C TYR O 175 22.85 -23.74 7.14
N PHE O 176 22.26 -24.51 8.06
CA PHE O 176 21.20 -23.97 8.90
C PHE O 176 21.74 -22.96 9.91
N GLN O 177 23.01 -23.12 10.31
CA GLN O 177 23.61 -22.15 11.22
C GLN O 177 23.89 -20.83 10.51
N ARG O 178 24.03 -20.85 9.20
CA ARG O 178 24.24 -19.64 8.41
C ARG O 178 22.95 -19.01 7.94
N MET O 179 21.79 -19.59 8.26
CA MET O 179 20.53 -18.96 7.90
C MET O 179 20.21 -17.76 8.76
N ALA O 180 20.87 -17.61 9.90
CA ALA O 180 20.65 -16.44 10.72
C ALA O 180 21.33 -15.20 10.15
N LEU O 181 22.23 -15.38 9.19
CA LEU O 181 22.97 -14.32 8.50
C LEU O 181 23.78 -13.50 9.50
N ASP O 182 24.38 -14.19 10.46
CA ASP O 182 25.07 -13.55 11.57
C ASP O 182 26.56 -13.79 11.53
N ALA O 183 27.05 -14.69 10.68
CA ALA O 183 28.47 -14.94 10.57
C ALA O 183 29.17 -13.72 9.95
N PRO O 184 30.46 -13.54 10.23
CA PRO O 184 31.20 -12.41 9.64
C PRO O 184 31.27 -12.41 8.12
N PRO O 185 31.33 -13.55 7.41
CA PRO O 185 31.16 -13.43 5.96
C PRO O 185 29.74 -13.09 5.54
N ASP O 186 28.74 -13.39 6.35
CA ASP O 186 27.37 -13.04 6.00
C ASP O 186 27.14 -11.55 6.15
N GLN O 187 27.66 -10.95 7.22
CA GLN O 187 27.46 -9.53 7.47
C GLN O 187 28.24 -8.67 6.49
N ARG O 188 29.39 -9.15 6.03
CA ARG O 188 30.17 -8.41 5.06
C ARG O 188 29.55 -8.49 3.68
N LEU O 189 28.91 -9.61 3.35
CA LEU O 189 28.28 -9.76 2.05
C LEU O 189 27.05 -8.88 1.92
N ARG O 190 26.25 -8.79 2.97
CA ARG O 190 25.00 -8.04 2.89
C ARG O 190 25.25 -6.54 2.84
N ALA O 191 26.39 -6.09 3.35
CA ALA O 191 26.72 -4.68 3.24
C ALA O 191 27.35 -4.34 1.92
N ASP O 192 28.08 -5.28 1.31
CA ASP O 192 28.62 -5.04 -0.02
C ASP O 192 27.54 -5.14 -1.08
N LEU O 193 26.49 -5.91 -0.82
CA LEU O 193 25.39 -6.02 -1.77
C LEU O 193 24.54 -4.77 -1.79
N LEU O 194 24.59 -3.96 -0.74
CA LEU O 194 23.87 -2.70 -0.72
C LEU O 194 24.41 -1.69 -1.72
N ALA O 195 25.65 -1.83 -2.16
CA ALA O 195 26.28 -0.76 -2.92
C ALA O 195 27.02 -1.21 -4.17
N ASN O 196 27.05 -2.50 -4.49
CA ASN O 196 27.96 -2.98 -5.53
C ASN O 196 27.25 -3.98 -6.43
N SER O 197 27.71 -4.03 -7.69
CA SER O 197 27.31 -5.09 -8.62
C SER O 197 28.20 -6.29 -8.42
N PHE O 198 27.63 -7.49 -8.56
CA PHE O 198 28.42 -8.69 -8.45
C PHE O 198 28.50 -9.40 -9.79
N LEU O 199 29.56 -10.19 -9.96
CA LEU O 199 29.78 -10.98 -11.16
C LEU O 199 29.98 -12.43 -10.73
N PHE O 200 28.98 -13.26 -10.98
CA PHE O 200 29.03 -14.66 -10.60
C PHE O 200 29.70 -15.46 -11.71
N ILE O 201 30.84 -16.06 -11.41
CA ILE O 201 31.61 -16.81 -12.38
C ILE O 201 31.81 -18.21 -11.84
N GLY O 202 31.38 -19.21 -12.60
CA GLY O 202 31.56 -20.58 -12.20
C GLY O 202 30.70 -21.02 -11.03
N TYR O 203 29.67 -20.26 -10.71
CA TYR O 203 28.81 -20.56 -9.57
C TYR O 203 27.39 -20.76 -10.08
N SER O 204 26.71 -21.74 -9.53
CA SER O 204 25.31 -22.00 -9.81
C SER O 204 24.53 -21.83 -8.51
N PHE O 205 23.41 -21.11 -8.57
CA PHE O 205 22.68 -20.79 -7.35
C PHE O 205 21.96 -22.05 -6.86
N SER O 206 22.68 -22.85 -6.11
CA SER O 206 22.10 -24.02 -5.47
C SER O 206 22.14 -23.93 -3.96
N ASP O 207 22.83 -22.94 -3.40
CA ASP O 207 22.91 -22.76 -1.97
C ASP O 207 21.73 -21.93 -1.52
N THR O 208 20.93 -22.45 -0.60
CA THR O 208 19.74 -21.75 -0.16
C THR O 208 20.03 -20.61 0.80
N ASN O 209 21.27 -20.42 1.22
CA ASN O 209 21.62 -19.23 1.96
C ASN O 209 22.12 -18.09 1.08
N ILE O 210 22.65 -18.40 -0.10
CA ILE O 210 22.96 -17.35 -1.05
C ILE O 210 21.67 -16.79 -1.64
N ARG O 211 20.73 -17.68 -1.99
CA ARG O 211 19.47 -17.24 -2.58
C ARG O 211 18.62 -16.47 -1.58
N TYR O 212 18.77 -16.77 -0.29
CA TYR O 212 18.05 -16.06 0.74
C TYR O 212 18.60 -14.66 1.00
N ILE O 213 19.88 -14.42 0.69
CA ILE O 213 20.42 -13.08 0.85
C ILE O 213 19.91 -12.16 -0.26
N TRP O 214 19.92 -12.65 -1.50
CA TRP O 214 19.34 -11.89 -2.60
C TRP O 214 17.83 -11.77 -2.51
N TYR O 215 17.17 -12.69 -1.81
CA TYR O 215 15.76 -12.51 -1.53
C TYR O 215 15.52 -11.29 -0.65
N ARG O 216 16.27 -11.19 0.45
CA ARG O 216 16.02 -10.14 1.42
C ARG O 216 16.61 -8.80 1.04
N MET O 217 17.35 -8.73 -0.07
CA MET O 217 17.73 -7.43 -0.59
C MET O 217 16.60 -6.81 -1.38
N ASN O 218 15.72 -7.64 -1.95
CA ASN O 218 14.53 -7.15 -2.63
C ASN O 218 13.45 -6.74 -1.66
N GLN O 219 13.43 -7.32 -0.48
CA GLN O 219 12.51 -6.84 0.52
C GLN O 219 12.89 -5.46 1.00
N LEU O 220 14.17 -5.10 0.93
CA LEU O 220 14.54 -3.72 1.10
C LEU O 220 14.25 -2.90 -0.15
N ARG O 221 14.37 -3.51 -1.32
CA ARG O 221 14.18 -2.78 -2.56
C ARG O 221 12.70 -2.49 -2.79
N GLU O 222 11.83 -3.44 -2.49
CA GLU O 222 10.41 -3.22 -2.73
C GLU O 222 9.75 -2.34 -1.68
N GLN O 223 10.22 -2.42 -0.43
CA GLN O 223 9.66 -1.56 0.61
C GLN O 223 10.10 -0.12 0.48
N SER O 224 11.18 0.15 -0.24
CA SER O 224 11.63 1.51 -0.43
C SER O 224 10.83 2.26 -1.48
N GLN O 225 9.96 1.55 -2.23
CA GLN O 225 8.95 2.14 -3.12
C GLN O 225 9.58 2.98 -4.22
N LEU O 226 10.70 2.52 -4.75
CA LEU O 226 11.29 3.15 -5.91
C LEU O 226 10.44 2.87 -7.15
N GLY O 227 10.71 3.61 -8.21
CA GLY O 227 9.95 3.47 -9.43
C GLY O 227 10.29 2.20 -10.19
N VAL O 228 9.68 2.08 -11.37
CA VAL O 228 10.06 0.98 -12.26
C VAL O 228 11.45 1.22 -12.82
N LYS O 229 11.79 2.48 -13.08
CA LYS O 229 13.08 2.79 -13.68
C LYS O 229 14.22 2.68 -12.68
N HIS O 230 14.02 3.16 -11.45
CA HIS O 230 15.12 3.28 -10.51
C HIS O 230 15.37 2.02 -9.70
N SER O 231 14.36 1.16 -9.54
CA SER O 231 14.60 -0.10 -8.86
C SER O 231 15.30 -1.12 -9.73
N GLN O 232 15.39 -0.88 -11.03
CA GLN O 232 16.03 -1.81 -11.96
C GLN O 232 17.37 -1.31 -12.45
N ALA O 233 17.97 -0.35 -11.75
CA ALA O 233 19.17 0.30 -12.26
C ALA O 233 20.44 -0.46 -11.91
N ARG O 234 20.55 -0.94 -10.67
CA ARG O 234 21.75 -1.62 -10.20
C ARG O 234 21.55 -3.12 -10.38
N ARG O 235 22.28 -3.70 -11.33
CA ARG O 235 22.11 -5.09 -11.73
C ARG O 235 23.28 -5.91 -11.21
N CYS O 236 23.08 -7.22 -11.15
CA CYS O 236 24.14 -8.18 -10.91
C CYS O 236 24.21 -9.11 -12.12
N PHE O 237 25.36 -9.74 -12.30
CA PHE O 237 25.64 -10.47 -13.52
C PHE O 237 26.02 -11.91 -13.22
N PHE O 238 25.53 -12.83 -14.03
CA PHE O 238 25.57 -14.26 -13.76
C PHE O 238 26.07 -14.97 -15.01
N ALA O 239 27.39 -15.15 -15.10
CA ALA O 239 28.01 -15.78 -16.26
C ALA O 239 27.90 -17.29 -16.12
N THR O 240 27.22 -17.93 -17.09
CA THR O 240 26.95 -19.37 -17.00
C THR O 240 26.85 -19.94 -18.40
N HIS O 241 27.52 -21.07 -18.61
CA HIS O 241 27.44 -21.76 -19.90
C HIS O 241 26.09 -22.43 -20.08
N GLY O 242 25.55 -23.01 -19.02
CA GLY O 242 24.44 -23.93 -19.14
C GLY O 242 23.25 -23.69 -18.24
N ALA O 243 22.84 -22.43 -18.08
CA ALA O 243 21.65 -22.15 -17.31
C ALA O 243 20.42 -22.68 -18.03
N GLY O 244 19.45 -23.16 -17.26
CA GLY O 244 18.29 -23.81 -17.85
C GLY O 244 17.25 -22.86 -18.40
N LEU O 245 15.98 -23.22 -18.24
CA LEU O 245 14.90 -22.38 -18.69
C LEU O 245 14.13 -21.73 -17.55
N VAL O 246 14.25 -22.26 -16.34
CA VAL O 246 13.52 -21.74 -15.19
C VAL O 246 14.36 -20.75 -14.41
N GLN O 247 15.62 -21.11 -14.13
CA GLN O 247 16.46 -20.30 -13.26
C GLN O 247 16.79 -18.88 -13.75
N PRO O 248 16.99 -18.58 -15.05
CA PRO O 248 17.18 -17.17 -15.41
C PRO O 248 15.97 -16.27 -15.15
N ASP O 249 14.75 -16.81 -15.16
CA ASP O 249 13.60 -15.97 -14.88
C ASP O 249 13.34 -15.80 -13.39
N ILE O 250 13.83 -16.72 -12.55
CA ILE O 250 13.72 -16.54 -11.11
C ILE O 250 14.64 -15.40 -10.67
N LEU O 251 15.83 -15.32 -11.28
CA LEU O 251 16.83 -14.35 -10.87
C LEU O 251 16.59 -12.96 -11.44
N GLN O 252 15.71 -12.82 -12.43
CA GLN O 252 15.33 -11.48 -12.89
C GLN O 252 14.59 -10.70 -11.81
N GLN O 253 13.91 -11.41 -10.91
CA GLN O 253 13.29 -10.79 -9.75
C GLN O 253 14.32 -10.11 -8.87
N TRP O 254 15.54 -10.63 -8.83
CA TRP O 254 16.52 -10.21 -7.87
C TRP O 254 17.59 -9.33 -8.50
N ASN O 255 17.27 -8.74 -9.66
CA ASN O 255 18.18 -7.91 -10.47
C ASN O 255 19.46 -8.63 -10.82
N ILE O 256 19.33 -9.84 -11.32
CA ILE O 256 20.48 -10.65 -11.73
C ILE O 256 20.31 -10.97 -13.20
N ASP O 257 21.22 -10.48 -14.02
CA ASP O 257 21.21 -10.73 -15.45
C ASP O 257 22.14 -11.88 -15.79
N VAL O 258 21.76 -12.66 -16.80
CA VAL O 258 22.50 -13.86 -17.19
C VAL O 258 23.36 -13.53 -18.39
N ILE O 259 24.64 -13.86 -18.32
CA ILE O 259 25.57 -13.71 -19.42
C ILE O 259 25.81 -15.09 -20.00
N GLN O 260 25.35 -15.34 -21.21
CA GLN O 260 25.51 -16.65 -21.83
C GLN O 260 26.90 -16.78 -22.42
N LEU O 261 27.68 -17.72 -21.90
CA LEU O 261 29.01 -18.00 -22.40
C LEU O 261 28.97 -19.19 -23.34
N ASP O 262 30.01 -19.31 -24.16
CA ASP O 262 30.07 -20.35 -25.17
C ASP O 262 30.39 -21.69 -24.52
N PRO O 263 29.50 -22.68 -24.60
CA PRO O 263 29.71 -23.93 -23.85
C PRO O 263 30.66 -24.91 -24.50
N THR O 264 31.24 -24.60 -25.66
CA THR O 264 32.14 -25.54 -26.31
C THR O 264 33.47 -25.62 -25.58
N ASP O 265 34.01 -24.47 -25.17
CA ASP O 265 35.22 -24.41 -24.37
C ASP O 265 34.91 -23.55 -23.16
N LYS O 266 34.77 -24.17 -21.99
CA LYS O 266 34.34 -23.44 -20.81
C LYS O 266 35.43 -22.51 -20.28
N SER O 267 36.70 -22.91 -20.39
CA SER O 267 37.77 -22.13 -19.80
C SER O 267 38.08 -20.90 -20.63
N ALA O 268 38.01 -21.01 -21.95
CA ALA O 268 38.33 -19.87 -22.81
C ALA O 268 37.20 -18.85 -22.85
N SER O 269 35.97 -19.28 -22.59
CA SER O 269 34.85 -18.34 -22.59
C SER O 269 34.89 -17.44 -21.37
N VAL O 270 35.31 -18.00 -20.23
CA VAL O 270 35.43 -17.20 -19.02
C VAL O 270 36.59 -16.24 -19.14
N ALA O 271 37.71 -16.70 -19.71
CA ALA O 271 38.90 -15.87 -19.84
C ALA O 271 38.68 -14.69 -20.77
N ARG O 272 37.88 -14.85 -21.83
CA ARG O 272 37.54 -13.72 -22.67
C ARG O 272 36.61 -12.74 -21.99
N LEU O 273 35.84 -13.19 -21.01
CA LEU O 273 35.00 -12.26 -20.25
C LEU O 273 35.84 -11.41 -19.32
N LEU O 274 36.81 -12.02 -18.63
CA LEU O 274 37.65 -11.28 -17.71
C LEU O 274 38.63 -10.37 -18.42
N GLU O 275 38.99 -10.68 -19.67
CA GLU O 275 39.84 -9.79 -20.44
C GLU O 275 39.07 -8.64 -21.06
N SER O 276 37.76 -8.78 -21.22
CA SER O 276 36.95 -7.70 -21.75
C SER O 276 36.65 -6.64 -20.72
N ILE O 277 36.83 -6.94 -19.43
CA ILE O 277 36.62 -5.94 -18.40
C ILE O 277 37.78 -4.95 -18.40
N ALA O 278 38.99 -5.41 -18.68
CA ALA O 278 40.17 -4.56 -18.74
C ALA O 278 40.10 -3.60 -19.91
N THR P 2 17.08 -50.07 15.03
CA THR P 2 17.33 -48.67 14.68
C THR P 2 16.06 -47.97 14.26
N THR P 3 14.96 -48.71 14.24
CA THR P 3 13.68 -48.19 13.76
C THR P 3 12.56 -48.92 14.48
N LEU P 4 11.64 -48.16 15.06
CA LEU P 4 10.52 -48.75 15.78
C LEU P 4 9.54 -49.42 14.82
N THR P 5 8.93 -50.50 15.29
CA THR P 5 7.85 -51.14 14.55
C THR P 5 6.53 -50.58 15.05
N LEU P 6 5.43 -51.14 14.60
CA LEU P 6 4.12 -50.64 15.02
C LEU P 6 3.78 -51.07 16.44
N SER P 7 4.09 -52.30 16.80
CA SER P 7 3.80 -52.78 18.14
C SER P 7 4.74 -52.20 19.19
N GLU P 8 5.96 -51.82 18.79
CA GLU P 8 6.88 -51.21 19.75
C GLU P 8 6.49 -49.77 20.04
N ALA P 9 6.05 -49.03 19.03
CA ALA P 9 5.73 -47.62 19.19
C ALA P 9 4.35 -47.38 19.76
N ALA P 10 3.49 -48.39 19.78
CA ALA P 10 2.14 -48.24 20.30
C ALA P 10 2.04 -47.94 21.81
N PRO P 11 2.82 -48.55 22.73
CA PRO P 11 2.74 -48.08 24.11
C PRO P 11 3.40 -46.74 24.33
N LEU P 12 4.32 -46.33 23.46
CA LEU P 12 4.93 -45.01 23.60
C LEU P 12 3.96 -43.92 23.17
N LEU P 13 3.07 -44.21 22.22
CA LEU P 13 2.10 -43.23 21.79
C LEU P 13 0.89 -43.17 22.71
N LYS P 14 0.57 -44.26 23.41
CA LYS P 14 -0.52 -44.21 24.37
C LYS P 14 -0.17 -43.34 25.56
N LYS P 15 1.09 -43.37 25.99
CA LYS P 15 1.49 -42.61 27.18
C LYS P 15 1.45 -41.11 26.91
N GLU P 16 1.90 -40.69 25.73
CA GLU P 16 1.87 -39.27 25.40
C GLU P 16 0.46 -38.81 25.08
N PHE P 17 -0.41 -39.70 24.63
CA PHE P 17 -1.78 -39.27 24.31
C PHE P 17 -2.63 -39.12 25.56
N ARG P 18 -2.49 -40.02 26.54
CA ARG P 18 -3.30 -39.91 27.73
C ARG P 18 -2.83 -38.77 28.63
N GLU P 19 -1.61 -38.28 28.43
CA GLU P 19 -1.18 -37.06 29.10
C GLU P 19 -1.54 -35.80 28.33
N GLY P 20 -2.09 -35.94 27.13
CA GLY P 20 -2.46 -34.78 26.34
C GLY P 20 -1.31 -34.06 25.71
N ARG P 21 -0.22 -34.76 25.41
CA ARG P 21 1.00 -34.13 24.92
C ARG P 21 1.44 -34.73 23.59
N LEU P 22 0.50 -35.23 22.81
CA LEU P 22 0.77 -35.78 21.48
C LEU P 22 -0.05 -34.99 20.47
N ILE P 23 0.62 -34.52 19.42
CA ILE P 23 0.00 -33.68 18.40
C ILE P 23 0.29 -34.25 17.03
N PRO P 24 -0.72 -34.55 16.21
CA PRO P 24 -0.46 -35.08 14.88
C PRO P 24 0.02 -34.00 13.93
N PHE P 25 0.89 -34.38 13.00
CA PHE P 25 1.37 -33.49 11.95
C PHE P 25 1.13 -34.21 10.63
N LEU P 26 0.22 -33.72 9.83
CA LEU P 26 -0.27 -34.46 8.67
C LEU P 26 0.24 -33.82 7.39
N GLY P 27 0.68 -34.67 6.45
CA GLY P 27 1.28 -34.22 5.22
C GLY P 27 0.42 -34.50 4.01
N ALA P 28 1.06 -34.42 2.84
CA ALA P 28 0.34 -34.61 1.59
C ALA P 28 0.00 -36.07 1.34
N GLY P 29 0.73 -37.00 1.94
CA GLY P 29 0.40 -38.40 1.80
C GLY P 29 -0.82 -38.83 2.58
N PHE P 30 -1.32 -37.98 3.47
CA PHE P 30 -2.52 -38.30 4.21
C PHE P 30 -3.77 -38.08 3.38
N SER P 31 -3.69 -37.30 2.30
CA SER P 31 -4.81 -37.08 1.41
C SER P 31 -4.66 -37.84 0.09
N LYS P 32 -3.70 -38.75 0.03
CA LYS P 32 -3.49 -39.61 -1.14
C LYS P 32 -4.64 -40.61 -1.38
N PRO P 33 -5.28 -41.24 -0.37
CA PRO P 33 -6.46 -42.07 -0.70
C PRO P 33 -7.68 -41.29 -1.16
N LEU P 34 -7.67 -39.97 -1.09
CA LEU P 34 -8.75 -39.16 -1.62
C LEU P 34 -8.55 -38.84 -3.09
N LYS P 35 -7.57 -39.49 -3.74
CA LYS P 35 -7.22 -39.30 -5.14
C LYS P 35 -6.83 -37.85 -5.43
N LEU P 36 -6.06 -37.29 -4.57
CA LEU P 36 -5.59 -35.94 -4.77
C LEU P 36 -4.13 -35.95 -5.23
N PRO P 37 -3.71 -34.91 -5.94
CA PRO P 37 -2.29 -34.79 -6.29
C PRO P 37 -1.40 -34.65 -5.07
N ASP P 38 -0.21 -35.24 -5.15
CA ASP P 38 0.86 -34.92 -4.23
C ASP P 38 1.72 -33.81 -4.84
N GLY P 39 2.91 -33.59 -4.30
CA GLY P 39 3.80 -32.56 -4.82
C GLY P 39 4.34 -32.82 -6.21
N SER P 40 4.18 -34.02 -6.75
CA SER P 40 4.63 -34.32 -8.09
C SER P 40 3.53 -34.17 -9.15
N GLN P 41 2.28 -34.49 -8.82
CA GLN P 41 1.22 -34.29 -9.80
C GLN P 41 0.77 -32.85 -9.93
N LEU P 42 1.11 -31.97 -8.98
CA LEU P 42 0.91 -30.55 -9.21
C LEU P 42 1.84 -30.03 -10.30
N ILE P 43 3.11 -30.41 -10.23
CA ILE P 43 4.10 -29.97 -11.19
C ILE P 43 3.81 -30.52 -12.57
N ALA P 44 3.21 -31.71 -12.65
CA ALA P 44 2.75 -32.22 -13.93
C ALA P 44 1.58 -31.42 -14.47
N SER P 45 0.80 -30.78 -13.61
CA SER P 45 -0.29 -29.93 -14.04
C SER P 45 0.17 -28.52 -14.34
N LEU P 46 1.21 -28.04 -13.67
CA LEU P 46 1.76 -26.72 -13.99
C LEU P 46 2.52 -26.75 -15.30
N ALA P 47 3.14 -27.89 -15.62
CA ALA P 47 3.89 -28.01 -16.86
C ALA P 47 2.96 -28.06 -18.07
N LYS P 48 1.75 -28.57 -17.89
CA LYS P 48 0.79 -28.63 -18.99
C LYS P 48 0.30 -27.22 -19.35
N THR P 49 0.13 -26.37 -18.34
CA THR P 49 -0.33 -25.01 -18.57
C THR P 49 0.76 -24.18 -19.25
N LEU P 50 2.01 -24.35 -18.84
CA LEU P 50 3.10 -23.58 -19.37
C LEU P 50 3.59 -24.07 -20.73
N GLY P 51 3.14 -25.23 -21.18
CA GLY P 51 3.59 -25.77 -22.45
C GLY P 51 4.82 -26.64 -22.37
N PHE P 52 5.16 -27.14 -21.19
CA PHE P 52 6.29 -28.04 -20.99
C PHE P 52 5.84 -29.48 -21.05
N GLU P 53 6.76 -30.33 -21.43
CA GLU P 53 6.52 -31.73 -21.13
C GLU P 53 6.82 -31.96 -19.65
N PRO P 54 6.04 -32.80 -18.96
CA PRO P 54 6.18 -32.91 -17.50
C PRO P 54 7.50 -33.52 -17.04
N GLU P 55 8.18 -34.27 -17.90
CA GLU P 55 9.49 -34.80 -17.52
C GLU P 55 10.60 -33.81 -17.80
N LEU P 56 10.43 -32.92 -18.78
CA LEU P 56 11.42 -31.89 -19.02
C LEU P 56 11.30 -30.74 -18.04
N PHE P 57 10.09 -30.45 -17.56
CA PHE P 57 9.90 -29.35 -16.63
C PHE P 57 10.45 -29.68 -15.25
N ASP P 58 10.51 -30.97 -14.91
CA ASP P 58 10.94 -31.39 -13.59
C ASP P 58 12.43 -31.20 -13.38
N MET P 59 13.22 -31.20 -14.46
CA MET P 59 14.70 -31.17 -14.31
C MET P 59 15.27 -29.76 -14.41
N HIS P 60 14.45 -28.72 -14.24
CA HIS P 60 14.96 -27.36 -14.24
C HIS P 60 15.00 -26.72 -12.86
N GLY P 61 14.59 -27.44 -11.82
CA GLY P 61 14.63 -26.87 -10.49
C GLY P 61 13.84 -27.73 -9.53
N ARG P 62 13.85 -27.28 -8.28
CA ARG P 62 13.14 -27.99 -7.22
C ARG P 62 11.66 -27.60 -7.24
N PHE P 63 10.91 -28.21 -6.32
CA PHE P 63 9.46 -28.00 -6.26
C PHE P 63 9.09 -26.56 -5.95
N GLU P 64 9.86 -25.91 -5.08
CA GLU P 64 9.60 -24.53 -4.73
C GLU P 64 9.90 -23.61 -5.91
N GLN P 65 10.89 -23.97 -6.71
CA GLN P 65 11.37 -23.10 -7.77
C GLN P 65 10.56 -23.23 -9.04
N LEU P 66 9.95 -24.38 -9.28
CA LEU P 66 9.09 -24.54 -10.44
C LEU P 66 7.75 -23.84 -10.23
N ALA P 67 7.29 -23.77 -8.99
CA ALA P 67 6.06 -23.03 -8.71
C ALA P 67 6.30 -21.53 -8.68
N GLU P 68 7.51 -21.10 -8.33
CA GLU P 68 7.88 -19.70 -8.46
C GLU P 68 7.92 -19.28 -9.92
N PHE P 69 8.40 -20.17 -10.80
CA PHE P 69 8.42 -19.88 -12.23
C PHE P 69 7.01 -19.84 -12.81
N PHE P 70 6.11 -20.65 -12.26
CA PHE P 70 4.73 -20.65 -12.74
C PHE P 70 4.02 -19.35 -12.38
N ALA P 71 4.22 -18.87 -11.15
CA ALA P 71 3.45 -17.74 -10.65
C ALA P 71 3.84 -16.42 -11.31
N ILE P 72 5.00 -16.34 -11.93
CA ILE P 72 5.46 -15.12 -12.56
C ILE P 72 5.45 -15.22 -14.08
N SER P 73 4.81 -16.26 -14.62
CA SER P 73 4.73 -16.40 -16.06
C SER P 73 3.76 -15.40 -16.67
N ALA P 74 2.71 -15.07 -15.94
CA ALA P 74 1.67 -14.16 -16.41
C ALA P 74 1.02 -13.55 -15.18
N PRO P 75 0.37 -12.41 -15.32
CA PRO P 75 -0.38 -11.87 -14.18
C PRO P 75 -1.56 -12.77 -13.86
N ASN P 76 -1.89 -12.80 -12.55
CA ASN P 76 -3.02 -13.54 -11.99
C ASN P 76 -2.90 -15.04 -12.25
N ARG P 77 -1.68 -15.54 -12.39
CA ARG P 77 -1.49 -16.95 -12.70
C ARG P 77 -1.56 -17.80 -11.43
N LEU P 78 -1.17 -17.24 -10.29
CA LEU P 78 -1.29 -17.96 -9.03
C LEU P 78 -2.72 -17.99 -8.51
N GLN P 79 -3.48 -16.91 -8.75
CA GLN P 79 -4.89 -16.87 -8.30
C GLN P 79 -5.68 -17.98 -8.99
N ARG P 80 -5.44 -18.17 -10.29
CA ARG P 80 -6.16 -19.22 -11.07
C ARG P 80 -5.84 -20.59 -10.48
N LEU P 81 -4.58 -20.83 -10.11
CA LEU P 81 -4.16 -22.14 -9.57
C LEU P 81 -4.98 -22.45 -8.31
N VAL P 82 -5.11 -21.48 -7.40
CA VAL P 82 -5.87 -21.68 -6.14
C VAL P 82 -7.31 -22.02 -6.51
N TYR P 83 -7.90 -21.31 -7.47
CA TYR P 83 -9.29 -21.57 -7.89
C TYR P 83 -9.40 -23.00 -8.44
N GLU P 84 -8.46 -23.39 -9.30
CA GLU P 84 -8.48 -24.77 -9.89
C GLU P 84 -8.27 -25.78 -8.77
N MET P 85 -7.30 -25.51 -7.88
CA MET P 85 -7.01 -26.45 -6.76
C MET P 85 -8.27 -26.61 -5.91
N SER P 86 -9.03 -25.53 -5.70
CA SER P 86 -10.21 -25.65 -4.85
C SER P 86 -11.29 -26.49 -5.51
N LEU P 87 -11.39 -26.45 -6.83
CA LEU P 87 -12.33 -27.30 -7.54
C LEU P 87 -11.97 -28.78 -7.48
N SER P 88 -10.68 -29.10 -7.42
CA SER P 88 -10.25 -30.49 -7.46
C SER P 88 -9.91 -31.07 -6.11
N PHE P 89 -9.47 -30.27 -5.15
CA PHE P 89 -9.12 -30.84 -3.86
C PHE P 89 -10.35 -30.99 -2.98
N ASP P 90 -11.22 -29.99 -2.96
CA ASP P 90 -12.39 -29.98 -2.09
C ASP P 90 -13.68 -30.30 -2.84
N SER P 91 -13.60 -31.13 -3.87
CA SER P 91 -14.76 -31.48 -4.66
C SER P 91 -15.68 -32.41 -3.88
N ALA P 92 -16.88 -32.62 -4.42
CA ALA P 92 -17.86 -33.44 -3.73
C ALA P 92 -17.51 -34.93 -3.78
N GLU P 93 -16.80 -35.37 -4.82
CA GLU P 93 -16.37 -36.75 -4.85
C GLU P 93 -15.16 -37.02 -3.97
N ALA P 94 -14.41 -35.97 -3.60
CA ALA P 94 -13.39 -36.14 -2.59
C ALA P 94 -13.98 -36.11 -1.19
N GLU P 95 -15.14 -35.46 -1.03
CA GLU P 95 -15.87 -35.55 0.22
C GLU P 95 -16.42 -36.96 0.44
N ALA P 96 -16.91 -37.59 -0.62
CA ALA P 96 -17.54 -38.90 -0.49
C ALA P 96 -16.52 -39.99 -0.25
N LEU P 97 -15.29 -39.83 -0.74
CA LEU P 97 -14.23 -40.76 -0.41
C LEU P 97 -13.69 -40.56 0.99
N ARG P 98 -14.08 -39.48 1.67
CA ARG P 98 -13.50 -39.10 2.94
C ARG P 98 -14.27 -39.66 4.12
N GLU P 99 -15.57 -39.94 3.97
CA GLU P 99 -16.28 -40.59 5.05
C GLU P 99 -15.93 -42.07 5.15
N LYS P 100 -15.70 -42.71 4.02
CA LYS P 100 -15.40 -44.13 4.01
C LYS P 100 -13.90 -44.40 4.05
N SER P 101 -13.10 -43.39 4.30
CA SER P 101 -11.66 -43.59 4.45
C SER P 101 -11.34 -44.07 5.85
N PRO P 102 -10.63 -45.18 6.02
CA PRO P 102 -10.33 -45.67 7.37
C PRO P 102 -9.32 -44.82 8.13
N MET P 103 -8.46 -44.06 7.44
CA MET P 103 -7.52 -43.21 8.16
C MET P 103 -8.23 -42.01 8.77
N HIS P 104 -9.13 -41.40 8.02
CA HIS P 104 -9.82 -40.21 8.50
C HIS P 104 -10.85 -40.56 9.57
N ARG P 105 -11.37 -41.79 9.55
CA ARG P 105 -12.22 -42.22 10.65
C ARG P 105 -11.41 -42.49 11.90
N ALA P 106 -10.23 -43.08 11.75
CA ALA P 106 -9.42 -43.39 12.91
C ALA P 106 -8.76 -42.15 13.49
N LEU P 107 -8.55 -41.13 12.67
CA LEU P 107 -8.03 -39.87 13.17
C LEU P 107 -9.05 -39.13 14.00
N ALA P 108 -10.30 -39.08 13.53
CA ALA P 108 -11.34 -38.36 14.22
C ALA P 108 -11.90 -39.11 15.42
N ALA P 109 -11.61 -40.39 15.56
CA ALA P 109 -12.09 -41.14 16.72
C ALA P 109 -11.37 -40.76 18.00
N LEU P 110 -10.16 -40.23 17.88
CA LEU P 110 -9.39 -39.78 19.03
C LEU P 110 -9.76 -38.35 19.36
N ASP P 111 -9.58 -38.00 20.63
CA ASP P 111 -9.98 -36.69 21.13
C ASP P 111 -8.74 -35.80 21.19
N TRP P 112 -8.36 -35.30 20.02
CA TRP P 112 -7.19 -34.43 19.93
C TRP P 112 -7.54 -33.03 20.42
N ARG P 113 -6.51 -32.24 20.64
CA ARG P 113 -6.68 -30.82 20.93
C ARG P 113 -6.03 -29.91 19.91
N THR P 114 -4.99 -30.37 19.22
CA THR P 114 -4.33 -29.56 18.20
C THR P 114 -3.89 -30.50 17.09
N ILE P 115 -4.15 -30.13 15.84
CA ILE P 115 -3.70 -30.87 14.69
C ILE P 115 -3.05 -29.89 13.72
N TYR P 116 -1.84 -30.21 13.28
CA TYR P 116 -1.15 -29.42 12.27
C TYR P 116 -1.17 -30.15 10.94
N THR P 117 -1.43 -29.41 9.87
CA THR P 117 -1.39 -29.95 8.51
C THR P 117 -0.64 -29.00 7.60
N THR P 118 -0.01 -29.55 6.57
CA THR P 118 0.64 -28.75 5.54
C THR P 118 -0.01 -28.92 4.17
N ASN P 119 -1.27 -29.33 4.12
CA ASN P 119 -1.93 -29.51 2.85
C ASN P 119 -3.15 -28.60 2.75
N TYR P 120 -3.51 -28.23 1.53
CA TYR P 120 -4.53 -27.23 1.27
C TYR P 120 -5.85 -27.92 0.93
N ASP P 121 -6.51 -28.44 1.94
CA ASP P 121 -7.78 -29.11 1.73
C ASP P 121 -8.53 -29.20 3.05
N LYS P 122 -9.85 -29.23 2.97
CA LYS P 122 -10.66 -29.30 4.18
C LYS P 122 -11.00 -30.72 4.56
N HIS P 123 -10.02 -31.61 4.51
CA HIS P 123 -10.29 -33.02 4.75
C HIS P 123 -9.73 -33.51 6.08
N VAL P 124 -9.09 -32.64 6.85
CA VAL P 124 -8.68 -32.98 8.20
C VAL P 124 -9.66 -32.42 9.21
N GLU P 125 -10.06 -31.16 9.05
CA GLU P 125 -11.18 -30.68 9.84
C GLU P 125 -12.49 -31.25 9.33
N GLY P 126 -12.58 -31.60 8.05
CA GLY P 126 -13.77 -32.23 7.54
C GLY P 126 -13.97 -33.64 8.06
N ALA P 127 -12.88 -34.32 8.40
CA ALA P 127 -13.00 -35.62 9.04
C ALA P 127 -13.52 -35.50 10.45
N LEU P 128 -13.23 -34.39 11.13
CA LEU P 128 -13.75 -34.19 12.47
C LEU P 128 -15.23 -33.83 12.45
N ARG P 129 -15.68 -33.11 11.43
CA ARG P 129 -17.11 -32.84 11.28
C ARG P 129 -17.89 -34.09 10.93
N ASP P 130 -17.25 -35.06 10.28
CA ASP P 130 -17.94 -36.30 9.93
C ASP P 130 -18.21 -37.16 11.15
N ALA P 131 -17.36 -37.07 12.17
CA ALA P 131 -17.52 -37.86 13.37
C ALA P 131 -18.36 -37.16 14.43
N GLY P 132 -19.07 -36.09 14.05
CA GLY P 132 -19.87 -35.34 14.99
C GLY P 132 -19.11 -34.32 15.80
N LYS P 133 -17.79 -34.35 15.77
CA LYS P 133 -16.99 -33.37 16.49
C LYS P 133 -16.95 -32.06 15.71
N GLN P 134 -16.45 -31.03 16.36
CA GLN P 134 -16.31 -29.73 15.73
C GLN P 134 -14.88 -29.26 15.84
N ALA P 135 -14.43 -28.57 14.79
CA ALA P 135 -13.03 -28.15 14.66
C ALA P 135 -12.97 -26.66 14.45
N ALA P 136 -11.76 -26.12 14.54
CA ALA P 136 -11.53 -24.69 14.40
C ALA P 136 -10.28 -24.50 13.55
N VAL P 137 -10.48 -24.04 12.33
CA VAL P 137 -9.37 -23.85 11.40
C VAL P 137 -8.66 -22.54 11.72
N LEU P 138 -7.35 -22.62 11.93
CA LEU P 138 -6.54 -21.45 12.23
C LEU P 138 -5.45 -21.35 11.18
N ALA P 139 -5.53 -20.36 10.34
CA ALA P 139 -4.53 -20.21 9.27
C ALA P 139 -3.88 -18.84 9.25
N SER P 140 -4.61 -17.78 9.53
CA SER P 140 -4.09 -16.43 9.43
C SER P 140 -4.15 -15.75 10.78
N PHE P 141 -3.72 -14.48 10.82
CA PHE P 141 -3.73 -13.72 12.07
C PHE P 141 -5.15 -13.45 12.55
N ALA P 142 -6.09 -13.27 11.63
CA ALA P 142 -7.46 -13.00 12.01
C ALA P 142 -8.16 -14.22 12.58
N ASP P 143 -7.68 -15.42 12.24
CA ASP P 143 -8.27 -16.63 12.80
C ASP P 143 -7.85 -16.84 14.24
N PHE P 144 -6.59 -16.54 14.56
CA PHE P 144 -6.10 -16.70 15.93
C PHE P 144 -6.78 -15.74 16.88
N GLN P 145 -7.08 -14.52 16.44
CA GLN P 145 -7.78 -13.58 17.29
C GLN P 145 -9.29 -13.64 17.16
N GLY P 146 -9.81 -14.48 16.30
CA GLY P 146 -11.24 -14.65 16.18
C GLY P 146 -11.81 -15.44 17.33
N PRO P 147 -13.14 -15.47 17.40
CA PRO P 147 -13.80 -16.25 18.46
C PRO P 147 -13.86 -17.73 18.12
N ARG P 148 -13.54 -18.56 19.11
CA ARG P 148 -13.75 -19.99 19.07
C ARG P 148 -14.65 -20.41 20.21
N ALA P 149 -14.91 -21.71 20.28
CA ALA P 149 -15.60 -22.28 21.42
C ALA P 149 -14.56 -22.66 22.47
N ARG P 150 -14.99 -23.30 23.54
CA ARG P 150 -14.14 -23.47 24.71
C ARG P 150 -13.13 -24.60 24.52
N ASP P 151 -13.62 -25.81 24.32
CA ASP P 151 -12.75 -26.99 24.17
C ASP P 151 -13.05 -27.61 22.81
N VAL P 152 -12.37 -27.12 21.78
CA VAL P 152 -12.55 -27.53 20.41
C VAL P 152 -11.16 -27.76 19.81
N CYS P 153 -11.01 -28.86 19.08
CA CYS P 153 -9.76 -29.17 18.41
C CYS P 153 -9.40 -28.10 17.40
N GLU P 154 -8.25 -27.48 17.60
CA GLU P 154 -7.76 -26.42 16.73
C GLU P 154 -6.91 -27.04 15.63
N VAL P 155 -7.37 -26.92 14.38
CA VAL P 155 -6.64 -27.43 13.23
C VAL P 155 -5.81 -26.29 12.68
N ILE P 156 -4.49 -26.39 12.79
CA ILE P 156 -3.59 -25.35 12.35
C ILE P 156 -3.17 -25.65 10.93
N LYS P 157 -3.73 -24.91 9.97
CA LYS P 157 -3.29 -25.02 8.58
C LYS P 157 -1.94 -24.33 8.46
N PHE P 158 -0.87 -25.12 8.51
CA PHE P 158 0.47 -24.55 8.62
C PHE P 158 0.93 -23.90 7.34
N HIS P 159 0.51 -24.41 6.19
CA HIS P 159 0.89 -23.81 4.92
C HIS P 159 -0.22 -23.02 4.26
N GLY P 160 -1.39 -22.93 4.85
CA GLY P 160 -2.46 -22.11 4.32
C GLY P 160 -3.68 -22.92 3.95
N THR P 161 -4.73 -22.20 3.61
CA THR P 161 -6.01 -22.80 3.30
C THR P 161 -6.48 -22.24 1.96
N LEU P 162 -7.31 -23.00 1.26
CA LEU P 162 -7.76 -22.57 -0.05
C LEU P 162 -8.80 -21.46 0.02
N ASP P 163 -9.50 -21.31 1.15
CA ASP P 163 -10.47 -20.23 1.26
C ASP P 163 -9.85 -18.91 1.69
N GLN P 164 -8.55 -18.91 1.98
CA GLN P 164 -7.79 -17.69 2.26
C GLN P 164 -6.54 -17.78 1.40
N PRO P 165 -6.62 -17.32 0.14
CA PRO P 165 -5.51 -17.57 -0.80
C PRO P 165 -4.25 -16.79 -0.50
N ASP P 166 -4.28 -15.81 0.38
CA ASP P 166 -3.07 -15.11 0.75
C ASP P 166 -2.18 -15.90 1.70
N THR P 167 -2.72 -16.96 2.31
CA THR P 167 -1.98 -17.74 3.29
C THR P 167 -1.25 -18.91 2.69
N ILE P 168 -1.48 -19.21 1.41
CA ILE P 168 -0.89 -20.40 0.79
C ILE P 168 0.58 -20.14 0.49
N VAL P 169 1.45 -20.98 1.01
CA VAL P 169 2.87 -20.93 0.68
C VAL P 169 3.17 -22.07 -0.27
N LEU P 170 3.41 -21.73 -1.51
CA LEU P 170 3.72 -22.71 -2.55
C LEU P 170 4.95 -22.35 -3.33
N THR P 171 5.17 -21.07 -3.61
CA THR P 171 6.30 -20.63 -4.42
C THR P 171 7.54 -20.47 -3.54
N GLU P 172 8.68 -20.26 -4.19
CA GLU P 172 9.93 -20.17 -3.46
C GLU P 172 10.00 -18.91 -2.61
N SER P 173 9.43 -17.81 -3.12
CA SER P 173 9.42 -16.56 -2.37
C SER P 173 8.55 -16.65 -1.13
N SER P 174 7.54 -17.52 -1.13
CA SER P 174 6.73 -17.68 0.06
C SER P 174 7.39 -18.59 1.09
N TYR P 175 8.26 -19.51 0.65
CA TYR P 175 9.04 -20.27 1.62
C TYR P 175 10.13 -19.42 2.24
N PHE P 176 10.72 -18.50 1.48
CA PHE P 176 11.72 -17.60 2.03
C PHE P 176 11.11 -16.60 2.99
N GLN P 177 9.85 -16.24 2.78
CA GLN P 177 9.17 -15.34 3.70
C GLN P 177 8.86 -16.02 5.02
N ARG P 178 8.78 -17.34 5.04
CA ARG P 178 8.55 -18.10 6.25
C ARG P 178 9.83 -18.51 6.96
N MET P 179 11.00 -18.17 6.40
CA MET P 179 12.25 -18.45 7.09
C MET P 179 12.50 -17.55 8.28
N ALA P 180 11.78 -16.43 8.38
CA ALA P 180 11.92 -15.57 9.53
C ALA P 180 11.22 -16.13 10.75
N LEU P 181 10.37 -17.15 10.57
CA LEU P 181 9.61 -17.83 11.62
C LEU P 181 8.74 -16.84 12.39
N ASP P 182 8.13 -15.92 11.65
CA ASP P 182 7.37 -14.83 12.22
C ASP P 182 5.89 -14.92 11.94
N ALA P 183 5.46 -15.82 11.05
CA ALA P 183 4.06 -15.99 10.75
C ALA P 183 3.34 -16.60 11.96
N PRO P 184 2.03 -16.37 12.08
CA PRO P 184 1.28 -16.96 13.20
C PRO P 184 1.26 -18.48 13.24
N PRO P 185 1.28 -19.22 12.11
CA PRO P 185 1.50 -20.67 12.28
C PRO P 185 2.91 -21.02 12.68
N ASP P 186 3.90 -20.18 12.39
CA ASP P 186 5.26 -20.46 12.80
C ASP P 186 5.44 -20.27 14.29
N GLN P 187 4.85 -19.20 14.84
CA GLN P 187 4.99 -18.91 16.26
C GLN P 187 4.21 -19.89 17.12
N ARG P 188 3.10 -20.41 16.61
CA ARG P 188 2.33 -21.40 17.36
C ARG P 188 3.00 -22.75 17.33
N LEU P 189 3.69 -23.08 16.24
CA LEU P 189 4.39 -24.36 16.15
C LEU P 189 5.58 -24.43 17.09
N ARG P 190 6.34 -23.34 17.17
CA ARG P 190 7.56 -23.35 17.97
C ARG P 190 7.26 -23.38 19.45
N ALA P 191 6.08 -22.90 19.85
CA ALA P 191 5.70 -22.97 21.25
C ALA P 191 5.10 -24.32 21.60
N ASP P 192 4.44 -24.98 20.65
CA ASP P 192 3.94 -26.33 20.91
C ASP P 192 5.06 -27.34 20.88
N LEU P 193 6.13 -27.06 20.14
CA LEU P 193 7.26 -27.98 20.09
C LEU P 193 8.07 -27.93 21.38
N LEU P 194 7.94 -26.86 22.16
CA LEU P 194 8.63 -26.78 23.45
C LEU P 194 8.08 -27.77 24.45
N ALA P 195 6.86 -28.27 24.29
CA ALA P 195 6.23 -29.03 25.34
C ALA P 195 5.55 -30.31 24.90
N ASN P 196 5.58 -30.67 23.62
CA ASN P 196 4.73 -31.75 23.13
C ASN P 196 5.50 -32.65 22.19
N SER P 197 5.10 -33.92 22.15
CA SER P 197 5.57 -34.86 21.14
C SER P 197 4.73 -34.73 19.90
N PHE P 198 5.34 -34.88 18.74
CA PHE P 198 4.58 -34.83 17.49
C PHE P 198 4.60 -36.19 16.81
N LEU P 199 3.57 -36.43 16.00
CA LEU P 199 3.42 -37.65 15.23
C LEU P 199 3.26 -37.27 13.78
N PHE P 200 4.30 -37.50 12.97
CA PHE P 200 4.29 -37.15 11.57
C PHE P 200 3.70 -38.30 10.78
N ILE P 201 2.57 -38.06 10.13
CA ILE P 201 1.86 -39.09 9.37
C ILE P 201 1.69 -38.59 7.95
N GLY P 202 2.19 -39.36 6.99
CA GLY P 202 2.04 -38.99 5.60
C GLY P 202 2.87 -37.81 5.16
N TYR P 203 3.86 -37.43 5.94
CA TYR P 203 4.69 -36.27 5.65
C TYR P 203 6.13 -36.71 5.53
N SER P 204 6.83 -36.16 4.55
CA SER P 204 8.25 -36.40 4.35
C SER P 204 8.97 -35.08 4.51
N PHE P 205 10.07 -35.08 5.27
CA PHE P 205 10.74 -33.82 5.58
C PHE P 205 11.50 -33.34 4.35
N SER P 206 10.77 -32.63 3.49
CA SER P 206 11.37 -32.00 2.34
C SER P 206 11.27 -30.49 2.38
N ASP P 207 10.52 -29.93 3.33
CA ASP P 207 10.38 -28.49 3.46
C ASP P 207 11.52 -27.98 4.33
N THR P 208 12.30 -27.05 3.81
CA THR P 208 13.45 -26.55 4.54
C THR P 208 13.08 -25.57 5.65
N ASN P 209 11.81 -25.20 5.78
CA ASN P 209 11.39 -24.43 6.94
C ASN P 209 10.89 -25.30 8.08
N ILE P 210 10.40 -26.51 7.78
CA ILE P 210 10.09 -27.45 8.85
C ILE P 210 11.38 -27.97 9.47
N ARG P 211 12.36 -28.31 8.63
CA ARG P 211 13.63 -28.83 9.12
C ARG P 211 14.41 -27.78 9.90
N TYR P 212 14.22 -26.51 9.57
CA TYR P 212 14.88 -25.43 10.27
C TYR P 212 14.27 -25.16 11.63
N ILE P 213 13.00 -25.51 11.83
CA ILE P 213 12.40 -25.35 13.15
C ILE P 213 12.91 -26.41 14.12
N TRP P 214 12.96 -27.66 13.67
CA TRP P 214 13.56 -28.72 14.48
C TRP P 214 15.06 -28.57 14.65
N TYR P 215 15.72 -27.86 13.74
CA TYR P 215 17.13 -27.52 13.96
C TYR P 215 17.28 -26.60 15.16
N ARG P 216 16.49 -25.53 15.20
CA ARG P 216 16.66 -24.53 16.24
C ARG P 216 16.03 -24.90 17.57
N MET P 217 15.33 -26.03 17.64
CA MET P 217 14.93 -26.53 18.94
C MET P 217 16.07 -27.27 19.62
N ASN P 218 17.00 -27.83 18.84
CA ASN P 218 18.19 -28.45 19.39
C ASN P 218 19.22 -27.43 19.82
N GLN P 219 19.21 -26.26 19.20
CA GLN P 219 20.08 -25.21 19.69
C GLN P 219 19.62 -24.71 21.05
N LEU P 220 18.34 -24.82 21.35
CA LEU P 220 17.90 -24.63 22.72
C LEU P 220 18.22 -25.84 23.58
N ARG P 221 18.16 -27.04 22.99
CA ARG P 221 18.38 -28.25 23.77
C ARG P 221 19.84 -28.43 24.12
N GLU P 222 20.74 -28.10 23.19
CA GLU P 222 22.16 -28.29 23.46
C GLU P 222 22.74 -27.19 24.34
N GLN P 223 22.23 -25.96 24.22
CA GLN P 223 22.72 -24.88 25.06
C GLN P 223 22.23 -24.99 26.49
N SER P 224 21.16 -25.74 26.74
CA SER P 224 20.67 -25.91 28.09
C SER P 224 21.49 -26.92 28.89
N GLN P 225 22.41 -27.63 28.24
CA GLN P 225 23.43 -28.48 28.89
C GLN P 225 22.81 -29.59 29.73
N LEU P 226 21.73 -30.17 29.24
CA LEU P 226 21.16 -31.34 29.89
C LEU P 226 22.06 -32.54 29.67
N GLY P 227 21.80 -33.60 30.43
CA GLY P 227 22.61 -34.80 30.35
C GLY P 227 22.35 -35.59 29.09
N VAL P 228 23.00 -36.75 29.01
CA VAL P 228 22.71 -37.68 27.94
C VAL P 228 21.33 -38.29 28.14
N LYS P 229 20.95 -38.53 29.39
CA LYS P 229 19.68 -39.17 29.67
C LYS P 229 18.51 -38.22 29.48
N HIS P 230 18.63 -36.98 29.94
CA HIS P 230 17.50 -36.07 29.99
C HIS P 230 17.27 -35.30 28.71
N SER P 231 18.29 -35.13 27.88
CA SER P 231 18.09 -34.49 26.59
C SER P 231 17.45 -35.42 25.57
N GLN P 232 17.40 -36.72 25.85
CA GLN P 232 16.84 -37.69 24.92
C GLN P 232 15.50 -38.21 25.38
N ALA P 233 14.84 -37.51 26.31
CA ALA P 233 13.63 -38.05 26.92
C ALA P 233 12.38 -37.76 26.11
N ARG P 234 12.24 -36.55 25.59
CA ARG P 234 11.06 -36.15 24.85
C ARG P 234 11.31 -36.35 23.36
N ARG P 235 10.64 -37.34 22.79
CA ARG P 235 10.87 -37.77 21.42
C ARG P 235 9.73 -37.31 20.54
N CYS P 236 9.98 -37.28 19.24
CA CYS P 236 8.94 -37.12 18.23
C CYS P 236 8.95 -38.34 17.32
N PHE P 237 7.83 -38.58 16.66
CA PHE P 237 7.63 -39.84 15.96
C PHE P 237 7.28 -39.58 14.50
N PHE P 238 7.85 -40.40 13.61
CA PHE P 238 7.85 -40.16 12.17
C PHE P 238 7.42 -41.45 11.48
N ALA P 239 6.12 -41.59 11.26
CA ALA P 239 5.57 -42.79 10.64
C ALA P 239 5.73 -42.70 9.12
N THR P 240 6.46 -43.64 8.53
CA THR P 240 6.79 -43.58 7.11
C THR P 240 6.96 -44.99 6.58
N HIS P 241 6.34 -45.26 5.43
CA HIS P 241 6.50 -46.55 4.79
C HIS P 241 7.88 -46.70 4.16
N GLY P 242 8.40 -45.64 3.58
CA GLY P 242 9.55 -45.75 2.70
C GLY P 242 10.69 -44.80 2.97
N ALA P 243 11.04 -44.58 4.23
CA ALA P 243 12.20 -43.76 4.54
C ALA P 243 13.48 -44.45 4.08
N GLY P 244 14.43 -43.65 3.62
CA GLY P 244 15.63 -44.21 3.01
C GLY P 244 16.65 -44.69 4.01
N LEU P 245 17.93 -44.49 3.70
CA LEU P 245 19.00 -44.89 4.59
C LEU P 245 19.70 -43.70 5.24
N VAL P 246 19.56 -42.51 4.68
CA VAL P 246 20.21 -41.32 5.19
C VAL P 246 19.30 -40.54 6.12
N GLN P 247 18.05 -40.33 5.71
CA GLN P 247 17.15 -39.47 6.46
C GLN P 247 16.79 -39.94 7.88
N PRO P 248 16.63 -41.23 8.21
CA PRO P 248 16.41 -41.57 9.63
C PRO P 248 17.56 -41.23 10.56
N ASP P 249 18.80 -41.22 10.07
CA ASP P 249 19.91 -40.87 10.94
C ASP P 249 20.10 -39.37 11.07
N ILE P 250 19.62 -38.57 10.12
CA ILE P 250 19.66 -37.12 10.27
C ILE P 250 18.69 -36.70 11.36
N LEU P 251 17.53 -37.34 11.42
CA LEU P 251 16.47 -36.94 12.34
C LEU P 251 16.68 -37.47 13.74
N GLN P 252 17.59 -38.42 13.95
CA GLN P 252 17.95 -38.83 15.31
C GLN P 252 18.61 -37.71 16.08
N GLN P 253 19.28 -36.80 15.37
CA GLN P 253 19.82 -35.60 15.98
C GLN P 253 18.75 -34.74 16.60
N TRP P 254 17.55 -34.76 16.04
CA TRP P 254 16.51 -33.83 16.41
C TRP P 254 15.44 -34.49 17.26
N ASN P 255 15.78 -35.62 17.89
CA ASN P 255 14.88 -36.44 18.71
C ASN P 255 13.62 -36.84 17.95
N ILE P 256 13.81 -37.38 16.76
CA ILE P 256 12.72 -37.85 15.91
C ILE P 256 12.96 -39.32 15.64
N ASP P 257 12.06 -40.16 16.12
CA ASP P 257 12.13 -41.60 15.91
C ASP P 257 11.26 -42.00 14.73
N VAL P 258 11.70 -43.01 14.00
CA VAL P 258 11.02 -43.46 12.79
C VAL P 258 10.20 -44.70 13.11
N ILE P 259 8.93 -44.68 12.73
CA ILE P 259 8.04 -45.82 12.88
C ILE P 259 7.87 -46.42 11.50
N GLN P 260 8.39 -47.63 11.31
CA GLN P 260 8.31 -48.29 10.01
C GLN P 260 6.94 -48.92 9.84
N LEU P 261 6.18 -48.46 8.86
CA LEU P 261 4.88 -49.02 8.55
C LEU P 261 5.00 -50.00 7.38
N ASP P 262 3.99 -50.86 7.26
CA ASP P 262 4.01 -51.90 6.23
C ASP P 262 3.72 -51.29 4.87
N PRO P 263 4.64 -51.36 3.90
CA PRO P 263 4.46 -50.65 2.64
C PRO P 263 3.56 -51.36 1.63
N THR P 264 3.02 -52.53 1.96
CA THR P 264 2.18 -53.24 1.01
C THR P 264 0.83 -52.57 0.86
N ASP P 265 0.23 -52.15 1.98
CA ASP P 265 -1.01 -51.39 1.97
C ASP P 265 -0.77 -50.15 2.81
N LYS P 266 -0.67 -48.99 2.16
CA LYS P 266 -0.30 -47.77 2.87
C LYS P 266 -1.44 -47.27 3.75
N SER P 267 -2.69 -47.44 3.30
CA SER P 267 -3.81 -46.87 4.03
C SER P 267 -4.14 -47.67 5.28
N ALA P 268 -4.01 -48.99 5.20
CA ALA P 268 -4.35 -49.84 6.34
C ALA P 268 -3.26 -49.81 7.41
N SER P 269 -2.02 -49.52 7.02
CA SER P 269 -0.93 -49.45 7.99
C SER P 269 -1.05 -48.21 8.85
N VAL P 270 -1.49 -47.10 8.26
CA VAL P 270 -1.69 -45.87 9.02
C VAL P 270 -2.88 -46.01 9.94
N ALA P 271 -3.96 -46.64 9.46
CA ALA P 271 -5.17 -46.79 10.25
C ALA P 271 -4.96 -47.69 11.46
N ARG P 272 -4.12 -48.71 11.35
CA ARG P 272 -3.80 -49.52 12.52
C ARG P 272 -2.93 -48.77 13.52
N LEU P 273 -2.18 -47.77 13.07
CA LEU P 273 -1.40 -46.96 14.00
C LEU P 273 -2.30 -46.03 14.80
N LEU P 274 -3.28 -45.41 14.13
CA LEU P 274 -4.17 -44.50 14.82
C LEU P 274 -5.17 -45.22 15.72
N GLU P 275 -5.46 -46.49 15.43
CA GLU P 275 -6.32 -47.27 16.30
C GLU P 275 -5.57 -47.83 17.49
N SER P 276 -4.25 -47.94 17.40
CA SER P 276 -3.46 -48.42 18.52
C SER P 276 -3.23 -47.34 19.57
N ILE P 277 -3.46 -46.08 19.22
CA ILE P 277 -3.33 -45.01 20.21
C ILE P 277 -4.52 -45.03 21.16
N ALA P 278 -5.69 -45.36 20.65
CA ALA P 278 -6.91 -45.45 21.46
C ALA P 278 -6.83 -46.60 22.47
C4 Y43 Q . -64.06 -27.30 -4.48
C5 Y43 Q . -64.56 -26.39 -5.38
C6 Y43 Q . -65.67 -26.80 -6.37
C8 Y43 Q . -63.06 -25.43 -4.20
N1 Y43 Q . -66.17 -28.12 -6.35
N3 Y43 Q . -64.60 -28.69 -4.46
C2 Y43 Q . -65.64 -29.08 -5.39
CAB Y43 Q . -60.30 -27.05 -1.91
CAC Y43 Q . -61.10 -27.39 -3.11
CAD Y43 Q . -62.38 -27.24 -2.71
CAF Y43 Q . -61.16 -25.94 -1.19
CAG Y43 Q . -60.85 -24.54 -1.79
N7 Y43 Q . -63.92 -25.24 -5.17
N9 Y43 Q . -63.15 -26.67 -3.76
O6 Y43 Q . -66.08 -26.04 -7.14
OAA Y43 Q . -60.16 -28.13 -1.11
OAE Y43 Q . -62.37 -26.25 -1.43
OAH Y43 Q . -59.57 -24.10 -1.31
OAJ Y43 Q . -57.46 -22.68 -1.71
OAK Y43 Q . -59.13 -22.81 -3.48
OAL Y43 Q . -57.67 -24.90 -3.02
OAN Y43 Q . -55.21 -24.16 -2.49
OAO Y43 Q . -55.66 -26.48 -3.19
OAP Y43 Q . -55.86 -24.64 -4.95
OAR Y43 Q . -56.21 -22.84 -6.74
OAS Y43 Q . -56.18 -22.17 -4.36
OAT Y43 Q . -54.08 -22.91 -5.44
PAI Y43 Q . -58.43 -23.59 -2.42
PAM Y43 Q . -56.06 -25.05 -3.38
PAQ Y43 Q . -55.57 -23.11 -5.39
ZN ZN R . -55.02 -22.31 -1.60
C4 Y43 S . -58.98 -14.61 23.81
C5 Y43 S . -57.78 -14.99 24.36
C6 Y43 S . -57.67 -15.32 25.86
C8 Y43 S . -57.50 -14.64 22.26
N1 Y43 S . -58.83 -15.22 26.69
N3 Y43 S . -60.18 -14.50 24.68
C2 Y43 S . -60.09 -14.81 26.10
CAB Y43 S . -59.82 -12.69 19.76
CAC Y43 S . -59.51 -12.71 21.20
CAD Y43 S . -59.75 -13.98 21.58
CAF Y43 S . -59.41 -14.14 19.27
CAG Y43 S . -57.89 -14.18 18.93
N7 Y43 S . -56.88 -15.00 23.37
N9 Y43 S . -58.77 -14.40 22.52
O6 Y43 S . -56.65 -15.64 26.31
OAA Y43 S . -61.14 -12.49 19.55
OAE Y43 S . -59.66 -14.89 20.26
OAH Y43 S . -57.67 -13.51 17.68
OAJ Y43 S . -55.34 -12.75 18.44
OAK Y43 S . -56.06 -12.17 16.18
OAL Y43 S . -57.16 -10.93 18.17
OAN Y43 S . -58.14 -8.58 17.82
OAO Y43 S . -56.60 -9.42 16.09
OAP Y43 S . -55.67 -8.74 18.40
OAR Y43 S . -53.78 -7.77 17.03
OAS Y43 S . -54.00 -10.21 17.13
OAT Y43 S . -53.22 -8.99 19.13
PAI Y43 S . -56.50 -12.32 17.62
PAM Y43 S . -56.90 -9.39 17.58
PAQ Y43 S . -54.12 -8.93 17.92
ZN ZN T . -55.53 -10.40 14.63
C4 Y43 U . 23.53 58.63 -29.46
C5 Y43 U . 22.32 59.04 -29.97
C6 Y43 U . 22.03 60.54 -30.15
C8 Y43 U . 22.34 56.90 -29.88
N1 Y43 U . 23.01 61.49 -29.78
N3 Y43 U . 24.55 59.64 -29.06
C2 Y43 U . 24.27 61.05 -29.23
CAB Y43 U . 24.72 54.52 -27.85
CAC Y43 U . 24.19 55.89 -27.78
CAD Y43 U . 24.55 56.46 -28.95
CAF Y43 U . 24.61 54.16 -29.39
CAG Y43 U . 23.19 53.62 -29.72
N7 Y43 U . 21.61 57.95 -30.22
N9 Y43 U . 23.50 57.30 -29.42
O6 Y43 U . 21.01 60.89 -30.58
OAA Y43 U . 26.02 54.49 -27.46
OAE Y43 U . 24.80 55.27 -30.00
OAH Y43 U . 23.08 52.29 -29.22
OAJ Y43 U . 21.54 50.42 -28.32
OAK Y43 U . 20.57 52.60 -28.78
OAL Y43 U . 22.12 52.36 -26.72
OAN Y43 U . 21.69 50.05 -25.55
OAO Y43 U . 22.80 51.86 -24.29
OAP Y43 U . 20.31 52.10 -24.79
OAR Y43 U . 17.84 52.49 -25.35
OAS Y43 U . 19.10 50.81 -26.63
OAT Y43 U . 18.55 50.36 -24.27
PAI Y43 U . 21.77 51.90 -28.25
PAM Y43 U . 21.75 51.54 -25.32
PAQ Y43 U . 18.91 51.43 -25.27
ZN ZN V . 21.10 48.65 -26.75
C4 Y43 W . 34.81 33.15 -43.99
C5 Y43 W . 35.29 32.22 -43.12
C6 Y43 W . 36.59 31.46 -43.45
C8 Y43 W . 33.50 33.05 -42.29
N1 Y43 W . 37.27 31.72 -44.66
N3 Y43 W . 35.51 33.42 -45.27
C2 Y43 W . 36.74 32.70 -45.58
CAB Y43 W . 30.68 35.10 -44.09
CAC Y43 W . 31.70 34.09 -44.41
CAD Y43 W . 32.85 34.64 -44.02
CAF Y43 W . 31.24 35.79 -42.79
CAG Y43 W . 30.83 34.99 -41.52
N7 Y43 W . 34.47 32.19 -42.07
N9 Y43 W . 33.70 33.64 -43.44
O6 Y43 W . 37.01 30.67 -42.70
OAA Y43 W . 30.57 36.01 -45.09
OAE Y43 W . 32.51 35.77 -42.93
OAH Y43 W . 29.44 35.22 -41.26
OAJ Y43 W . 29.17 32.86 -40.28
OAK Y43 W . 27.24 34.34 -40.24
OAL Y43 W . 27.97 33.37 -42.52
OAN Y43 W . 26.27 33.11 -44.42
OAO Y43 W . 25.38 33.44 -42.13
OAP Y43 W . 26.48 31.18 -42.75
OAR Y43 W . 24.57 30.23 -41.40
OAS Y43 W . 26.34 31.49 -40.22
OAT Y43 W . 26.85 29.25 -41.11
PAI Y43 W . 28.43 33.90 -41.04
PAM Y43 W . 26.48 32.80 -42.96
PAQ Y43 W . 26.06 30.52 -41.34
ZN ZN X . 24.93 34.17 -40.21
C4 Y43 Y . -0.43 27.49 59.18
C5 Y43 Y . -1.28 27.80 58.15
C6 Y43 Y . -2.66 28.40 58.44
C8 Y43 Y . 0.53 27.00 57.33
N1 Y43 Y . -3.06 28.63 59.77
N3 Y43 Y . -0.85 27.73 60.59
C2 Y43 Y . -2.15 28.30 60.87
CAB Y43 Y . 3.36 24.94 59.12
CAC Y43 Y . 1.92 25.21 59.26
CAD Y43 Y . 1.83 26.54 59.35
CAF Y43 Y . 3.88 26.18 58.31
CAG Y43 Y . 3.71 25.94 56.77
N7 Y43 Y . -0.65 27.49 57.02
N9 Y43 Y . 0.68 26.99 58.63
O6 Y43 Y . -3.38 28.66 57.55
OAA Y43 Y . 3.96 24.89 60.34
OAE Y43 Y . 3.16 27.15 58.68
OAH Y43 Y . 4.70 25.00 56.33
OAJ Y43 Y . 5.37 23.18 54.64
OAK Y43 Y . 3.11 24.09 54.53
OAL Y43 Y . 3.70 22.53 56.51
OAN Y43 Y . 5.24 20.57 55.66
OAO Y43 Y . 4.02 20.32 57.80
OAP Y43 Y . 2.68 20.24 55.63
OAR Y43 Y . 1.23 20.28 53.52
OAS Y43 Y . 3.52 21.18 53.41
OAT Y43 Y . 3.18 18.75 53.66
PAI Y43 Y . 4.20 23.68 55.46
PAM Y43 Y . 3.95 20.89 56.40
PAQ Y43 Y . 2.64 20.11 54.01
ZN ZN Z . 6.46 21.03 54.05
C4 Y43 AA . 29.47 34.80 52.80
C5 Y43 AA . 30.34 33.81 53.17
C6 Y43 AA . 31.69 34.16 53.82
C8 Y43 AA . 28.60 32.90 52.33
N1 Y43 AA . 32.04 35.52 54.03
N3 Y43 AA . 29.83 36.22 53.02
C2 Y43 AA . 31.10 36.56 53.63
CAB Y43 AA . 25.79 34.53 50.11
CAC Y43 AA . 27.21 34.73 50.43
CAD Y43 AA . 27.24 34.85 51.77
CAF Y43 AA . 25.24 33.72 51.36
CAG Y43 AA . 25.49 32.20 51.17
N7 Y43 AA . 29.78 32.64 52.86
N9 Y43 AA . 28.40 34.19 52.28
O6 Y43 AA . 32.43 33.32 54.13
OAA Y43 AA . 25.14 35.72 50.01
OAE Y43 AA . 25.92 34.15 52.34
OAH Y43 AA . 24.55 31.69 50.21
OAJ Y43 AA . 26.25 29.94 49.40
OAK Y43 AA . 24.02 29.93 48.39
OAL Y43 AA . 25.64 31.84 47.75
OAN Y43 AA . 25.36 33.06 45.52
OAO Y43 AA . 24.21 30.89 45.77
OAP Y43 AA . 26.80 30.95 45.54
OAR Y43 AA . 26.42 28.92 44.08
OAS Y43 AA . 25.99 28.72 46.51
OAT Y43 AA . 28.32 28.89 45.69
PAI Y43 AA . 25.14 30.80 48.92
PAM Y43 AA . 25.46 31.69 46.12
PAQ Y43 AA . 26.89 29.33 45.45
ZN ZN BA . 23.12 29.23 46.27
N1 NCA CA . -24.21 -13.70 -9.65
C2 NCA CA . -23.86 -14.75 -10.41
C3 NCA CA . -24.63 -15.90 -10.39
C4 NCA CA . -25.74 -15.95 -9.62
C5 NCA CA . -26.09 -14.89 -8.86
C6 NCA CA . -25.32 -13.75 -8.88
C7 NCA CA . -24.24 -17.10 -11.25
O7 NCA CA . -25.08 -17.80 -11.70
N7 NCA CA . -22.84 -17.37 -11.51
N1 NCA DA . -40.77 14.79 -0.76
C2 NCA DA . -41.14 15.85 -0.02
C3 NCA DA . -41.97 15.67 1.07
C4 NCA DA . -42.41 14.43 1.39
C5 NCA DA . -42.05 13.36 0.63
C6 NCA DA . -41.22 13.55 -0.46
C7 NCA DA . -42.38 16.86 1.92
O7 NCA DA . -42.67 16.70 3.06
N7 NCA DA . -42.42 18.19 1.34
N1 NCA EA . 5.51 28.22 -5.99
C2 NCA EA . 5.62 28.91 -4.84
C3 NCA EA . 6.34 30.08 -4.80
C4 NCA EA . 6.94 30.53 -5.93
C5 NCA EA . 6.84 29.84 -7.09
C6 NCA EA . 6.11 28.66 -7.11
C7 NCA EA . 6.46 30.87 -3.50
O7 NCA EA . 6.70 32.03 -3.52
N7 NCA EA . 6.29 30.19 -2.23
N1 NCA FA . -5.24 20.99 -37.78
C2 NCA FA . -5.35 20.31 -38.94
C3 NCA FA . -4.28 20.27 -39.82
C4 NCA FA . -3.14 20.91 -39.52
C5 NCA FA . -3.03 21.60 -38.35
C6 NCA FA . -4.09 21.63 -37.47
C7 NCA FA . -4.40 19.50 -41.13
O7 NCA FA . -3.43 19.16 -41.71
N7 NCA FA . -5.72 19.19 -41.66
C4 Y43 GA . 24.61 -46.14 -39.08
C5 Y43 GA . 23.76 -45.13 -39.47
C6 Y43 GA . 23.76 -44.65 -40.93
C8 Y43 GA . 23.47 -45.50 -37.38
N1 Y43 GA . 24.63 -45.24 -41.88
N3 Y43 GA . 25.53 -46.77 -40.08
C2 Y43 GA . 25.52 -46.30 -41.45
CAB Y43 GA . 25.78 -47.45 -34.86
CAC Y43 GA . 25.90 -46.68 -36.12
CAD Y43 GA . 25.07 -47.31 -36.97
CAF Y43 GA . 24.28 -47.94 -34.87
CAG Y43 GA . 23.36 -46.85 -34.27
N7 Y43 GA . 23.07 -44.76 -38.40
N9 Y43 GA . 24.40 -46.34 -37.79
O6 Y43 GA . 23.04 -43.79 -41.25
OAA Y43 GA . 26.62 -48.52 -34.88
OAE Y43 GA . 24.00 -48.12 -36.09
OAH Y43 GA . 23.54 -46.81 -32.84
OAJ Y43 GA . 23.45 -45.45 -30.66
OAK Y43 GA . 23.05 -44.29 -32.78
OAL Y43 GA . 25.46 -45.06 -32.24
OAN Y43 GA . 25.96 -44.69 -29.68
OAO Y43 GA . 27.84 -44.95 -31.26
OAP Y43 GA . 26.50 -42.79 -31.35
OAR Y43 GA . 25.13 -40.62 -31.59
OAS Y43 GA . 24.14 -42.55 -30.39
OAT Y43 GA . 26.00 -41.30 -29.35
PAI Y43 GA . 23.86 -45.35 -32.11
PAM Y43 GA . 26.46 -44.39 -31.09
PAQ Y43 GA . 25.42 -41.79 -30.66
ZN ZN HA . 24.24 -44.86 -28.42
C4 Y43 IA . 11.10 -66.21 -19.03
C5 Y43 IA . 11.92 -66.54 -17.99
C6 Y43 IA . 11.97 -67.99 -17.46
C8 Y43 IA . 12.14 -64.46 -18.40
N1 Y43 IA . 11.16 -68.99 -18.07
N3 Y43 IA . 10.25 -67.26 -19.67
C2 Y43 IA . 10.29 -68.63 -19.17
CAB Y43 IA . 9.80 -62.09 -20.50
CAC Y43 IA . 9.71 -63.33 -19.71
CAD Y43 IA . 10.60 -64.16 -20.28
CAF Y43 IA . 11.32 -62.03 -20.93
CAG Y43 IA . 12.18 -61.37 -19.81
N7 Y43 IA . 12.54 -65.43 -17.62
N9 Y43 IA . 11.26 -64.91 -19.26
O6 Y43 IA . 12.66 -68.26 -16.57
OAA Y43 IA . 9.01 -62.16 -21.60
OAE Y43 IA . 11.66 -63.25 -21.07
OAH Y43 IA . 11.94 -59.96 -19.83
OAJ Y43 IA . 12.31 -59.81 -17.29
OAK Y43 IA . 11.88 -57.74 -18.51
OAL Y43 IA . 9.91 -59.38 -18.16
OAN Y43 IA . 7.50 -58.51 -18.19
OAO Y43 IA . 9.30 -56.85 -17.88
OAP Y43 IA . 8.75 -58.48 -15.96
OAR Y43 IA . 9.10 -56.44 -14.51
OAS Y43 IA . 11.06 -57.43 -15.65
OAT Y43 IA . 10.04 -58.62 -13.74
PAI Y43 IA . 11.53 -59.20 -18.40
PAM Y43 IA . 8.86 -58.26 -17.56
PAQ Y43 IA . 9.76 -57.73 -14.93
ZN ZN JA . 10.88 -55.62 -17.89
N1 NCA KA . 12.21 -8.15 40.60
C2 NCA KA . 11.47 -9.05 41.29
C3 NCA KA . 10.90 -8.70 42.49
C4 NCA KA . 11.08 -7.45 42.98
C5 NCA KA . 11.82 -6.55 42.30
C6 NCA KA . 12.39 -6.90 41.09
C7 NCA KA . 10.06 -9.69 43.29
O7 NCA KA . 9.05 -9.35 43.80
N7 NCA KA . 10.49 -11.07 43.42
N1 NCA LA . 18.99 14.67 17.12
C2 NCA LA . 19.72 15.46 16.29
C3 NCA LA . 20.11 16.71 16.71
C4 NCA LA . 19.78 17.16 17.94
C5 NCA LA . 19.04 16.37 18.76
C6 NCA LA . 18.64 15.11 18.34
C7 NCA LA . 20.94 17.59 15.78
O7 NCA LA . 21.36 18.62 16.16
N7 NCA LA . 21.20 17.15 14.42
N1 NCA MA . 33.74 -26.99 -2.31
C2 NCA MA . 34.96 -26.60 -2.73
C3 NCA MA . 35.51 -27.17 -3.86
C4 NCA MA . 34.83 -28.11 -4.55
C5 NCA MA . 33.60 -28.50 -4.13
C6 NCA MA . 33.05 -27.92 -3.00
C7 NCA MA . 36.89 -26.73 -4.34
O7 NCA MA . 37.19 -26.84 -5.47
N7 NCA MA . 37.84 -26.16 -3.40
N1 NCA NA . -0.50 -29.39 -1.52
C2 NCA NA . -1.71 -29.79 -1.06
C3 NCA NA . -2.09 -31.11 -1.22
C4 NCA NA . -1.25 -31.99 -1.83
C5 NCA NA . -0.05 -31.58 -2.29
C6 NCA NA . 0.34 -30.25 -2.13
C7 NCA NA . -3.44 -31.57 -0.71
O7 NCA NA . -3.65 -32.72 -0.51
N7 NCA NA . -4.50 -30.60 -0.49
#